data_8WLS
#
_entry.id   8WLS
#
loop_
_entity.id
_entity.type
_entity.pdbx_description
1 polymer 'Bcl-2-like protein 1'
2 polymer 'Protein X'
#
loop_
_entity_poly.entity_id
_entity_poly.type
_entity_poly.pdbx_seq_one_letter_code
_entity_poly.pdbx_strand_id
1 'polypeptide(L)'
;MSQSNRELVVDFLSYKLSQKGYSWSQFSDVEENRTEAPEGTESEAVKQALREAGDEFELRYRRAFSDLTSQLHITPGTAY
QSFEQVVNELFRDGVNWGRIVAFFSFGGALCVESVDKEMQVLVSRIAAWMATYLNDHLEPWIQENGGWDTFVELYG
;
A
2 'polypeptide(L)' GSHMSAMSTTDLEAYFKDCVFKDWG B
#
# COMPACT_ATOMS: atom_id res chain seq x y z
N MET A 1 -10.44 -4.61 -13.67
CA MET A 1 -10.85 -5.93 -14.21
C MET A 1 -9.95 -7.08 -13.73
N SER A 2 -8.62 -6.99 -13.86
CA SER A 2 -7.71 -8.13 -13.65
C SER A 2 -7.54 -8.50 -12.17
N GLN A 3 -7.89 -9.74 -11.80
CA GLN A 3 -7.77 -10.27 -10.43
C GLN A 3 -6.33 -10.31 -9.89
N SER A 4 -5.33 -10.29 -10.79
CA SER A 4 -3.90 -10.20 -10.45
C SER A 4 -3.55 -8.99 -9.58
N ASN A 5 -4.30 -7.88 -9.71
CA ASN A 5 -4.13 -6.70 -8.86
C ASN A 5 -4.32 -7.04 -7.36
N ARG A 6 -5.30 -7.87 -7.00
CA ARG A 6 -5.52 -8.34 -5.63
C ARG A 6 -4.46 -9.37 -5.19
N GLU A 7 -4.08 -10.28 -6.09
CA GLU A 7 -3.10 -11.33 -5.80
C GLU A 7 -1.72 -10.76 -5.40
N LEU A 8 -1.26 -9.71 -6.09
CA LEU A 8 0.00 -9.04 -5.75
C LEU A 8 -0.12 -8.11 -4.54
N VAL A 9 -1.32 -7.58 -4.25
CA VAL A 9 -1.63 -6.86 -2.99
C VAL A 9 -1.53 -7.79 -1.78
N VAL A 10 -2.12 -9.00 -1.85
CA VAL A 10 -2.05 -9.99 -0.75
C VAL A 10 -0.61 -10.34 -0.38
N ASP A 11 0.28 -10.51 -1.38
CA ASP A 11 1.65 -10.96 -1.13
C ASP A 11 2.47 -10.00 -0.26
N PHE A 12 2.56 -8.71 -0.62
CA PHE A 12 3.34 -7.74 0.17
C PHE A 12 2.70 -7.44 1.54
N LEU A 13 1.36 -7.47 1.65
CA LEU A 13 0.66 -7.42 2.94
C LEU A 13 1.08 -8.59 3.81
N SER A 14 0.92 -9.81 3.31
CA SER A 14 1.13 -11.04 4.06
C SER A 14 2.58 -11.13 4.55
N TYR A 15 3.53 -10.70 3.73
CA TYR A 15 4.95 -10.60 4.11
C TYR A 15 5.18 -9.59 5.24
N LYS A 16 4.63 -8.38 5.17
CA LYS A 16 4.74 -7.37 6.25
C LYS A 16 4.13 -7.86 7.57
N LEU A 17 2.98 -8.52 7.51
CA LEU A 17 2.33 -9.18 8.65
C LEU A 17 3.21 -10.30 9.23
N SER A 18 3.84 -11.12 8.38
CA SER A 18 4.80 -12.16 8.80
C SER A 18 6.05 -11.60 9.50
N GLN A 19 6.55 -10.44 9.07
CA GLN A 19 7.67 -9.74 9.72
C GLN A 19 7.31 -9.21 11.12
N LYS A 20 6.03 -8.88 11.35
CA LYS A 20 5.45 -8.58 12.69
C LYS A 20 5.15 -9.83 13.53
N GLY A 21 5.32 -11.03 12.96
CA GLY A 21 5.07 -12.33 13.60
C GLY A 21 3.62 -12.86 13.45
N TYR A 22 2.83 -12.28 12.53
CA TYR A 22 1.43 -12.66 12.29
C TYR A 22 1.27 -13.69 11.14
N SER A 23 0.05 -14.20 10.92
CA SER A 23 -0.25 -15.29 9.98
C SER A 23 -1.49 -15.01 9.12
N TRP A 24 -1.29 -14.75 7.82
CA TRP A 24 -2.39 -14.50 6.86
C TRP A 24 -3.35 -15.69 6.73
N SER A 25 -2.85 -16.92 6.87
CA SER A 25 -3.65 -18.15 6.84
C SER A 25 -4.75 -18.21 7.93
N GLN A 26 -4.54 -17.54 9.06
CA GLN A 26 -5.54 -17.38 10.12
C GLN A 26 -6.53 -16.22 9.87
N PHE A 27 -6.09 -15.18 9.15
CA PHE A 27 -6.89 -13.99 8.84
C PHE A 27 -7.77 -14.15 7.58
N SER A 28 -7.38 -15.02 6.65
CA SER A 28 -8.06 -15.23 5.37
C SER A 28 -9.47 -15.85 5.55
N ASP A 29 -10.44 -15.38 4.75
CA ASP A 29 -11.86 -15.79 4.85
C ASP A 29 -12.15 -17.13 4.14
N VAL A 30 -12.36 -17.10 2.82
CA VAL A 30 -12.65 -18.26 1.94
C VAL A 30 -11.98 -18.07 0.57
N GLU A 31 -11.42 -19.13 -0.01
CA GLU A 31 -10.87 -19.14 -1.37
C GLU A 31 -11.96 -18.97 -2.46
N GLU A 32 -11.68 -18.20 -3.51
CA GLU A 32 -12.70 -17.77 -4.50
C GLU A 32 -13.04 -18.82 -5.57
N ASN A 33 -12.11 -19.07 -6.52
CA ASN A 33 -12.36 -19.91 -7.70
C ASN A 33 -11.08 -20.51 -8.29
N ARG A 34 -10.18 -19.67 -8.84
CA ARG A 34 -8.99 -20.08 -9.60
C ARG A 34 -7.86 -19.04 -9.60
N THR A 35 -6.65 -19.49 -9.95
CA THR A 35 -5.35 -18.79 -9.84
C THR A 35 -4.87 -18.61 -8.38
N GLU A 36 -3.55 -18.62 -8.18
CA GLU A 36 -2.86 -18.61 -6.87
C GLU A 36 -2.04 -17.31 -6.65
N ALA A 37 -1.35 -17.21 -5.51
CA ALA A 37 -0.44 -16.11 -5.18
C ALA A 37 0.76 -16.01 -6.16
N PRO A 38 1.43 -14.84 -6.27
CA PRO A 38 2.57 -14.63 -7.17
C PRO A 38 3.83 -15.42 -6.73
N GLU A 39 3.95 -16.64 -7.24
CA GLU A 39 5.05 -17.59 -7.02
C GLU A 39 5.54 -18.24 -8.33
N GLY A 40 4.90 -17.91 -9.46
CA GLY A 40 5.18 -18.45 -10.80
C GLY A 40 6.42 -17.85 -11.46
N THR A 41 6.22 -16.90 -12.37
CA THR A 41 7.28 -16.31 -13.23
C THR A 41 7.15 -14.78 -13.34
N GLU A 42 6.37 -14.26 -14.28
CA GLU A 42 6.24 -12.82 -14.54
C GLU A 42 5.58 -12.05 -13.39
N SER A 43 4.59 -12.63 -12.70
CA SER A 43 3.97 -12.04 -11.51
C SER A 43 4.90 -12.04 -10.29
N GLU A 44 5.73 -13.08 -10.16
CA GLU A 44 6.78 -13.17 -9.13
C GLU A 44 7.89 -12.12 -9.36
N ALA A 45 8.18 -11.80 -10.62
CA ALA A 45 9.12 -10.74 -10.99
C ALA A 45 8.60 -9.33 -10.59
N VAL A 46 7.31 -9.04 -10.80
CA VAL A 46 6.66 -7.79 -10.31
C VAL A 46 6.82 -7.67 -8.80
N LYS A 47 6.37 -8.71 -8.07
CA LYS A 47 6.51 -8.86 -6.62
C LYS A 47 7.93 -8.57 -6.14
N GLN A 48 8.96 -9.14 -6.79
CA GLN A 48 10.35 -8.94 -6.39
C GLN A 48 10.78 -7.48 -6.56
N ALA A 49 10.48 -6.86 -7.71
CA ALA A 49 10.84 -5.46 -7.94
C ALA A 49 10.12 -4.50 -6.97
N LEU A 50 8.83 -4.75 -6.74
CA LEU A 50 7.97 -3.98 -5.84
C LEU A 50 8.41 -4.13 -4.37
N ARG A 51 8.82 -5.33 -3.94
CA ARG A 51 9.32 -5.60 -2.59
C ARG A 51 10.59 -4.82 -2.28
N GLU A 52 11.60 -4.80 -3.17
CA GLU A 52 12.81 -3.98 -2.95
C GLU A 52 12.51 -2.48 -2.94
N ALA A 53 11.60 -2.01 -3.79
CA ALA A 53 11.19 -0.61 -3.85
C ALA A 53 10.52 -0.14 -2.54
N GLY A 54 9.67 -0.99 -1.93
CA GLY A 54 9.10 -0.75 -0.60
C GLY A 54 10.14 -0.85 0.52
N ASP A 55 10.97 -1.91 0.52
CA ASP A 55 11.95 -2.18 1.57
C ASP A 55 13.02 -1.08 1.72
N GLU A 56 13.53 -0.52 0.61
CA GLU A 56 14.49 0.58 0.68
C GLU A 56 13.84 1.85 1.24
N PHE A 57 12.62 2.19 0.78
CA PHE A 57 11.90 3.36 1.29
C PHE A 57 11.54 3.23 2.78
N GLU A 58 11.17 2.03 3.24
CA GLU A 58 10.91 1.73 4.66
C GLU A 58 12.16 1.90 5.54
N LEU A 59 13.37 1.61 5.05
CA LEU A 59 14.61 1.89 5.79
C LEU A 59 14.81 3.41 5.98
N ARG A 60 14.68 4.17 4.89
CA ARG A 60 15.00 5.62 4.86
C ARG A 60 13.91 6.50 5.50
N TYR A 61 12.65 6.06 5.50
CA TYR A 61 11.47 6.85 5.90
C TYR A 61 10.50 6.15 6.88
N ARG A 62 10.98 5.17 7.68
CA ARG A 62 10.18 4.49 8.73
C ARG A 62 9.43 5.46 9.64
N ARG A 63 10.09 6.53 10.10
CA ARG A 63 9.50 7.58 10.94
C ARG A 63 8.36 8.30 10.24
N ALA A 64 8.58 8.75 9.00
CA ALA A 64 7.60 9.52 8.23
C ALA A 64 6.32 8.72 7.95
N PHE A 65 6.43 7.49 7.42
CA PHE A 65 5.25 6.68 7.09
C PHE A 65 4.54 6.16 8.36
N SER A 66 5.25 5.87 9.45
CA SER A 66 4.63 5.51 10.75
C SER A 66 3.83 6.68 11.37
N ASP A 67 4.28 7.92 11.20
CA ASP A 67 3.51 9.09 11.62
C ASP A 67 2.32 9.37 10.70
N LEU A 68 2.43 9.07 9.39
CA LEU A 68 1.33 9.18 8.42
C LEU A 68 0.20 8.17 8.66
N THR A 69 0.52 6.93 9.05
CA THR A 69 -0.49 5.92 9.44
C THR A 69 -1.16 6.24 10.79
N SER A 70 -0.51 7.01 11.67
CA SER A 70 -1.06 7.37 12.99
C SER A 70 -2.26 8.33 12.91
N GLN A 71 -2.31 9.22 11.90
CA GLN A 71 -3.43 10.17 11.73
C GLN A 71 -4.61 9.62 10.89
N LEU A 72 -4.36 8.61 10.05
CA LEU A 72 -5.36 7.97 9.18
C LEU A 72 -6.28 7.02 9.97
N HIS A 73 -7.60 7.18 9.86
CA HIS A 73 -8.58 6.25 10.45
C HIS A 73 -8.77 5.00 9.59
N ILE A 74 -8.81 3.81 10.19
CA ILE A 74 -8.79 2.50 9.48
C ILE A 74 -10.01 1.60 9.74
N THR A 75 -10.94 2.05 10.59
CA THR A 75 -12.22 1.38 10.96
C THR A 75 -13.30 1.53 9.87
N PRO A 76 -14.13 0.50 9.56
CA PRO A 76 -15.14 0.56 8.50
C PRO A 76 -16.14 1.72 8.67
N GLY A 77 -16.54 2.30 7.53
CA GLY A 77 -17.31 3.55 7.46
C GLY A 77 -16.39 4.72 7.09
N THR A 78 -16.00 5.54 8.06
CA THR A 78 -15.17 6.76 7.86
C THR A 78 -13.81 6.49 7.22
N ALA A 79 -13.19 5.32 7.45
CA ALA A 79 -11.89 4.99 6.85
C ALA A 79 -11.91 4.95 5.32
N TYR A 80 -13.00 4.45 4.73
CA TYR A 80 -13.12 4.32 3.27
C TYR A 80 -13.08 5.71 2.60
N GLN A 81 -13.58 6.74 3.29
CA GLN A 81 -13.53 8.15 2.89
C GLN A 81 -12.18 8.81 3.26
N SER A 82 -11.66 8.54 4.45
CA SER A 82 -10.40 9.07 4.99
C SER A 82 -9.19 8.61 4.16
N PHE A 83 -9.21 7.38 3.67
CA PHE A 83 -8.23 6.83 2.73
C PHE A 83 -8.36 7.47 1.34
N GLU A 84 -9.57 7.55 0.77
CA GLU A 84 -9.79 8.09 -0.59
C GLU A 84 -9.26 9.51 -0.72
N GLN A 85 -9.63 10.41 0.20
CA GLN A 85 -9.25 11.81 0.13
C GLN A 85 -7.72 12.04 0.25
N VAL A 86 -7.02 11.16 0.99
CA VAL A 86 -5.55 11.21 1.14
C VAL A 86 -4.83 10.62 -0.08
N VAL A 87 -5.34 9.52 -0.66
CA VAL A 87 -4.74 8.92 -1.86
C VAL A 87 -4.97 9.79 -3.10
N ASN A 88 -6.14 10.43 -3.24
CA ASN A 88 -6.40 11.42 -4.29
C ASN A 88 -5.50 12.67 -4.19
N GLU A 89 -4.95 12.98 -3.00
CA GLU A 89 -3.94 14.02 -2.80
C GLU A 89 -2.52 13.55 -3.18
N LEU A 90 -2.08 12.36 -2.76
CA LEU A 90 -0.70 11.91 -3.01
C LEU A 90 -0.39 11.64 -4.50
N PHE A 91 -1.40 11.38 -5.32
CA PHE A 91 -1.28 11.30 -6.79
C PHE A 91 -1.51 12.65 -7.53
N ARG A 92 -1.80 13.75 -6.82
CA ARG A 92 -2.21 15.03 -7.45
C ARG A 92 -1.08 15.73 -8.23
N ASP A 93 0.18 15.47 -7.85
CA ASP A 93 1.37 15.89 -8.60
C ASP A 93 1.61 15.09 -9.89
N GLY A 94 1.04 13.87 -9.97
CA GLY A 94 1.19 12.93 -11.08
C GLY A 94 0.89 11.48 -10.67
N VAL A 95 0.34 10.70 -11.60
CA VAL A 95 -0.10 9.30 -11.40
C VAL A 95 1.05 8.28 -11.58
N ASN A 96 2.29 8.78 -11.51
CA ASN A 96 3.50 8.05 -11.88
C ASN A 96 3.82 6.83 -10.98
N TRP A 97 4.65 5.93 -11.51
CA TRP A 97 5.09 4.70 -10.82
C TRP A 97 5.74 4.96 -9.45
N GLY A 98 6.43 6.08 -9.27
CA GLY A 98 7.01 6.48 -7.97
C GLY A 98 5.95 6.72 -6.89
N ARG A 99 4.83 7.38 -7.24
CA ARG A 99 3.69 7.53 -6.31
C ARG A 99 2.94 6.22 -6.07
N ILE A 100 2.93 5.29 -7.04
CA ILE A 100 2.38 3.94 -6.84
C ILE A 100 3.19 3.13 -5.80
N VAL A 101 4.52 3.30 -5.74
CA VAL A 101 5.36 2.72 -4.67
C VAL A 101 4.91 3.19 -3.28
N ALA A 102 4.62 4.48 -3.11
CA ALA A 102 4.12 5.04 -1.85
C ALA A 102 2.70 4.54 -1.49
N PHE A 103 1.80 4.46 -2.48
CA PHE A 103 0.41 4.02 -2.30
C PHE A 103 0.32 2.62 -1.68
N PHE A 104 1.07 1.66 -2.22
CA PHE A 104 1.08 0.28 -1.72
C PHE A 104 1.76 0.17 -0.34
N SER A 105 2.86 0.91 -0.14
CA SER A 105 3.64 0.89 1.09
C SER A 105 2.84 1.45 2.27
N PHE A 106 2.08 2.52 2.03
CA PHE A 106 1.15 3.10 3.00
C PHE A 106 0.00 2.13 3.33
N GLY A 107 -0.64 1.51 2.33
CA GLY A 107 -1.70 0.53 2.52
C GLY A 107 -1.26 -0.71 3.32
N GLY A 108 -0.07 -1.26 3.04
CA GLY A 108 0.51 -2.36 3.80
C GLY A 108 0.79 -2.01 5.27
N ALA A 109 1.32 -0.81 5.53
CA ALA A 109 1.54 -0.31 6.88
C ALA A 109 0.22 -0.08 7.65
N LEU A 110 -0.84 0.41 6.99
CA LEU A 110 -2.18 0.54 7.59
C LEU A 110 -2.79 -0.81 8.00
N CYS A 111 -2.64 -1.85 7.17
CA CYS A 111 -3.02 -3.22 7.53
C CYS A 111 -2.29 -3.72 8.78
N VAL A 112 -0.97 -3.54 8.85
CA VAL A 112 -0.18 -3.87 10.06
C VAL A 112 -0.70 -3.14 11.29
N GLU A 113 -0.92 -1.82 11.18
CA GLU A 113 -1.42 -1.00 12.29
C GLU A 113 -2.79 -1.49 12.80
N SER A 114 -3.66 -1.98 11.90
CA SER A 114 -4.94 -2.59 12.26
C SER A 114 -4.77 -3.89 13.05
N VAL A 115 -3.93 -4.84 12.58
CA VAL A 115 -3.65 -6.08 13.33
C VAL A 115 -3.00 -5.79 14.69
N ASP A 116 -2.06 -4.85 14.74
CA ASP A 116 -1.36 -4.43 15.97
C ASP A 116 -2.32 -3.79 16.99
N LYS A 117 -3.35 -3.07 16.52
CA LYS A 117 -4.47 -2.56 17.32
C LYS A 117 -5.53 -3.61 17.72
N GLU A 118 -5.28 -4.89 17.47
CA GLU A 118 -6.20 -6.02 17.72
C GLU A 118 -7.48 -5.92 16.86
N MET A 119 -7.33 -5.51 15.60
CA MET A 119 -8.40 -5.35 14.60
C MET A 119 -8.06 -6.18 13.35
N GLN A 120 -7.70 -7.45 13.58
CA GLN A 120 -7.13 -8.37 12.58
C GLN A 120 -8.11 -8.74 11.46
N VAL A 121 -9.40 -8.80 11.80
CA VAL A 121 -10.50 -9.09 10.87
C VAL A 121 -10.57 -8.11 9.68
N LEU A 122 -10.11 -6.86 9.86
CA LEU A 122 -10.11 -5.85 8.79
C LEU A 122 -9.04 -6.09 7.72
N VAL A 123 -8.13 -7.04 7.89
CA VAL A 123 -7.09 -7.36 6.89
C VAL A 123 -7.71 -7.61 5.51
N SER A 124 -8.84 -8.32 5.46
CA SER A 124 -9.62 -8.55 4.23
C SER A 124 -10.26 -7.27 3.66
N ARG A 125 -10.79 -6.37 4.51
CA ARG A 125 -11.46 -5.13 4.07
C ARG A 125 -10.48 -4.05 3.62
N ILE A 126 -9.42 -3.80 4.38
CA ILE A 126 -8.39 -2.80 4.03
C ILE A 126 -7.69 -3.18 2.71
N ALA A 127 -7.39 -4.47 2.51
CA ALA A 127 -6.88 -4.97 1.22
C ALA A 127 -7.87 -4.73 0.06
N ALA A 128 -9.17 -4.94 0.28
CA ALA A 128 -10.21 -4.64 -0.72
C ALA A 128 -10.33 -3.13 -1.00
N TRP A 129 -10.22 -2.25 0.00
CA TRP A 129 -10.27 -0.79 -0.17
C TRP A 129 -9.18 -0.28 -1.12
N MET A 130 -7.92 -0.68 -0.89
CA MET A 130 -6.80 -0.30 -1.77
C MET A 130 -6.87 -0.98 -3.14
N ALA A 131 -7.25 -2.27 -3.22
CA ALA A 131 -7.40 -2.97 -4.50
C ALA A 131 -8.55 -2.39 -5.37
N THR A 132 -9.64 -1.93 -4.75
CA THR A 132 -10.76 -1.26 -5.43
C THR A 132 -10.34 0.10 -5.97
N TYR A 133 -9.61 0.91 -5.20
CA TYR A 133 -9.01 2.17 -5.69
C TYR A 133 -8.10 1.92 -6.91
N LEU A 134 -7.21 0.93 -6.80
CA LEU A 134 -6.25 0.53 -7.82
C LEU A 134 -6.97 0.11 -9.13
N ASN A 135 -8.09 -0.60 -9.05
CA ASN A 135 -8.96 -0.88 -10.21
C ASN A 135 -9.67 0.39 -10.75
N ASP A 136 -10.19 1.26 -9.87
CA ASP A 136 -10.98 2.44 -10.25
C ASP A 136 -10.19 3.57 -10.91
N HIS A 137 -8.91 3.74 -10.56
CA HIS A 137 -8.09 4.89 -10.95
C HIS A 137 -6.77 4.51 -11.64
N LEU A 138 -5.98 3.62 -11.02
CA LEU A 138 -4.64 3.30 -11.52
C LEU A 138 -4.67 2.34 -12.72
N GLU A 139 -5.55 1.34 -12.76
CA GLU A 139 -5.53 0.27 -13.78
C GLU A 139 -5.45 0.77 -15.24
N PRO A 140 -6.27 1.72 -15.73
CA PRO A 140 -6.14 2.24 -17.10
C PRO A 140 -4.83 3.00 -17.33
N TRP A 141 -4.35 3.76 -16.34
CA TRP A 141 -3.05 4.44 -16.41
C TRP A 141 -1.89 3.43 -16.45
N ILE A 142 -1.97 2.39 -15.62
CA ILE A 142 -1.01 1.27 -15.54
C ILE A 142 -0.91 0.58 -16.91
N GLN A 143 -2.03 0.19 -17.53
CA GLN A 143 -2.04 -0.43 -18.87
C GLN A 143 -1.54 0.50 -19.98
N GLU A 144 -1.81 1.80 -19.87
CA GLU A 144 -1.33 2.83 -20.82
C GLU A 144 0.20 3.02 -20.72
N ASN A 145 0.75 2.81 -19.52
CA ASN A 145 2.17 2.85 -19.18
C ASN A 145 2.85 1.46 -19.20
N GLY A 146 2.27 0.48 -19.91
CA GLY A 146 2.89 -0.82 -20.21
C GLY A 146 2.71 -1.92 -19.14
N GLY A 147 1.90 -1.68 -18.11
CA GLY A 147 1.56 -2.64 -17.06
C GLY A 147 2.67 -2.86 -16.02
N TRP A 148 2.37 -3.67 -15.00
CA TRP A 148 3.35 -4.06 -13.98
C TRP A 148 4.58 -4.78 -14.57
N ASP A 149 4.43 -5.44 -15.73
CA ASP A 149 5.54 -6.04 -16.48
C ASP A 149 6.58 -4.99 -16.94
N THR A 150 6.15 -3.74 -17.22
CA THR A 150 7.06 -2.61 -17.46
C THR A 150 7.68 -2.11 -16.15
N PHE A 151 6.93 -2.07 -15.04
CA PHE A 151 7.47 -1.65 -13.74
C PHE A 151 8.67 -2.50 -13.30
N VAL A 152 8.62 -3.84 -13.44
CA VAL A 152 9.78 -4.70 -13.12
C VAL A 152 10.97 -4.46 -14.07
N GLU A 153 10.74 -4.18 -15.36
CA GLU A 153 11.84 -3.83 -16.28
C GLU A 153 12.50 -2.47 -15.96
N LEU A 154 11.76 -1.53 -15.34
CA LEU A 154 12.28 -0.23 -14.88
C LEU A 154 12.94 -0.28 -13.49
N TYR A 155 12.39 -1.04 -12.53
CA TYR A 155 12.78 -1.00 -11.10
C TYR A 155 13.47 -2.28 -10.56
N GLY A 156 13.44 -3.40 -11.30
CA GLY A 156 14.06 -4.68 -10.93
C GLY A 156 15.59 -4.66 -11.01
CA GLY B 1 1.33 26.27 7.47
C GLY B 1 0.68 25.87 8.78
N SER B 2 -0.21 26.72 9.31
CA SER B 2 -1.00 26.44 10.52
C SER B 2 -2.06 25.34 10.30
N HIS B 3 -2.61 24.80 11.38
CA HIS B 3 -3.58 23.70 11.39
C HIS B 3 -4.98 24.12 10.90
N MET B 4 -5.70 23.20 10.23
CA MET B 4 -7.13 23.32 9.88
C MET B 4 -7.90 22.08 10.36
N SER B 5 -9.14 22.27 10.80
CA SER B 5 -10.01 21.18 11.29
C SER B 5 -10.28 20.09 10.24
N ALA B 6 -10.19 20.42 8.95
CA ALA B 6 -10.38 19.50 7.83
C ALA B 6 -9.12 18.68 7.44
N MET B 7 -7.90 19.16 7.73
CA MET B 7 -6.63 18.53 7.35
C MET B 7 -5.49 18.99 8.25
N SER B 8 -4.77 18.05 8.88
CA SER B 8 -3.61 18.27 9.78
C SER B 8 -2.37 18.74 9.02
N THR B 9 -2.48 19.90 8.36
CA THR B 9 -1.51 20.43 7.39
C THR B 9 -0.13 20.65 8.00
N THR B 10 -0.06 21.09 9.26
CA THR B 10 1.21 21.29 9.99
C THR B 10 2.06 20.01 10.09
N ASP B 11 1.43 18.84 10.07
CA ASP B 11 2.09 17.53 10.07
C ASP B 11 2.25 16.92 8.66
N LEU B 12 1.19 16.93 7.85
CA LEU B 12 1.19 16.28 6.53
C LEU B 12 2.02 17.04 5.50
N GLU B 13 2.06 18.38 5.55
CA GLU B 13 2.97 19.17 4.72
C GLU B 13 4.44 18.97 5.08
N ALA B 14 4.74 18.29 6.18
CA ALA B 14 6.06 17.77 6.48
C ALA B 14 6.22 16.38 5.84
N TYR B 15 5.57 15.33 6.36
CA TYR B 15 5.76 13.93 5.95
C TYR B 15 5.70 13.67 4.44
N PHE B 16 4.74 14.26 3.70
CA PHE B 16 4.63 14.11 2.24
C PHE B 16 5.77 14.82 1.48
N LYS B 17 6.30 15.91 2.03
CA LYS B 17 7.30 16.80 1.43
C LYS B 17 8.74 16.42 1.85
N ASP B 18 8.88 15.82 3.03
CA ASP B 18 10.12 15.31 3.63
C ASP B 18 10.79 14.22 2.76
N CYS B 19 9.99 13.47 2.01
CA CYS B 19 10.40 12.45 1.04
C CYS B 19 11.12 12.97 -0.22
N VAL B 20 11.30 14.29 -0.38
CA VAL B 20 11.93 14.92 -1.56
C VAL B 20 13.33 14.36 -1.92
N PHE B 21 14.07 13.85 -0.93
CA PHE B 21 15.43 13.34 -1.10
C PHE B 21 15.53 11.95 -1.77
N LYS B 22 14.41 11.29 -2.11
CA LYS B 22 14.39 10.03 -2.89
C LYS B 22 13.17 9.94 -3.81
N ASP B 23 13.41 9.81 -5.11
CA ASP B 23 12.39 9.68 -6.17
C ASP B 23 11.76 8.27 -6.28
N TRP B 24 11.62 7.58 -5.13
CA TRP B 24 11.23 6.18 -4.91
C TRP B 24 12.06 5.10 -5.66
N GLY B 25 11.92 3.85 -5.18
CA GLY B 25 12.50 2.63 -5.78
C GLY B 25 14.03 2.60 -5.86
N MET A 1 -10.51 -5.12 -13.47
CA MET A 1 -10.00 -5.83 -12.28
C MET A 1 -9.18 -7.05 -12.69
N SER A 2 -8.25 -7.49 -11.83
CA SER A 2 -7.40 -8.67 -12.01
C SER A 2 -7.08 -9.34 -10.67
N GLN A 3 -7.08 -10.67 -10.66
CA GLN A 3 -6.68 -11.50 -9.51
C GLN A 3 -5.22 -11.26 -9.10
N SER A 4 -4.35 -10.91 -10.07
CA SER A 4 -2.92 -10.66 -9.82
C SER A 4 -2.71 -9.46 -8.89
N ASN A 5 -3.49 -8.37 -9.05
CA ASN A 5 -3.45 -7.21 -8.16
C ASN A 5 -3.73 -7.60 -6.70
N ARG A 6 -4.81 -8.36 -6.46
CA ARG A 6 -5.16 -8.89 -5.13
C ARG A 6 -4.06 -9.80 -4.57
N GLU A 7 -3.53 -10.70 -5.39
CA GLU A 7 -2.52 -11.68 -4.98
C GLU A 7 -1.20 -11.00 -4.57
N LEU A 8 -0.68 -10.06 -5.36
CA LEU A 8 0.55 -9.33 -5.03
C LEU A 8 0.35 -8.33 -3.86
N VAL A 9 -0.86 -7.78 -3.66
CA VAL A 9 -1.23 -7.01 -2.45
C VAL A 9 -1.13 -7.88 -1.20
N VAL A 10 -1.78 -9.05 -1.18
CA VAL A 10 -1.72 -9.99 -0.05
C VAL A 10 -0.28 -10.41 0.25
N ASP A 11 0.55 -10.65 -0.77
CA ASP A 11 1.95 -11.01 -0.60
C ASP A 11 2.81 -9.87 0.01
N PHE A 12 2.73 -8.62 -0.49
CA PHE A 12 3.52 -7.54 0.10
C PHE A 12 3.05 -7.17 1.52
N LEU A 13 1.75 -7.31 1.83
CA LEU A 13 1.27 -7.19 3.22
C LEU A 13 1.89 -8.28 4.08
N SER A 14 1.77 -9.54 3.64
CA SER A 14 2.22 -10.67 4.44
C SER A 14 3.73 -10.60 4.70
N TYR A 15 4.52 -10.12 3.73
CA TYR A 15 5.95 -9.85 3.88
C TYR A 15 6.25 -8.80 4.96
N LYS A 16 5.49 -7.69 5.01
CA LYS A 16 5.66 -6.65 6.06
C LYS A 16 5.24 -7.18 7.44
N LEU A 17 4.12 -7.89 7.51
CA LEU A 17 3.61 -8.52 8.74
C LEU A 17 4.59 -9.59 9.27
N SER A 18 5.33 -10.27 8.40
CA SER A 18 6.44 -11.17 8.78
C SER A 18 7.55 -10.45 9.55
N GLN A 19 7.86 -9.19 9.20
CA GLN A 19 8.88 -8.38 9.87
C GLN A 19 8.46 -7.96 11.29
N LYS A 20 7.14 -7.81 11.53
CA LYS A 20 6.54 -7.63 12.86
C LYS A 20 6.55 -8.92 13.70
N GLY A 21 6.82 -10.08 13.09
CA GLY A 21 6.77 -11.42 13.69
C GLY A 21 5.45 -12.17 13.50
N TYR A 22 4.56 -11.70 12.62
CA TYR A 22 3.25 -12.30 12.36
C TYR A 22 3.23 -13.23 11.11
N SER A 23 2.09 -13.87 10.85
CA SER A 23 1.82 -14.66 9.63
C SER A 23 0.39 -14.44 9.12
N TRP A 24 0.21 -14.24 7.81
CA TRP A 24 -1.13 -14.02 7.21
C TRP A 24 -2.09 -15.19 7.44
N SER A 25 -1.57 -16.42 7.48
CA SER A 25 -2.31 -17.65 7.78
C SER A 25 -2.95 -17.68 9.17
N GLN A 26 -2.48 -16.84 10.11
CA GLN A 26 -3.09 -16.69 11.44
C GLN A 26 -4.27 -15.71 11.46
N PHE A 27 -4.27 -14.71 10.56
CA PHE A 27 -5.33 -13.70 10.45
C PHE A 27 -6.40 -14.06 9.40
N SER A 28 -6.05 -14.88 8.40
CA SER A 28 -6.90 -15.23 7.26
C SER A 28 -7.64 -16.57 7.46
N ASP A 29 -8.93 -16.60 7.09
CA ASP A 29 -9.78 -17.79 7.14
C ASP A 29 -10.95 -17.64 6.14
N VAL A 30 -10.93 -18.44 5.08
CA VAL A 30 -11.88 -18.38 3.94
C VAL A 30 -12.30 -19.79 3.53
N GLU A 31 -13.55 -19.97 3.09
CA GLU A 31 -14.05 -21.25 2.55
C GLU A 31 -13.28 -21.68 1.28
N GLU A 32 -12.77 -22.91 1.28
CA GLU A 32 -11.83 -23.51 0.32
C GLU A 32 -10.48 -22.75 0.15
N ASN A 33 -9.39 -23.51 0.01
CA ASN A 33 -8.05 -22.96 -0.19
C ASN A 33 -7.96 -22.14 -1.48
N ARG A 34 -7.23 -21.02 -1.44
CA ARG A 34 -7.01 -20.14 -2.61
C ARG A 34 -6.20 -20.88 -3.68
N THR A 35 -6.64 -20.79 -4.93
CA THR A 35 -6.11 -21.61 -6.06
C THR A 35 -4.76 -21.12 -6.58
N GLU A 36 -4.40 -19.85 -6.38
CA GLU A 36 -3.19 -19.21 -6.91
C GLU A 36 -2.56 -18.20 -5.93
N ALA A 37 -1.29 -17.87 -6.20
CA ALA A 37 -0.44 -16.93 -5.46
C ALA A 37 0.51 -16.23 -6.46
N PRO A 38 1.15 -15.08 -6.13
CA PRO A 38 2.04 -14.35 -7.04
C PRO A 38 3.44 -14.99 -7.16
N GLU A 39 3.49 -16.32 -7.22
CA GLU A 39 4.69 -17.17 -7.22
C GLU A 39 4.87 -17.88 -8.59
N GLY A 40 4.34 -17.28 -9.66
CA GLY A 40 4.37 -17.81 -11.02
C GLY A 40 5.70 -17.55 -11.73
N THR A 41 5.73 -16.53 -12.60
CA THR A 41 6.89 -16.11 -13.41
C THR A 41 6.92 -14.59 -13.55
N GLU A 42 5.90 -14.03 -14.20
CA GLU A 42 5.66 -12.58 -14.28
C GLU A 42 5.38 -12.00 -12.88
N SER A 43 4.40 -12.57 -12.17
CA SER A 43 4.04 -12.18 -10.80
C SER A 43 5.19 -12.40 -9.80
N GLU A 44 5.96 -13.47 -10.00
CA GLU A 44 7.14 -13.80 -9.18
C GLU A 44 8.24 -12.73 -9.29
N ALA A 45 8.47 -12.19 -10.49
CA ALA A 45 9.38 -11.08 -10.72
C ALA A 45 8.81 -9.73 -10.22
N VAL A 46 7.50 -9.49 -10.38
CA VAL A 46 6.83 -8.28 -9.87
C VAL A 46 6.94 -8.16 -8.36
N LYS A 47 6.62 -9.22 -7.59
CA LYS A 47 6.74 -9.19 -6.12
C LYS A 47 8.17 -8.88 -5.65
N GLN A 48 9.18 -9.40 -6.34
CA GLN A 48 10.59 -9.09 -6.07
C GLN A 48 10.88 -7.59 -6.31
N ALA A 49 10.54 -7.06 -7.48
CA ALA A 49 10.82 -5.66 -7.83
C ALA A 49 10.05 -4.67 -6.94
N LEU A 50 8.78 -4.96 -6.64
CA LEU A 50 7.93 -4.13 -5.80
C LEU A 50 8.39 -4.14 -4.33
N ARG A 51 8.90 -5.28 -3.85
CA ARG A 51 9.54 -5.40 -2.53
C ARG A 51 10.85 -4.61 -2.45
N GLU A 52 11.73 -4.66 -3.47
CA GLU A 52 12.93 -3.81 -3.50
C GLU A 52 12.57 -2.31 -3.45
N ALA A 53 11.56 -1.89 -4.20
CA ALA A 53 11.09 -0.51 -4.24
C ALA A 53 10.51 -0.06 -2.88
N GLY A 54 9.60 -0.84 -2.29
CA GLY A 54 9.02 -0.56 -0.97
C GLY A 54 10.05 -0.56 0.16
N ASP A 55 11.02 -1.48 0.12
CA ASP A 55 12.13 -1.57 1.08
C ASP A 55 13.04 -0.33 1.02
N GLU A 56 13.44 0.12 -0.18
CA GLU A 56 14.28 1.32 -0.34
C GLU A 56 13.57 2.62 0.09
N PHE A 57 12.27 2.75 -0.17
CA PHE A 57 11.45 3.86 0.36
C PHE A 57 11.37 3.78 1.90
N GLU A 58 10.97 2.64 2.47
CA GLU A 58 10.75 2.52 3.92
C GLU A 58 12.04 2.67 4.74
N LEU A 59 13.18 2.15 4.25
CA LEU A 59 14.50 2.31 4.86
C LEU A 59 14.85 3.79 5.08
N ARG A 60 14.55 4.65 4.09
CA ARG A 60 14.92 6.07 4.06
C ARG A 60 13.87 6.99 4.71
N TYR A 61 12.60 6.58 4.71
CA TYR A 61 11.45 7.38 5.18
C TYR A 61 10.63 6.65 6.27
N ARG A 62 11.31 5.89 7.13
CA ARG A 62 10.72 4.96 8.11
C ARG A 62 9.75 5.66 9.08
N ARG A 63 10.12 6.86 9.53
CA ARG A 63 9.28 7.74 10.38
C ARG A 63 8.05 8.30 9.65
N ALA A 64 8.13 8.53 8.35
CA ALA A 64 7.03 9.09 7.56
C ALA A 64 5.90 8.07 7.37
N PHE A 65 6.18 6.91 6.78
CA PHE A 65 5.14 5.89 6.51
C PHE A 65 4.52 5.30 7.79
N SER A 66 5.22 5.33 8.93
CA SER A 66 4.69 4.89 10.23
C SER A 66 3.90 5.97 11.01
N ASP A 67 4.02 7.25 10.66
CA ASP A 67 3.27 8.36 11.31
C ASP A 67 2.17 8.98 10.42
N LEU A 68 2.26 8.85 9.08
CA LEU A 68 1.21 9.25 8.14
C LEU A 68 -0.11 8.50 8.40
N THR A 69 -0.04 7.22 8.77
CA THR A 69 -1.21 6.37 9.04
C THR A 69 -2.01 6.80 10.27
N SER A 70 -1.37 7.43 11.26
CA SER A 70 -2.03 7.97 12.47
C SER A 70 -3.03 9.10 12.18
N GLN A 71 -2.92 9.74 11.00
CA GLN A 71 -3.78 10.84 10.55
C GLN A 71 -5.11 10.38 9.91
N LEU A 72 -5.31 9.06 9.72
CA LEU A 72 -6.43 8.48 8.96
C LEU A 72 -7.15 7.38 9.76
N HIS A 73 -8.48 7.48 9.87
CA HIS A 73 -9.34 6.45 10.47
C HIS A 73 -9.44 5.20 9.58
N ILE A 74 -9.47 4.02 10.19
CA ILE A 74 -9.37 2.71 9.50
C ILE A 74 -10.54 1.74 9.78
N THR A 75 -11.51 2.19 10.58
CA THR A 75 -12.75 1.49 10.94
C THR A 75 -13.73 1.36 9.74
N PRO A 76 -14.49 0.25 9.59
CA PRO A 76 -15.36 0.02 8.44
C PRO A 76 -16.48 1.05 8.25
N GLY A 77 -16.91 1.20 6.98
CA GLY A 77 -17.90 2.19 6.53
C GLY A 77 -17.27 3.52 6.10
N THR A 78 -16.65 4.23 7.04
CA THR A 78 -16.10 5.59 6.82
C THR A 78 -14.66 5.59 6.27
N ALA A 79 -13.84 4.59 6.62
CA ALA A 79 -12.42 4.56 6.24
C ALA A 79 -12.18 4.47 4.73
N TYR A 80 -12.97 3.69 3.99
CA TYR A 80 -12.81 3.59 2.52
C TYR A 80 -13.04 4.95 1.84
N GLN A 81 -14.06 5.70 2.27
CA GLN A 81 -14.36 7.05 1.76
C GLN A 81 -13.20 8.02 2.06
N SER A 82 -12.66 7.94 3.28
CA SER A 82 -11.56 8.79 3.76
C SER A 82 -10.21 8.46 3.08
N PHE A 83 -9.97 7.18 2.78
CA PHE A 83 -8.78 6.69 2.07
C PHE A 83 -8.82 7.05 0.57
N GLU A 84 -9.92 6.78 -0.12
CA GLU A 84 -10.02 6.92 -1.58
C GLU A 84 -9.78 8.37 -2.02
N GLN A 85 -10.32 9.35 -1.29
CA GLN A 85 -10.15 10.77 -1.58
C GLN A 85 -8.71 11.27 -1.35
N VAL A 86 -8.01 10.75 -0.34
CA VAL A 86 -6.59 11.06 -0.05
C VAL A 86 -5.66 10.46 -1.11
N VAL A 87 -5.94 9.23 -1.56
CA VAL A 87 -5.17 8.59 -2.62
C VAL A 87 -5.41 9.25 -3.99
N ASN A 88 -6.65 9.61 -4.33
CA ASN A 88 -6.93 10.40 -5.53
C ASN A 88 -6.24 11.79 -5.51
N GLU A 89 -6.03 12.38 -4.32
CA GLU A 89 -5.27 13.63 -4.16
C GLU A 89 -3.76 13.44 -4.38
N LEU A 90 -3.12 12.43 -3.76
CA LEU A 90 -1.66 12.27 -3.86
C LEU A 90 -1.18 11.92 -5.29
N PHE A 91 -2.00 11.24 -6.09
CA PHE A 91 -1.73 10.98 -7.51
C PHE A 91 -1.97 12.18 -8.44
N ARG A 92 -2.52 13.31 -7.96
CA ARG A 92 -2.78 14.50 -8.78
C ARG A 92 -1.51 15.17 -9.31
N ASP A 93 -0.38 14.99 -8.61
CA ASP A 93 0.96 15.39 -9.04
C ASP A 93 1.59 14.48 -10.12
N GLY A 94 0.96 13.33 -10.42
CA GLY A 94 1.38 12.37 -11.44
C GLY A 94 1.08 10.91 -11.04
N VAL A 95 0.76 10.07 -12.02
CA VAL A 95 0.26 8.68 -11.84
C VAL A 95 1.38 7.63 -11.97
N ASN A 96 2.64 8.08 -12.03
CA ASN A 96 3.80 7.23 -12.34
C ASN A 96 4.08 6.16 -11.26
N TRP A 97 4.76 5.07 -11.65
CA TRP A 97 5.19 3.98 -10.76
C TRP A 97 5.82 4.44 -9.44
N GLY A 98 6.63 5.50 -9.44
CA GLY A 98 7.24 6.04 -8.20
C GLY A 98 6.21 6.56 -7.18
N ARG A 99 5.03 7.01 -7.64
CA ARG A 99 3.88 7.38 -6.80
C ARG A 99 3.09 6.14 -6.37
N ILE A 100 2.98 5.12 -7.24
CA ILE A 100 2.37 3.83 -6.93
C ILE A 100 3.14 3.10 -5.80
N VAL A 101 4.47 3.22 -5.77
CA VAL A 101 5.31 2.73 -4.65
C VAL A 101 4.91 3.37 -3.31
N ALA A 102 4.76 4.71 -3.25
CA ALA A 102 4.31 5.38 -2.04
C ALA A 102 2.86 5.03 -1.66
N PHE A 103 1.96 4.86 -2.64
CA PHE A 103 0.57 4.47 -2.43
C PHE A 103 0.47 3.11 -1.71
N PHE A 104 1.13 2.07 -2.23
CA PHE A 104 1.04 0.74 -1.61
C PHE A 104 1.73 0.68 -0.25
N SER A 105 2.84 1.42 -0.09
CA SER A 105 3.58 1.47 1.17
C SER A 105 2.74 2.11 2.28
N PHE A 106 2.11 3.26 1.99
CA PHE A 106 1.14 3.92 2.88
C PHE A 106 -0.09 3.05 3.15
N GLY A 107 -0.70 2.45 2.11
CA GLY A 107 -1.87 1.58 2.24
C GLY A 107 -1.62 0.34 3.10
N GLY A 108 -0.47 -0.33 2.92
CA GLY A 108 -0.10 -1.50 3.71
C GLY A 108 0.28 -1.19 5.16
N ALA A 109 0.86 -0.02 5.42
CA ALA A 109 1.12 0.45 6.77
C ALA A 109 -0.18 0.61 7.60
N LEU A 110 -1.33 0.91 6.96
CA LEU A 110 -2.64 0.92 7.64
C LEU A 110 -3.06 -0.46 8.14
N CYS A 111 -2.85 -1.53 7.34
CA CYS A 111 -3.16 -2.90 7.78
C CYS A 111 -2.23 -3.34 8.92
N VAL A 112 -0.93 -3.02 8.81
CA VAL A 112 0.08 -3.30 9.85
C VAL A 112 -0.25 -2.59 11.16
N GLU A 113 -0.56 -1.30 11.14
CA GLU A 113 -0.88 -0.58 12.39
C GLU A 113 -2.21 -1.05 12.99
N SER A 114 -3.16 -1.53 12.17
CA SER A 114 -4.38 -2.17 12.67
C SER A 114 -4.05 -3.45 13.43
N VAL A 115 -3.28 -4.37 12.84
CA VAL A 115 -2.82 -5.60 13.53
C VAL A 115 -2.02 -5.29 14.79
N ASP A 116 -1.18 -4.24 14.78
CA ASP A 116 -0.43 -3.78 15.95
C ASP A 116 -1.37 -3.29 17.10
N LYS A 117 -2.51 -2.71 16.73
CA LYS A 117 -3.65 -2.38 17.63
C LYS A 117 -4.61 -3.56 17.87
N GLU A 118 -4.17 -4.79 17.59
CA GLU A 118 -4.93 -6.05 17.72
C GLU A 118 -6.19 -6.15 16.84
N MET A 119 -6.30 -5.29 15.83
CA MET A 119 -7.44 -5.20 14.89
C MET A 119 -7.22 -6.14 13.68
N GLN A 120 -6.82 -7.38 13.97
CA GLN A 120 -6.41 -8.41 13.00
C GLN A 120 -7.50 -8.72 11.96
N VAL A 121 -8.76 -8.64 12.36
CA VAL A 121 -9.95 -8.84 11.52
C VAL A 121 -10.00 -7.91 10.30
N LEU A 122 -9.43 -6.70 10.39
CA LEU A 122 -9.42 -5.73 9.30
C LEU A 122 -8.26 -5.91 8.33
N VAL A 123 -7.24 -6.72 8.63
CA VAL A 123 -6.02 -6.77 7.79
C VAL A 123 -6.34 -7.15 6.34
N SER A 124 -7.29 -8.07 6.16
CA SER A 124 -7.86 -8.46 4.86
C SER A 124 -8.89 -7.47 4.31
N ARG A 125 -9.63 -6.72 5.16
CA ARG A 125 -10.60 -5.72 4.73
C ARG A 125 -9.91 -4.49 4.14
N ILE A 126 -8.85 -4.02 4.80
CA ILE A 126 -7.97 -2.94 4.34
C ILE A 126 -7.19 -3.36 3.08
N ALA A 127 -6.76 -4.63 3.00
CA ALA A 127 -6.20 -5.20 1.77
C ALA A 127 -7.20 -5.12 0.60
N ALA A 128 -8.46 -5.50 0.82
CA ALA A 128 -9.52 -5.39 -0.18
C ALA A 128 -9.83 -3.93 -0.55
N TRP A 129 -9.81 -2.99 0.40
CA TRP A 129 -9.99 -1.55 0.15
C TRP A 129 -8.92 -0.98 -0.79
N MET A 130 -7.63 -1.16 -0.47
CA MET A 130 -6.55 -0.64 -1.30
C MET A 130 -6.38 -1.41 -2.62
N ALA A 131 -6.69 -2.72 -2.65
CA ALA A 131 -6.77 -3.49 -3.90
C ALA A 131 -7.94 -3.00 -4.78
N THR A 132 -9.10 -2.64 -4.21
CA THR A 132 -10.24 -2.10 -4.96
C THR A 132 -9.89 -0.77 -5.62
N TYR A 133 -9.19 0.13 -4.91
CA TYR A 133 -8.67 1.37 -5.50
C TYR A 133 -7.76 1.09 -6.71
N LEU A 134 -6.76 0.21 -6.53
CA LEU A 134 -5.78 -0.16 -7.55
C LEU A 134 -6.45 -0.79 -8.78
N ASN A 135 -7.40 -1.71 -8.59
CA ASN A 135 -8.16 -2.33 -9.68
C ASN A 135 -9.11 -1.37 -10.42
N ASP A 136 -9.60 -0.30 -9.79
CA ASP A 136 -10.56 0.65 -10.39
C ASP A 136 -9.91 1.90 -11.02
N HIS A 137 -8.87 2.46 -10.39
CA HIS A 137 -8.30 3.76 -10.76
C HIS A 137 -6.92 3.64 -11.39
N LEU A 138 -6.03 2.80 -10.84
CA LEU A 138 -4.69 2.59 -11.41
C LEU A 138 -4.68 1.63 -12.60
N GLU A 139 -5.52 0.61 -12.60
CA GLU A 139 -5.48 -0.46 -13.62
C GLU A 139 -5.47 0.03 -15.09
N PRO A 140 -6.32 0.99 -15.55
CA PRO A 140 -6.24 1.48 -16.92
C PRO A 140 -4.92 2.20 -17.23
N TRP A 141 -4.36 2.96 -16.27
CA TRP A 141 -3.02 3.57 -16.43
C TRP A 141 -1.93 2.49 -16.47
N ILE A 142 -2.00 1.50 -15.59
CA ILE A 142 -1.08 0.36 -15.52
C ILE A 142 -1.08 -0.42 -16.85
N GLN A 143 -2.24 -0.79 -17.38
CA GLN A 143 -2.37 -1.49 -18.68
C GLN A 143 -1.89 -0.64 -19.87
N GLU A 144 -2.12 0.67 -19.83
CA GLU A 144 -1.64 1.62 -20.87
C GLU A 144 -0.10 1.75 -20.85
N ASN A 145 0.50 1.61 -19.67
CA ASN A 145 1.94 1.60 -19.42
C ASN A 145 2.57 0.18 -19.43
N GLY A 146 1.90 -0.80 -20.06
CA GLY A 146 2.45 -2.14 -20.32
C GLY A 146 2.38 -3.13 -19.17
N GLY A 147 1.58 -2.85 -18.13
CA GLY A 147 1.35 -3.71 -16.97
C GLY A 147 2.50 -3.75 -15.96
N TRP A 148 2.30 -4.49 -14.86
CA TRP A 148 3.34 -4.72 -13.85
C TRP A 148 4.59 -5.43 -14.44
N ASP A 149 4.44 -6.17 -15.54
CA ASP A 149 5.56 -6.76 -16.30
C ASP A 149 6.53 -5.67 -16.82
N THR A 150 6.01 -4.52 -17.24
CA THR A 150 6.85 -3.36 -17.62
C THR A 150 7.44 -2.67 -16.39
N PHE A 151 6.73 -2.62 -15.25
CA PHE A 151 7.30 -2.12 -13.99
C PHE A 151 8.56 -2.89 -13.56
N VAL A 152 8.56 -4.24 -13.59
CA VAL A 152 9.76 -5.01 -13.26
C VAL A 152 10.89 -4.86 -14.28
N GLU A 153 10.60 -4.64 -15.57
CA GLU A 153 11.62 -4.29 -16.56
C GLU A 153 12.29 -2.92 -16.27
N LEU A 154 11.57 -1.96 -15.70
CA LEU A 154 12.08 -0.64 -15.32
C LEU A 154 12.74 -0.58 -13.92
N TYR A 155 12.21 -1.29 -12.92
CA TYR A 155 12.62 -1.20 -11.50
C TYR A 155 13.35 -2.43 -10.94
N GLY A 156 13.39 -3.56 -11.66
CA GLY A 156 14.12 -4.77 -11.28
C GLY A 156 15.64 -4.62 -11.34
CA GLY B 1 -4.35 28.09 11.94
C GLY B 1 -3.91 26.93 11.06
N SER B 2 -2.60 26.62 11.06
CA SER B 2 -2.02 25.50 10.30
C SER B 2 -2.52 24.13 10.78
N HIS B 3 -2.75 23.98 12.09
CA HIS B 3 -3.45 22.84 12.69
C HIS B 3 -4.96 23.10 12.69
N MET B 4 -5.75 22.07 12.35
CA MET B 4 -7.22 22.11 12.26
C MET B 4 -7.81 20.69 12.31
N SER B 5 -9.11 20.56 12.57
CA SER B 5 -9.85 19.27 12.53
C SER B 5 -9.88 18.60 11.14
N ALA B 6 -9.57 19.37 10.07
CA ALA B 6 -9.33 18.90 8.71
C ALA B 6 -7.90 18.31 8.55
N MET B 7 -7.24 18.57 7.42
CA MET B 7 -5.83 18.20 7.17
C MET B 7 -4.91 18.89 8.21
N SER B 8 -4.17 18.10 9.00
CA SER B 8 -3.26 18.60 10.05
C SER B 8 -1.91 19.02 9.45
N THR B 9 -1.83 20.25 8.94
CA THR B 9 -0.67 20.71 8.14
C THR B 9 0.64 20.65 8.93
N THR B 10 0.59 20.95 10.23
CA THR B 10 1.77 20.90 11.13
C THR B 10 2.36 19.49 11.30
N ASP B 11 1.59 18.43 11.03
CA ASP B 11 2.06 17.04 11.01
C ASP B 11 2.40 16.57 9.58
N LEU B 12 1.42 16.64 8.66
CA LEU B 12 1.51 16.04 7.33
C LEU B 12 2.52 16.74 6.40
N GLU B 13 2.69 18.06 6.51
CA GLU B 13 3.63 18.80 5.67
C GLU B 13 5.10 18.50 6.01
N ALA B 14 5.37 17.78 7.11
CA ALA B 14 6.68 17.22 7.38
C ALA B 14 6.84 15.90 6.60
N TYR B 15 6.14 14.83 7.01
CA TYR B 15 6.25 13.47 6.48
C TYR B 15 6.12 13.35 4.94
N PHE B 16 5.19 14.08 4.31
CA PHE B 16 5.07 14.09 2.84
C PHE B 16 6.25 14.81 2.16
N LYS B 17 6.75 15.90 2.74
CA LYS B 17 7.91 16.67 2.25
C LYS B 17 9.25 15.99 2.58
N ASP B 18 9.28 15.17 3.61
CA ASP B 18 10.42 14.33 4.02
C ASP B 18 10.73 13.23 2.98
N CYS B 19 9.69 12.72 2.30
CA CYS B 19 9.75 11.63 1.32
C CYS B 19 10.23 12.04 -0.11
N VAL B 20 10.46 13.33 -0.38
CA VAL B 20 10.68 13.84 -1.75
C VAL B 20 12.00 13.48 -2.43
N PHE B 21 13.01 13.00 -1.69
CA PHE B 21 14.37 12.71 -2.21
C PHE B 21 14.44 11.38 -3.01
N LYS B 22 13.47 11.18 -3.90
CA LYS B 22 13.14 9.94 -4.61
C LYS B 22 12.63 10.23 -6.03
N ASP B 23 11.34 10.01 -6.32
CA ASP B 23 10.68 10.28 -7.61
C ASP B 23 10.05 11.69 -7.70
N TRP B 24 10.32 12.55 -6.70
CA TRP B 24 9.94 13.96 -6.63
C TRP B 24 11.18 14.90 -6.70
N GLY B 25 10.94 16.21 -6.82
CA GLY B 25 11.96 17.26 -6.89
C GLY B 25 11.39 18.67 -7.11
N MET A 1 -10.59 -3.64 -14.09
CA MET A 1 -10.39 -4.59 -12.96
C MET A 1 -9.43 -5.71 -13.38
N SER A 2 -8.56 -6.14 -12.47
CA SER A 2 -7.68 -7.32 -12.64
C SER A 2 -7.43 -8.05 -11.32
N GLN A 3 -7.46 -9.39 -11.37
CA GLN A 3 -7.19 -10.27 -10.23
C GLN A 3 -5.73 -10.13 -9.73
N SER A 4 -4.79 -9.85 -10.63
CA SER A 4 -3.36 -9.71 -10.34
C SER A 4 -3.07 -8.62 -9.30
N ASN A 5 -3.81 -7.51 -9.35
CA ASN A 5 -3.71 -6.43 -8.37
C ASN A 5 -3.99 -6.92 -6.93
N ARG A 6 -5.03 -7.74 -6.72
CA ARG A 6 -5.33 -8.34 -5.40
C ARG A 6 -4.28 -9.36 -4.97
N GLU A 7 -3.79 -10.19 -5.90
CA GLU A 7 -2.79 -11.22 -5.64
C GLU A 7 -1.48 -10.65 -5.07
N LEU A 8 -0.96 -9.55 -5.64
CA LEU A 8 0.23 -8.87 -5.13
C LEU A 8 -0.05 -7.92 -3.94
N VAL A 9 -1.28 -7.40 -3.78
CA VAL A 9 -1.69 -6.65 -2.59
C VAL A 9 -1.70 -7.51 -1.32
N VAL A 10 -2.30 -8.71 -1.38
CA VAL A 10 -2.28 -9.66 -0.25
C VAL A 10 -0.85 -10.07 0.11
N ASP A 11 0.05 -10.21 -0.86
CA ASP A 11 1.46 -10.54 -0.60
C ASP A 11 2.20 -9.52 0.28
N PHE A 12 2.31 -8.26 -0.13
CA PHE A 12 3.10 -7.28 0.63
C PHE A 12 2.50 -7.00 2.00
N LEU A 13 1.17 -7.09 2.14
CA LEU A 13 0.47 -7.03 3.41
C LEU A 13 0.89 -8.19 4.32
N SER A 14 0.74 -9.43 3.85
CA SER A 14 1.05 -10.60 4.65
C SER A 14 2.52 -10.65 5.07
N TYR A 15 3.43 -10.14 4.23
CA TYR A 15 4.85 -9.94 4.54
C TYR A 15 5.08 -8.92 5.66
N LYS A 16 4.52 -7.69 5.56
CA LYS A 16 4.67 -6.66 6.61
C LYS A 16 4.02 -7.07 7.93
N LEU A 17 2.95 -7.86 7.89
CA LEU A 17 2.34 -8.50 9.06
C LEU A 17 3.24 -9.60 9.65
N SER A 18 3.88 -10.42 8.81
CA SER A 18 4.87 -11.43 9.23
C SER A 18 6.09 -10.82 9.93
N GLN A 19 6.49 -9.61 9.55
CA GLN A 19 7.56 -8.85 10.21
C GLN A 19 7.19 -8.40 11.65
N LYS A 20 5.89 -8.29 11.97
CA LYS A 20 5.38 -8.11 13.36
C LYS A 20 5.25 -9.44 14.13
N GLY A 21 5.36 -10.57 13.44
CA GLY A 21 5.13 -11.93 13.96
C GLY A 21 3.70 -12.46 13.73
N TYR A 22 2.89 -11.78 12.90
CA TYR A 22 1.53 -12.21 12.55
C TYR A 22 1.49 -13.13 11.30
N SER A 23 0.30 -13.56 10.88
CA SER A 23 0.08 -14.25 9.60
C SER A 23 -1.34 -13.98 9.05
N TRP A 24 -1.47 -13.94 7.72
CA TRP A 24 -2.72 -13.53 7.06
C TRP A 24 -3.90 -14.48 7.35
N SER A 25 -3.65 -15.78 7.40
CA SER A 25 -4.67 -16.81 7.67
C SER A 25 -5.29 -16.73 9.07
N GLN A 26 -4.65 -16.03 10.03
CA GLN A 26 -5.21 -15.77 11.35
C GLN A 26 -6.27 -14.65 11.35
N PHE A 27 -6.16 -13.69 10.42
CA PHE A 27 -7.10 -12.57 10.27
C PHE A 27 -8.09 -12.77 9.10
N SER A 28 -7.75 -13.62 8.13
CA SER A 28 -8.53 -13.91 6.92
C SER A 28 -9.49 -15.08 7.15
N ASP A 29 -10.80 -14.83 7.07
CA ASP A 29 -11.86 -15.85 7.21
C ASP A 29 -12.15 -16.62 5.89
N VAL A 30 -11.35 -16.38 4.85
CA VAL A 30 -11.38 -16.99 3.50
C VAL A 30 -12.79 -17.03 2.87
N GLU A 31 -13.13 -15.95 2.16
CA GLU A 31 -14.37 -15.78 1.41
C GLU A 31 -14.11 -15.14 0.03
N GLU A 32 -14.93 -15.49 -0.96
CA GLU A 32 -14.88 -15.00 -2.36
C GLU A 32 -13.54 -15.26 -3.07
N ASN A 33 -12.72 -16.18 -2.56
CA ASN A 33 -11.42 -16.58 -3.10
C ASN A 33 -11.58 -17.36 -4.43
N ARG A 34 -10.82 -16.96 -5.45
CA ARG A 34 -10.84 -17.55 -6.80
C ARG A 34 -9.49 -17.48 -7.53
N THR A 35 -8.69 -16.46 -7.25
CA THR A 35 -7.38 -16.15 -7.85
C THR A 35 -6.61 -15.31 -6.85
N GLU A 36 -5.93 -15.99 -5.91
CA GLU A 36 -5.28 -15.39 -4.74
C GLU A 36 -3.79 -15.76 -4.69
N ALA A 37 -2.98 -14.93 -4.00
CA ALA A 37 -1.51 -15.05 -3.83
C ALA A 37 -0.66 -14.91 -5.12
N PRO A 38 0.63 -14.55 -5.01
CA PRO A 38 1.60 -14.56 -6.11
C PRO A 38 1.88 -16.03 -6.51
N GLU A 39 1.23 -16.49 -7.58
CA GLU A 39 1.14 -17.91 -7.98
C GLU A 39 2.48 -18.65 -8.17
N GLY A 40 3.53 -17.99 -8.70
CA GLY A 40 4.89 -18.56 -8.73
C GLY A 40 5.85 -18.09 -9.83
N THR A 41 5.37 -17.41 -10.88
CA THR A 41 6.20 -16.98 -12.03
C THR A 41 6.11 -15.47 -12.29
N GLU A 42 5.13 -15.01 -13.05
CA GLU A 42 5.04 -13.60 -13.49
C GLU A 42 4.74 -12.65 -12.31
N SER A 43 3.83 -13.02 -11.41
CA SER A 43 3.56 -12.24 -10.18
C SER A 43 4.65 -12.40 -9.13
N GLU A 44 5.41 -13.50 -9.14
CA GLU A 44 6.56 -13.72 -8.25
C GLU A 44 7.69 -12.71 -8.53
N ALA A 45 7.95 -12.45 -9.82
CA ALA A 45 8.89 -11.42 -10.24
C ALA A 45 8.40 -10.00 -9.87
N VAL A 46 7.10 -9.70 -10.05
CA VAL A 46 6.51 -8.40 -9.65
C VAL A 46 6.66 -8.17 -8.15
N LYS A 47 6.24 -9.12 -7.30
CA LYS A 47 6.38 -8.97 -5.85
C LYS A 47 7.83 -8.76 -5.44
N GLN A 48 8.80 -9.44 -6.05
CA GLN A 48 10.21 -9.30 -5.67
C GLN A 48 10.73 -7.89 -5.92
N ALA A 49 10.36 -7.27 -7.05
CA ALA A 49 10.72 -5.89 -7.34
C ALA A 49 9.98 -4.89 -6.43
N LEU A 50 8.68 -5.10 -6.24
CA LEU A 50 7.81 -4.19 -5.48
C LEU A 50 8.15 -4.20 -3.99
N ARG A 51 8.39 -5.39 -3.42
CA ARG A 51 8.78 -5.61 -2.02
C ARG A 51 10.17 -5.05 -1.72
N GLU A 52 11.15 -5.18 -2.63
CA GLU A 52 12.45 -4.49 -2.53
C GLU A 52 12.30 -2.96 -2.56
N ALA A 53 11.50 -2.43 -3.51
CA ALA A 53 11.23 -0.99 -3.63
C ALA A 53 10.56 -0.42 -2.37
N GLY A 54 9.61 -1.16 -1.80
CA GLY A 54 8.97 -0.85 -0.52
C GLY A 54 9.96 -0.87 0.64
N ASP A 55 10.67 -1.98 0.84
CA ASP A 55 11.63 -2.14 1.95
C ASP A 55 12.73 -1.08 1.98
N GLU A 56 13.28 -0.69 0.82
CA GLU A 56 14.35 0.31 0.75
C GLU A 56 13.88 1.70 1.23
N PHE A 57 12.71 2.16 0.76
CA PHE A 57 12.22 3.51 1.10
C PHE A 57 11.49 3.54 2.46
N GLU A 58 10.82 2.45 2.83
CA GLU A 58 10.26 2.25 4.18
C GLU A 58 11.37 2.09 5.24
N LEU A 59 12.61 1.73 4.85
CA LEU A 59 13.79 1.77 5.71
C LEU A 59 14.33 3.21 5.82
N ARG A 60 14.60 3.86 4.68
CA ARG A 60 15.31 5.15 4.59
C ARG A 60 14.50 6.35 5.14
N TYR A 61 13.17 6.32 5.01
CA TYR A 61 12.24 7.32 5.58
C TYR A 61 11.24 6.64 6.56
N ARG A 62 11.72 5.68 7.36
CA ARG A 62 10.88 4.88 8.27
C ARG A 62 10.00 5.71 9.21
N ARG A 63 10.50 6.85 9.71
CA ARG A 63 9.73 7.77 10.58
C ARG A 63 8.47 8.28 9.88
N ALA A 64 8.55 8.60 8.58
CA ALA A 64 7.41 9.06 7.79
C ALA A 64 6.35 7.95 7.62
N PHE A 65 6.70 6.80 7.05
CA PHE A 65 5.76 5.67 6.89
C PHE A 65 5.22 5.16 8.25
N SER A 66 5.96 5.32 9.34
CA SER A 66 5.53 5.07 10.72
C SER A 66 4.46 6.05 11.22
N ASP A 67 4.66 7.36 11.09
CA ASP A 67 3.73 8.36 11.64
C ASP A 67 2.51 8.63 10.74
N LEU A 68 2.67 8.56 9.41
CA LEU A 68 1.60 8.79 8.43
C LEU A 68 0.33 7.96 8.73
N THR A 69 0.50 6.71 9.18
CA THR A 69 -0.61 5.80 9.48
C THR A 69 -1.37 6.13 10.76
N SER A 70 -0.72 6.81 11.72
CA SER A 70 -1.39 7.37 12.91
C SER A 70 -2.13 8.68 12.59
N GLN A 71 -1.62 9.46 11.63
CA GLN A 71 -2.15 10.77 11.24
C GLN A 71 -3.39 10.68 10.33
N LEU A 72 -3.43 9.69 9.42
CA LEU A 72 -4.55 9.45 8.50
C LEU A 72 -5.62 8.50 9.11
N HIS A 73 -6.90 8.89 9.02
CA HIS A 73 -8.04 8.18 9.62
C HIS A 73 -8.35 6.85 8.90
N ILE A 74 -8.41 5.74 9.65
CA ILE A 74 -8.51 4.35 9.12
C ILE A 74 -9.71 3.53 9.65
N THR A 75 -10.43 4.10 10.61
CA THR A 75 -11.69 3.65 11.24
C THR A 75 -12.80 3.28 10.22
N PRO A 76 -13.76 2.37 10.53
CA PRO A 76 -14.77 1.91 9.56
C PRO A 76 -15.58 3.03 8.87
N GLY A 77 -15.91 2.81 7.58
CA GLY A 77 -16.72 3.71 6.77
C GLY A 77 -15.93 4.89 6.17
N THR A 78 -15.94 6.04 6.83
CA THR A 78 -15.44 7.33 6.31
C THR A 78 -13.94 7.35 5.96
N ALA A 79 -13.15 6.41 6.48
CA ALA A 79 -11.75 6.24 6.12
C ALA A 79 -11.52 5.97 4.62
N TYR A 80 -12.44 5.28 3.93
CA TYR A 80 -12.33 5.06 2.48
C TYR A 80 -12.32 6.40 1.70
N GLN A 81 -13.15 7.36 2.15
CA GLN A 81 -13.19 8.72 1.62
C GLN A 81 -11.92 9.51 1.99
N SER A 82 -11.51 9.44 3.27
CA SER A 82 -10.33 10.14 3.80
C SER A 82 -9.02 9.69 3.14
N PHE A 83 -8.88 8.38 2.91
CA PHE A 83 -7.73 7.79 2.23
C PHE A 83 -7.68 8.17 0.75
N GLU A 84 -8.79 8.10 0.01
CA GLU A 84 -8.80 8.39 -1.43
C GLU A 84 -8.38 9.84 -1.71
N GLN A 85 -8.85 10.80 -0.91
CA GLN A 85 -8.51 12.22 -1.08
C GLN A 85 -7.02 12.53 -0.75
N VAL A 86 -6.42 11.80 0.20
CA VAL A 86 -5.01 11.95 0.60
C VAL A 86 -4.07 11.23 -0.39
N VAL A 87 -4.48 10.09 -0.93
CA VAL A 87 -3.79 9.41 -2.04
C VAL A 87 -3.83 10.27 -3.31
N ASN A 88 -4.96 10.94 -3.59
CA ASN A 88 -5.09 11.97 -4.63
C ASN A 88 -4.08 13.13 -4.43
N GLU A 89 -3.74 13.48 -3.19
CA GLU A 89 -2.70 14.48 -2.89
C GLU A 89 -1.30 13.99 -3.31
N LEU A 90 -0.90 12.77 -2.92
CA LEU A 90 0.46 12.28 -3.20
C LEU A 90 0.69 11.96 -4.69
N PHE A 91 -0.33 11.51 -5.43
CA PHE A 91 -0.25 11.26 -6.87
C PHE A 91 -0.29 12.51 -7.77
N ARG A 92 -0.70 13.68 -7.27
CA ARG A 92 -0.75 14.92 -8.06
C ARG A 92 0.62 15.51 -8.38
N ASP A 93 1.68 15.00 -7.74
CA ASP A 93 3.08 15.26 -8.13
C ASP A 93 3.51 14.41 -9.36
N GLY A 94 2.74 13.37 -9.72
CA GLY A 94 2.94 12.51 -10.89
C GLY A 94 2.39 11.09 -10.65
N VAL A 95 1.80 10.47 -11.68
CA VAL A 95 1.19 9.11 -11.61
C VAL A 95 2.25 7.99 -11.72
N ASN A 96 3.54 8.37 -11.75
CA ASN A 96 4.68 7.48 -11.97
C ASN A 96 4.86 6.40 -10.88
N TRP A 97 5.67 5.38 -11.19
CA TRP A 97 6.01 4.28 -10.28
C TRP A 97 6.58 4.78 -8.94
N GLY A 98 7.29 5.91 -8.92
CA GLY A 98 7.80 6.56 -7.70
C GLY A 98 6.70 7.02 -6.73
N ARG A 99 5.45 7.22 -7.17
CA ARG A 99 4.29 7.43 -6.29
C ARG A 99 3.52 6.14 -6.02
N ILE A 100 3.46 5.20 -6.97
CA ILE A 100 2.83 3.88 -6.77
C ILE A 100 3.55 3.08 -5.67
N VAL A 101 4.88 3.14 -5.61
CA VAL A 101 5.71 2.54 -4.56
C VAL A 101 5.38 3.11 -3.17
N ALA A 102 5.18 4.43 -3.06
CA ALA A 102 4.77 5.08 -1.81
C ALA A 102 3.33 4.72 -1.40
N PHE A 103 2.40 4.69 -2.38
CA PHE A 103 0.98 4.37 -2.19
C PHE A 103 0.77 2.97 -1.59
N PHE A 104 1.38 1.93 -2.17
CA PHE A 104 1.17 0.57 -1.68
C PHE A 104 1.80 0.36 -0.29
N SER A 105 2.98 0.96 -0.05
CA SER A 105 3.70 0.81 1.21
C SER A 105 2.92 1.45 2.37
N PHE A 106 2.32 2.62 2.12
CA PHE A 106 1.39 3.28 3.02
C PHE A 106 0.12 2.43 3.28
N GLY A 107 -0.50 1.85 2.25
CA GLY A 107 -1.64 0.93 2.38
C GLY A 107 -1.32 -0.31 3.25
N GLY A 108 -0.18 -0.96 2.99
CA GLY A 108 0.40 -2.01 3.82
C GLY A 108 0.50 -1.62 5.30
N ALA A 109 1.15 -0.49 5.58
CA ALA A 109 1.36 0.00 6.93
C ALA A 109 0.04 0.41 7.66
N LEU A 110 -0.97 0.94 6.94
CA LEU A 110 -2.28 1.25 7.52
C LEU A 110 -3.00 0.02 8.07
N CYS A 111 -2.91 -1.13 7.38
CA CYS A 111 -3.52 -2.37 7.88
C CYS A 111 -2.75 -2.95 9.08
N VAL A 112 -1.42 -2.85 9.08
CA VAL A 112 -0.57 -3.22 10.24
C VAL A 112 -0.91 -2.38 11.48
N GLU A 113 -1.07 -1.07 11.30
CA GLU A 113 -1.49 -0.14 12.34
C GLU A 113 -2.88 -0.51 12.89
N SER A 114 -3.80 -0.91 12.00
CA SER A 114 -5.14 -1.37 12.40
C SER A 114 -5.10 -2.67 13.22
N VAL A 115 -4.30 -3.66 12.80
CA VAL A 115 -4.08 -4.90 13.57
C VAL A 115 -3.51 -4.61 14.96
N ASP A 116 -2.51 -3.72 15.06
CA ASP A 116 -1.89 -3.31 16.32
C ASP A 116 -2.88 -2.56 17.25
N LYS A 117 -3.81 -1.78 16.67
CA LYS A 117 -4.96 -1.15 17.35
C LYS A 117 -6.14 -2.10 17.60
N GLU A 118 -5.91 -3.42 17.55
CA GLU A 118 -6.90 -4.49 17.78
C GLU A 118 -8.11 -4.42 16.84
N MET A 119 -7.86 -4.06 15.58
CA MET A 119 -8.85 -3.96 14.48
C MET A 119 -8.42 -4.84 13.31
N GLN A 120 -8.03 -6.08 13.62
CA GLN A 120 -7.55 -7.10 12.67
C GLN A 120 -8.58 -7.42 11.58
N VAL A 121 -9.87 -7.32 11.95
CA VAL A 121 -11.02 -7.43 11.05
C VAL A 121 -10.94 -6.50 9.83
N LEU A 122 -10.31 -5.33 9.95
CA LEU A 122 -10.14 -4.38 8.85
C LEU A 122 -8.95 -4.67 7.95
N VAL A 123 -8.06 -5.61 8.30
CA VAL A 123 -6.86 -5.87 7.49
C VAL A 123 -7.23 -6.29 6.06
N SER A 124 -8.35 -7.03 5.90
CA SER A 124 -8.95 -7.36 4.60
C SER A 124 -9.78 -6.21 4.00
N ARG A 125 -10.45 -5.40 4.82
CA ARG A 125 -11.29 -4.29 4.34
C ARG A 125 -10.45 -3.14 3.77
N ILE A 126 -9.37 -2.78 4.44
CA ILE A 126 -8.39 -1.77 3.99
C ILE A 126 -7.62 -2.29 2.77
N ALA A 127 -7.30 -3.59 2.72
CA ALA A 127 -6.74 -4.23 1.52
C ALA A 127 -7.67 -4.05 0.31
N ALA A 128 -8.97 -4.31 0.49
CA ALA A 128 -9.99 -4.10 -0.55
C ALA A 128 -10.18 -2.61 -0.91
N TRP A 129 -10.16 -1.68 0.07
CA TRP A 129 -10.23 -0.23 -0.17
C TRP A 129 -9.10 0.24 -1.11
N MET A 130 -7.84 -0.07 -0.78
CA MET A 130 -6.70 0.39 -1.57
C MET A 130 -6.56 -0.40 -2.89
N ALA A 131 -6.91 -1.68 -2.94
CA ALA A 131 -6.99 -2.43 -4.20
C ALA A 131 -8.07 -1.86 -5.14
N THR A 132 -9.21 -1.42 -4.61
CA THR A 132 -10.27 -0.77 -5.41
C THR A 132 -9.77 0.54 -6.04
N TYR A 133 -9.03 1.37 -5.28
CA TYR A 133 -8.38 2.57 -5.83
C TYR A 133 -7.44 2.22 -6.99
N LEU A 134 -6.55 1.25 -6.79
CA LEU A 134 -5.56 0.82 -7.78
C LEU A 134 -6.24 0.30 -9.07
N ASN A 135 -7.26 -0.54 -8.95
CA ASN A 135 -8.04 -1.03 -10.09
C ASN A 135 -8.85 0.08 -10.81
N ASP A 136 -9.32 1.11 -10.10
CA ASP A 136 -10.14 2.18 -10.68
C ASP A 136 -9.32 3.32 -11.33
N HIS A 137 -8.19 3.72 -10.72
CA HIS A 137 -7.43 4.92 -11.09
C HIS A 137 -6.08 4.60 -11.73
N LEU A 138 -5.30 3.69 -11.14
CA LEU A 138 -3.96 3.37 -11.62
C LEU A 138 -3.95 2.41 -12.81
N GLU A 139 -4.90 1.46 -12.88
CA GLU A 139 -4.92 0.39 -13.89
C GLU A 139 -4.72 0.86 -15.35
N PRO A 140 -5.45 1.87 -15.89
CA PRO A 140 -5.20 2.34 -17.26
C PRO A 140 -3.81 2.96 -17.45
N TRP A 141 -3.29 3.71 -16.46
CA TRP A 141 -1.93 4.24 -16.49
C TRP A 141 -0.89 3.11 -16.48
N ILE A 142 -1.09 2.10 -15.62
CA ILE A 142 -0.24 0.91 -15.50
C ILE A 142 -0.20 0.16 -16.84
N GLN A 143 -1.35 -0.13 -17.47
CA GLN A 143 -1.41 -0.79 -18.78
C GLN A 143 -0.76 0.03 -19.91
N GLU A 144 -0.88 1.36 -19.87
CA GLU A 144 -0.28 2.27 -20.87
C GLU A 144 1.25 2.32 -20.73
N ASN A 145 1.75 2.17 -19.50
CA ASN A 145 3.17 2.11 -19.14
C ASN A 145 3.75 0.67 -19.13
N GLY A 146 3.10 -0.28 -19.82
CA GLY A 146 3.61 -1.63 -20.07
C GLY A 146 3.38 -2.64 -18.93
N GLY A 147 2.51 -2.31 -17.98
CA GLY A 147 2.11 -3.18 -16.86
C GLY A 147 3.16 -3.35 -15.76
N TRP A 148 2.80 -4.09 -14.72
CA TRP A 148 3.72 -4.48 -13.65
C TRP A 148 4.95 -5.27 -14.16
N ASP A 149 4.82 -5.94 -15.32
CA ASP A 149 5.92 -6.61 -16.03
C ASP A 149 7.03 -5.62 -16.45
N THR A 150 6.68 -4.40 -16.87
CA THR A 150 7.65 -3.33 -17.14
C THR A 150 8.23 -2.76 -15.84
N PHE A 151 7.44 -2.66 -14.77
CA PHE A 151 7.94 -2.23 -13.46
C PHE A 151 9.06 -3.13 -12.90
N VAL A 152 8.94 -4.46 -12.98
CA VAL A 152 10.03 -5.36 -12.55
C VAL A 152 11.30 -5.24 -13.43
N GLU A 153 11.18 -4.96 -14.73
CA GLU A 153 12.35 -4.66 -15.57
C GLU A 153 13.08 -3.35 -15.17
N LEU A 154 12.37 -2.38 -14.57
CA LEU A 154 12.94 -1.11 -14.09
C LEU A 154 13.43 -1.16 -12.63
N TYR A 155 12.73 -1.86 -11.73
CA TYR A 155 12.95 -1.83 -10.26
C TYR A 155 13.47 -3.16 -9.65
N GLY A 156 13.51 -4.25 -10.41
CA GLY A 156 14.05 -5.56 -10.00
C GLY A 156 15.57 -5.58 -9.80
CA GLY B 1 0.86 19.82 15.99
C GLY B 1 -0.57 20.21 16.37
N SER B 2 -0.74 21.38 16.99
CA SER B 2 -2.08 21.94 17.29
C SER B 2 -2.80 22.34 15.99
N HIS B 3 -3.96 21.73 15.72
CA HIS B 3 -4.67 21.81 14.43
C HIS B 3 -6.17 21.47 14.57
N MET B 4 -6.95 21.77 13.52
CA MET B 4 -8.37 21.43 13.38
C MET B 4 -8.61 19.90 13.38
N SER B 5 -9.77 19.47 13.89
CA SER B 5 -10.21 18.05 13.86
C SER B 5 -10.68 17.65 12.46
N ALA B 6 -9.71 17.38 11.58
CA ALA B 6 -9.87 17.09 10.15
C ALA B 6 -8.65 16.29 9.64
N MET B 7 -8.26 16.46 8.37
CA MET B 7 -6.97 15.96 7.85
C MET B 7 -5.84 16.70 8.59
N SER B 8 -4.85 15.97 9.11
CA SER B 8 -3.82 16.51 10.03
C SER B 8 -2.72 17.30 9.32
N THR B 9 -3.09 18.43 8.70
CA THR B 9 -2.26 19.20 7.77
C THR B 9 -0.90 19.62 8.36
N THR B 10 -0.85 20.05 9.62
CA THR B 10 0.40 20.54 10.24
C THR B 10 1.53 19.50 10.29
N ASP B 11 1.20 18.19 10.29
CA ASP B 11 2.16 17.09 10.24
C ASP B 11 2.19 16.39 8.86
N LEU B 12 1.03 16.19 8.22
CA LEU B 12 0.94 15.53 6.91
C LEU B 12 1.56 16.34 5.78
N GLU B 13 1.38 17.67 5.77
CA GLU B 13 2.03 18.52 4.77
C GLU B 13 3.55 18.60 4.92
N ALA B 14 4.08 18.08 6.03
CA ALA B 14 5.50 17.81 6.20
C ALA B 14 5.81 16.42 5.61
N TYR B 15 5.35 15.33 6.22
CA TYR B 15 5.69 13.94 5.84
C TYR B 15 5.45 13.57 4.37
N PHE B 16 4.29 13.92 3.79
CA PHE B 16 4.00 13.64 2.37
C PHE B 16 4.91 14.45 1.43
N LYS B 17 5.35 15.64 1.86
CA LYS B 17 6.26 16.54 1.15
C LYS B 17 7.74 16.25 1.48
N ASP B 18 8.02 15.49 2.53
CA ASP B 18 9.35 15.10 3.01
C ASP B 18 9.92 13.93 2.20
N CYS B 19 9.16 12.84 2.05
CA CYS B 19 9.61 11.59 1.40
C CYS B 19 10.19 11.79 -0.01
N VAL B 20 9.70 12.80 -0.71
CA VAL B 20 10.04 13.15 -2.10
C VAL B 20 11.30 14.01 -2.27
N PHE B 21 11.96 14.46 -1.17
CA PHE B 21 13.15 15.32 -1.26
C PHE B 21 14.29 14.68 -2.06
N LYS B 22 14.57 13.38 -1.84
CA LYS B 22 15.58 12.63 -2.62
C LYS B 22 15.35 11.13 -2.75
N ASP B 23 14.42 10.52 -2.00
CA ASP B 23 14.23 9.05 -1.98
C ASP B 23 13.71 8.44 -3.31
N TRP B 24 13.46 9.29 -4.30
CA TRP B 24 13.20 8.97 -5.70
C TRP B 24 14.00 9.94 -6.60
N GLY B 25 14.24 9.56 -7.86
CA GLY B 25 15.16 10.24 -8.81
C GLY B 25 14.99 11.76 -8.91
N MET A 1 -10.47 -4.67 -14.38
CA MET A 1 -10.07 -5.21 -13.06
C MET A 1 -9.23 -6.49 -13.24
N SER A 2 -8.39 -6.81 -12.26
CA SER A 2 -7.59 -8.04 -12.22
C SER A 2 -7.35 -8.56 -10.80
N GLN A 3 -7.49 -9.87 -10.59
CA GLN A 3 -7.12 -10.55 -9.35
C GLN A 3 -5.59 -10.53 -9.10
N SER A 4 -4.77 -10.39 -10.14
CA SER A 4 -3.31 -10.32 -10.03
C SER A 4 -2.84 -9.10 -9.22
N ASN A 5 -3.53 -7.96 -9.41
CA ASN A 5 -3.27 -6.73 -8.65
C ASN A 5 -3.50 -6.92 -7.14
N ARG A 6 -4.55 -7.63 -6.73
CA ARG A 6 -4.81 -7.97 -5.32
C ARG A 6 -3.88 -9.07 -4.79
N GLU A 7 -3.54 -10.05 -5.62
CA GLU A 7 -2.61 -11.14 -5.26
C GLU A 7 -1.21 -10.61 -4.91
N LEU A 8 -0.68 -9.67 -5.69
CA LEU A 8 0.61 -9.02 -5.38
C LEU A 8 0.52 -8.00 -4.23
N VAL A 9 -0.68 -7.51 -3.87
CA VAL A 9 -0.89 -6.74 -2.62
C VAL A 9 -0.79 -7.69 -1.42
N VAL A 10 -1.51 -8.81 -1.45
CA VAL A 10 -1.51 -9.82 -0.38
C VAL A 10 -0.10 -10.36 -0.10
N ASP A 11 0.78 -10.45 -1.11
CA ASP A 11 2.19 -10.80 -0.92
C ASP A 11 2.94 -9.88 0.06
N PHE A 12 3.09 -8.59 -0.26
CA PHE A 12 3.84 -7.68 0.62
C PHE A 12 3.10 -7.48 1.94
N LEU A 13 1.77 -7.48 1.94
CA LEU A 13 0.96 -7.28 3.12
C LEU A 13 1.11 -8.44 4.11
N SER A 14 1.04 -9.67 3.62
CA SER A 14 1.32 -10.88 4.40
C SER A 14 2.75 -10.89 4.93
N TYR A 15 3.74 -10.49 4.12
CA TYR A 15 5.14 -10.36 4.54
C TYR A 15 5.33 -9.37 5.70
N LYS A 16 4.75 -8.17 5.63
CA LYS A 16 4.82 -7.17 6.72
C LYS A 16 4.15 -7.66 8.01
N LEU A 17 3.02 -8.35 7.90
CA LEU A 17 2.34 -8.98 9.02
C LEU A 17 3.16 -10.16 9.60
N SER A 18 3.85 -10.94 8.76
CA SER A 18 4.79 -11.98 9.19
C SER A 18 6.01 -11.41 9.95
N GLN A 19 6.51 -10.23 9.54
CA GLN A 19 7.58 -9.52 10.24
C GLN A 19 7.15 -9.00 11.63
N LYS A 20 5.86 -8.67 11.80
CA LYS A 20 5.23 -8.39 13.11
C LYS A 20 5.01 -9.65 13.96
N GLY A 21 5.18 -10.85 13.39
CA GLY A 21 4.98 -12.15 14.05
C GLY A 21 3.58 -12.76 13.85
N TYR A 22 2.78 -12.23 12.91
CA TYR A 22 1.44 -12.75 12.56
C TYR A 22 1.49 -13.74 11.38
N SER A 23 0.33 -14.20 10.88
CA SER A 23 0.24 -15.05 9.69
C SER A 23 -1.07 -14.84 8.90
N TRP A 24 -0.96 -14.70 7.58
CA TRP A 24 -2.14 -14.49 6.70
C TRP A 24 -3.02 -15.74 6.57
N SER A 25 -2.47 -16.94 6.82
CA SER A 25 -3.24 -18.19 6.89
C SER A 25 -4.29 -18.19 8.02
N GLN A 26 -4.08 -17.41 9.09
CA GLN A 26 -5.08 -17.17 10.14
C GLN A 26 -6.12 -16.11 9.73
N PHE A 27 -5.76 -15.15 8.86
CA PHE A 27 -6.64 -14.10 8.36
C PHE A 27 -7.48 -14.52 7.13
N SER A 28 -7.03 -15.53 6.37
CA SER A 28 -7.69 -16.09 5.19
C SER A 28 -7.70 -17.63 5.24
N ASP A 29 -8.85 -18.21 5.60
CA ASP A 29 -9.10 -19.65 5.65
C ASP A 29 -9.44 -20.20 4.24
N VAL A 30 -8.41 -20.37 3.41
CA VAL A 30 -8.51 -20.82 2.00
C VAL A 30 -9.24 -22.16 1.86
N GLU A 31 -10.21 -22.21 0.94
CA GLU A 31 -11.17 -23.33 0.81
C GLU A 31 -10.83 -24.38 -0.27
N GLU A 32 -9.85 -24.11 -1.13
CA GLU A 32 -9.57 -24.93 -2.33
C GLU A 32 -8.09 -24.98 -2.75
N ASN A 33 -7.47 -23.82 -3.04
CA ASN A 33 -6.11 -23.77 -3.60
C ASN A 33 -5.01 -24.14 -2.58
N ARG A 34 -3.82 -24.50 -3.09
CA ARG A 34 -2.70 -25.09 -2.33
C ARG A 34 -1.38 -24.34 -2.60
N THR A 35 -0.53 -24.24 -1.58
CA THR A 35 0.71 -23.43 -1.49
C THR A 35 0.44 -21.90 -1.49
N GLU A 36 1.07 -21.21 -0.54
CA GLU A 36 0.96 -19.76 -0.31
C GLU A 36 1.92 -18.92 -1.19
N ALA A 37 1.65 -17.60 -1.26
CA ALA A 37 2.41 -16.57 -1.99
C ALA A 37 2.46 -16.72 -3.54
N PRO A 38 2.83 -15.65 -4.29
CA PRO A 38 3.07 -15.67 -5.74
C PRO A 38 4.30 -16.49 -6.21
N GLU A 39 4.46 -17.71 -5.73
CA GLU A 39 5.45 -18.67 -6.26
C GLU A 39 5.07 -19.10 -7.68
N GLY A 40 5.97 -18.95 -8.64
CA GLY A 40 5.70 -19.13 -10.07
C GLY A 40 6.81 -18.58 -10.98
N THR A 41 6.44 -17.69 -11.91
CA THR A 41 7.33 -17.14 -12.96
C THR A 41 7.09 -15.64 -13.19
N GLU A 42 5.99 -15.28 -13.84
CA GLU A 42 5.71 -13.89 -14.25
C GLU A 42 5.37 -12.97 -13.07
N SER A 43 4.54 -13.43 -12.13
CA SER A 43 4.22 -12.72 -10.88
C SER A 43 5.36 -12.79 -9.86
N GLU A 44 6.16 -13.86 -9.87
CA GLU A 44 7.33 -14.03 -9.00
C GLU A 44 8.38 -12.92 -9.21
N ALA A 45 8.52 -12.42 -10.44
CA ALA A 45 9.41 -11.30 -10.75
C ALA A 45 8.87 -9.96 -10.23
N VAL A 46 7.56 -9.70 -10.36
CA VAL A 46 6.91 -8.46 -9.86
C VAL A 46 6.97 -8.39 -8.34
N LYS A 47 6.55 -9.46 -7.65
CA LYS A 47 6.58 -9.56 -6.18
C LYS A 47 7.99 -9.47 -5.59
N GLN A 48 9.02 -9.79 -6.38
CA GLN A 48 10.41 -9.53 -6.02
C GLN A 48 10.77 -8.05 -6.18
N ALA A 49 10.52 -7.45 -7.36
CA ALA A 49 10.89 -6.05 -7.62
C ALA A 49 10.17 -5.06 -6.69
N LEU A 50 8.87 -5.27 -6.46
CA LEU A 50 8.02 -4.42 -5.64
C LEU A 50 8.40 -4.49 -4.15
N ARG A 51 8.85 -5.67 -3.67
CA ARG A 51 9.38 -5.86 -2.31
C ARG A 51 10.63 -5.01 -2.07
N GLU A 52 11.60 -5.02 -3.00
CA GLU A 52 12.83 -4.22 -2.85
C GLU A 52 12.53 -2.71 -2.89
N ALA A 53 11.65 -2.27 -3.80
CA ALA A 53 11.24 -0.87 -3.92
C ALA A 53 10.56 -0.35 -2.63
N GLY A 54 9.70 -1.17 -2.00
CA GLY A 54 9.09 -0.87 -0.71
C GLY A 54 10.11 -0.83 0.44
N ASP A 55 10.85 -1.93 0.64
CA ASP A 55 11.78 -2.08 1.77
C ASP A 55 12.92 -1.06 1.75
N GLU A 56 13.46 -0.68 0.58
CA GLU A 56 14.53 0.32 0.49
C GLU A 56 14.05 1.71 0.92
N PHE A 57 12.87 2.14 0.48
CA PHE A 57 12.30 3.44 0.88
C PHE A 57 11.82 3.45 2.34
N GLU A 58 11.16 2.38 2.79
CA GLU A 58 10.67 2.26 4.18
C GLU A 58 11.80 2.25 5.20
N LEU A 59 13.00 1.76 4.87
CA LEU A 59 14.17 1.85 5.74
C LEU A 59 14.62 3.30 5.99
N ARG A 60 14.61 4.13 4.93
CA ARG A 60 15.09 5.53 4.95
C ARG A 60 14.06 6.50 5.56
N TYR A 61 12.77 6.21 5.39
CA TYR A 61 11.63 7.02 5.86
C TYR A 61 10.78 6.28 6.91
N ARG A 62 11.42 5.46 7.76
CA ARG A 62 10.76 4.57 8.74
C ARG A 62 9.81 5.27 9.70
N ARG A 63 10.11 6.49 10.14
CA ARG A 63 9.18 7.32 10.94
C ARG A 63 7.97 7.76 10.12
N ALA A 64 8.17 8.31 8.93
CA ALA A 64 7.09 8.84 8.10
C ALA A 64 6.05 7.76 7.74
N PHE A 65 6.48 6.61 7.22
CA PHE A 65 5.58 5.50 6.88
C PHE A 65 5.02 4.75 8.13
N SER A 66 5.39 5.17 9.34
CA SER A 66 4.80 4.74 10.63
C SER A 66 4.00 5.85 11.34
N ASP A 67 3.77 7.00 10.69
CA ASP A 67 3.11 8.19 11.27
C ASP A 67 2.10 8.83 10.30
N LEU A 68 2.39 8.86 9.00
CA LEU A 68 1.44 9.21 7.92
C LEU A 68 0.10 8.46 8.09
N THR A 69 0.18 7.18 8.43
CA THR A 69 -0.96 6.29 8.64
C THR A 69 -1.75 6.62 9.91
N SER A 70 -1.07 7.01 11.00
CA SER A 70 -1.69 7.37 12.28
C SER A 70 -2.60 8.60 12.21
N GLN A 71 -2.36 9.50 11.24
CA GLN A 71 -3.20 10.68 11.02
C GLN A 71 -4.53 10.38 10.28
N LEU A 72 -4.71 9.17 9.75
CA LEU A 72 -5.88 8.76 8.96
C LEU A 72 -6.90 7.93 9.78
N HIS A 73 -8.19 8.05 9.47
CA HIS A 73 -9.23 7.14 9.98
C HIS A 73 -9.09 5.76 9.33
N ILE A 74 -9.23 4.67 10.10
CA ILE A 74 -9.01 3.30 9.62
C ILE A 74 -10.01 2.28 10.23
N THR A 75 -11.29 2.61 10.11
CA THR A 75 -12.45 1.89 10.64
C THR A 75 -13.63 2.05 9.65
N PRO A 76 -14.55 1.06 9.50
CA PRO A 76 -15.56 1.04 8.44
C PRO A 76 -16.41 2.31 8.29
N GLY A 77 -16.77 2.64 7.04
CA GLY A 77 -17.43 3.88 6.66
C GLY A 77 -16.44 4.98 6.26
N THR A 78 -16.02 5.80 7.22
CA THR A 78 -15.20 7.00 6.98
C THR A 78 -13.80 6.72 6.43
N ALA A 79 -13.21 5.55 6.71
CA ALA A 79 -11.85 5.22 6.29
C ALA A 79 -11.67 5.16 4.78
N TYR A 80 -12.58 4.53 4.03
CA TYR A 80 -12.49 4.43 2.58
C TYR A 80 -12.56 5.83 1.92
N GLN A 81 -13.45 6.69 2.44
CA GLN A 81 -13.60 8.08 1.99
C GLN A 81 -12.35 8.92 2.31
N SER A 82 -11.77 8.74 3.50
CA SER A 82 -10.54 9.42 3.92
C SER A 82 -9.31 8.95 3.14
N PHE A 83 -9.22 7.66 2.85
CA PHE A 83 -8.11 7.08 2.09
C PHE A 83 -8.13 7.50 0.62
N GLU A 84 -9.27 7.40 -0.06
CA GLU A 84 -9.35 7.68 -1.50
C GLU A 84 -9.00 9.13 -1.83
N GLN A 85 -9.43 10.09 -0.98
CA GLN A 85 -9.12 11.51 -1.18
C GLN A 85 -7.64 11.87 -0.90
N VAL A 86 -7.01 11.24 0.11
CA VAL A 86 -5.58 11.45 0.43
C VAL A 86 -4.69 10.83 -0.64
N VAL A 87 -5.08 9.67 -1.18
CA VAL A 87 -4.39 9.02 -2.29
C VAL A 87 -4.56 9.81 -3.60
N ASN A 88 -5.77 10.30 -3.91
CA ASN A 88 -5.98 11.21 -5.05
C ASN A 88 -5.18 12.52 -4.94
N GLU A 89 -4.84 12.98 -3.73
CA GLU A 89 -3.92 14.09 -3.51
C GLU A 89 -2.45 13.70 -3.75
N LEU A 90 -1.96 12.58 -3.20
CA LEU A 90 -0.54 12.21 -3.36
C LEU A 90 -0.17 11.82 -4.80
N PHE A 91 -1.13 11.41 -5.64
CA PHE A 91 -0.95 11.21 -7.09
C PHE A 91 -1.12 12.49 -7.93
N ARG A 92 -1.49 13.65 -7.36
CA ARG A 92 -1.88 14.83 -8.14
C ARG A 92 -0.74 15.49 -8.94
N ASP A 93 0.51 15.24 -8.55
CA ASP A 93 1.71 15.63 -9.31
C ASP A 93 1.99 14.72 -10.54
N GLY A 94 1.45 13.50 -10.55
CA GLY A 94 1.69 12.47 -11.58
C GLY A 94 1.37 11.05 -11.08
N VAL A 95 0.95 10.19 -12.00
CA VAL A 95 0.48 8.80 -11.72
C VAL A 95 1.64 7.77 -11.80
N ASN A 96 2.87 8.27 -11.76
CA ASN A 96 4.09 7.50 -12.05
C ASN A 96 4.40 6.40 -11.01
N TRP A 97 5.20 5.41 -11.42
CA TRP A 97 5.55 4.22 -10.62
C TRP A 97 6.09 4.54 -9.22
N GLY A 98 6.86 5.62 -9.05
CA GLY A 98 7.34 6.03 -7.72
C GLY A 98 6.22 6.47 -6.77
N ARG A 99 5.19 7.15 -7.28
CA ARG A 99 3.99 7.50 -6.50
C ARG A 99 3.16 6.24 -6.18
N ILE A 100 3.16 5.24 -7.07
CA ILE A 100 2.57 3.91 -6.82
C ILE A 100 3.33 3.17 -5.70
N VAL A 101 4.67 3.26 -5.66
CA VAL A 101 5.49 2.72 -4.56
C VAL A 101 5.08 3.33 -3.21
N ALA A 102 4.89 4.65 -3.13
CA ALA A 102 4.42 5.30 -1.91
C ALA A 102 2.99 4.89 -1.53
N PHE A 103 2.08 4.79 -2.51
CA PHE A 103 0.68 4.41 -2.31
C PHE A 103 0.52 3.03 -1.66
N PHE A 104 1.20 2.00 -2.18
CA PHE A 104 1.05 0.65 -1.62
C PHE A 104 1.65 0.54 -0.21
N SER A 105 2.77 1.23 0.03
CA SER A 105 3.44 1.21 1.32
C SER A 105 2.58 1.85 2.41
N PHE A 106 2.01 3.03 2.10
CA PHE A 106 1.02 3.71 2.93
C PHE A 106 -0.23 2.85 3.17
N GLY A 107 -0.79 2.24 2.11
CA GLY A 107 -1.96 1.36 2.18
C GLY A 107 -1.76 0.13 3.08
N GLY A 108 -0.65 -0.59 2.93
CA GLY A 108 -0.37 -1.79 3.71
C GLY A 108 -0.08 -1.53 5.18
N ALA A 109 0.65 -0.45 5.49
CA ALA A 109 0.97 -0.06 6.88
C ALA A 109 -0.30 0.28 7.70
N LEU A 110 -1.37 0.77 7.06
CA LEU A 110 -2.69 0.97 7.70
C LEU A 110 -3.33 -0.35 8.19
N CYS A 111 -3.10 -1.49 7.52
CA CYS A 111 -3.62 -2.79 7.97
C CYS A 111 -2.89 -3.28 9.22
N VAL A 112 -1.55 -3.12 9.25
CA VAL A 112 -0.70 -3.55 10.38
C VAL A 112 -1.15 -2.89 11.70
N GLU A 113 -1.41 -1.59 11.69
CA GLU A 113 -1.83 -0.90 12.93
C GLU A 113 -3.23 -1.32 13.41
N SER A 114 -4.12 -1.78 12.51
CA SER A 114 -5.41 -2.36 12.91
C SER A 114 -5.23 -3.72 13.62
N VAL A 115 -4.33 -4.58 13.13
CA VAL A 115 -4.00 -5.86 13.77
C VAL A 115 -3.29 -5.65 15.11
N ASP A 116 -2.38 -4.67 15.18
CA ASP A 116 -1.68 -4.27 16.42
C ASP A 116 -2.65 -3.77 17.51
N LYS A 117 -3.71 -3.07 17.10
CA LYS A 117 -4.87 -2.67 17.93
C LYS A 117 -5.81 -3.81 18.31
N GLU A 118 -5.50 -5.07 17.94
CA GLU A 118 -6.37 -6.24 18.11
C GLU A 118 -7.72 -6.11 17.37
N MET A 119 -7.66 -5.59 16.12
CA MET A 119 -8.80 -5.38 15.23
C MET A 119 -8.56 -6.08 13.88
N GLN A 120 -8.10 -7.34 13.96
CA GLN A 120 -7.62 -8.15 12.83
C GLN A 120 -8.65 -8.36 11.72
N VAL A 121 -9.93 -8.31 12.11
CA VAL A 121 -11.10 -8.32 11.22
C VAL A 121 -11.02 -7.30 10.07
N LEU A 122 -10.32 -6.17 10.25
CA LEU A 122 -10.15 -5.17 9.19
C LEU A 122 -8.98 -5.44 8.25
N VAL A 123 -8.06 -6.36 8.58
CA VAL A 123 -6.81 -6.50 7.79
C VAL A 123 -7.10 -6.84 6.32
N SER A 124 -8.15 -7.64 6.08
CA SER A 124 -8.70 -7.96 4.76
C SER A 124 -9.59 -6.86 4.17
N ARG A 125 -10.28 -6.04 4.99
CA ARG A 125 -11.10 -4.92 4.51
C ARG A 125 -10.22 -3.78 4.01
N ILE A 126 -9.19 -3.41 4.76
CA ILE A 126 -8.19 -2.41 4.37
C ILE A 126 -7.40 -2.88 3.13
N ALA A 127 -7.04 -4.17 3.06
CA ALA A 127 -6.45 -4.75 1.85
C ALA A 127 -7.38 -4.61 0.62
N ALA A 128 -8.69 -4.85 0.78
CA ALA A 128 -9.68 -4.64 -0.26
C ALA A 128 -9.88 -3.15 -0.60
N TRP A 129 -9.82 -2.23 0.37
CA TRP A 129 -9.92 -0.78 0.15
C TRP A 129 -8.80 -0.27 -0.76
N MET A 130 -7.54 -0.63 -0.49
CA MET A 130 -6.41 -0.28 -1.36
C MET A 130 -6.43 -1.02 -2.71
N ALA A 131 -6.80 -2.32 -2.74
CA ALA A 131 -6.93 -3.07 -3.99
C ALA A 131 -8.06 -2.52 -4.89
N THR A 132 -9.14 -2.00 -4.31
CA THR A 132 -10.24 -1.34 -5.04
C THR A 132 -9.76 -0.04 -5.70
N TYR A 133 -9.01 0.81 -4.97
CA TYR A 133 -8.40 2.01 -5.56
C TYR A 133 -7.49 1.65 -6.74
N LEU A 134 -6.59 0.68 -6.53
CA LEU A 134 -5.61 0.21 -7.51
C LEU A 134 -6.30 -0.30 -8.78
N ASN A 135 -7.38 -1.08 -8.65
CA ASN A 135 -8.19 -1.56 -9.77
C ASN A 135 -8.99 -0.43 -10.48
N ASP A 136 -9.50 0.55 -9.75
CA ASP A 136 -10.36 1.61 -10.30
C ASP A 136 -9.60 2.77 -10.97
N HIS A 137 -8.44 3.17 -10.45
CA HIS A 137 -7.73 4.39 -10.84
C HIS A 137 -6.39 4.12 -11.52
N LEU A 138 -5.58 3.21 -10.96
CA LEU A 138 -4.24 2.93 -11.49
C LEU A 138 -4.25 1.92 -12.64
N GLU A 139 -5.11 0.90 -12.61
CA GLU A 139 -5.09 -0.21 -13.58
C GLU A 139 -5.04 0.21 -15.07
N PRO A 140 -5.85 1.17 -15.58
CA PRO A 140 -5.73 1.63 -16.95
C PRO A 140 -4.39 2.35 -17.24
N TRP A 141 -3.87 3.14 -16.30
CA TRP A 141 -2.55 3.77 -16.42
C TRP A 141 -1.44 2.71 -16.44
N ILE A 142 -1.53 1.71 -15.56
CA ILE A 142 -0.60 0.57 -15.46
C ILE A 142 -0.55 -0.19 -16.80
N GLN A 143 -1.70 -0.56 -17.37
CA GLN A 143 -1.78 -1.22 -18.68
C GLN A 143 -1.24 -0.36 -19.83
N GLU A 144 -1.47 0.95 -19.80
CA GLU A 144 -1.00 1.90 -20.81
C GLU A 144 0.54 2.08 -20.76
N ASN A 145 1.11 1.98 -19.56
CA ASN A 145 2.55 2.04 -19.27
C ASN A 145 3.24 0.65 -19.29
N GLY A 146 2.63 -0.34 -19.97
CA GLY A 146 3.25 -1.64 -20.25
C GLY A 146 3.11 -2.70 -19.15
N GLY A 147 2.27 -2.45 -18.14
CA GLY A 147 1.95 -3.37 -17.05
C GLY A 147 3.07 -3.55 -16.01
N TRP A 148 2.81 -4.38 -15.00
CA TRP A 148 3.80 -4.72 -13.97
C TRP A 148 5.05 -5.43 -14.52
N ASP A 149 4.95 -6.05 -15.71
CA ASP A 149 6.11 -6.58 -16.44
C ASP A 149 7.12 -5.47 -16.81
N THR A 150 6.64 -4.28 -17.18
CA THR A 150 7.49 -3.09 -17.40
C THR A 150 8.03 -2.53 -16.08
N PHE A 151 7.24 -2.57 -15.00
CA PHE A 151 7.73 -2.18 -13.67
C PHE A 151 8.94 -3.01 -13.21
N VAL A 152 8.93 -4.35 -13.35
CA VAL A 152 10.11 -5.17 -13.01
C VAL A 152 11.30 -4.96 -13.96
N GLU A 153 11.09 -4.61 -15.23
CA GLU A 153 12.19 -4.18 -16.11
C GLU A 153 12.86 -2.86 -15.65
N LEU A 154 12.12 -1.96 -14.97
CA LEU A 154 12.64 -0.72 -14.40
C LEU A 154 13.22 -0.86 -12.98
N TYR A 155 12.56 -1.60 -12.07
CA TYR A 155 12.86 -1.66 -10.64
C TYR A 155 13.47 -3.00 -10.15
N GLY A 156 13.56 -4.04 -11.01
CA GLY A 156 14.14 -5.36 -10.69
C GLY A 156 15.65 -5.34 -10.43
CA GLY B 1 -5.37 28.57 9.72
C GLY B 1 -5.87 27.29 9.05
N SER B 2 -5.96 26.19 9.80
CA SER B 2 -6.27 24.84 9.29
C SER B 2 -7.70 24.64 8.74
N HIS B 3 -8.63 25.55 9.04
CA HIS B 3 -10.07 25.52 8.72
C HIS B 3 -10.85 24.37 9.40
N MET B 4 -11.59 24.71 10.46
CA MET B 4 -12.41 23.83 11.32
C MET B 4 -11.64 22.69 12.01
N SER B 5 -11.21 21.67 11.26
CA SER B 5 -10.44 20.51 11.74
C SER B 5 -9.43 20.03 10.69
N ALA B 6 -9.92 19.61 9.51
CA ALA B 6 -9.14 19.18 8.34
C ALA B 6 -8.08 18.08 8.62
N MET B 7 -7.17 17.86 7.67
CA MET B 7 -5.97 17.02 7.81
C MET B 7 -4.97 17.64 8.82
N SER B 8 -3.98 16.86 9.29
CA SER B 8 -2.93 17.35 10.20
C SER B 8 -1.91 18.24 9.48
N THR B 9 -2.24 19.53 9.34
CA THR B 9 -1.49 20.53 8.55
C THR B 9 -0.09 20.85 9.07
N THR B 10 0.29 20.39 10.26
CA THR B 10 1.66 20.54 10.81
C THR B 10 2.54 19.30 10.58
N ASP B 11 1.98 18.08 10.61
CA ASP B 11 2.74 16.84 10.43
C ASP B 11 2.74 16.34 8.99
N LEU B 12 1.58 16.28 8.33
CA LEU B 12 1.46 15.75 6.96
C LEU B 12 2.07 16.69 5.92
N GLU B 13 1.92 18.00 6.09
CA GLU B 13 2.52 18.98 5.17
C GLU B 13 4.06 18.98 5.27
N ALA B 14 4.61 18.38 6.33
CA ALA B 14 6.03 18.06 6.44
C ALA B 14 6.30 16.71 5.75
N TYR B 15 5.80 15.59 6.27
CA TYR B 15 6.08 14.22 5.80
C TYR B 15 5.83 13.99 4.29
N PHE B 16 4.70 14.43 3.74
CA PHE B 16 4.42 14.27 2.30
C PHE B 16 5.39 15.10 1.42
N LYS B 17 5.93 16.20 1.94
CA LYS B 17 6.95 17.05 1.29
C LYS B 17 8.39 16.62 1.61
N ASP B 18 8.58 15.83 2.66
CA ASP B 18 9.85 15.25 3.09
C ASP B 18 10.26 14.04 2.23
N CYS B 19 9.29 13.19 1.87
CA CYS B 19 9.47 11.96 1.08
C CYS B 19 9.75 12.18 -0.43
N VAL B 20 10.01 13.41 -0.89
CA VAL B 20 10.16 13.76 -2.32
C VAL B 20 11.49 13.34 -2.95
N PHE B 21 12.53 13.10 -2.15
CA PHE B 21 13.88 12.85 -2.67
C PHE B 21 14.02 11.44 -3.28
N LYS B 22 14.53 11.38 -4.52
CA LYS B 22 14.60 10.20 -5.43
C LYS B 22 13.22 9.66 -5.85
N ASP B 23 13.13 9.14 -7.07
CA ASP B 23 11.90 8.57 -7.66
C ASP B 23 11.60 7.14 -7.15
N TRP B 24 11.69 6.95 -5.83
CA TRP B 24 11.50 5.69 -5.09
C TRP B 24 12.35 4.49 -5.58
N GLY B 25 13.48 4.76 -6.23
CA GLY B 25 14.45 3.79 -6.74
C GLY B 25 15.70 4.45 -7.33
N MET A 1 -9.66 -3.72 -16.10
CA MET A 1 -9.71 -4.31 -14.74
C MET A 1 -9.05 -5.68 -14.75
N SER A 2 -8.17 -5.95 -13.78
CA SER A 2 -7.30 -7.13 -13.71
C SER A 2 -7.13 -7.60 -12.25
N GLN A 3 -7.73 -8.73 -11.88
CA GLN A 3 -7.75 -9.22 -10.49
C GLN A 3 -6.35 -9.55 -9.91
N SER A 4 -5.37 -9.81 -10.77
CA SER A 4 -3.96 -10.04 -10.39
C SER A 4 -3.34 -8.84 -9.62
N ASN A 5 -3.91 -7.63 -9.77
CA ASN A 5 -3.57 -6.48 -8.94
C ASN A 5 -3.74 -6.75 -7.43
N ARG A 6 -4.69 -7.61 -7.02
CA ARG A 6 -4.86 -8.01 -5.61
C ARG A 6 -3.86 -9.09 -5.15
N GLU A 7 -3.40 -9.97 -6.05
CA GLU A 7 -2.41 -11.00 -5.70
C GLU A 7 -1.10 -10.39 -5.18
N LEU A 8 -0.58 -9.38 -5.87
CA LEU A 8 0.62 -8.65 -5.45
C LEU A 8 0.37 -7.67 -4.29
N VAL A 9 -0.90 -7.34 -3.96
CA VAL A 9 -1.27 -6.61 -2.72
C VAL A 9 -1.21 -7.54 -1.51
N VAL A 10 -1.77 -8.76 -1.64
CA VAL A 10 -1.70 -9.79 -0.60
C VAL A 10 -0.25 -10.11 -0.22
N ASP A 11 0.69 -10.04 -1.16
CA ASP A 11 2.12 -10.25 -0.89
C ASP A 11 2.69 -9.36 0.24
N PHE A 12 2.72 -8.03 0.04
CA PHE A 12 3.38 -7.13 0.98
C PHE A 12 2.64 -7.01 2.32
N LEU A 13 1.31 -7.13 2.32
CA LEU A 13 0.52 -7.28 3.55
C LEU A 13 0.96 -8.55 4.29
N SER A 14 0.85 -9.71 3.64
CA SER A 14 1.05 -11.00 4.29
C SER A 14 2.48 -11.12 4.82
N TYR A 15 3.48 -10.60 4.07
CA TYR A 15 4.86 -10.52 4.51
C TYR A 15 5.04 -9.62 5.74
N LYS A 16 4.55 -8.37 5.72
CA LYS A 16 4.68 -7.45 6.87
C LYS A 16 3.94 -7.94 8.11
N LEU A 17 2.77 -8.57 7.93
CA LEU A 17 2.05 -9.25 9.00
C LEU A 17 2.82 -10.47 9.54
N SER A 18 3.48 -11.25 8.69
CA SER A 18 4.38 -12.33 9.11
C SER A 18 5.61 -11.83 9.89
N GLN A 19 6.16 -10.67 9.54
CA GLN A 19 7.26 -10.01 10.27
C GLN A 19 6.83 -9.53 11.67
N LYS A 20 5.55 -9.12 11.83
CA LYS A 20 4.92 -8.84 13.13
C LYS A 20 4.59 -10.12 13.94
N GLY A 21 4.71 -11.31 13.32
CA GLY A 21 4.46 -12.63 13.92
C GLY A 21 3.07 -13.23 13.63
N TYR A 22 2.31 -12.68 12.68
CA TYR A 22 0.95 -13.11 12.32
C TYR A 22 0.92 -14.10 11.14
N SER A 23 -0.27 -14.61 10.78
CA SER A 23 -0.48 -15.56 9.66
C SER A 23 -1.76 -15.27 8.86
N TRP A 24 -1.64 -15.16 7.53
CA TRP A 24 -2.77 -14.86 6.62
C TRP A 24 -3.86 -15.92 6.67
N SER A 25 -3.49 -17.20 6.82
CA SER A 25 -4.42 -18.34 6.93
C SER A 25 -5.41 -18.23 8.11
N GLN A 26 -5.06 -17.45 9.13
CA GLN A 26 -5.87 -17.21 10.32
C GLN A 26 -6.84 -16.02 10.14
N PHE A 27 -6.45 -15.02 9.35
CA PHE A 27 -7.28 -13.84 9.02
C PHE A 27 -8.16 -14.04 7.78
N SER A 28 -7.76 -14.93 6.87
CA SER A 28 -8.34 -15.12 5.52
C SER A 28 -8.40 -16.59 5.12
N ASP A 29 -9.61 -17.07 4.77
CA ASP A 29 -9.90 -18.47 4.43
C ASP A 29 -11.10 -18.59 3.45
N VAL A 30 -11.15 -17.68 2.46
CA VAL A 30 -12.26 -17.58 1.50
C VAL A 30 -12.24 -18.74 0.51
N GLU A 31 -13.26 -19.60 0.55
CA GLU A 31 -13.42 -20.73 -0.38
C GLU A 31 -13.73 -20.29 -1.82
N GLU A 32 -13.23 -21.04 -2.79
CA GLU A 32 -13.46 -20.84 -4.24
C GLU A 32 -13.06 -19.44 -4.76
N ASN A 33 -12.05 -18.80 -4.14
CA ASN A 33 -11.46 -17.54 -4.61
C ASN A 33 -10.62 -17.72 -5.90
N ARG A 34 -10.33 -16.63 -6.62
CA ARG A 34 -9.54 -16.61 -7.89
C ARG A 34 -8.01 -16.72 -7.63
N THR A 35 -7.63 -17.66 -6.77
CA THR A 35 -6.25 -17.97 -6.34
C THR A 35 -5.42 -16.73 -5.97
N GLU A 36 -5.81 -16.09 -4.86
CA GLU A 36 -5.09 -14.95 -4.27
C GLU A 36 -3.64 -15.30 -3.81
N ALA A 37 -2.88 -14.26 -3.44
CA ALA A 37 -1.42 -14.29 -3.18
C ALA A 37 -0.56 -14.55 -4.44
N PRO A 38 0.74 -14.17 -4.45
CA PRO A 38 1.66 -14.49 -5.54
C PRO A 38 1.98 -15.99 -5.56
N GLU A 39 1.36 -16.70 -6.49
CA GLU A 39 1.55 -18.15 -6.75
C GLU A 39 3.02 -18.53 -7.06
N GLY A 40 3.86 -17.58 -7.52
CA GLY A 40 5.31 -17.74 -7.63
C GLY A 40 5.86 -18.06 -9.02
N THR A 41 5.07 -17.88 -10.08
CA THR A 41 5.51 -17.95 -11.48
C THR A 41 5.56 -16.56 -12.12
N GLU A 42 4.51 -16.15 -12.84
CA GLU A 42 4.48 -14.90 -13.61
C GLU A 42 4.47 -13.61 -12.75
N SER A 43 4.02 -13.71 -11.50
CA SER A 43 3.98 -12.61 -10.52
C SER A 43 5.27 -12.46 -9.70
N GLU A 44 6.16 -13.47 -9.71
CA GLU A 44 7.32 -13.57 -8.80
C GLU A 44 8.31 -12.39 -8.91
N ALA A 45 8.57 -11.91 -10.13
CA ALA A 45 9.46 -10.77 -10.36
C ALA A 45 8.81 -9.43 -9.98
N VAL A 46 7.50 -9.26 -10.24
CA VAL A 46 6.76 -8.05 -9.84
C VAL A 46 6.72 -7.91 -8.33
N LYS A 47 6.22 -8.93 -7.62
CA LYS A 47 6.10 -8.90 -6.16
C LYS A 47 7.46 -8.68 -5.48
N GLN A 48 8.53 -9.29 -6.00
CA GLN A 48 9.90 -9.07 -5.49
C GLN A 48 10.40 -7.64 -5.75
N ALA A 49 10.31 -7.14 -6.99
CA ALA A 49 10.79 -5.81 -7.34
C ALA A 49 10.03 -4.71 -6.57
N LEU A 50 8.71 -4.85 -6.45
CA LEU A 50 7.84 -3.92 -5.75
C LEU A 50 8.12 -3.91 -4.25
N ARG A 51 8.28 -5.09 -3.62
CA ARG A 51 8.70 -5.26 -2.22
C ARG A 51 10.00 -4.52 -1.92
N GLU A 52 11.05 -4.72 -2.72
CA GLU A 52 12.35 -4.05 -2.50
C GLU A 52 12.24 -2.52 -2.66
N ALA A 53 11.44 -2.06 -3.63
CA ALA A 53 11.20 -0.63 -3.86
C ALA A 53 10.54 0.04 -2.64
N GLY A 54 9.44 -0.51 -2.11
CA GLY A 54 8.74 0.03 -0.95
C GLY A 54 9.55 -0.07 0.34
N ASP A 55 10.21 -1.21 0.57
CA ASP A 55 11.05 -1.43 1.77
C ASP A 55 12.23 -0.46 1.85
N GLU A 56 12.87 -0.10 0.73
CA GLU A 56 13.96 0.88 0.69
C GLU A 56 13.53 2.26 1.21
N PHE A 57 12.34 2.75 0.82
CA PHE A 57 11.87 4.07 1.28
C PHE A 57 11.20 4.02 2.65
N GLU A 58 10.48 2.94 2.97
CA GLU A 58 9.89 2.70 4.29
C GLU A 58 10.96 2.53 5.38
N LEU A 59 12.14 1.95 5.06
CA LEU A 59 13.30 1.87 5.95
C LEU A 59 13.81 3.26 6.39
N ARG A 60 13.99 4.16 5.42
CA ARG A 60 14.63 5.47 5.63
C ARG A 60 13.67 6.54 6.15
N TYR A 61 12.41 6.51 5.74
CA TYR A 61 11.34 7.39 6.21
C TYR A 61 10.39 6.70 7.21
N ARG A 62 10.92 5.77 8.02
CA ARG A 62 10.10 4.88 8.88
C ARG A 62 9.20 5.62 9.86
N ARG A 63 9.67 6.73 10.46
CA ARG A 63 8.84 7.60 11.31
C ARG A 63 7.69 8.22 10.51
N ALA A 64 7.94 8.74 9.31
CA ALA A 64 6.91 9.34 8.47
C ALA A 64 5.86 8.30 8.02
N PHE A 65 6.26 7.15 7.46
CA PHE A 65 5.32 6.11 7.04
C PHE A 65 4.56 5.46 8.23
N SER A 66 5.16 5.41 9.43
CA SER A 66 4.47 5.03 10.67
C SER A 66 3.48 6.08 11.16
N ASP A 67 3.82 7.38 11.07
CA ASP A 67 2.96 8.48 11.49
C ASP A 67 1.76 8.69 10.56
N LEU A 68 1.99 8.62 9.24
CA LEU A 68 1.01 8.85 8.18
C LEU A 68 -0.26 8.00 8.33
N THR A 69 -0.12 6.74 8.76
CA THR A 69 -1.25 5.82 8.94
C THR A 69 -2.05 6.12 10.20
N SER A 70 -1.40 6.58 11.27
CA SER A 70 -2.06 6.96 12.54
C SER A 70 -2.87 8.26 12.44
N GLN A 71 -2.54 9.12 11.46
CA GLN A 71 -3.19 10.40 11.19
C GLN A 71 -4.59 10.26 10.51
N LEU A 72 -5.12 9.04 10.33
CA LEU A 72 -6.38 8.76 9.65
C LEU A 72 -7.18 7.62 10.34
N HIS A 73 -8.48 7.54 10.02
CA HIS A 73 -9.36 6.42 10.40
C HIS A 73 -9.04 5.14 9.61
N ILE A 74 -9.21 3.97 10.24
CA ILE A 74 -9.02 2.65 9.62
C ILE A 74 -10.08 1.64 10.10
N THR A 75 -11.35 2.01 9.87
CA THR A 75 -12.57 1.37 10.41
C THR A 75 -13.74 1.59 9.41
N PRO A 76 -14.72 0.67 9.30
CA PRO A 76 -15.73 0.71 8.23
C PRO A 76 -16.51 2.03 8.06
N GLY A 77 -16.89 2.31 6.81
CA GLY A 77 -17.60 3.54 6.40
C GLY A 77 -16.65 4.69 6.06
N THR A 78 -16.12 5.38 7.08
CA THR A 78 -15.33 6.63 6.92
C THR A 78 -13.93 6.40 6.36
N ALA A 79 -13.27 5.29 6.67
CA ALA A 79 -11.89 5.04 6.27
C ALA A 79 -11.69 4.92 4.76
N TYR A 80 -12.64 4.32 4.03
CA TYR A 80 -12.57 4.22 2.56
C TYR A 80 -12.58 5.61 1.89
N GLN A 81 -13.39 6.53 2.43
CA GLN A 81 -13.46 7.93 1.97
C GLN A 81 -12.16 8.68 2.33
N SER A 82 -11.68 8.48 3.56
CA SER A 82 -10.48 9.15 4.11
C SER A 82 -9.18 8.70 3.42
N PHE A 83 -9.09 7.43 3.05
CA PHE A 83 -7.94 6.87 2.34
C PHE A 83 -7.88 7.34 0.88
N GLU A 84 -8.98 7.22 0.13
CA GLU A 84 -8.98 7.47 -1.32
C GLU A 84 -8.62 8.93 -1.66
N GLN A 85 -9.10 9.89 -0.85
CA GLN A 85 -8.81 11.31 -1.04
C GLN A 85 -7.34 11.69 -0.73
N VAL A 86 -6.71 11.01 0.25
CA VAL A 86 -5.30 11.21 0.61
C VAL A 86 -4.36 10.52 -0.37
N VAL A 87 -4.76 9.36 -0.91
CA VAL A 87 -4.06 8.70 -2.02
C VAL A 87 -4.11 9.58 -3.27
N ASN A 88 -5.27 10.16 -3.61
CA ASN A 88 -5.40 11.19 -4.66
C ASN A 88 -4.43 12.37 -4.45
N GLU A 89 -4.19 12.80 -3.20
CA GLU A 89 -3.25 13.87 -2.89
C GLU A 89 -1.79 13.46 -3.14
N LEU A 90 -1.35 12.28 -2.68
CA LEU A 90 0.03 11.84 -2.92
C LEU A 90 0.31 11.52 -4.40
N PHE A 91 -0.71 11.23 -5.21
CA PHE A 91 -0.63 11.13 -6.68
C PHE A 91 -0.77 12.48 -7.42
N ARG A 92 -1.07 13.61 -6.76
CA ARG A 92 -1.38 14.89 -7.43
C ARG A 92 -0.20 15.50 -8.19
N ASP A 93 1.04 15.15 -7.83
CA ASP A 93 2.25 15.51 -8.58
C ASP A 93 2.43 14.70 -9.89
N GLY A 94 1.77 13.54 -10.01
CA GLY A 94 1.86 12.62 -11.16
C GLY A 94 1.49 11.18 -10.78
N VAL A 95 0.93 10.43 -11.73
CA VAL A 95 0.46 9.04 -11.56
C VAL A 95 1.60 7.99 -11.72
N ASN A 96 2.84 8.47 -11.69
CA ASN A 96 4.04 7.70 -12.01
C ASN A 96 4.36 6.58 -11.00
N TRP A 97 5.15 5.59 -11.44
CA TRP A 97 5.52 4.40 -10.67
C TRP A 97 6.07 4.69 -9.27
N GLY A 98 6.84 5.77 -9.10
CA GLY A 98 7.37 6.15 -7.78
C GLY A 98 6.28 6.53 -6.77
N ARG A 99 5.21 7.18 -7.23
CA ARG A 99 4.05 7.50 -6.39
C ARG A 99 3.21 6.24 -6.11
N ILE A 100 3.20 5.27 -7.01
CA ILE A 100 2.61 3.93 -6.78
C ILE A 100 3.39 3.17 -5.69
N VAL A 101 4.73 3.27 -5.67
CA VAL A 101 5.59 2.72 -4.60
C VAL A 101 5.25 3.30 -3.22
N ALA A 102 5.02 4.62 -3.13
CA ALA A 102 4.58 5.27 -1.89
C ALA A 102 3.12 4.92 -1.51
N PHE A 103 2.22 4.77 -2.48
CA PHE A 103 0.81 4.37 -2.26
C PHE A 103 0.68 2.99 -1.61
N PHE A 104 1.34 1.96 -2.16
CA PHE A 104 1.14 0.59 -1.67
C PHE A 104 1.70 0.39 -0.26
N SER A 105 2.87 0.95 0.02
CA SER A 105 3.56 0.80 1.30
C SER A 105 2.79 1.50 2.44
N PHE A 106 2.20 2.66 2.15
CA PHE A 106 1.25 3.35 3.03
C PHE A 106 -0.03 2.51 3.27
N GLY A 107 -0.59 1.88 2.23
CA GLY A 107 -1.73 0.97 2.33
C GLY A 107 -1.47 -0.29 3.18
N GLY A 108 -0.28 -0.90 3.04
CA GLY A 108 0.13 -2.05 3.84
C GLY A 108 0.32 -1.71 5.33
N ALA A 109 0.90 -0.55 5.64
CA ALA A 109 1.08 -0.09 7.01
C ALA A 109 -0.26 0.19 7.75
N LEU A 110 -1.30 0.64 7.05
CA LEU A 110 -2.66 0.76 7.61
C LEU A 110 -3.23 -0.59 8.06
N CYS A 111 -3.03 -1.64 7.26
CA CYS A 111 -3.43 -3.01 7.61
C CYS A 111 -2.70 -3.51 8.87
N VAL A 112 -1.39 -3.31 8.95
CA VAL A 112 -0.58 -3.71 10.12
C VAL A 112 -1.08 -3.04 11.40
N GLU A 113 -1.30 -1.72 11.41
CA GLU A 113 -1.73 -1.05 12.63
C GLU A 113 -3.17 -1.44 13.04
N SER A 114 -4.03 -1.78 12.07
CA SER A 114 -5.36 -2.32 12.34
C SER A 114 -5.29 -3.70 13.02
N VAL A 115 -4.42 -4.59 12.54
CA VAL A 115 -4.17 -5.90 13.20
C VAL A 115 -3.54 -5.72 14.59
N ASP A 116 -2.61 -4.77 14.75
CA ASP A 116 -2.00 -4.45 16.04
C ASP A 116 -3.02 -3.90 17.07
N LYS A 117 -4.06 -3.20 16.59
CA LYS A 117 -5.26 -2.78 17.34
C LYS A 117 -6.27 -3.91 17.59
N GLU A 118 -5.93 -5.16 17.24
CA GLU A 118 -6.79 -6.35 17.33
C GLU A 118 -8.10 -6.21 16.51
N MET A 119 -7.97 -5.65 15.30
CA MET A 119 -9.05 -5.47 14.32
C MET A 119 -8.77 -6.29 13.04
N GLN A 120 -8.25 -7.51 13.23
CA GLN A 120 -7.67 -8.38 12.20
C GLN A 120 -8.66 -8.78 11.09
N VAL A 121 -9.95 -8.78 11.41
CA VAL A 121 -11.06 -8.96 10.46
C VAL A 121 -10.97 -8.00 9.26
N LEU A 122 -10.46 -6.77 9.47
CA LEU A 122 -10.30 -5.76 8.41
C LEU A 122 -9.13 -6.01 7.47
N VAL A 123 -8.30 -7.04 7.69
CA VAL A 123 -7.24 -7.42 6.74
C VAL A 123 -7.83 -7.71 5.35
N SER A 124 -9.00 -8.36 5.30
CA SER A 124 -9.76 -8.53 4.06
C SER A 124 -10.29 -7.20 3.50
N ARG A 125 -10.89 -6.34 4.35
CA ARG A 125 -11.57 -5.11 3.94
C ARG A 125 -10.60 -4.03 3.45
N ILE A 126 -9.51 -3.78 4.17
CA ILE A 126 -8.51 -2.76 3.82
C ILE A 126 -7.72 -3.16 2.56
N ALA A 127 -7.39 -4.46 2.43
CA ALA A 127 -6.82 -5.00 1.19
C ALA A 127 -7.77 -4.78 0.00
N ALA A 128 -9.07 -5.09 0.16
CA ALA A 128 -10.08 -4.88 -0.87
C ALA A 128 -10.26 -3.38 -1.21
N TRP A 129 -10.28 -2.48 -0.23
CA TRP A 129 -10.36 -1.03 -0.43
C TRP A 129 -9.24 -0.50 -1.34
N MET A 130 -7.98 -0.77 -0.99
CA MET A 130 -6.84 -0.25 -1.74
C MET A 130 -6.61 -1.02 -3.06
N ALA A 131 -6.94 -2.32 -3.12
CA ALA A 131 -6.92 -3.07 -4.38
C ALA A 131 -8.02 -2.59 -5.35
N THR A 132 -9.20 -2.20 -4.85
CA THR A 132 -10.28 -1.62 -5.66
C THR A 132 -9.87 -0.28 -6.25
N TYR A 133 -9.23 0.60 -5.45
CA TYR A 133 -8.65 1.85 -5.96
C TYR A 133 -7.65 1.58 -7.11
N LEU A 134 -6.69 0.68 -6.87
CA LEU A 134 -5.66 0.32 -7.83
C LEU A 134 -6.27 -0.28 -9.11
N ASN A 135 -7.21 -1.23 -8.99
CA ASN A 135 -7.89 -1.88 -10.10
C ASN A 135 -8.80 -0.94 -10.93
N ASP A 136 -9.36 0.10 -10.31
CA ASP A 136 -10.24 1.08 -10.97
C ASP A 136 -9.50 2.29 -11.59
N HIS A 137 -8.48 2.83 -10.92
CA HIS A 137 -7.86 4.12 -11.28
C HIS A 137 -6.42 3.98 -11.79
N LEU A 138 -5.60 3.14 -11.16
CA LEU A 138 -4.22 2.90 -11.60
C LEU A 138 -4.16 1.91 -12.77
N GLU A 139 -4.97 0.85 -12.78
CA GLU A 139 -4.88 -0.22 -13.77
C GLU A 139 -4.87 0.23 -15.25
N PRO A 140 -5.73 1.17 -15.72
CA PRO A 140 -5.62 1.65 -17.10
C PRO A 140 -4.32 2.42 -17.37
N TRP A 141 -3.83 3.23 -16.40
CA TRP A 141 -2.52 3.89 -16.49
C TRP A 141 -1.37 2.87 -16.54
N ILE A 142 -1.44 1.84 -15.68
CA ILE A 142 -0.48 0.74 -15.59
C ILE A 142 -0.42 -0.03 -16.92
N GLN A 143 -1.56 -0.45 -17.48
CA GLN A 143 -1.61 -1.13 -18.79
C GLN A 143 -1.12 -0.26 -19.95
N GLU A 144 -1.38 1.05 -19.91
CA GLU A 144 -0.93 2.01 -20.92
C GLU A 144 0.60 2.21 -20.86
N ASN A 145 1.18 2.13 -19.66
CA ASN A 145 2.60 2.16 -19.36
C ASN A 145 3.28 0.76 -19.43
N GLY A 146 2.68 -0.21 -20.12
CA GLY A 146 3.28 -1.51 -20.41
C GLY A 146 3.15 -2.57 -19.31
N GLY A 147 2.31 -2.33 -18.29
CA GLY A 147 2.02 -3.24 -17.18
C GLY A 147 3.14 -3.34 -16.13
N TRP A 148 2.87 -4.11 -15.08
CA TRP A 148 3.84 -4.38 -14.00
C TRP A 148 5.13 -5.06 -14.49
N ASP A 149 5.09 -5.76 -15.63
CA ASP A 149 6.28 -6.30 -16.30
C ASP A 149 7.25 -5.17 -16.71
N THR A 150 6.74 -4.03 -17.19
CA THR A 150 7.57 -2.85 -17.48
C THR A 150 8.10 -2.20 -16.19
N PHE A 151 7.33 -2.19 -15.10
CA PHE A 151 7.82 -1.73 -13.79
C PHE A 151 9.06 -2.51 -13.33
N VAL A 152 9.05 -3.85 -13.35
CA VAL A 152 10.24 -4.64 -12.98
C VAL A 152 11.39 -4.54 -13.99
N GLU A 153 11.13 -4.33 -15.28
CA GLU A 153 12.20 -3.99 -16.24
C GLU A 153 12.89 -2.65 -15.94
N LEU A 154 12.16 -1.64 -15.43
CA LEU A 154 12.71 -0.35 -15.00
C LEU A 154 13.39 -0.39 -13.63
N TYR A 155 12.75 -0.97 -12.60
CA TYR A 155 13.21 -0.93 -11.20
C TYR A 155 14.19 -2.08 -10.85
N GLY A 156 14.00 -3.27 -11.41
CA GLY A 156 14.80 -4.48 -11.14
C GLY A 156 14.81 -4.96 -9.68
CA GLY B 1 6.09 16.03 15.46
C GLY B 1 5.09 14.93 15.21
N SER B 2 4.08 14.79 16.08
CA SER B 2 2.97 13.84 15.92
C SER B 2 1.74 14.29 16.73
N HIS B 3 0.57 14.37 16.10
CA HIS B 3 -0.69 14.80 16.76
C HIS B 3 -1.95 14.37 15.99
N MET B 4 -3.10 14.39 16.68
CA MET B 4 -4.48 14.16 16.20
C MET B 4 -4.80 12.80 15.56
N SER B 5 -6.09 12.45 15.55
CA SER B 5 -6.68 11.31 14.81
C SER B 5 -6.99 11.64 13.33
N ALA B 6 -6.86 12.91 12.94
CA ALA B 6 -7.02 13.44 11.59
C ALA B 6 -5.74 14.19 11.14
N MET B 7 -5.63 14.53 9.84
CA MET B 7 -4.43 15.14 9.24
C MET B 7 -4.02 16.47 9.91
N SER B 8 -2.89 16.45 10.62
CA SER B 8 -2.18 17.62 11.12
C SER B 8 -1.36 18.20 9.98
N THR B 9 -1.89 19.22 9.30
CA THR B 9 -1.27 19.83 8.10
C THR B 9 0.12 20.38 8.37
N THR B 10 0.39 20.87 9.60
CA THR B 10 1.70 21.34 10.05
C THR B 10 2.79 20.25 10.08
N ASP B 11 2.40 18.98 10.22
CA ASP B 11 3.29 17.82 10.08
C ASP B 11 3.27 17.24 8.66
N LEU B 12 2.08 16.98 8.10
CA LEU B 12 1.94 16.23 6.86
C LEU B 12 2.24 17.02 5.58
N GLU B 13 1.99 18.34 5.53
CA GLU B 13 2.46 19.14 4.38
C GLU B 13 4.00 19.25 4.32
N ALA B 14 4.67 18.95 5.44
CA ALA B 14 6.12 18.75 5.44
C ALA B 14 6.43 17.32 4.96
N TYR B 15 6.06 16.27 5.71
CA TYR B 15 6.39 14.86 5.43
C TYR B 15 6.04 14.38 4.01
N PHE B 16 4.83 14.64 3.50
CA PHE B 16 4.43 14.23 2.14
C PHE B 16 5.26 14.88 1.03
N LYS B 17 5.96 15.98 1.32
CA LYS B 17 6.82 16.74 0.40
C LYS B 17 8.30 16.41 0.64
N ASP B 18 8.71 16.43 1.91
CA ASP B 18 10.05 16.09 2.42
C ASP B 18 10.53 14.70 2.01
N CYS B 19 9.65 13.69 2.00
CA CYS B 19 10.02 12.31 1.67
C CYS B 19 10.14 12.00 0.16
N VAL B 20 9.89 12.97 -0.74
CA VAL B 20 9.76 12.71 -2.19
C VAL B 20 10.69 13.52 -3.11
N PHE B 21 11.44 14.50 -2.58
CA PHE B 21 12.20 15.46 -3.39
C PHE B 21 13.26 14.83 -4.31
N LYS B 22 13.96 13.76 -3.86
CA LYS B 22 14.86 12.95 -4.70
C LYS B 22 14.97 11.51 -4.18
N ASP B 23 13.95 10.70 -4.48
CA ASP B 23 13.96 9.24 -4.26
C ASP B 23 13.33 8.39 -5.38
N TRP B 24 12.78 9.05 -6.40
CA TRP B 24 12.29 8.43 -7.64
C TRP B 24 12.81 9.14 -8.91
N GLY B 25 13.99 9.76 -8.83
CA GLY B 25 14.67 10.49 -9.92
C GLY B 25 15.95 11.20 -9.47
N MET A 1 -9.99 -4.33 -14.05
CA MET A 1 -9.75 -5.14 -12.83
C MET A 1 -8.95 -6.40 -13.19
N SER A 2 -8.00 -6.79 -12.34
CA SER A 2 -7.25 -8.05 -12.44
C SER A 2 -7.00 -8.65 -11.06
N GLN A 3 -7.14 -9.98 -10.95
CA GLN A 3 -6.81 -10.73 -9.72
C GLN A 3 -5.33 -10.60 -9.34
N SER A 4 -4.43 -10.34 -10.30
CA SER A 4 -3.00 -10.16 -10.02
C SER A 4 -2.72 -9.01 -9.06
N ASN A 5 -3.48 -7.90 -9.18
CA ASN A 5 -3.41 -6.77 -8.24
C ASN A 5 -3.73 -7.20 -6.80
N ARG A 6 -4.77 -8.02 -6.59
CA ARG A 6 -5.09 -8.59 -5.27
C ARG A 6 -4.00 -9.54 -4.78
N GLU A 7 -3.51 -10.43 -5.65
CA GLU A 7 -2.46 -11.41 -5.30
C GLU A 7 -1.20 -10.71 -4.76
N LEU A 8 -0.63 -9.77 -5.52
CA LEU A 8 0.61 -9.08 -5.11
C LEU A 8 0.40 -8.16 -3.88
N VAL A 9 -0.80 -7.58 -3.71
CA VAL A 9 -1.19 -6.87 -2.48
C VAL A 9 -1.17 -7.79 -1.26
N VAL A 10 -1.80 -8.97 -1.35
CA VAL A 10 -1.85 -9.97 -0.26
C VAL A 10 -0.43 -10.39 0.18
N ASP A 11 0.50 -10.59 -0.75
CA ASP A 11 1.87 -10.99 -0.41
C ASP A 11 2.64 -9.89 0.34
N PHE A 12 2.60 -8.62 -0.08
CA PHE A 12 3.31 -7.55 0.65
C PHE A 12 2.66 -7.18 1.99
N LEU A 13 1.32 -7.27 2.11
CA LEU A 13 0.62 -7.14 3.41
C LEU A 13 1.04 -8.24 4.36
N SER A 14 0.88 -9.49 3.94
CA SER A 14 1.07 -10.64 4.83
C SER A 14 2.53 -10.73 5.30
N TYR A 15 3.49 -10.41 4.42
CA TYR A 15 4.92 -10.28 4.71
C TYR A 15 5.20 -9.26 5.83
N LYS A 16 4.62 -8.06 5.77
CA LYS A 16 4.76 -7.04 6.82
C LYS A 16 4.07 -7.47 8.13
N LEU A 17 2.86 -8.03 8.06
CA LEU A 17 2.09 -8.44 9.24
C LEU A 17 2.81 -9.57 10.01
N SER A 18 3.36 -10.55 9.31
CA SER A 18 4.18 -11.62 9.91
C SER A 18 5.45 -11.08 10.59
N GLN A 19 6.12 -10.08 10.02
CA GLN A 19 7.30 -9.43 10.62
C GLN A 19 6.95 -8.55 11.83
N LYS A 20 5.74 -7.96 11.85
CA LYS A 20 5.15 -7.27 13.01
C LYS A 20 4.66 -8.24 14.11
N GLY A 21 4.85 -9.54 13.93
CA GLY A 21 4.57 -10.60 14.92
C GLY A 21 3.18 -11.24 14.80
N TYR A 22 2.44 -10.98 13.72
CA TYR A 22 1.10 -11.50 13.48
C TYR A 22 1.10 -12.73 12.54
N SER A 23 -0.07 -13.15 12.05
CA SER A 23 -0.23 -14.32 11.17
C SER A 23 -1.43 -14.17 10.22
N TRP A 24 -1.15 -14.10 8.91
CA TRP A 24 -2.19 -13.92 7.88
C TRP A 24 -3.20 -15.07 7.82
N SER A 25 -2.78 -16.29 8.16
CA SER A 25 -3.64 -17.48 8.26
C SER A 25 -4.78 -17.33 9.29
N GLN A 26 -4.62 -16.47 10.29
CA GLN A 26 -5.68 -16.12 11.27
C GLN A 26 -6.59 -14.99 10.78
N PHE A 27 -6.09 -14.07 9.95
CA PHE A 27 -6.84 -12.92 9.43
C PHE A 27 -7.60 -13.22 8.12
N SER A 28 -7.14 -14.21 7.34
CA SER A 28 -7.73 -14.57 6.04
C SER A 28 -8.93 -15.51 6.18
N ASP A 29 -10.00 -15.24 5.42
CA ASP A 29 -11.23 -16.04 5.37
C ASP A 29 -11.34 -16.95 4.11
N VAL A 30 -10.37 -16.90 3.19
CA VAL A 30 -10.46 -17.53 1.86
C VAL A 30 -9.21 -18.35 1.51
N GLU A 31 -9.40 -19.64 1.24
CA GLU A 31 -8.41 -20.57 0.69
C GLU A 31 -9.12 -21.70 -0.09
N GLU A 32 -8.62 -22.04 -1.28
CA GLU A 32 -9.13 -23.10 -2.15
C GLU A 32 -8.01 -23.61 -3.09
N ASN A 33 -8.07 -23.30 -4.39
CA ASN A 33 -7.05 -23.65 -5.39
C ASN A 33 -6.94 -22.60 -6.53
N ARG A 34 -8.05 -21.95 -6.92
CA ARG A 34 -8.07 -20.82 -7.85
C ARG A 34 -7.65 -19.51 -7.16
N THR A 35 -7.07 -18.59 -7.94
CA THR A 35 -6.42 -17.34 -7.48
C THR A 35 -5.23 -17.59 -6.56
N GLU A 36 -5.45 -17.94 -5.28
CA GLU A 36 -4.41 -18.19 -4.26
C GLU A 36 -3.38 -17.05 -4.12
N ALA A 37 -2.28 -17.30 -3.43
CA ALA A 37 -1.13 -16.39 -3.35
C ALA A 37 -0.34 -16.30 -4.69
N PRO A 38 0.38 -15.20 -4.95
CA PRO A 38 1.27 -15.04 -6.10
C PRO A 38 2.49 -15.95 -5.98
N GLU A 39 2.46 -17.13 -6.61
CA GLU A 39 3.52 -18.15 -6.48
C GLU A 39 3.85 -18.86 -7.82
N GLY A 40 3.36 -18.31 -8.93
CA GLY A 40 3.63 -18.74 -10.30
C GLY A 40 4.94 -18.15 -10.84
N THR A 41 4.84 -17.24 -11.81
CA THR A 41 5.98 -16.63 -12.52
C THR A 41 5.88 -15.10 -12.59
N GLU A 42 4.89 -14.58 -13.32
CA GLU A 42 4.75 -13.15 -13.60
C GLU A 42 4.43 -12.32 -12.34
N SER A 43 3.56 -12.81 -11.46
CA SER A 43 3.27 -12.18 -10.16
C SER A 43 4.34 -12.50 -9.10
N GLU A 44 5.02 -13.64 -9.22
CA GLU A 44 6.04 -14.12 -8.27
C GLU A 44 7.34 -13.28 -8.29
N ALA A 45 7.71 -12.77 -9.45
CA ALA A 45 8.82 -11.82 -9.57
C ALA A 45 8.40 -10.38 -9.18
N VAL A 46 7.18 -9.97 -9.53
CA VAL A 46 6.63 -8.64 -9.17
C VAL A 46 6.54 -8.47 -7.66
N LYS A 47 5.98 -9.44 -6.93
CA LYS A 47 5.84 -9.35 -5.47
C LYS A 47 7.20 -9.16 -4.78
N GLN A 48 8.24 -9.82 -5.31
CA GLN A 48 9.60 -9.75 -4.80
C GLN A 48 10.24 -8.37 -5.05
N ALA A 49 10.16 -7.87 -6.28
CA ALA A 49 10.74 -6.58 -6.66
C ALA A 49 10.01 -5.39 -5.98
N LEU A 50 8.68 -5.47 -5.86
CA LEU A 50 7.86 -4.45 -5.22
C LEU A 50 8.14 -4.38 -3.71
N ARG A 51 8.29 -5.53 -3.04
CA ARG A 51 8.74 -5.59 -1.64
C ARG A 51 10.13 -5.01 -1.43
N GLU A 52 11.10 -5.31 -2.29
CA GLU A 52 12.45 -4.71 -2.19
C GLU A 52 12.42 -3.19 -2.39
N ALA A 53 11.60 -2.69 -3.32
CA ALA A 53 11.40 -1.25 -3.54
C ALA A 53 10.78 -0.56 -2.29
N GLY A 54 9.75 -1.17 -1.69
CA GLY A 54 9.14 -0.70 -0.45
C GLY A 54 10.11 -0.69 0.73
N ASP A 55 10.76 -1.83 0.99
CA ASP A 55 11.70 -1.99 2.11
C ASP A 55 12.92 -1.04 2.02
N GLU A 56 13.43 -0.76 0.81
CA GLU A 56 14.50 0.24 0.59
C GLU A 56 14.06 1.66 1.01
N PHE A 57 12.83 2.06 0.68
CA PHE A 57 12.30 3.38 1.06
C PHE A 57 12.00 3.41 2.57
N GLU A 58 11.33 2.38 3.10
CA GLU A 58 10.92 2.28 4.52
C GLU A 58 12.10 2.14 5.50
N LEU A 59 13.27 1.66 5.06
CA LEU A 59 14.51 1.69 5.85
C LEU A 59 14.94 3.12 6.20
N ARG A 60 14.73 4.07 5.28
CA ARG A 60 15.23 5.45 5.35
C ARG A 60 14.14 6.45 5.78
N TYR A 61 12.92 6.28 5.26
CA TYR A 61 11.68 6.99 5.63
C TYR A 61 10.92 6.25 6.75
N ARG A 62 11.66 5.63 7.69
CA ARG A 62 11.13 4.76 8.77
C ARG A 62 10.12 5.47 9.67
N ARG A 63 10.38 6.75 10.00
CA ARG A 63 9.44 7.63 10.72
C ARG A 63 8.20 7.95 9.86
N ALA A 64 8.39 8.39 8.63
CA ALA A 64 7.29 8.84 7.76
C ALA A 64 6.23 7.75 7.54
N PHE A 65 6.60 6.54 7.08
CA PHE A 65 5.62 5.46 6.83
C PHE A 65 4.96 4.91 8.12
N SER A 66 5.52 5.20 9.31
CA SER A 66 4.89 4.91 10.60
C SER A 66 3.96 6.04 11.09
N ASP A 67 4.35 7.29 10.89
CA ASP A 67 3.63 8.49 11.38
C ASP A 67 2.53 9.00 10.42
N LEU A 68 2.57 8.63 9.13
CA LEU A 68 1.49 8.88 8.17
C LEU A 68 0.19 8.15 8.54
N THR A 69 0.30 6.89 8.98
CA THR A 69 -0.87 6.03 9.24
C THR A 69 -1.54 6.31 10.59
N SER A 70 -0.79 6.74 11.61
CA SER A 70 -1.35 7.14 12.91
C SER A 70 -2.25 8.39 12.80
N GLN A 71 -2.03 9.25 11.80
CA GLN A 71 -2.84 10.45 11.54
C GLN A 71 -4.16 10.20 10.77
N LEU A 72 -4.21 9.16 9.92
CA LEU A 72 -5.30 8.92 8.96
C LEU A 72 -6.41 7.99 9.49
N HIS A 73 -7.68 8.42 9.42
CA HIS A 73 -8.84 7.65 9.89
C HIS A 73 -9.08 6.37 9.08
N ILE A 74 -9.09 5.20 9.73
CA ILE A 74 -9.10 3.86 9.07
C ILE A 74 -10.34 2.98 9.39
N THR A 75 -11.17 3.44 10.34
CA THR A 75 -12.44 2.84 10.79
C THR A 75 -13.45 2.59 9.65
N PRO A 76 -14.26 1.50 9.67
CA PRO A 76 -15.22 1.17 8.61
C PRO A 76 -16.24 2.31 8.38
N GLY A 77 -16.38 2.73 7.12
CA GLY A 77 -17.19 3.88 6.70
C GLY A 77 -16.39 4.90 5.88
N THR A 78 -16.33 6.15 6.37
CA THR A 78 -15.73 7.31 5.67
C THR A 78 -14.23 7.19 5.39
N ALA A 79 -13.51 6.27 6.03
CA ALA A 79 -12.07 6.03 5.84
C ALA A 79 -11.67 5.76 4.38
N TYR A 80 -12.53 5.09 3.60
CA TYR A 80 -12.32 4.88 2.17
C TYR A 80 -12.19 6.22 1.41
N GLN A 81 -13.02 7.20 1.76
CA GLN A 81 -12.98 8.57 1.22
C GLN A 81 -11.73 9.30 1.71
N SER A 82 -11.42 9.21 3.02
CA SER A 82 -10.26 9.85 3.65
C SER A 82 -8.93 9.38 3.07
N PHE A 83 -8.81 8.08 2.74
CA PHE A 83 -7.64 7.53 2.04
C PHE A 83 -7.59 7.99 0.58
N GLU A 84 -8.69 7.86 -0.17
CA GLU A 84 -8.71 8.17 -1.61
C GLU A 84 -8.39 9.65 -1.89
N GLN A 85 -8.97 10.58 -1.12
CA GLN A 85 -8.76 12.02 -1.31
C GLN A 85 -7.30 12.46 -1.05
N VAL A 86 -6.60 11.80 -0.13
CA VAL A 86 -5.18 12.06 0.18
C VAL A 86 -4.26 11.43 -0.87
N VAL A 87 -4.54 10.21 -1.32
CA VAL A 87 -3.83 9.55 -2.44
C VAL A 87 -4.07 10.31 -3.77
N ASN A 88 -5.19 11.03 -3.91
CA ASN A 88 -5.44 11.97 -5.01
C ASN A 88 -4.51 13.21 -4.97
N GLU A 89 -3.99 13.61 -3.80
CA GLU A 89 -2.93 14.62 -3.68
C GLU A 89 -1.57 14.01 -3.96
N LEU A 90 -1.35 12.82 -3.41
CA LEU A 90 -0.14 12.04 -3.49
C LEU A 90 0.36 11.86 -4.94
N PHE A 91 -0.53 11.48 -5.85
CA PHE A 91 -0.19 11.28 -7.26
C PHE A 91 -0.24 12.55 -8.15
N ARG A 92 -0.60 13.73 -7.61
CA ARG A 92 -0.83 14.93 -8.44
C ARG A 92 0.43 15.48 -9.11
N ASP A 93 1.62 15.16 -8.58
CA ASP A 93 2.92 15.42 -9.21
C ASP A 93 3.19 14.53 -10.45
N GLY A 94 2.58 13.34 -10.50
CA GLY A 94 2.80 12.30 -11.50
C GLY A 94 2.47 10.89 -10.98
N VAL A 95 1.98 10.03 -11.87
CA VAL A 95 1.50 8.66 -11.56
C VAL A 95 2.62 7.60 -11.64
N ASN A 96 3.86 8.06 -11.51
CA ASN A 96 5.06 7.26 -11.80
C ASN A 96 5.31 6.11 -10.79
N TRP A 97 6.07 5.09 -11.20
CA TRP A 97 6.37 3.90 -10.40
C TRP A 97 6.96 4.22 -9.01
N GLY A 98 7.86 5.19 -8.91
CA GLY A 98 8.44 5.62 -7.63
C GLY A 98 7.39 6.19 -6.66
N ARG A 99 6.33 6.83 -7.16
CA ARG A 99 5.20 7.32 -6.38
C ARG A 99 4.18 6.22 -6.08
N ILE A 100 4.02 5.23 -6.97
CA ILE A 100 3.24 3.99 -6.71
C ILE A 100 3.86 3.18 -5.55
N VAL A 101 5.20 3.17 -5.41
CA VAL A 101 5.88 2.58 -4.24
C VAL A 101 5.40 3.21 -2.93
N ALA A 102 5.28 4.53 -2.86
CA ALA A 102 4.77 5.22 -1.67
C ALA A 102 3.27 4.95 -1.42
N PHE A 103 2.45 4.86 -2.47
CA PHE A 103 1.01 4.52 -2.38
C PHE A 103 0.79 3.16 -1.70
N PHE A 104 1.44 2.09 -2.20
CA PHE A 104 1.21 0.75 -1.65
C PHE A 104 1.77 0.61 -0.23
N SER A 105 2.91 1.25 0.05
CA SER A 105 3.56 1.19 1.35
C SER A 105 2.67 1.82 2.42
N PHE A 106 2.10 3.00 2.14
CA PHE A 106 1.11 3.67 2.98
C PHE A 106 -0.18 2.84 3.12
N GLY A 107 -0.72 2.30 2.01
CA GLY A 107 -1.94 1.48 2.01
C GLY A 107 -1.82 0.19 2.83
N GLY A 108 -0.66 -0.48 2.79
CA GLY A 108 -0.38 -1.69 3.57
C GLY A 108 -0.11 -1.43 5.06
N ALA A 109 0.60 -0.35 5.39
CA ALA A 109 0.88 0.03 6.78
C ALA A 109 -0.39 0.40 7.58
N LEU A 110 -1.46 0.86 6.90
CA LEU A 110 -2.76 1.12 7.53
C LEU A 110 -3.43 -0.15 8.11
N CYS A 111 -3.16 -1.33 7.56
CA CYS A 111 -3.62 -2.60 8.15
C CYS A 111 -2.93 -2.87 9.49
N VAL A 112 -1.60 -2.69 9.56
CA VAL A 112 -0.80 -2.88 10.79
C VAL A 112 -1.28 -1.95 11.90
N GLU A 113 -1.55 -0.69 11.55
CA GLU A 113 -2.10 0.36 12.40
C GLU A 113 -3.51 0.03 12.95
N SER A 114 -4.27 -0.83 12.26
CA SER A 114 -5.57 -1.35 12.73
C SER A 114 -5.41 -2.59 13.62
N VAL A 115 -4.58 -3.55 13.21
CA VAL A 115 -4.31 -4.80 13.96
C VAL A 115 -3.72 -4.52 15.34
N ASP A 116 -2.87 -3.49 15.47
CA ASP A 116 -2.28 -3.04 16.73
C ASP A 116 -3.31 -2.66 17.81
N LYS A 117 -4.50 -2.21 17.41
CA LYS A 117 -5.65 -1.89 18.29
C LYS A 117 -6.59 -3.08 18.54
N GLU A 118 -6.18 -4.28 18.14
CA GLU A 118 -7.02 -5.49 18.08
C GLU A 118 -8.25 -5.30 17.15
N MET A 119 -8.04 -4.63 16.01
CA MET A 119 -9.07 -4.38 14.98
C MET A 119 -8.74 -5.16 13.69
N GLN A 120 -8.30 -6.41 13.85
CA GLN A 120 -7.73 -7.27 12.80
C GLN A 120 -8.74 -7.65 11.72
N VAL A 121 -10.03 -7.59 12.05
CA VAL A 121 -11.16 -7.79 11.12
C VAL A 121 -11.07 -6.90 9.86
N LEU A 122 -10.45 -5.72 9.95
CA LEU A 122 -10.27 -4.81 8.82
C LEU A 122 -9.13 -5.18 7.87
N VAL A 123 -8.31 -6.19 8.18
CA VAL A 123 -7.19 -6.59 7.30
C VAL A 123 -7.70 -6.91 5.89
N SER A 124 -8.83 -7.59 5.76
CA SER A 124 -9.50 -7.83 4.48
C SER A 124 -10.14 -6.56 3.89
N ARG A 125 -10.75 -5.68 4.70
CA ARG A 125 -11.44 -4.48 4.24
C ARG A 125 -10.49 -3.44 3.67
N ILE A 126 -9.38 -3.16 4.37
CA ILE A 126 -8.35 -2.20 3.98
C ILE A 126 -7.58 -2.71 2.76
N ALA A 127 -7.27 -4.02 2.72
CA ALA A 127 -6.70 -4.66 1.53
C ALA A 127 -7.61 -4.47 0.31
N ALA A 128 -8.92 -4.73 0.45
CA ALA A 128 -9.90 -4.53 -0.61
C ALA A 128 -10.05 -3.05 -1.02
N TRP A 129 -10.04 -2.10 -0.07
CA TRP A 129 -10.10 -0.66 -0.36
C TRP A 129 -8.92 -0.20 -1.24
N MET A 130 -7.68 -0.48 -0.84
CA MET A 130 -6.51 -0.04 -1.60
C MET A 130 -6.30 -0.85 -2.89
N ALA A 131 -6.69 -2.13 -2.92
CA ALA A 131 -6.72 -2.91 -4.16
C ALA A 131 -7.79 -2.38 -5.14
N THR A 132 -8.96 -1.96 -4.66
CA THR A 132 -10.02 -1.36 -5.50
C THR A 132 -9.54 -0.04 -6.11
N TYR A 133 -8.87 0.81 -5.34
CA TYR A 133 -8.22 2.02 -5.85
C TYR A 133 -7.24 1.70 -7.00
N LEU A 134 -6.35 0.74 -6.77
CA LEU A 134 -5.32 0.32 -7.73
C LEU A 134 -5.94 -0.25 -9.02
N ASN A 135 -6.96 -1.10 -8.91
CA ASN A 135 -7.71 -1.65 -10.05
C ASN A 135 -8.50 -0.58 -10.84
N ASP A 136 -8.99 0.48 -10.18
CA ASP A 136 -9.81 1.53 -10.81
C ASP A 136 -9.00 2.69 -11.42
N HIS A 137 -7.93 3.15 -10.75
CA HIS A 137 -7.19 4.37 -11.11
C HIS A 137 -5.81 4.10 -11.69
N LEU A 138 -5.04 3.21 -11.05
CA LEU A 138 -3.67 2.91 -11.49
C LEU A 138 -3.61 1.93 -12.66
N GLU A 139 -4.52 0.95 -12.73
CA GLU A 139 -4.49 -0.12 -13.72
C GLU A 139 -4.29 0.34 -15.19
N PRO A 140 -5.04 1.32 -15.73
CA PRO A 140 -4.78 1.78 -17.10
C PRO A 140 -3.38 2.39 -17.26
N TRP A 141 -2.92 3.23 -16.31
CA TRP A 141 -1.57 3.80 -16.36
C TRP A 141 -0.51 2.71 -16.31
N ILE A 142 -0.67 1.74 -15.40
CA ILE A 142 0.20 0.57 -15.23
C ILE A 142 0.32 -0.20 -16.55
N GLN A 143 -0.80 -0.60 -17.16
CA GLN A 143 -0.80 -1.41 -18.37
C GLN A 143 -0.35 -0.65 -19.63
N GLU A 144 -0.64 0.65 -19.71
CA GLU A 144 -0.14 1.54 -20.78
C GLU A 144 1.38 1.79 -20.65
N ASN A 145 1.94 1.62 -19.44
CA ASN A 145 3.38 1.58 -19.15
C ASN A 145 3.98 0.15 -19.17
N GLY A 146 3.29 -0.81 -19.82
CA GLY A 146 3.78 -2.19 -20.02
C GLY A 146 3.49 -3.17 -18.88
N GLY A 147 2.65 -2.79 -17.91
CA GLY A 147 2.23 -3.61 -16.78
C GLY A 147 3.27 -3.77 -15.68
N TRP A 148 2.90 -4.46 -14.60
CA TRP A 148 3.81 -4.80 -13.50
C TRP A 148 5.03 -5.63 -13.97
N ASP A 149 4.91 -6.39 -15.06
CA ASP A 149 6.03 -7.09 -15.69
C ASP A 149 7.15 -6.11 -16.12
N THR A 150 6.80 -4.92 -16.62
CA THR A 150 7.76 -3.86 -16.91
C THR A 150 8.34 -3.23 -15.64
N PHE A 151 7.55 -3.10 -14.57
CA PHE A 151 8.07 -2.66 -13.26
C PHE A 151 9.17 -3.59 -12.73
N VAL A 152 8.99 -4.92 -12.76
CA VAL A 152 10.07 -5.84 -12.34
C VAL A 152 11.25 -5.89 -13.33
N GLU A 153 11.06 -5.60 -14.62
CA GLU A 153 12.20 -5.38 -15.54
C GLU A 153 13.03 -4.14 -15.18
N LEU A 154 12.41 -3.08 -14.63
CA LEU A 154 13.10 -1.88 -14.13
C LEU A 154 13.74 -2.06 -12.73
N TYR A 155 13.01 -2.63 -11.77
CA TYR A 155 13.40 -2.66 -10.34
C TYR A 155 13.92 -4.02 -9.82
N GLY A 156 13.85 -5.10 -10.62
CA GLY A 156 14.29 -6.45 -10.26
C GLY A 156 15.82 -6.61 -10.10
CA GLY B 1 -5.56 6.62 13.78
C GLY B 1 -6.18 8.01 13.70
N SER B 2 -5.98 8.80 14.76
CA SER B 2 -6.45 10.20 14.86
C SER B 2 -5.51 11.03 15.75
N HIS B 3 -5.52 12.35 15.57
CA HIS B 3 -4.78 13.34 16.37
C HIS B 3 -5.54 14.68 16.41
N MET B 4 -6.17 15.03 15.28
CA MET B 4 -7.14 16.13 15.11
C MET B 4 -8.21 15.70 14.08
N SER B 5 -9.28 16.49 13.94
CA SER B 5 -10.48 16.11 13.16
C SER B 5 -10.20 15.78 11.68
N ALA B 6 -9.30 16.52 11.04
CA ALA B 6 -8.96 16.42 9.62
C ALA B 6 -7.43 16.27 9.38
N MET B 7 -6.99 16.45 8.13
CA MET B 7 -5.58 16.42 7.72
C MET B 7 -4.74 17.38 8.58
N SER B 8 -3.75 16.86 9.32
CA SER B 8 -2.84 17.68 10.13
C SER B 8 -1.84 18.42 9.24
N THR B 9 -2.12 19.69 8.96
CA THR B 9 -1.29 20.53 8.10
C THR B 9 0.07 20.92 8.72
N THR B 10 0.39 20.40 9.91
CA THR B 10 1.72 20.47 10.55
C THR B 10 2.43 19.11 10.46
N ASP B 11 1.75 18.02 10.83
CA ASP B 11 2.36 16.68 10.90
C ASP B 11 2.41 15.99 9.52
N LEU B 12 1.24 15.72 8.92
CA LEU B 12 1.13 15.07 7.60
C LEU B 12 1.82 15.87 6.51
N GLU B 13 1.76 17.20 6.60
CA GLU B 13 2.35 18.09 5.64
C GLU B 13 3.84 17.80 5.48
N ALA B 14 4.62 17.83 6.57
CA ALA B 14 6.05 17.58 6.55
C ALA B 14 6.44 16.09 6.37
N TYR B 15 5.48 15.20 6.07
CA TYR B 15 5.71 13.81 5.68
C TYR B 15 5.37 13.64 4.18
N PHE B 16 4.18 14.07 3.75
CA PHE B 16 3.76 14.03 2.35
C PHE B 16 4.53 15.02 1.46
N LYS B 17 4.94 16.20 1.97
CA LYS B 17 5.86 17.15 1.32
C LYS B 17 7.34 16.76 1.48
N ASP B 18 7.63 15.67 2.19
CA ASP B 18 8.97 15.08 2.35
C ASP B 18 9.17 13.84 1.44
N CYS B 19 8.09 13.08 1.20
CA CYS B 19 8.01 11.95 0.25
C CYS B 19 8.00 12.37 -1.24
N VAL B 20 8.78 13.40 -1.60
CA VAL B 20 8.84 14.01 -2.95
C VAL B 20 10.26 14.37 -3.42
N PHE B 21 11.26 14.37 -2.51
CA PHE B 21 12.64 14.76 -2.84
C PHE B 21 13.35 13.64 -3.62
N LYS B 22 13.21 13.68 -4.95
CA LYS B 22 13.66 12.69 -5.95
C LYS B 22 12.98 11.31 -5.77
N ASP B 23 13.16 10.41 -6.73
CA ASP B 23 12.68 9.01 -6.74
C ASP B 23 13.41 8.08 -5.73
N TRP B 24 13.72 8.61 -4.54
CA TRP B 24 14.46 7.99 -3.43
C TRP B 24 15.88 7.46 -3.74
N GLY B 25 16.36 7.53 -4.99
CA GLY B 25 17.72 7.13 -5.41
C GLY B 25 18.77 8.20 -5.12
N MET A 1 -10.76 -5.48 -13.79
CA MET A 1 -10.25 -5.83 -12.45
C MET A 1 -9.16 -6.89 -12.56
N SER A 2 -7.91 -6.54 -12.26
CA SER A 2 -6.79 -7.48 -12.20
C SER A 2 -6.97 -8.52 -11.09
N GLN A 3 -6.78 -9.81 -11.41
CA GLN A 3 -6.71 -10.88 -10.40
C GLN A 3 -5.35 -10.89 -9.68
N SER A 4 -4.25 -10.59 -10.39
CA SER A 4 -2.89 -10.57 -9.82
C SER A 4 -2.69 -9.45 -8.80
N ASN A 5 -3.41 -8.32 -8.98
CA ASN A 5 -3.49 -7.25 -7.98
C ASN A 5 -3.83 -7.80 -6.58
N ARG A 6 -4.90 -8.61 -6.44
CA ARG A 6 -5.29 -9.17 -5.15
C ARG A 6 -4.20 -10.08 -4.57
N GLU A 7 -3.59 -10.90 -5.41
CA GLU A 7 -2.52 -11.84 -5.00
C GLU A 7 -1.31 -11.08 -4.42
N LEU A 8 -0.82 -10.05 -5.11
CA LEU A 8 0.35 -9.28 -4.68
C LEU A 8 0.05 -8.26 -3.58
N VAL A 9 -1.18 -7.73 -3.49
CA VAL A 9 -1.65 -6.92 -2.33
C VAL A 9 -1.63 -7.75 -1.06
N VAL A 10 -2.24 -8.95 -1.07
CA VAL A 10 -2.21 -9.86 0.08
C VAL A 10 -0.79 -10.26 0.44
N ASP A 11 0.12 -10.42 -0.53
CA ASP A 11 1.53 -10.69 -0.26
C ASP A 11 2.22 -9.57 0.54
N PHE A 12 2.22 -8.32 0.05
CA PHE A 12 2.94 -7.25 0.75
C PHE A 12 2.30 -6.88 2.10
N LEU A 13 0.98 -7.08 2.27
CA LEU A 13 0.31 -6.99 3.58
C LEU A 13 0.83 -8.09 4.51
N SER A 14 0.65 -9.36 4.12
CA SER A 14 0.92 -10.51 5.00
C SER A 14 2.41 -10.61 5.36
N TYR A 15 3.30 -10.19 4.47
CA TYR A 15 4.74 -10.01 4.70
C TYR A 15 5.04 -9.01 5.83
N LYS A 16 4.42 -7.83 5.81
CA LYS A 16 4.62 -6.79 6.85
C LYS A 16 3.99 -7.18 8.19
N LEU A 17 2.82 -7.82 8.15
CA LEU A 17 2.12 -8.38 9.31
C LEU A 17 2.92 -9.54 9.96
N SER A 18 3.51 -10.43 9.16
CA SER A 18 4.35 -11.54 9.64
C SER A 18 5.62 -11.06 10.37
N GLN A 19 6.21 -9.94 9.95
CA GLN A 19 7.35 -9.31 10.65
C GLN A 19 6.97 -8.73 12.01
N LYS A 20 5.71 -8.29 12.17
CA LYS A 20 5.09 -7.91 13.46
C LYS A 20 4.60 -9.12 14.27
N GLY A 21 4.75 -10.34 13.72
CA GLY A 21 4.39 -11.62 14.35
C GLY A 21 2.94 -12.08 14.12
N TYR A 22 2.20 -11.44 13.21
CA TYR A 22 0.78 -11.72 12.98
C TYR A 22 0.56 -12.76 11.87
N SER A 23 -0.34 -13.72 12.11
CA SER A 23 -0.65 -14.85 11.24
C SER A 23 -1.81 -14.56 10.27
N TRP A 24 -1.49 -14.25 9.00
CA TRP A 24 -2.51 -14.03 7.95
C TRP A 24 -3.39 -15.28 7.71
N SER A 25 -2.86 -16.48 7.92
CA SER A 25 -3.59 -17.76 7.83
C SER A 25 -4.78 -17.86 8.81
N GLN A 26 -4.78 -17.07 9.90
CA GLN A 26 -5.90 -16.95 10.83
C GLN A 26 -6.87 -15.81 10.47
N PHE A 27 -6.40 -14.78 9.74
CA PHE A 27 -7.23 -13.68 9.24
C PHE A 27 -8.01 -14.07 7.96
N SER A 28 -7.41 -14.90 7.10
CA SER A 28 -8.01 -15.41 5.87
C SER A 28 -9.02 -16.55 6.12
N ASP A 29 -9.91 -16.80 5.15
CA ASP A 29 -10.87 -17.92 5.18
C ASP A 29 -10.20 -19.29 4.90
N VAL A 30 -9.07 -19.29 4.18
CA VAL A 30 -8.31 -20.50 3.80
C VAL A 30 -7.19 -20.81 4.80
N GLU A 31 -7.06 -22.07 5.24
CA GLU A 31 -6.15 -22.48 6.32
C GLU A 31 -5.08 -23.53 5.94
N GLU A 32 -5.24 -24.20 4.80
CA GLU A 32 -4.39 -25.32 4.34
C GLU A 32 -4.22 -25.40 2.82
N ASN A 33 -5.29 -25.17 2.05
CA ASN A 33 -5.26 -25.09 0.58
C ASN A 33 -4.51 -23.80 0.11
N ARG A 34 -4.27 -23.64 -1.19
CA ARG A 34 -3.69 -22.41 -1.76
C ARG A 34 -4.57 -21.19 -1.46
N THR A 35 -4.00 -20.22 -0.75
CA THR A 35 -4.62 -18.93 -0.42
C THR A 35 -4.39 -17.91 -1.56
N GLU A 36 -5.09 -16.78 -1.55
CA GLU A 36 -4.85 -15.63 -2.43
C GLU A 36 -3.38 -15.15 -2.25
N ALA A 37 -2.50 -15.47 -3.21
CA ALA A 37 -1.04 -15.31 -3.06
C ALA A 37 -0.26 -15.42 -4.39
N PRO A 38 1.00 -14.94 -4.44
CA PRO A 38 1.93 -15.19 -5.53
C PRO A 38 2.23 -16.70 -5.69
N GLU A 39 1.65 -17.32 -6.71
CA GLU A 39 1.75 -18.76 -7.03
C GLU A 39 3.17 -19.24 -7.37
N GLY A 40 4.12 -18.33 -7.60
CA GLY A 40 5.54 -18.65 -7.71
C GLY A 40 6.13 -18.66 -9.13
N THR A 41 5.44 -18.06 -10.11
CA THR A 41 5.87 -17.99 -11.51
C THR A 41 5.94 -16.54 -12.00
N GLU A 42 4.86 -16.00 -12.58
CA GLU A 42 4.79 -14.63 -13.11
C GLU A 42 4.69 -13.57 -12.00
N SER A 43 3.90 -13.84 -10.97
CA SER A 43 3.69 -13.00 -9.78
C SER A 43 4.93 -12.92 -8.89
N GLU A 44 5.80 -13.93 -8.89
CA GLU A 44 7.04 -13.96 -8.10
C GLU A 44 8.02 -12.84 -8.50
N ALA A 45 8.10 -12.53 -9.80
CA ALA A 45 8.96 -11.47 -10.32
C ALA A 45 8.44 -10.07 -9.91
N VAL A 46 7.12 -9.85 -9.99
CA VAL A 46 6.48 -8.60 -9.51
C VAL A 46 6.68 -8.43 -8.01
N LYS A 47 6.40 -9.49 -7.24
CA LYS A 47 6.64 -9.60 -5.79
C LYS A 47 8.06 -9.18 -5.44
N GLN A 48 9.08 -9.72 -6.13
CA GLN A 48 10.47 -9.40 -5.85
C GLN A 48 10.80 -7.93 -6.15
N ALA A 49 10.40 -7.42 -7.31
CA ALA A 49 10.66 -6.03 -7.70
C ALA A 49 9.97 -5.01 -6.75
N LEU A 50 8.70 -5.25 -6.44
CA LEU A 50 7.87 -4.36 -5.63
C LEU A 50 8.30 -4.33 -4.16
N ARG A 51 8.70 -5.49 -3.60
CA ARG A 51 9.21 -5.62 -2.23
C ARG A 51 10.40 -4.71 -1.96
N GLU A 52 11.42 -4.75 -2.82
CA GLU A 52 12.62 -3.90 -2.64
C GLU A 52 12.27 -2.41 -2.82
N ALA A 53 11.42 -2.07 -3.80
CA ALA A 53 11.03 -0.68 -4.07
C ALA A 53 10.32 -0.02 -2.87
N GLY A 54 9.40 -0.73 -2.21
CA GLY A 54 8.69 -0.23 -1.02
C GLY A 54 9.57 -0.23 0.23
N ASP A 55 10.26 -1.33 0.51
CA ASP A 55 11.11 -1.46 1.71
C ASP A 55 12.30 -0.49 1.72
N GLU A 56 12.85 -0.10 0.57
CA GLU A 56 13.92 0.92 0.51
C GLU A 56 13.45 2.30 1.00
N PHE A 57 12.24 2.73 0.64
CA PHE A 57 11.70 4.02 1.11
C PHE A 57 11.07 3.93 2.51
N GLU A 58 10.47 2.79 2.87
CA GLU A 58 10.03 2.51 4.24
C GLU A 58 11.21 2.39 5.22
N LEU A 59 12.43 2.08 4.74
CA LEU A 59 13.69 2.17 5.50
C LEU A 59 14.14 3.63 5.62
N ARG A 60 14.39 4.31 4.50
CA ARG A 60 15.03 5.64 4.47
C ARG A 60 14.15 6.77 5.01
N TYR A 61 12.84 6.63 4.93
CA TYR A 61 11.83 7.55 5.47
C TYR A 61 10.92 6.85 6.49
N ARG A 62 11.49 5.97 7.33
CA ARG A 62 10.77 5.16 8.32
C ARG A 62 9.82 5.95 9.23
N ARG A 63 10.24 7.14 9.70
CA ARG A 63 9.39 8.03 10.50
C ARG A 63 8.17 8.56 9.73
N ALA A 64 8.31 8.83 8.43
CA ALA A 64 7.21 9.25 7.57
C ALA A 64 6.24 8.08 7.29
N PHE A 65 6.71 6.96 6.73
CA PHE A 65 5.83 5.81 6.44
C PHE A 65 5.15 5.23 7.69
N SER A 66 5.75 5.39 8.89
CA SER A 66 5.09 5.11 10.17
C SER A 66 4.06 6.18 10.53
N ASP A 67 4.45 7.45 10.71
CA ASP A 67 3.56 8.49 11.24
C ASP A 67 2.43 8.91 10.29
N LEU A 68 2.57 8.75 8.97
CA LEU A 68 1.47 8.92 8.00
C LEU A 68 0.27 8.03 8.37
N THR A 69 0.53 6.78 8.79
CA THR A 69 -0.52 5.82 9.19
C THR A 69 -1.12 6.12 10.57
N SER A 70 -0.43 6.90 11.40
CA SER A 70 -0.94 7.41 12.67
C SER A 70 -1.87 8.61 12.47
N GLN A 71 -1.52 9.55 11.57
CA GLN A 71 -2.30 10.76 11.30
C GLN A 71 -3.59 10.50 10.48
N LEU A 72 -3.57 9.60 9.48
CA LEU A 72 -4.77 9.33 8.68
C LEU A 72 -5.72 8.32 9.37
N HIS A 73 -7.03 8.57 9.31
CA HIS A 73 -8.06 7.70 9.90
C HIS A 73 -8.18 6.34 9.17
N ILE A 74 -8.56 5.29 9.90
CA ILE A 74 -8.65 3.91 9.39
C ILE A 74 -9.87 3.10 9.92
N THR A 75 -10.55 3.63 10.95
CA THR A 75 -11.79 3.12 11.57
C THR A 75 -12.91 2.83 10.53
N PRO A 76 -13.73 1.76 10.68
CA PRO A 76 -14.68 1.35 9.65
C PRO A 76 -15.71 2.44 9.27
N GLY A 77 -16.10 2.47 8.01
CA GLY A 77 -17.02 3.46 7.43
C GLY A 77 -16.30 4.63 6.76
N THR A 78 -16.47 5.84 7.32
CA THR A 78 -16.05 7.12 6.69
C THR A 78 -14.54 7.27 6.44
N ALA A 79 -13.68 6.46 7.06
CA ALA A 79 -12.24 6.46 6.78
C ALA A 79 -11.89 6.16 5.31
N TYR A 80 -12.73 5.43 4.57
CA TYR A 80 -12.52 5.21 3.14
C TYR A 80 -12.59 6.53 2.34
N GLN A 81 -13.38 7.51 2.81
CA GLN A 81 -13.43 8.86 2.24
C GLN A 81 -12.12 9.62 2.54
N SER A 82 -11.61 9.52 3.76
CA SER A 82 -10.32 10.10 4.19
C SER A 82 -9.14 9.50 3.39
N PHE A 83 -9.19 8.21 3.11
CA PHE A 83 -8.23 7.52 2.24
C PHE A 83 -8.35 7.96 0.78
N GLU A 84 -9.56 7.93 0.21
CA GLU A 84 -9.81 8.26 -1.20
C GLU A 84 -9.33 9.67 -1.55
N GLN A 85 -9.65 10.66 -0.72
CA GLN A 85 -9.31 12.06 -0.97
C GLN A 85 -7.79 12.35 -0.89
N VAL A 86 -7.07 11.70 0.05
CA VAL A 86 -5.62 11.88 0.24
C VAL A 86 -4.83 11.12 -0.83
N VAL A 87 -5.31 9.94 -1.24
CA VAL A 87 -4.75 9.20 -2.37
C VAL A 87 -4.98 9.95 -3.69
N ASN A 88 -6.16 10.53 -3.91
CA ASN A 88 -6.41 11.47 -5.01
C ASN A 88 -5.41 12.63 -5.00
N GLU A 89 -5.12 13.22 -3.83
CA GLU A 89 -4.21 14.36 -3.70
C GLU A 89 -2.76 13.98 -4.03
N LEU A 90 -2.25 12.86 -3.51
CA LEU A 90 -0.85 12.45 -3.75
C LEU A 90 -0.63 12.03 -5.23
N PHE A 91 -1.60 11.37 -5.86
CA PHE A 91 -1.54 11.06 -7.31
C PHE A 91 -1.82 12.26 -8.23
N ARG A 92 -2.28 13.40 -7.72
CA ARG A 92 -2.50 14.63 -8.53
C ARG A 92 -1.20 15.20 -9.11
N ASP A 93 -0.05 14.88 -8.49
CA ASP A 93 1.29 15.18 -9.02
C ASP A 93 1.66 14.36 -10.27
N GLY A 94 1.04 13.18 -10.45
CA GLY A 94 1.29 12.24 -11.54
C GLY A 94 0.96 10.79 -11.16
N VAL A 95 0.51 10.01 -12.14
CA VAL A 95 0.07 8.60 -11.98
C VAL A 95 1.24 7.59 -12.03
N ASN A 96 2.47 8.10 -12.10
CA ASN A 96 3.70 7.34 -12.32
C ASN A 96 3.95 6.23 -11.27
N TRP A 97 4.74 5.22 -11.65
CA TRP A 97 5.19 4.12 -10.78
C TRP A 97 5.82 4.62 -9.47
N GLY A 98 6.48 5.78 -9.47
CA GLY A 98 7.00 6.44 -8.27
C GLY A 98 5.94 6.70 -7.19
N ARG A 99 4.78 7.27 -7.56
CA ARG A 99 3.65 7.43 -6.63
C ARG A 99 2.97 6.10 -6.30
N ILE A 100 2.93 5.13 -7.21
CA ILE A 100 2.40 3.79 -6.92
C ILE A 100 3.26 3.08 -5.85
N VAL A 101 4.59 3.22 -5.89
CA VAL A 101 5.52 2.70 -4.88
C VAL A 101 5.25 3.30 -3.49
N ALA A 102 5.02 4.61 -3.37
CA ALA A 102 4.62 5.24 -2.12
C ALA A 102 3.22 4.79 -1.66
N PHE A 103 2.24 4.73 -2.58
CA PHE A 103 0.85 4.35 -2.31
C PHE A 103 0.74 2.94 -1.69
N PHE A 104 1.36 1.92 -2.31
CA PHE A 104 1.21 0.55 -1.82
C PHE A 104 1.92 0.35 -0.47
N SER A 105 3.10 0.96 -0.31
CA SER A 105 3.91 0.83 0.91
C SER A 105 3.19 1.44 2.12
N PHE A 106 2.60 2.63 1.92
CA PHE A 106 1.69 3.28 2.87
C PHE A 106 0.44 2.43 3.16
N GLY A 107 -0.24 1.93 2.11
CA GLY A 107 -1.47 1.13 2.26
C GLY A 107 -1.25 -0.20 3.02
N GLY A 108 -0.16 -0.91 2.75
CA GLY A 108 0.23 -2.10 3.51
C GLY A 108 0.50 -1.79 4.99
N ALA A 109 1.17 -0.67 5.28
CA ALA A 109 1.42 -0.21 6.64
C ALA A 109 0.13 0.19 7.40
N LEU A 110 -0.89 0.74 6.73
CA LEU A 110 -2.19 1.06 7.36
C LEU A 110 -2.88 -0.18 7.97
N CYS A 111 -2.77 -1.34 7.33
CA CYS A 111 -3.43 -2.57 7.80
C CYS A 111 -2.81 -3.08 9.12
N VAL A 112 -1.50 -2.91 9.30
CA VAL A 112 -0.78 -3.30 10.54
C VAL A 112 -1.32 -2.54 11.76
N GLU A 113 -1.68 -1.27 11.59
CA GLU A 113 -2.24 -0.44 12.67
C GLU A 113 -3.57 -0.99 13.20
N SER A 114 -4.40 -1.58 12.33
CA SER A 114 -5.69 -2.13 12.73
C SER A 114 -5.53 -3.38 13.60
N VAL A 115 -4.57 -4.25 13.28
CA VAL A 115 -4.28 -5.44 14.09
C VAL A 115 -3.68 -5.06 15.44
N ASP A 116 -2.80 -4.05 15.49
CA ASP A 116 -2.26 -3.49 16.74
C ASP A 116 -3.35 -2.88 17.63
N LYS A 117 -4.39 -2.28 17.02
CA LYS A 117 -5.62 -1.82 17.68
C LYS A 117 -6.56 -2.94 18.15
N GLU A 118 -6.22 -4.21 17.94
CA GLU A 118 -7.10 -5.38 18.15
C GLU A 118 -8.37 -5.33 17.27
N MET A 119 -8.19 -4.93 16.01
CA MET A 119 -9.25 -4.76 14.99
C MET A 119 -8.88 -5.52 13.71
N GLN A 120 -8.48 -6.79 13.87
CA GLN A 120 -7.97 -7.68 12.82
C GLN A 120 -8.97 -7.87 11.66
N VAL A 121 -10.25 -7.75 11.98
CA VAL A 121 -11.39 -7.70 11.03
C VAL A 121 -11.21 -6.66 9.91
N LEU A 122 -10.49 -5.55 10.18
CA LEU A 122 -10.23 -4.52 9.16
C LEU A 122 -9.08 -4.87 8.24
N VAL A 123 -8.23 -5.84 8.57
CA VAL A 123 -7.01 -6.08 7.77
C VAL A 123 -7.37 -6.44 6.32
N SER A 124 -8.47 -7.18 6.14
CA SER A 124 -9.10 -7.47 4.84
C SER A 124 -9.89 -6.29 4.26
N ARG A 125 -10.48 -5.42 5.10
CA ARG A 125 -11.27 -4.25 4.66
C ARG A 125 -10.37 -3.15 4.08
N ILE A 126 -9.27 -2.85 4.77
CA ILE A 126 -8.22 -1.93 4.32
C ILE A 126 -7.51 -2.48 3.07
N ALA A 127 -7.27 -3.79 3.01
CA ALA A 127 -6.79 -4.46 1.80
C ALA A 127 -7.75 -4.24 0.60
N ALA A 128 -9.06 -4.42 0.81
CA ALA A 128 -10.08 -4.18 -0.19
C ALA A 128 -10.20 -2.70 -0.59
N TRP A 129 -10.07 -1.75 0.35
CA TRP A 129 -10.07 -0.31 0.06
C TRP A 129 -8.96 0.08 -0.93
N MET A 130 -7.71 -0.34 -0.69
CA MET A 130 -6.60 -0.03 -1.59
C MET A 130 -6.64 -0.82 -2.91
N ALA A 131 -7.07 -2.10 -2.88
CA ALA A 131 -7.26 -2.89 -4.10
C ALA A 131 -8.37 -2.31 -5.00
N THR A 132 -9.47 -1.84 -4.42
CA THR A 132 -10.57 -1.18 -5.14
C THR A 132 -10.09 0.11 -5.80
N TYR A 133 -9.31 0.95 -5.09
CA TYR A 133 -8.71 2.15 -5.68
C TYR A 133 -7.81 1.81 -6.88
N LEU A 134 -6.91 0.83 -6.75
CA LEU A 134 -6.01 0.43 -7.83
C LEU A 134 -6.79 -0.07 -9.05
N ASN A 135 -7.74 -0.98 -8.85
CA ASN A 135 -8.52 -1.57 -9.94
C ASN A 135 -9.49 -0.56 -10.62
N ASP A 136 -9.93 0.48 -9.91
CA ASP A 136 -10.79 1.54 -10.48
C ASP A 136 -10.02 2.67 -11.19
N HIS A 137 -8.84 3.08 -10.69
CA HIS A 137 -8.15 4.29 -11.14
C HIS A 137 -6.77 4.04 -11.76
N LEU A 138 -5.96 3.16 -11.17
CA LEU A 138 -4.61 2.87 -11.69
C LEU A 138 -4.62 1.83 -12.80
N GLU A 139 -5.51 0.84 -12.78
CA GLU A 139 -5.51 -0.29 -13.72
C GLU A 139 -5.40 0.08 -15.22
N PRO A 140 -6.19 1.02 -15.79
CA PRO A 140 -6.01 1.42 -17.18
C PRO A 140 -4.66 2.08 -17.46
N TRP A 141 -4.12 2.88 -16.53
CA TRP A 141 -2.78 3.46 -16.63
C TRP A 141 -1.70 2.37 -16.56
N ILE A 142 -1.84 1.41 -15.64
CA ILE A 142 -0.94 0.27 -15.45
C ILE A 142 -0.89 -0.57 -16.75
N GLN A 143 -2.05 -0.92 -17.33
CA GLN A 143 -2.11 -1.67 -18.60
C GLN A 143 -1.54 -0.88 -19.79
N GLU A 144 -1.74 0.45 -19.82
CA GLU A 144 -1.19 1.32 -20.87
C GLU A 144 0.35 1.42 -20.79
N ASN A 145 0.88 1.34 -19.57
CA ASN A 145 2.31 1.27 -19.25
C ASN A 145 2.88 -0.17 -19.25
N GLY A 146 2.20 -1.11 -19.91
CA GLY A 146 2.70 -2.48 -20.14
C GLY A 146 2.55 -3.45 -18.96
N GLY A 147 1.77 -3.09 -17.94
CA GLY A 147 1.45 -3.91 -16.78
C GLY A 147 2.59 -4.10 -15.79
N TRP A 148 2.34 -4.91 -14.75
CA TRP A 148 3.34 -5.26 -13.73
C TRP A 148 4.56 -6.02 -14.29
N ASP A 149 4.41 -6.68 -15.45
CA ASP A 149 5.54 -7.28 -16.18
C ASP A 149 6.55 -6.21 -16.65
N THR A 150 6.08 -5.03 -17.07
CA THR A 150 6.95 -3.90 -17.39
C THR A 150 7.52 -3.25 -16.13
N PHE A 151 6.78 -3.21 -15.03
CA PHE A 151 7.31 -2.74 -13.74
C PHE A 151 8.52 -3.56 -13.28
N VAL A 152 8.50 -4.90 -13.36
CA VAL A 152 9.71 -5.70 -13.03
C VAL A 152 10.85 -5.54 -14.06
N GLU A 153 10.57 -5.26 -15.33
CA GLU A 153 11.63 -4.87 -16.29
C GLU A 153 12.31 -3.53 -15.92
N LEU A 154 11.57 -2.59 -15.32
CA LEU A 154 12.09 -1.30 -14.83
C LEU A 154 12.73 -1.34 -13.43
N TYR A 155 12.22 -2.16 -12.51
CA TYR A 155 12.58 -2.14 -11.07
C TYR A 155 13.12 -3.46 -10.49
N GLY A 156 13.20 -4.55 -11.27
CA GLY A 156 13.78 -5.84 -10.88
C GLY A 156 15.29 -5.81 -10.65
CA GLY B 1 1.55 14.35 17.22
C GLY B 1 0.15 14.88 17.49
N SER B 2 -0.12 16.14 17.11
CA SER B 2 -1.46 16.76 17.15
C SER B 2 -2.36 16.23 16.02
N HIS B 3 -3.64 16.61 16.00
CA HIS B 3 -4.57 16.29 14.90
C HIS B 3 -5.62 17.39 14.69
N MET B 4 -5.89 17.74 13.43
CA MET B 4 -6.92 18.71 13.02
C MET B 4 -7.57 18.33 11.68
N SER B 5 -8.88 18.60 11.54
CA SER B 5 -9.66 18.51 10.30
C SER B 5 -9.67 17.13 9.60
N ALA B 6 -10.25 17.05 8.40
CA ALA B 6 -10.29 15.84 7.57
C ALA B 6 -8.93 15.44 6.95
N MET B 7 -7.95 16.35 6.97
CA MET B 7 -6.54 16.11 6.61
C MET B 7 -5.66 16.94 7.55
N SER B 8 -4.82 16.28 8.34
CA SER B 8 -4.03 16.89 9.42
C SER B 8 -2.75 17.56 8.91
N THR B 9 -2.91 18.66 8.17
CA THR B 9 -1.84 19.38 7.42
C THR B 9 -0.60 19.67 8.26
N THR B 10 -0.74 20.11 9.51
CA THR B 10 0.36 20.52 10.39
C THR B 10 1.43 19.43 10.59
N ASP B 11 1.01 18.16 10.67
CA ASP B 11 1.92 17.01 10.78
C ASP B 11 2.13 16.28 9.43
N LEU B 12 1.07 16.10 8.64
CA LEU B 12 1.16 15.40 7.34
C LEU B 12 2.11 16.09 6.35
N GLU B 13 2.19 17.42 6.34
CA GLU B 13 3.11 18.15 5.50
C GLU B 13 4.55 17.69 5.75
N ALA B 14 5.00 17.66 7.00
CA ALA B 14 6.38 17.27 7.34
C ALA B 14 6.65 15.75 7.27
N TYR B 15 5.76 14.95 6.69
CA TYR B 15 5.96 13.54 6.35
C TYR B 15 5.88 13.33 4.83
N PHE B 16 4.86 13.89 4.18
CA PHE B 16 4.70 13.87 2.73
C PHE B 16 5.81 14.69 2.01
N LYS B 17 6.18 15.86 2.54
CA LYS B 17 7.27 16.72 2.02
C LYS B 17 8.67 16.25 2.46
N ASP B 18 8.75 15.49 3.55
CA ASP B 18 10.02 14.91 4.03
C ASP B 18 10.59 13.85 3.06
N CYS B 19 9.71 13.20 2.28
CA CYS B 19 10.06 12.23 1.23
C CYS B 19 10.37 12.86 -0.16
N VAL B 20 10.55 14.19 -0.26
CA VAL B 20 10.62 14.95 -1.53
C VAL B 20 11.73 14.55 -2.51
N PHE B 21 12.85 13.98 -2.05
CA PHE B 21 13.99 13.65 -2.91
C PHE B 21 13.63 12.54 -3.92
N LYS B 22 13.54 12.91 -5.20
CA LYS B 22 13.01 12.12 -6.34
C LYS B 22 11.54 11.71 -6.19
N ASP B 23 10.89 11.41 -7.31
CA ASP B 23 9.57 10.75 -7.36
C ASP B 23 9.72 9.26 -6.94
N TRP B 24 10.18 9.04 -5.71
CA TRP B 24 10.51 7.76 -5.10
C TRP B 24 11.37 6.86 -6.01
N GLY B 25 10.79 5.82 -6.62
CA GLY B 25 11.48 4.81 -7.45
C GLY B 25 12.10 5.38 -8.73
N MET A 1 -9.85 -5.83 -14.76
CA MET A 1 -9.56 -6.17 -13.35
C MET A 1 -8.76 -7.48 -13.28
N SER A 2 -7.42 -7.38 -13.36
CA SER A 2 -6.52 -8.55 -13.32
C SER A 2 -6.38 -9.09 -11.89
N GLN A 3 -6.67 -10.38 -11.69
CA GLN A 3 -6.61 -11.04 -10.37
C GLN A 3 -5.19 -11.05 -9.77
N SER A 4 -4.16 -10.95 -10.61
CA SER A 4 -2.75 -10.81 -10.19
C SER A 4 -2.53 -9.59 -9.29
N ASN A 5 -3.25 -8.48 -9.50
CA ASN A 5 -3.17 -7.29 -8.64
C ASN A 5 -3.60 -7.62 -7.20
N ARG A 6 -4.72 -8.32 -7.01
CA ARG A 6 -5.20 -8.75 -5.69
C ARG A 6 -4.20 -9.69 -5.01
N GLU A 7 -3.69 -10.67 -5.75
CA GLU A 7 -2.73 -11.65 -5.24
C GLU A 7 -1.40 -11.01 -4.81
N LEU A 8 -0.83 -10.11 -5.62
CA LEU A 8 0.43 -9.45 -5.29
C LEU A 8 0.27 -8.42 -4.15
N VAL A 9 -0.91 -7.78 -4.02
CA VAL A 9 -1.28 -6.94 -2.86
C VAL A 9 -1.35 -7.78 -1.57
N VAL A 10 -2.09 -8.90 -1.58
CA VAL A 10 -2.18 -9.82 -0.44
C VAL A 10 -0.79 -10.36 -0.06
N ASP A 11 0.07 -10.66 -1.02
CA ASP A 11 1.40 -11.20 -0.77
C ASP A 11 2.35 -10.23 -0.04
N PHE A 12 2.50 -8.97 -0.49
CA PHE A 12 3.35 -8.01 0.21
C PHE A 12 2.80 -7.66 1.62
N LEU A 13 1.47 -7.68 1.79
CA LEU A 13 0.83 -7.50 3.10
C LEU A 13 1.12 -8.67 4.03
N SER A 14 0.92 -9.91 3.56
CA SER A 14 1.26 -11.12 4.32
C SER A 14 2.74 -11.16 4.70
N TYR A 15 3.64 -10.74 3.81
CA TYR A 15 5.07 -10.61 4.10
C TYR A 15 5.34 -9.63 5.25
N LYS A 16 4.83 -8.39 5.19
CA LYS A 16 5.05 -7.39 6.25
C LYS A 16 4.44 -7.84 7.58
N LEU A 17 3.25 -8.42 7.55
CA LEU A 17 2.59 -9.00 8.74
C LEU A 17 3.40 -10.16 9.33
N SER A 18 3.99 -11.03 8.50
CA SER A 18 4.93 -12.08 8.94
C SER A 18 6.19 -11.50 9.61
N GLN A 19 6.73 -10.39 9.09
CA GLN A 19 7.86 -9.68 9.70
C GLN A 19 7.50 -9.01 11.05
N LYS A 20 6.25 -8.58 11.22
CA LYS A 20 5.66 -8.13 12.51
C LYS A 20 5.43 -9.30 13.50
N GLY A 21 5.58 -10.55 13.05
CA GLY A 21 5.37 -11.77 13.84
C GLY A 21 3.95 -12.35 13.76
N TYR A 22 3.13 -11.91 12.79
CA TYR A 22 1.74 -12.36 12.58
C TYR A 22 1.62 -13.43 11.47
N SER A 23 0.38 -13.80 11.10
CA SER A 23 0.07 -14.76 10.03
C SER A 23 -1.21 -14.35 9.27
N TRP A 24 -1.10 -14.13 7.94
CA TRP A 24 -2.27 -13.79 7.11
C TRP A 24 -3.34 -14.89 7.15
N SER A 25 -2.94 -16.16 7.07
CA SER A 25 -3.85 -17.32 7.14
C SER A 25 -4.63 -17.43 8.47
N GLN A 26 -4.15 -16.76 9.53
CA GLN A 26 -4.83 -16.69 10.83
C GLN A 26 -5.92 -15.60 10.84
N PHE A 27 -5.63 -14.43 10.26
CA PHE A 27 -6.58 -13.31 10.13
C PHE A 27 -7.60 -13.51 8.98
N SER A 28 -7.21 -14.22 7.92
CA SER A 28 -7.98 -14.40 6.69
C SER A 28 -9.12 -15.40 6.85
N ASP A 29 -10.17 -15.27 6.02
CA ASP A 29 -11.24 -16.27 5.87
C ASP A 29 -10.77 -17.53 5.08
N VAL A 30 -9.56 -17.50 4.51
CA VAL A 30 -9.01 -18.52 3.59
C VAL A 30 -7.62 -18.99 4.06
N GLU A 31 -7.33 -20.29 3.88
CA GLU A 31 -6.03 -20.92 4.14
C GLU A 31 -4.93 -20.44 3.16
N GLU A 32 -3.67 -20.86 3.39
CA GLU A 32 -2.50 -20.52 2.55
C GLU A 32 -2.18 -19.01 2.47
N ASN A 33 -1.26 -18.63 1.57
CA ASN A 33 -0.66 -17.29 1.44
C ASN A 33 0.12 -16.85 2.70
N ARG A 34 0.76 -17.81 3.39
CA ARG A 34 1.56 -17.60 4.62
C ARG A 34 2.78 -18.54 4.59
N THR A 35 3.79 -18.14 3.83
CA THR A 35 5.01 -18.93 3.51
C THR A 35 6.26 -18.04 3.38
N GLU A 36 7.45 -18.64 3.43
CA GLU A 36 8.73 -17.95 3.25
C GLU A 36 8.97 -17.52 1.78
N ALA A 37 9.54 -16.31 1.59
CA ALA A 37 9.78 -15.63 0.31
C ALA A 37 8.52 -15.29 -0.52
N PRO A 38 8.54 -14.26 -1.38
CA PRO A 38 7.40 -13.90 -2.24
C PRO A 38 7.34 -14.83 -3.48
N GLU A 39 7.14 -16.13 -3.26
CA GLU A 39 7.22 -17.19 -4.27
C GLU A 39 6.17 -17.06 -5.39
N GLY A 40 6.53 -17.46 -6.61
CA GLY A 40 5.63 -17.52 -7.77
C GLY A 40 6.27 -18.11 -9.04
N THR A 41 5.70 -17.79 -10.20
CA THR A 41 6.25 -18.11 -11.53
C THR A 41 6.58 -16.82 -12.30
N GLU A 42 5.78 -16.43 -13.30
CA GLU A 42 5.98 -15.22 -14.10
C GLU A 42 5.84 -13.93 -13.27
N SER A 43 4.93 -13.95 -12.27
CA SER A 43 4.70 -12.83 -11.34
C SER A 43 5.80 -12.68 -10.28
N GLU A 44 6.69 -13.66 -10.08
CA GLU A 44 7.67 -13.69 -8.98
C GLU A 44 8.62 -12.47 -9.01
N ALA A 45 9.03 -12.05 -10.20
CA ALA A 45 9.90 -10.88 -10.38
C ALA A 45 9.22 -9.58 -9.94
N VAL A 46 7.91 -9.42 -10.19
CA VAL A 46 7.13 -8.24 -9.76
C VAL A 46 7.10 -8.15 -8.24
N LYS A 47 6.63 -9.21 -7.57
CA LYS A 47 6.47 -9.23 -6.11
C LYS A 47 7.80 -9.14 -5.38
N GLN A 48 8.89 -9.69 -5.95
CA GLN A 48 10.25 -9.49 -5.45
C GLN A 48 10.70 -8.02 -5.57
N ALA A 49 10.60 -7.42 -6.76
CA ALA A 49 11.07 -6.06 -7.02
C ALA A 49 10.24 -4.99 -6.28
N LEU A 50 8.92 -5.19 -6.19
CA LEU A 50 8.01 -4.31 -5.46
C LEU A 50 8.28 -4.37 -3.95
N ARG A 51 8.55 -5.56 -3.40
CA ARG A 51 8.95 -5.75 -1.99
C ARG A 51 10.31 -5.11 -1.69
N GLU A 52 11.30 -5.21 -2.59
CA GLU A 52 12.58 -4.48 -2.48
C GLU A 52 12.37 -2.96 -2.48
N ALA A 53 11.52 -2.43 -3.39
CA ALA A 53 11.18 -1.02 -3.45
C ALA A 53 10.46 -0.52 -2.19
N GLY A 54 9.60 -1.34 -1.59
CA GLY A 54 8.97 -1.07 -0.29
C GLY A 54 9.99 -1.00 0.85
N ASP A 55 10.84 -2.02 0.98
CA ASP A 55 11.87 -2.09 2.02
C ASP A 55 12.88 -0.93 1.96
N GLU A 56 13.28 -0.49 0.75
CA GLU A 56 14.23 0.61 0.57
C GLU A 56 13.71 1.95 1.13
N PHE A 57 12.40 2.21 1.00
CA PHE A 57 11.76 3.42 1.51
C PHE A 57 11.28 3.28 2.96
N GLU A 58 10.87 2.08 3.38
CA GLU A 58 10.58 1.76 4.79
C GLU A 58 11.84 1.82 5.68
N LEU A 59 13.03 1.59 5.10
CA LEU A 59 14.32 1.83 5.74
C LEU A 59 14.62 3.34 5.92
N ARG A 60 14.48 4.12 4.84
CA ARG A 60 14.93 5.52 4.75
C ARG A 60 13.97 6.56 5.34
N TYR A 61 12.66 6.32 5.27
CA TYR A 61 11.59 7.18 5.80
C TYR A 61 10.75 6.43 6.87
N ARG A 62 11.44 5.69 7.73
CA ARG A 62 10.88 4.70 8.68
C ARG A 62 9.71 5.18 9.53
N ARG A 63 9.88 6.28 10.29
CA ARG A 63 8.78 6.85 11.08
C ARG A 63 7.78 7.65 10.25
N ALA A 64 8.23 8.29 9.17
CA ALA A 64 7.43 9.23 8.39
C ALA A 64 6.17 8.58 7.80
N PHE A 65 6.25 7.34 7.28
CA PHE A 65 5.07 6.59 6.82
C PHE A 65 4.11 6.25 7.96
N SER A 66 4.60 5.87 9.15
CA SER A 66 3.76 5.64 10.34
C SER A 66 3.09 6.94 10.85
N ASP A 67 3.75 8.08 10.68
CA ASP A 67 3.19 9.40 10.95
C ASP A 67 2.07 9.80 9.94
N LEU A 68 1.94 9.08 8.81
CA LEU A 68 0.78 9.19 7.91
C LEU A 68 -0.35 8.25 8.37
N THR A 69 -0.04 6.99 8.70
CA THR A 69 -1.06 5.97 9.02
C THR A 69 -1.82 6.27 10.31
N SER A 70 -1.17 6.91 11.29
CA SER A 70 -1.82 7.39 12.53
C SER A 70 -2.77 8.59 12.32
N GLN A 71 -2.69 9.30 11.19
CA GLN A 71 -3.58 10.42 10.83
C GLN A 71 -4.79 9.98 9.99
N LEU A 72 -4.68 8.89 9.25
CA LEU A 72 -5.72 8.33 8.36
C LEU A 72 -6.81 7.59 9.17
N HIS A 73 -8.09 7.88 8.93
CA HIS A 73 -9.21 7.14 9.54
C HIS A 73 -9.40 5.79 8.85
N ILE A 74 -9.42 4.68 9.61
CA ILE A 74 -9.35 3.31 9.05
C ILE A 74 -10.53 2.37 9.39
N THR A 75 -11.48 2.84 10.18
CA THR A 75 -12.75 2.17 10.56
C THR A 75 -13.71 1.97 9.35
N PRO A 76 -14.44 0.85 9.24
CA PRO A 76 -15.30 0.55 8.09
C PRO A 76 -16.36 1.62 7.78
N GLY A 77 -16.63 1.82 6.49
CA GLY A 77 -17.45 2.92 5.96
C GLY A 77 -16.60 4.13 5.57
N THR A 78 -16.54 5.14 6.45
CA THR A 78 -15.91 6.46 6.16
C THR A 78 -14.43 6.39 5.78
N ALA A 79 -13.71 5.34 6.20
CA ALA A 79 -12.29 5.17 5.89
C ALA A 79 -11.96 5.07 4.40
N TYR A 80 -12.84 4.51 3.56
CA TYR A 80 -12.57 4.49 2.11
C TYR A 80 -12.53 5.90 1.54
N GLN A 81 -13.38 6.81 2.06
CA GLN A 81 -13.39 8.23 1.70
C GLN A 81 -12.11 8.94 2.20
N SER A 82 -11.71 8.67 3.46
CA SER A 82 -10.49 9.22 4.07
C SER A 82 -9.21 8.76 3.35
N PHE A 83 -9.18 7.49 2.93
CA PHE A 83 -8.08 6.91 2.15
C PHE A 83 -8.02 7.48 0.73
N GLU A 84 -9.12 7.45 -0.03
CA GLU A 84 -9.10 7.82 -1.45
C GLU A 84 -8.72 9.29 -1.66
N GLN A 85 -9.17 10.21 -0.80
CA GLN A 85 -8.85 11.63 -0.90
C GLN A 85 -7.36 11.94 -0.58
N VAL A 86 -6.75 11.19 0.34
CA VAL A 86 -5.32 11.33 0.71
C VAL A 86 -4.41 10.68 -0.33
N VAL A 87 -4.81 9.52 -0.87
CA VAL A 87 -4.13 8.87 -1.99
C VAL A 87 -4.20 9.75 -3.25
N ASN A 88 -5.32 10.43 -3.49
CA ASN A 88 -5.45 11.46 -4.53
C ASN A 88 -4.36 12.55 -4.43
N GLU A 89 -4.05 13.07 -3.22
CA GLU A 89 -3.07 14.15 -3.10
C GLU A 89 -1.62 13.65 -3.22
N LEU A 90 -1.31 12.42 -2.79
CA LEU A 90 0.03 11.83 -2.99
C LEU A 90 0.31 11.47 -4.47
N PHE A 91 -0.73 11.22 -5.28
CA PHE A 91 -0.62 11.08 -6.75
C PHE A 91 -0.76 12.39 -7.55
N ARG A 92 -1.04 13.55 -6.92
CA ARG A 92 -1.40 14.79 -7.65
C ARG A 92 -0.27 15.38 -8.51
N ASP A 93 0.99 15.06 -8.22
CA ASP A 93 2.14 15.39 -9.07
C ASP A 93 2.28 14.49 -10.32
N GLY A 94 1.65 13.31 -10.32
CA GLY A 94 1.70 12.31 -11.39
C GLY A 94 1.43 10.88 -10.88
N VAL A 95 0.89 10.03 -11.74
CA VAL A 95 0.50 8.62 -11.46
C VAL A 95 1.69 7.64 -11.57
N ASN A 96 2.91 8.18 -11.53
CA ASN A 96 4.16 7.48 -11.84
C ASN A 96 4.53 6.36 -10.84
N TRP A 97 5.37 5.42 -11.28
CA TRP A 97 5.78 4.23 -10.50
C TRP A 97 6.31 4.55 -9.09
N GLY A 98 7.05 5.65 -8.92
CA GLY A 98 7.53 6.08 -7.60
C GLY A 98 6.40 6.48 -6.65
N ARG A 99 5.35 7.13 -7.17
CA ARG A 99 4.14 7.47 -6.40
C ARG A 99 3.30 6.22 -6.11
N ILE A 100 3.32 5.22 -7.00
CA ILE A 100 2.74 3.88 -6.74
C ILE A 100 3.51 3.15 -5.63
N VAL A 101 4.84 3.25 -5.59
CA VAL A 101 5.68 2.76 -4.47
C VAL A 101 5.28 3.39 -3.13
N ALA A 102 5.05 4.71 -3.10
CA ALA A 102 4.53 5.39 -1.92
C ALA A 102 3.11 4.92 -1.53
N PHE A 103 2.20 4.80 -2.51
CA PHE A 103 0.81 4.38 -2.31
C PHE A 103 0.70 2.99 -1.66
N PHE A 104 1.37 1.96 -2.20
CA PHE A 104 1.22 0.60 -1.67
C PHE A 104 1.88 0.46 -0.30
N SER A 105 3.02 1.13 -0.08
CA SER A 105 3.73 1.10 1.19
C SER A 105 2.90 1.72 2.32
N PHE A 106 2.28 2.88 2.04
CA PHE A 106 1.29 3.51 2.92
C PHE A 106 0.06 2.62 3.13
N GLY A 107 -0.53 2.08 2.06
CA GLY A 107 -1.72 1.23 2.11
C GLY A 107 -1.54 -0.03 2.99
N GLY A 108 -0.47 -0.80 2.77
CA GLY A 108 -0.15 -1.97 3.60
C GLY A 108 0.15 -1.61 5.07
N ALA A 109 0.82 -0.48 5.30
CA ALA A 109 1.08 0.01 6.67
C ALA A 109 -0.21 0.38 7.43
N LEU A 110 -1.29 0.80 6.76
CA LEU A 110 -2.60 1.00 7.39
C LEU A 110 -3.17 -0.31 7.95
N CYS A 111 -3.07 -1.42 7.21
CA CYS A 111 -3.54 -2.72 7.70
C CYS A 111 -2.71 -3.20 8.90
N VAL A 112 -1.38 -3.01 8.86
CA VAL A 112 -0.47 -3.32 9.97
C VAL A 112 -0.84 -2.51 11.22
N GLU A 113 -1.06 -1.20 11.09
CA GLU A 113 -1.45 -0.32 12.17
C GLU A 113 -2.80 -0.75 12.77
N SER A 114 -3.75 -1.20 11.93
CA SER A 114 -5.05 -1.72 12.35
C SER A 114 -4.94 -3.06 13.11
N VAL A 115 -4.11 -4.00 12.65
CA VAL A 115 -3.81 -5.25 13.36
C VAL A 115 -3.16 -4.98 14.72
N ASP A 116 -2.20 -4.04 14.78
CA ASP A 116 -1.53 -3.63 16.03
C ASP A 116 -2.50 -2.94 17.00
N LYS A 117 -3.53 -2.25 16.47
CA LYS A 117 -4.71 -1.73 17.22
C LYS A 117 -5.69 -2.82 17.69
N GLU A 118 -5.39 -4.09 17.48
CA GLU A 118 -6.28 -5.24 17.74
C GLU A 118 -7.58 -5.19 16.94
N MET A 119 -7.48 -4.80 15.66
CA MET A 119 -8.58 -4.75 14.67
C MET A 119 -8.25 -5.63 13.45
N GLN A 120 -7.76 -6.84 13.72
CA GLN A 120 -7.23 -7.80 12.73
C GLN A 120 -8.23 -8.16 11.64
N VAL A 121 -9.52 -8.17 11.99
CA VAL A 121 -10.66 -8.33 11.07
C VAL A 121 -10.63 -7.34 9.88
N LEU A 122 -10.09 -6.13 10.05
CA LEU A 122 -9.98 -5.14 8.98
C LEU A 122 -8.78 -5.37 8.06
N VAL A 123 -7.83 -6.24 8.40
CA VAL A 123 -6.64 -6.43 7.56
C VAL A 123 -7.02 -6.85 6.13
N SER A 124 -8.09 -7.66 6.01
CA SER A 124 -8.72 -8.03 4.75
C SER A 124 -9.51 -6.89 4.08
N ARG A 125 -10.22 -6.05 4.86
CA ARG A 125 -11.00 -4.92 4.32
C ARG A 125 -10.08 -3.82 3.77
N ILE A 126 -9.07 -3.43 4.53
CA ILE A 126 -8.08 -2.42 4.12
C ILE A 126 -7.26 -2.91 2.92
N ALA A 127 -6.85 -4.20 2.89
CA ALA A 127 -6.23 -4.81 1.72
C ALA A 127 -7.13 -4.74 0.47
N ALA A 128 -8.43 -5.03 0.63
CA ALA A 128 -9.42 -4.91 -0.44
C ALA A 128 -9.65 -3.44 -0.86
N TRP A 129 -9.63 -2.47 0.05
CA TRP A 129 -9.76 -1.04 -0.26
C TRP A 129 -8.62 -0.55 -1.16
N MET A 130 -7.36 -0.85 -0.83
CA MET A 130 -6.22 -0.48 -1.68
C MET A 130 -6.18 -1.27 -2.99
N ALA A 131 -6.53 -2.57 -3.00
CA ALA A 131 -6.65 -3.34 -4.23
C ALA A 131 -7.79 -2.84 -5.15
N THR A 132 -8.89 -2.35 -4.58
CA THR A 132 -10.00 -1.70 -5.30
C THR A 132 -9.54 -0.38 -5.91
N TYR A 133 -8.82 0.47 -5.16
CA TYR A 133 -8.23 1.70 -5.70
C TYR A 133 -7.26 1.40 -6.86
N LEU A 134 -6.39 0.40 -6.70
CA LEU A 134 -5.45 -0.07 -7.72
C LEU A 134 -6.21 -0.48 -9.00
N ASN A 135 -7.20 -1.37 -8.90
CA ASN A 135 -7.98 -1.84 -10.05
C ASN A 135 -8.86 -0.74 -10.70
N ASP A 136 -9.36 0.23 -9.93
CA ASP A 136 -10.24 1.31 -10.43
C ASP A 136 -9.46 2.47 -11.08
N HIS A 137 -8.28 2.83 -10.56
CA HIS A 137 -7.54 4.04 -10.93
C HIS A 137 -6.17 3.76 -11.55
N LEU A 138 -5.37 2.86 -10.96
CA LEU A 138 -4.02 2.59 -11.44
C LEU A 138 -3.99 1.62 -12.62
N GLU A 139 -4.87 0.62 -12.67
CA GLU A 139 -4.84 -0.45 -13.67
C GLU A 139 -4.71 0.01 -15.14
N PRO A 140 -5.51 0.96 -15.67
CA PRO A 140 -5.29 1.45 -17.04
C PRO A 140 -3.94 2.13 -17.22
N TRP A 141 -3.49 2.95 -16.25
CA TRP A 141 -2.18 3.60 -16.31
C TRP A 141 -1.06 2.56 -16.30
N ILE A 142 -1.16 1.55 -15.43
CA ILE A 142 -0.23 0.42 -15.32
C ILE A 142 -0.13 -0.32 -16.67
N GLN A 143 -1.25 -0.73 -17.27
CA GLN A 143 -1.28 -1.40 -18.57
C GLN A 143 -0.75 -0.52 -19.72
N GLU A 144 -1.06 0.77 -19.71
CA GLU A 144 -0.60 1.74 -20.72
C GLU A 144 0.89 2.09 -20.60
N ASN A 145 1.48 1.83 -19.42
CA ASN A 145 2.92 1.88 -19.14
C ASN A 145 3.61 0.49 -19.21
N GLY A 146 2.99 -0.48 -19.89
CA GLY A 146 3.59 -1.79 -20.19
C GLY A 146 3.47 -2.84 -19.07
N GLY A 147 2.63 -2.60 -18.07
CA GLY A 147 2.35 -3.50 -16.95
C GLY A 147 3.45 -3.56 -15.90
N TRP A 148 3.21 -4.34 -14.84
CA TRP A 148 4.18 -4.59 -13.77
C TRP A 148 5.49 -5.23 -14.28
N ASP A 149 5.45 -5.94 -15.41
CA ASP A 149 6.63 -6.47 -16.11
C ASP A 149 7.59 -5.34 -16.52
N THR A 150 7.07 -4.21 -17.01
CA THR A 150 7.89 -3.02 -17.32
C THR A 150 8.41 -2.36 -16.04
N PHE A 151 7.64 -2.33 -14.96
CA PHE A 151 8.12 -1.84 -13.66
C PHE A 151 9.37 -2.62 -13.18
N VAL A 152 9.35 -3.95 -13.17
CA VAL A 152 10.54 -4.74 -12.77
C VAL A 152 11.68 -4.63 -13.79
N GLU A 153 11.41 -4.52 -15.10
CA GLU A 153 12.47 -4.27 -16.10
C GLU A 153 13.18 -2.90 -15.91
N LEU A 154 12.47 -1.87 -15.43
CA LEU A 154 13.05 -0.57 -15.08
C LEU A 154 13.73 -0.53 -13.70
N TYR A 155 13.08 -1.07 -12.65
CA TYR A 155 13.55 -1.00 -11.26
C TYR A 155 14.58 -2.09 -10.88
N GLY A 156 14.65 -3.19 -11.64
CA GLY A 156 15.69 -4.24 -11.54
C GLY A 156 16.92 -3.89 -12.37
CA GLY B 1 -1.42 4.94 17.77
C GLY B 1 -2.84 5.34 18.15
N SER B 2 -3.21 6.62 17.97
CA SER B 2 -4.56 7.16 18.21
C SER B 2 -4.91 8.27 17.21
N HIS B 3 -5.10 9.53 17.66
CA HIS B 3 -5.34 10.72 16.84
C HIS B 3 -6.48 10.59 15.80
N MET B 4 -7.62 10.04 16.24
CA MET B 4 -8.86 9.90 15.45
C MET B 4 -9.61 11.24 15.27
N SER B 5 -8.94 12.22 14.63
CA SER B 5 -9.37 13.63 14.52
C SER B 5 -8.96 14.24 13.17
N ALA B 6 -9.12 15.56 13.01
CA ALA B 6 -8.77 16.30 11.79
C ALA B 6 -7.26 16.28 11.45
N MET B 7 -6.93 16.53 10.17
CA MET B 7 -5.57 16.50 9.63
C MET B 7 -4.62 17.49 10.34
N SER B 8 -3.49 17.00 10.87
CA SER B 8 -2.38 17.83 11.38
C SER B 8 -1.54 18.39 10.23
N THR B 9 -2.08 19.39 9.53
CA THR B 9 -1.51 19.94 8.28
C THR B 9 -0.06 20.42 8.42
N THR B 10 0.32 21.02 9.55
CA THR B 10 1.68 21.53 9.80
C THR B 10 2.73 20.40 9.79
N ASP B 11 2.37 19.21 10.29
CA ASP B 11 3.24 18.04 10.31
C ASP B 11 3.24 17.28 8.98
N LEU B 12 2.06 17.11 8.37
CA LEU B 12 1.90 16.34 7.12
C LEU B 12 2.47 17.07 5.90
N GLU B 13 2.40 18.40 5.86
CA GLU B 13 3.07 19.23 4.86
C GLU B 13 4.60 19.13 4.94
N ALA B 14 5.13 18.50 6.01
CA ALA B 14 6.52 18.07 6.07
C ALA B 14 6.58 16.60 5.61
N TYR B 15 6.13 15.63 6.41
CA TYR B 15 6.31 14.18 6.17
C TYR B 15 5.95 13.66 4.77
N PHE B 16 4.83 14.10 4.16
CA PHE B 16 4.54 13.75 2.77
C PHE B 16 5.57 14.37 1.82
N LYS B 17 5.74 15.69 1.91
CA LYS B 17 6.54 16.55 1.01
C LYS B 17 8.02 16.20 1.08
N ASP B 18 8.54 16.03 2.29
CA ASP B 18 9.87 15.56 2.65
C ASP B 18 10.21 14.19 2.02
N CYS B 19 9.22 13.30 1.89
CA CYS B 19 9.34 12.02 1.20
C CYS B 19 9.28 12.15 -0.33
N VAL B 20 8.29 12.86 -0.87
CA VAL B 20 7.97 12.85 -2.31
C VAL B 20 8.61 13.95 -3.18
N PHE B 21 9.38 14.89 -2.61
CA PHE B 21 10.17 15.86 -3.37
C PHE B 21 11.35 15.21 -4.12
N LYS B 22 11.04 14.56 -5.24
CA LYS B 22 11.95 13.93 -6.23
C LYS B 22 12.97 12.98 -5.57
N ASP B 23 12.46 11.90 -5.00
CA ASP B 23 13.27 10.80 -4.43
C ASP B 23 13.22 9.48 -5.24
N TRP B 24 12.46 9.48 -6.34
CA TRP B 24 12.43 8.44 -7.37
C TRP B 24 13.00 8.96 -8.70
N GLY B 25 13.57 8.07 -9.53
CA GLY B 25 14.25 8.39 -10.79
C GLY B 25 13.33 8.99 -11.87
N MET A 1 -2.72 -10.44 -15.73
CA MET A 1 -3.56 -9.20 -15.74
C MET A 1 -4.82 -9.40 -14.90
N SER A 2 -5.53 -8.32 -14.56
CA SER A 2 -6.80 -8.28 -13.82
C SER A 2 -6.73 -8.86 -12.39
N GLN A 3 -6.78 -10.20 -12.23
CA GLN A 3 -6.68 -10.88 -10.92
C GLN A 3 -5.32 -10.65 -10.24
N SER A 4 -4.26 -10.45 -11.04
CA SER A 4 -2.88 -10.19 -10.59
C SER A 4 -2.77 -9.05 -9.58
N ASN A 5 -3.63 -8.03 -9.69
CA ASN A 5 -3.63 -6.87 -8.81
C ASN A 5 -3.82 -7.24 -7.33
N ARG A 6 -4.65 -8.25 -7.01
CA ARG A 6 -4.81 -8.73 -5.61
C ARG A 6 -3.71 -9.72 -5.20
N GLU A 7 -3.15 -10.49 -6.14
CA GLU A 7 -2.01 -11.41 -5.87
C GLU A 7 -0.84 -10.67 -5.23
N LEU A 8 -0.38 -9.58 -5.87
CA LEU A 8 0.74 -8.77 -5.38
C LEU A 8 0.39 -7.94 -4.13
N VAL A 9 -0.87 -7.51 -3.95
CA VAL A 9 -1.34 -6.86 -2.71
C VAL A 9 -1.23 -7.80 -1.51
N VAL A 10 -1.75 -9.02 -1.61
CA VAL A 10 -1.66 -10.03 -0.53
C VAL A 10 -0.20 -10.36 -0.21
N ASP A 11 0.68 -10.40 -1.21
CA ASP A 11 2.11 -10.66 -1.00
C ASP A 11 2.81 -9.58 -0.15
N PHE A 12 2.68 -8.30 -0.49
CA PHE A 12 3.35 -7.25 0.29
C PHE A 12 2.72 -7.01 1.67
N LEU A 13 1.40 -7.20 1.83
CA LEU A 13 0.75 -7.20 3.15
C LEU A 13 1.30 -8.32 4.03
N SER A 14 1.22 -9.56 3.54
CA SER A 14 1.57 -10.73 4.33
C SER A 14 3.06 -10.74 4.69
N TYR A 15 3.93 -10.21 3.81
CA TYR A 15 5.34 -9.95 4.11
C TYR A 15 5.53 -8.97 5.27
N LYS A 16 4.91 -7.79 5.22
CA LYS A 16 5.05 -6.75 6.27
C LYS A 16 4.56 -7.24 7.63
N LEU A 17 3.47 -8.01 7.65
CA LEU A 17 2.94 -8.67 8.84
C LEU A 17 3.86 -9.80 9.33
N SER A 18 4.49 -10.56 8.43
CA SER A 18 5.52 -11.55 8.78
C SER A 18 6.79 -10.90 9.41
N GLN A 19 7.18 -9.70 8.96
CA GLN A 19 8.29 -8.93 9.53
C GLN A 19 7.99 -8.42 10.94
N LYS A 20 6.71 -8.14 11.26
CA LYS A 20 6.22 -7.87 12.63
C LYS A 20 6.20 -9.12 13.52
N GLY A 21 6.40 -10.31 12.94
CA GLY A 21 6.34 -11.61 13.62
C GLY A 21 4.97 -12.29 13.58
N TYR A 22 4.03 -11.81 12.75
CA TYR A 22 2.69 -12.39 12.60
C TYR A 22 2.63 -13.48 11.51
N SER A 23 1.48 -14.13 11.35
CA SER A 23 1.19 -15.10 10.28
C SER A 23 -0.12 -14.78 9.57
N TRP A 24 -0.08 -14.49 8.27
CA TRP A 24 -1.28 -14.15 7.47
C TRP A 24 -2.32 -15.27 7.46
N SER A 25 -1.88 -16.54 7.49
CA SER A 25 -2.74 -17.72 7.58
C SER A 25 -3.65 -17.75 8.82
N GLN A 26 -3.27 -17.08 9.91
CA GLN A 26 -4.08 -16.93 11.12
C GLN A 26 -5.16 -15.84 10.99
N PHE A 27 -4.92 -14.81 10.16
CA PHE A 27 -5.88 -13.72 9.91
C PHE A 27 -6.78 -13.97 8.70
N SER A 28 -6.34 -14.78 7.74
CA SER A 28 -6.98 -15.02 6.43
C SER A 28 -8.14 -16.01 6.51
N ASP A 29 -9.18 -15.67 7.30
CA ASP A 29 -10.39 -16.47 7.52
C ASP A 29 -11.45 -16.33 6.40
N VAL A 30 -11.10 -15.63 5.30
CA VAL A 30 -12.02 -15.32 4.18
C VAL A 30 -12.29 -16.58 3.33
N GLU A 31 -13.57 -16.90 3.14
CA GLU A 31 -14.06 -18.02 2.30
C GLU A 31 -15.13 -17.62 1.28
N GLU A 32 -15.61 -16.37 1.34
CA GLU A 32 -16.66 -15.82 0.45
C GLU A 32 -16.15 -15.56 -0.99
N ASN A 33 -14.86 -15.27 -1.14
CA ASN A 33 -14.15 -15.08 -2.41
C ASN A 33 -12.73 -15.66 -2.32
N ARG A 34 -12.15 -16.06 -3.46
CA ARG A 34 -10.77 -16.56 -3.54
C ARG A 34 -9.77 -15.44 -3.22
N THR A 35 -8.83 -15.70 -2.30
CA THR A 35 -7.93 -14.67 -1.72
C THR A 35 -6.97 -14.04 -2.73
N GLU A 36 -6.48 -14.83 -3.69
CA GLU A 36 -5.41 -14.52 -4.65
C GLU A 36 -4.00 -14.43 -4.02
N ALA A 37 -3.00 -14.97 -4.72
CA ALA A 37 -1.59 -15.05 -4.32
C ALA A 37 -0.68 -15.14 -5.56
N PRO A 38 0.60 -14.72 -5.50
CA PRO A 38 1.51 -14.76 -6.64
C PRO A 38 1.88 -16.22 -6.96
N GLU A 39 1.20 -16.78 -7.96
CA GLU A 39 1.27 -18.20 -8.36
C GLU A 39 2.65 -18.68 -8.86
N GLY A 40 3.55 -17.74 -9.16
CA GLY A 40 4.93 -18.04 -9.57
C GLY A 40 5.22 -17.96 -11.07
N THR A 41 4.26 -17.48 -11.87
CA THR A 41 4.40 -17.26 -13.32
C THR A 41 4.75 -15.81 -13.64
N GLU A 42 3.77 -14.98 -14.02
CA GLU A 42 3.96 -13.60 -14.51
C GLU A 42 4.00 -12.55 -13.39
N SER A 43 3.24 -12.76 -12.31
CA SER A 43 3.23 -11.89 -11.12
C SER A 43 4.48 -12.07 -10.23
N GLU A 44 5.27 -13.13 -10.45
CA GLU A 44 6.47 -13.45 -9.69
C GLU A 44 7.57 -12.38 -9.81
N ALA A 45 7.77 -11.85 -11.03
CA ALA A 45 8.70 -10.75 -11.28
C ALA A 45 8.17 -9.43 -10.70
N VAL A 46 6.85 -9.20 -10.77
CA VAL A 46 6.22 -7.99 -10.24
C VAL A 46 6.36 -7.91 -8.72
N LYS A 47 6.05 -9.00 -7.98
CA LYS A 47 6.23 -9.02 -6.52
C LYS A 47 7.68 -8.73 -6.14
N GLN A 48 8.66 -9.29 -6.85
CA GLN A 48 10.09 -9.09 -6.55
C GLN A 48 10.51 -7.63 -6.71
N ALA A 49 10.11 -6.98 -7.81
CA ALA A 49 10.43 -5.59 -8.08
C ALA A 49 9.70 -4.63 -7.12
N LEU A 50 8.40 -4.86 -6.88
CA LEU A 50 7.56 -4.01 -6.05
C LEU A 50 7.98 -4.05 -4.57
N ARG A 51 8.31 -5.26 -4.06
CA ARG A 51 8.83 -5.47 -2.70
C ARG A 51 10.09 -4.66 -2.42
N GLU A 52 11.08 -4.72 -3.32
CA GLU A 52 12.33 -3.94 -3.22
C GLU A 52 12.08 -2.43 -3.33
N ALA A 53 11.18 -1.99 -4.23
CA ALA A 53 10.86 -0.58 -4.41
C ALA A 53 10.27 0.07 -3.14
N GLY A 54 9.31 -0.60 -2.48
CA GLY A 54 8.71 -0.11 -1.23
C GLY A 54 9.71 -0.11 -0.07
N ASP A 55 10.49 -1.19 0.09
CA ASP A 55 11.48 -1.29 1.17
C ASP A 55 12.59 -0.24 1.07
N GLU A 56 13.02 0.14 -0.14
CA GLU A 56 14.02 1.20 -0.33
C GLU A 56 13.55 2.55 0.25
N PHE A 57 12.28 2.93 0.06
CA PHE A 57 11.77 4.22 0.56
C PHE A 57 11.21 4.15 1.99
N GLU A 58 10.67 3.01 2.42
CA GLU A 58 10.32 2.80 3.83
C GLU A 58 11.55 2.68 4.74
N LEU A 59 12.72 2.27 4.21
CA LEU A 59 14.00 2.35 4.91
C LEU A 59 14.40 3.81 5.20
N ARG A 60 14.33 4.65 4.17
CA ARG A 60 14.83 6.04 4.17
C ARG A 60 13.89 7.04 4.85
N TYR A 61 12.58 6.81 4.76
CA TYR A 61 11.52 7.70 5.27
C TYR A 61 10.62 6.99 6.29
N ARG A 62 11.17 6.07 7.10
CA ARG A 62 10.41 5.17 8.01
C ARG A 62 9.45 5.92 8.93
N ARG A 63 9.93 7.01 9.54
CA ARG A 63 9.13 7.95 10.38
C ARG A 63 7.95 8.56 9.62
N ALA A 64 8.14 8.98 8.37
CA ALA A 64 7.08 9.55 7.54
C ALA A 64 5.97 8.52 7.27
N PHE A 65 6.30 7.33 6.74
CA PHE A 65 5.30 6.27 6.52
C PHE A 65 4.63 5.82 7.84
N SER A 66 5.39 5.71 8.93
CA SER A 66 4.88 5.30 10.25
C SER A 66 3.90 6.31 10.87
N ASP A 67 4.08 7.61 10.64
CA ASP A 67 3.23 8.68 11.19
C ASP A 67 2.10 9.15 10.25
N LEU A 68 2.19 8.82 8.95
CA LEU A 68 1.10 9.03 7.97
C LEU A 68 -0.11 8.13 8.25
N THR A 69 0.08 6.89 8.73
CA THR A 69 -1.02 5.98 9.05
C THR A 69 -1.89 6.48 10.20
N SER A 70 -1.31 7.22 11.16
CA SER A 70 -2.01 7.87 12.27
C SER A 70 -3.01 8.97 11.84
N GLN A 71 -2.88 9.49 10.62
CA GLN A 71 -3.76 10.53 10.07
C GLN A 71 -5.08 9.97 9.49
N LEU A 72 -5.17 8.64 9.31
CA LEU A 72 -6.24 7.94 8.58
C LEU A 72 -7.31 7.38 9.53
N HIS A 73 -8.59 7.54 9.19
CA HIS A 73 -9.73 6.91 9.89
C HIS A 73 -9.89 5.44 9.45
N ILE A 74 -8.93 4.58 9.81
CA ILE A 74 -8.78 3.20 9.32
C ILE A 74 -9.75 2.18 9.96
N THR A 75 -11.05 2.42 9.80
CA THR A 75 -12.15 1.65 10.40
C THR A 75 -13.41 1.71 9.50
N PRO A 76 -14.31 0.68 9.51
CA PRO A 76 -15.39 0.58 8.51
C PRO A 76 -16.33 1.79 8.40
N GLY A 77 -16.82 2.03 7.19
CA GLY A 77 -17.70 3.15 6.82
C GLY A 77 -16.96 4.47 6.54
N THR A 78 -15.98 4.83 7.38
CA THR A 78 -15.17 6.05 7.21
C THR A 78 -13.87 5.80 6.42
N ALA A 79 -13.23 4.63 6.55
CA ALA A 79 -11.97 4.33 5.86
C ALA A 79 -12.07 4.36 4.33
N TYR A 80 -13.17 3.85 3.77
CA TYR A 80 -13.44 3.86 2.32
C TYR A 80 -13.42 5.29 1.74
N GLN A 81 -13.80 6.29 2.55
CA GLN A 81 -13.77 7.72 2.23
C GLN A 81 -12.39 8.34 2.55
N SER A 82 -11.90 8.10 3.77
CA SER A 82 -10.67 8.69 4.34
C SER A 82 -9.39 8.24 3.61
N PHE A 83 -9.33 6.98 3.17
CA PHE A 83 -8.23 6.48 2.34
C PHE A 83 -8.28 7.07 0.93
N GLU A 84 -9.43 7.06 0.28
CA GLU A 84 -9.55 7.52 -1.12
C GLU A 84 -9.19 8.99 -1.27
N GLN A 85 -9.59 9.86 -0.33
CA GLN A 85 -9.29 11.30 -0.37
C GLN A 85 -7.80 11.61 -0.11
N VAL A 86 -7.14 10.86 0.79
CA VAL A 86 -5.68 11.03 1.07
C VAL A 86 -4.84 10.49 -0.08
N VAL A 87 -5.27 9.40 -0.72
CA VAL A 87 -4.60 8.83 -1.89
C VAL A 87 -4.78 9.70 -3.14
N ASN A 88 -5.97 10.27 -3.38
CA ASN A 88 -6.18 11.28 -4.42
C ASN A 88 -5.43 12.60 -4.17
N GLU A 89 -4.90 12.84 -2.96
CA GLU A 89 -3.97 13.93 -2.67
C GLU A 89 -2.52 13.53 -3.01
N LEU A 90 -2.04 12.35 -2.60
CA LEU A 90 -0.65 11.93 -2.88
C LEU A 90 -0.39 11.65 -4.36
N PHE A 91 -1.40 11.30 -5.16
CA PHE A 91 -1.32 11.20 -6.63
C PHE A 91 -1.53 12.54 -7.38
N ARG A 92 -1.75 13.67 -6.70
CA ARG A 92 -2.17 14.94 -7.35
C ARG A 92 -1.14 15.53 -8.33
N ASP A 93 0.14 15.25 -8.12
CA ASP A 93 1.23 15.62 -9.04
C ASP A 93 1.30 14.75 -10.31
N GLY A 94 0.72 13.54 -10.29
CA GLY A 94 0.78 12.54 -11.35
C GLY A 94 0.56 11.12 -10.84
N VAL A 95 0.01 10.25 -11.69
CA VAL A 95 -0.37 8.84 -11.38
C VAL A 95 0.81 7.86 -11.55
N ASN A 96 2.03 8.40 -11.59
CA ASN A 96 3.25 7.69 -11.98
C ASN A 96 3.66 6.56 -11.00
N TRP A 97 4.47 5.62 -11.49
CA TRP A 97 4.91 4.42 -10.76
C TRP A 97 5.53 4.73 -9.39
N GLY A 98 6.30 5.81 -9.24
CA GLY A 98 6.85 6.22 -7.93
C GLY A 98 5.77 6.58 -6.91
N ARG A 99 4.69 7.24 -7.34
CA ARG A 99 3.55 7.55 -6.47
C ARG A 99 2.75 6.28 -6.14
N ILE A 100 2.70 5.29 -7.05
CA ILE A 100 2.16 3.94 -6.80
C ILE A 100 3.01 3.19 -5.75
N VAL A 101 4.35 3.29 -5.82
CA VAL A 101 5.28 2.72 -4.83
C VAL A 101 5.02 3.25 -3.42
N ALA A 102 4.76 4.55 -3.26
CA ALA A 102 4.36 5.14 -1.98
C ALA A 102 2.93 4.75 -1.55
N PHE A 103 1.97 4.68 -2.49
CA PHE A 103 0.57 4.32 -2.21
C PHE A 103 0.44 2.92 -1.59
N PHE A 104 1.11 1.92 -2.17
CA PHE A 104 1.03 0.54 -1.70
C PHE A 104 1.72 0.38 -0.34
N SER A 105 2.83 1.07 -0.14
CA SER A 105 3.60 1.06 1.11
C SER A 105 2.77 1.63 2.27
N PHE A 106 2.14 2.78 2.04
CA PHE A 106 1.15 3.38 2.94
C PHE A 106 -0.06 2.44 3.20
N GLY A 107 -0.61 1.82 2.15
CA GLY A 107 -1.71 0.85 2.26
C GLY A 107 -1.38 -0.38 3.12
N GLY A 108 -0.19 -0.96 2.96
CA GLY A 108 0.29 -2.08 3.78
C GLY A 108 0.50 -1.69 5.24
N ALA A 109 1.11 -0.52 5.49
CA ALA A 109 1.34 0.01 6.84
C ALA A 109 0.04 0.27 7.61
N LEU A 110 -1.05 0.69 6.94
CA LEU A 110 -2.38 0.83 7.55
C LEU A 110 -2.93 -0.50 8.10
N CYS A 111 -2.73 -1.61 7.39
CA CYS A 111 -3.16 -2.93 7.89
C CYS A 111 -2.32 -3.36 9.11
N VAL A 112 -1.00 -3.11 9.07
CA VAL A 112 -0.08 -3.39 10.18
C VAL A 112 -0.47 -2.62 11.44
N GLU A 113 -0.75 -1.32 11.34
CA GLU A 113 -1.08 -0.52 12.53
C GLU A 113 -2.42 -0.96 13.17
N SER A 114 -3.36 -1.46 12.35
CA SER A 114 -4.60 -2.08 12.83
C SER A 114 -4.33 -3.38 13.60
N VAL A 115 -3.55 -4.32 13.03
CA VAL A 115 -3.16 -5.58 13.68
C VAL A 115 -2.35 -5.34 14.97
N ASP A 116 -1.50 -4.31 14.99
CA ASP A 116 -0.73 -3.90 16.18
C ASP A 116 -1.64 -3.48 17.35
N LYS A 117 -2.81 -2.89 17.05
CA LYS A 117 -3.92 -2.61 17.98
C LYS A 117 -4.86 -3.80 18.21
N GLU A 118 -4.45 -5.01 17.81
CA GLU A 118 -5.21 -6.27 17.84
C GLU A 118 -6.47 -6.28 16.94
N MET A 119 -6.58 -5.34 16.00
CA MET A 119 -7.73 -5.19 15.09
C MET A 119 -7.53 -6.02 13.81
N GLN A 120 -7.20 -7.30 14.00
CA GLN A 120 -6.89 -8.28 12.96
C GLN A 120 -8.06 -8.54 12.00
N VAL A 121 -9.29 -8.37 12.50
CA VAL A 121 -10.55 -8.42 11.74
C VAL A 121 -10.58 -7.46 10.54
N LEU A 122 -9.85 -6.33 10.61
CA LEU A 122 -9.77 -5.38 9.50
C LEU A 122 -8.66 -5.68 8.50
N VAL A 123 -7.72 -6.57 8.79
CA VAL A 123 -6.53 -6.71 7.93
C VAL A 123 -6.90 -7.09 6.49
N SER A 124 -7.94 -7.92 6.33
CA SER A 124 -8.57 -8.27 5.06
C SER A 124 -9.51 -7.17 4.51
N ARG A 125 -10.15 -6.36 5.35
CA ARG A 125 -11.02 -5.25 4.91
C ARG A 125 -10.19 -4.11 4.34
N ILE A 126 -9.10 -3.73 5.01
CA ILE A 126 -8.12 -2.74 4.54
C ILE A 126 -7.43 -3.21 3.25
N ALA A 127 -7.09 -4.50 3.15
CA ALA A 127 -6.61 -5.11 1.90
C ALA A 127 -7.62 -4.93 0.76
N ALA A 128 -8.89 -5.21 1.00
CA ALA A 128 -9.97 -4.99 0.03
C ALA A 128 -10.16 -3.50 -0.32
N TRP A 129 -10.16 -2.60 0.66
CA TRP A 129 -10.33 -1.14 0.45
C TRP A 129 -9.25 -0.58 -0.50
N MET A 130 -7.97 -0.90 -0.29
CA MET A 130 -6.90 -0.40 -1.14
C MET A 130 -6.80 -1.14 -2.49
N ALA A 131 -7.17 -2.43 -2.56
CA ALA A 131 -7.30 -3.16 -3.83
C ALA A 131 -8.47 -2.63 -4.68
N THR A 132 -9.58 -2.22 -4.06
CA THR A 132 -10.70 -1.53 -4.75
C THR A 132 -10.25 -0.19 -5.33
N TYR A 133 -9.47 0.61 -4.59
CA TYR A 133 -8.86 1.83 -5.16
C TYR A 133 -7.97 1.52 -6.37
N LEU A 134 -7.09 0.51 -6.25
CA LEU A 134 -6.21 0.07 -7.34
C LEU A 134 -7.02 -0.31 -8.58
N ASN A 135 -8.03 -1.18 -8.44
CA ASN A 135 -8.86 -1.65 -9.55
C ASN A 135 -9.75 -0.55 -10.16
N ASP A 136 -10.21 0.43 -9.37
CA ASP A 136 -11.07 1.53 -9.85
C ASP A 136 -10.30 2.68 -10.52
N HIS A 137 -9.10 3.01 -10.04
CA HIS A 137 -8.36 4.23 -10.44
C HIS A 137 -7.01 3.95 -11.11
N LEU A 138 -6.21 3.01 -10.58
CA LEU A 138 -4.90 2.71 -11.14
C LEU A 138 -4.95 1.74 -12.33
N GLU A 139 -5.82 0.73 -12.31
CA GLU A 139 -5.89 -0.31 -13.35
C GLU A 139 -5.89 0.20 -14.81
N PRO A 140 -6.73 1.17 -15.22
CA PRO A 140 -6.69 1.70 -16.59
C PRO A 140 -5.38 2.44 -16.89
N TRP A 141 -4.83 3.20 -15.95
CA TRP A 141 -3.52 3.88 -16.10
C TRP A 141 -2.38 2.86 -16.21
N ILE A 142 -2.38 1.83 -15.35
CA ILE A 142 -1.42 0.72 -15.32
C ILE A 142 -1.36 0.04 -16.69
N GLN A 143 -2.51 -0.38 -17.23
CA GLN A 143 -2.57 -1.09 -18.50
C GLN A 143 -2.23 -0.19 -19.71
N GLU A 144 -2.57 1.10 -19.66
CA GLU A 144 -2.20 2.08 -20.68
C GLU A 144 -0.67 2.33 -20.70
N ASN A 145 -0.04 2.26 -19.52
CA ASN A 145 1.41 2.31 -19.32
C ASN A 145 2.11 0.93 -19.45
N GLY A 146 1.48 -0.03 -20.14
CA GLY A 146 2.08 -1.32 -20.49
C GLY A 146 2.00 -2.41 -19.42
N GLY A 147 1.18 -2.21 -18.38
CA GLY A 147 0.94 -3.16 -17.29
C GLY A 147 2.08 -3.23 -16.27
N TRP A 148 1.88 -4.05 -15.23
CA TRP A 148 2.92 -4.33 -14.22
C TRP A 148 4.20 -4.97 -14.82
N ASP A 149 4.09 -5.63 -15.97
CA ASP A 149 5.24 -6.11 -16.74
C ASP A 149 6.20 -4.97 -17.14
N THR A 150 5.66 -3.81 -17.53
CA THR A 150 6.47 -2.61 -17.80
C THR A 150 7.04 -2.00 -16.52
N PHE A 151 6.31 -2.06 -15.39
CA PHE A 151 6.86 -1.66 -14.09
C PHE A 151 8.11 -2.46 -13.72
N VAL A 152 8.11 -3.80 -13.83
CA VAL A 152 9.32 -4.60 -13.55
C VAL A 152 10.42 -4.42 -14.60
N GLU A 153 10.09 -4.13 -15.87
CA GLU A 153 11.12 -3.74 -16.87
C GLU A 153 11.84 -2.43 -16.50
N LEU A 154 11.16 -1.49 -15.83
CA LEU A 154 11.75 -0.24 -15.32
C LEU A 154 12.48 -0.40 -13.97
N TYR A 155 11.86 -1.08 -12.98
CA TYR A 155 12.36 -1.18 -11.60
C TYR A 155 13.29 -2.37 -11.32
N GLY A 156 13.31 -3.40 -12.19
CA GLY A 156 14.15 -4.61 -12.05
C GLY A 156 15.64 -4.36 -12.24
CA GLY B 1 1.24 19.65 16.08
C GLY B 1 0.06 20.51 16.48
N SER B 2 -0.56 20.22 17.64
CA SER B 2 -1.86 20.76 18.11
C SER B 2 -3.05 20.39 17.20
N HIS B 3 -4.28 20.71 17.64
CA HIS B 3 -5.52 20.32 16.97
C HIS B 3 -5.70 20.98 15.59
N MET B 4 -6.21 20.21 14.62
CA MET B 4 -6.63 20.66 13.28
C MET B 4 -7.96 19.99 12.90
N SER B 5 -8.97 20.79 12.52
CA SER B 5 -10.26 20.31 11.99
C SER B 5 -10.20 19.95 10.50
N ALA B 6 -9.47 20.77 9.71
CA ALA B 6 -9.13 20.54 8.31
C ALA B 6 -7.96 19.54 8.15
N MET B 7 -7.36 19.48 6.95
CA MET B 7 -6.12 18.72 6.68
C MET B 7 -5.03 19.08 7.71
N SER B 8 -4.45 18.06 8.36
CA SER B 8 -3.51 18.20 9.48
C SER B 8 -2.11 18.63 9.03
N THR B 9 -1.98 19.83 8.45
CA THR B 9 -0.78 20.31 7.74
C THR B 9 0.50 20.19 8.57
N THR B 10 0.46 20.54 9.86
CA THR B 10 1.65 20.49 10.75
C THR B 10 2.23 19.09 10.91
N ASP B 11 1.42 18.04 10.73
CA ASP B 11 1.86 16.64 10.63
C ASP B 11 2.19 16.28 9.17
N LEU B 12 1.19 16.33 8.29
CA LEU B 12 1.25 15.81 6.91
C LEU B 12 2.34 16.42 6.05
N GLU B 13 2.57 17.73 6.13
CA GLU B 13 3.58 18.40 5.33
C GLU B 13 4.96 17.83 5.64
N ALA B 14 5.34 17.77 6.93
CA ALA B 14 6.64 17.25 7.35
C ALA B 14 6.80 15.72 7.25
N TYR B 15 5.86 15.03 6.60
CA TYR B 15 5.96 13.62 6.22
C TYR B 15 6.04 13.49 4.69
N PHE B 16 5.10 14.12 3.96
CA PHE B 16 5.08 14.12 2.49
C PHE B 16 6.26 14.88 1.88
N LYS B 17 6.65 16.04 2.44
CA LYS B 17 7.84 16.81 2.01
C LYS B 17 9.14 16.17 2.50
N ASP B 18 9.10 15.39 3.57
CA ASP B 18 10.26 14.67 4.12
C ASP B 18 10.66 13.45 3.25
N CYS B 19 9.74 12.93 2.42
CA CYS B 19 10.01 11.91 1.41
C CYS B 19 10.65 12.46 0.10
N VAL B 20 10.85 13.77 -0.04
CA VAL B 20 11.23 14.43 -1.31
C VAL B 20 12.60 14.03 -1.87
N PHE B 21 13.50 13.47 -1.05
CA PHE B 21 14.90 13.23 -1.40
C PHE B 21 15.14 12.24 -2.55
N LYS B 22 14.10 11.48 -2.97
CA LYS B 22 14.10 10.69 -4.21
C LYS B 22 12.67 10.53 -4.77
N ASP B 23 12.58 10.40 -6.09
CA ASP B 23 11.36 10.32 -6.91
C ASP B 23 10.54 9.02 -6.75
N TRP B 24 10.72 8.29 -5.64
CA TRP B 24 10.25 6.93 -5.39
C TRP B 24 10.58 5.92 -6.52
N GLY B 25 11.72 6.13 -7.19
CA GLY B 25 12.25 5.31 -8.30
C GLY B 25 13.59 5.83 -8.82
N MET A 1 -11.17 -4.57 -13.63
CA MET A 1 -11.11 -5.00 -12.22
C MET A 1 -10.14 -6.17 -12.06
N SER A 2 -8.85 -5.89 -11.85
CA SER A 2 -7.80 -6.93 -11.69
C SER A 2 -7.95 -7.74 -10.39
N GLN A 3 -7.95 -9.07 -10.53
CA GLN A 3 -7.82 -10.00 -9.40
C GLN A 3 -6.36 -10.44 -9.17
N SER A 4 -5.50 -10.33 -10.19
CA SER A 4 -4.04 -10.50 -10.06
C SER A 4 -3.42 -9.45 -9.13
N ASN A 5 -3.99 -8.24 -9.08
CA ASN A 5 -3.66 -7.24 -8.07
C ASN A 5 -3.88 -7.79 -6.65
N ARG A 6 -4.95 -8.54 -6.41
CA ARG A 6 -5.27 -9.08 -5.07
C ARG A 6 -4.25 -10.11 -4.61
N GLU A 7 -3.74 -10.95 -5.51
CA GLU A 7 -2.67 -11.93 -5.23
C GLU A 7 -1.41 -11.26 -4.66
N LEU A 8 -0.97 -10.17 -5.29
CA LEU A 8 0.24 -9.43 -4.89
C LEU A 8 0.01 -8.45 -3.73
N VAL A 9 -1.20 -7.89 -3.59
CA VAL A 9 -1.61 -7.10 -2.41
C VAL A 9 -1.57 -7.98 -1.16
N VAL A 10 -2.17 -9.17 -1.21
CA VAL A 10 -2.12 -10.15 -0.12
C VAL A 10 -0.68 -10.56 0.21
N ASP A 11 0.20 -10.68 -0.78
CA ASP A 11 1.62 -10.98 -0.51
C ASP A 11 2.32 -9.88 0.29
N PHE A 12 2.32 -8.62 -0.18
CA PHE A 12 3.07 -7.56 0.51
C PHE A 12 2.48 -7.22 1.89
N LEU A 13 1.17 -7.36 2.09
CA LEU A 13 0.55 -7.31 3.42
C LEU A 13 1.05 -8.47 4.28
N SER A 14 0.87 -9.70 3.79
CA SER A 14 1.11 -10.90 4.60
C SER A 14 2.60 -11.02 4.99
N TYR A 15 3.51 -10.56 4.13
CA TYR A 15 4.94 -10.40 4.41
C TYR A 15 5.19 -9.47 5.60
N LYS A 16 4.67 -8.23 5.56
CA LYS A 16 4.82 -7.25 6.66
C LYS A 16 4.16 -7.72 7.95
N LEU A 17 2.99 -8.34 7.86
CA LEU A 17 2.29 -8.93 9.01
C LEU A 17 3.07 -10.12 9.61
N SER A 18 3.67 -10.98 8.79
CA SER A 18 4.56 -12.06 9.24
C SER A 18 5.83 -11.53 9.93
N GLN A 19 6.41 -10.43 9.43
CA GLN A 19 7.55 -9.75 10.06
C GLN A 19 7.19 -9.11 11.41
N LYS A 20 5.94 -8.65 11.59
CA LYS A 20 5.38 -8.23 12.89
C LYS A 20 5.05 -9.41 13.82
N GLY A 21 5.12 -10.65 13.32
CA GLY A 21 4.88 -11.90 14.07
C GLY A 21 3.48 -12.50 13.91
N TYR A 22 2.70 -12.08 12.92
CA TYR A 22 1.29 -12.47 12.72
C TYR A 22 1.08 -13.57 11.66
N SER A 23 -0.17 -14.03 11.50
CA SER A 23 -0.56 -15.11 10.59
C SER A 23 -1.82 -14.75 9.79
N TRP A 24 -1.70 -14.58 8.46
CA TRP A 24 -2.83 -14.26 7.58
C TRP A 24 -3.91 -15.36 7.56
N SER A 25 -3.52 -16.62 7.75
CA SER A 25 -4.43 -17.77 7.86
C SER A 25 -5.44 -17.65 9.02
N GLN A 26 -5.11 -16.90 10.07
CA GLN A 26 -6.00 -16.59 11.19
C GLN A 26 -6.91 -15.37 10.92
N PHE A 27 -6.45 -14.41 10.12
CA PHE A 27 -7.17 -13.18 9.80
C PHE A 27 -8.14 -13.33 8.63
N SER A 28 -7.85 -14.23 7.68
CA SER A 28 -8.68 -14.48 6.50
C SER A 28 -9.90 -15.36 6.80
N ASP A 29 -10.99 -15.14 6.05
CA ASP A 29 -12.28 -15.85 6.18
C ASP A 29 -12.75 -16.55 4.88
N VAL A 30 -11.91 -16.59 3.84
CA VAL A 30 -12.19 -17.28 2.56
C VAL A 30 -11.02 -18.19 2.15
N GLU A 31 -11.31 -19.49 2.02
CA GLU A 31 -10.40 -20.51 1.51
C GLU A 31 -11.19 -21.62 0.78
N GLU A 32 -10.60 -22.18 -0.28
CA GLU A 32 -11.16 -23.32 -1.05
C GLU A 32 -10.09 -24.03 -1.90
N ASN A 33 -9.19 -23.25 -2.50
CA ASN A 33 -8.11 -23.68 -3.39
C ASN A 33 -6.95 -22.66 -3.27
N ARG A 34 -6.15 -22.44 -4.33
CA ARG A 34 -5.14 -21.35 -4.46
C ARG A 34 -5.79 -19.96 -4.64
N THR A 35 -6.75 -19.63 -3.76
CA THR A 35 -7.62 -18.44 -3.80
C THR A 35 -6.99 -17.17 -3.17
N GLU A 36 -5.77 -17.28 -2.64
CA GLU A 36 -4.97 -16.20 -2.04
C GLU A 36 -3.49 -16.32 -2.47
N ALA A 37 -2.68 -15.27 -2.21
CA ALA A 37 -1.22 -15.24 -2.41
C ALA A 37 -0.78 -15.30 -3.90
N PRO A 38 0.52 -15.08 -4.22
CA PRO A 38 1.06 -14.96 -5.59
C PRO A 38 1.25 -16.35 -6.24
N GLU A 39 0.16 -17.11 -6.36
CA GLU A 39 0.12 -18.51 -6.81
C GLU A 39 0.24 -18.68 -8.34
N GLY A 40 1.18 -17.95 -8.95
CA GLY A 40 1.47 -18.00 -10.37
C GLY A 40 2.76 -17.28 -10.75
N THR A 41 3.53 -17.87 -11.68
CA THR A 41 4.85 -17.37 -12.11
C THR A 41 4.83 -15.94 -12.65
N GLU A 42 3.75 -15.56 -13.32
CA GLU A 42 3.53 -14.21 -13.84
C GLU A 42 3.41 -13.16 -12.73
N SER A 43 2.85 -13.51 -11.57
CA SER A 43 2.74 -12.63 -10.39
C SER A 43 3.98 -12.66 -9.50
N GLU A 44 4.71 -13.78 -9.45
CA GLU A 44 5.91 -13.97 -8.60
C GLU A 44 7.06 -13.00 -8.91
N ALA A 45 7.24 -12.63 -10.18
CA ALA A 45 8.19 -11.60 -10.57
C ALA A 45 7.73 -10.19 -10.16
N VAL A 46 6.44 -9.90 -10.32
CA VAL A 46 5.86 -8.60 -9.92
C VAL A 46 5.98 -8.40 -8.42
N LYS A 47 5.51 -9.36 -7.60
CA LYS A 47 5.55 -9.21 -6.15
C LYS A 47 6.98 -9.12 -5.63
N GLN A 48 7.95 -9.82 -6.25
CA GLN A 48 9.36 -9.71 -5.87
C GLN A 48 9.89 -8.29 -6.10
N ALA A 49 9.68 -7.72 -7.29
CA ALA A 49 10.15 -6.37 -7.62
C ALA A 49 9.45 -5.28 -6.79
N LEU A 50 8.15 -5.45 -6.56
CA LEU A 50 7.34 -4.52 -5.78
C LEU A 50 7.73 -4.53 -4.29
N ARG A 51 7.98 -5.72 -3.73
CA ARG A 51 8.44 -5.91 -2.33
C ARG A 51 9.86 -5.36 -2.11
N GLU A 52 10.77 -5.51 -3.08
CA GLU A 52 12.08 -4.83 -3.06
C GLU A 52 11.94 -3.30 -3.09
N ALA A 53 11.07 -2.77 -3.95
CA ALA A 53 10.83 -1.32 -4.07
C ALA A 53 10.23 -0.72 -2.78
N GLY A 54 9.30 -1.41 -2.12
CA GLY A 54 8.74 -1.02 -0.82
C GLY A 54 9.79 -1.04 0.30
N ASP A 55 10.58 -2.11 0.38
CA ASP A 55 11.64 -2.26 1.39
C ASP A 55 12.75 -1.20 1.24
N GLU A 56 13.13 -0.84 0.02
CA GLU A 56 14.09 0.24 -0.25
C GLU A 56 13.59 1.60 0.25
N PHE A 57 12.30 1.91 0.07
CA PHE A 57 11.74 3.19 0.50
C PHE A 57 11.46 3.28 2.01
N GLU A 58 10.86 2.23 2.60
CA GLU A 58 10.55 2.23 4.05
C GLU A 58 11.82 2.20 4.92
N LEU A 59 12.93 1.64 4.41
CA LEU A 59 14.26 1.73 5.03
C LEU A 59 14.75 3.18 5.20
N ARG A 60 14.44 4.05 4.22
CA ARG A 60 15.01 5.41 4.09
C ARG A 60 14.13 6.53 4.66
N TYR A 61 12.81 6.32 4.69
CA TYR A 61 11.82 7.29 5.22
C TYR A 61 10.92 6.67 6.29
N ARG A 62 11.51 5.84 7.16
CA ARG A 62 10.79 5.02 8.14
C ARG A 62 9.93 5.83 9.11
N ARG A 63 10.42 6.99 9.57
CA ARG A 63 9.65 7.93 10.40
C ARG A 63 8.41 8.45 9.69
N ALA A 64 8.53 8.88 8.43
CA ALA A 64 7.40 9.36 7.65
C ALA A 64 6.31 8.27 7.50
N PHE A 65 6.65 7.10 6.97
CA PHE A 65 5.66 6.02 6.75
C PHE A 65 5.13 5.41 8.07
N SER A 66 5.86 5.52 9.19
CA SER A 66 5.40 5.17 10.54
C SER A 66 4.44 6.21 11.14
N ASP A 67 4.69 7.51 10.93
CA ASP A 67 3.85 8.61 11.45
C ASP A 67 2.59 8.88 10.62
N LEU A 68 2.65 8.74 9.29
CA LEU A 68 1.51 8.94 8.38
C LEU A 68 0.28 8.09 8.74
N THR A 69 0.49 6.83 9.16
CA THR A 69 -0.60 5.90 9.50
C THR A 69 -1.31 6.25 10.81
N SER A 70 -0.70 7.04 11.70
CA SER A 70 -1.35 7.52 12.94
C SER A 70 -2.33 8.67 12.70
N GLN A 71 -2.16 9.42 11.60
CA GLN A 71 -2.92 10.63 11.28
C GLN A 71 -4.19 10.34 10.48
N LEU A 72 -4.15 9.38 9.55
CA LEU A 72 -5.28 8.97 8.70
C LEU A 72 -6.34 8.18 9.50
N HIS A 73 -7.62 8.31 9.16
CA HIS A 73 -8.67 7.43 9.68
C HIS A 73 -8.56 6.04 9.01
N ILE A 74 -8.73 4.96 9.79
CA ILE A 74 -8.57 3.58 9.29
C ILE A 74 -9.60 2.59 9.88
N THR A 75 -10.84 3.05 9.95
CA THR A 75 -12.03 2.36 10.47
C THR A 75 -13.25 2.66 9.57
N PRO A 76 -14.18 1.71 9.33
CA PRO A 76 -15.29 1.90 8.41
C PRO A 76 -16.24 3.05 8.80
N GLY A 77 -16.80 3.72 7.78
CA GLY A 77 -17.66 4.90 7.90
C GLY A 77 -16.95 6.24 7.64
N THR A 78 -15.62 6.30 7.74
CA THR A 78 -14.81 7.51 7.46
C THR A 78 -13.51 7.22 6.69
N ALA A 79 -12.88 6.07 6.89
CA ALA A 79 -11.54 5.78 6.36
C ALA A 79 -11.45 5.79 4.83
N TYR A 80 -12.43 5.23 4.12
CA TYR A 80 -12.44 5.23 2.65
C TYR A 80 -12.43 6.67 2.09
N GLN A 81 -13.17 7.58 2.73
CA GLN A 81 -13.23 9.00 2.38
C GLN A 81 -11.91 9.73 2.74
N SER A 82 -11.35 9.44 3.92
CA SER A 82 -10.07 9.98 4.41
C SER A 82 -8.89 9.55 3.52
N PHE A 83 -8.88 8.29 3.09
CA PHE A 83 -7.87 7.74 2.18
C PHE A 83 -7.99 8.30 0.77
N GLU A 84 -9.21 8.35 0.21
CA GLU A 84 -9.45 8.82 -1.18
C GLU A 84 -8.93 10.25 -1.39
N GLN A 85 -9.27 11.16 -0.46
CA GLN A 85 -8.91 12.58 -0.58
C GLN A 85 -7.40 12.84 -0.38
N VAL A 86 -6.73 12.08 0.49
CA VAL A 86 -5.29 12.22 0.79
C VAL A 86 -4.43 11.57 -0.30
N VAL A 87 -4.80 10.37 -0.76
CA VAL A 87 -4.11 9.67 -1.86
C VAL A 87 -4.24 10.43 -3.18
N ASN A 88 -5.33 11.18 -3.37
CA ASN A 88 -5.47 12.15 -4.47
C ASN A 88 -4.33 13.19 -4.48
N GLU A 89 -3.86 13.66 -3.31
CA GLU A 89 -2.85 14.73 -3.23
C GLU A 89 -1.43 14.25 -3.58
N LEU A 90 -1.07 12.99 -3.30
CA LEU A 90 0.23 12.43 -3.67
C LEU A 90 0.30 12.08 -5.17
N PHE A 91 -0.77 11.52 -5.75
CA PHE A 91 -0.85 11.27 -7.20
C PHE A 91 -1.06 12.54 -8.05
N ARG A 92 -1.37 13.71 -7.44
CA ARG A 92 -1.49 14.99 -8.16
C ARG A 92 -0.19 15.43 -8.85
N ASP A 93 0.95 15.00 -8.32
CA ASP A 93 2.28 15.19 -8.93
C ASP A 93 2.52 14.34 -10.18
N GLY A 94 1.80 13.22 -10.34
CA GLY A 94 1.94 12.25 -11.41
C GLY A 94 1.47 10.85 -10.99
N VAL A 95 0.97 10.08 -11.95
CA VAL A 95 0.41 8.72 -11.77
C VAL A 95 1.50 7.62 -11.82
N ASN A 96 2.78 8.04 -11.84
CA ASN A 96 3.94 7.19 -12.08
C ASN A 96 4.15 6.05 -11.06
N TRP A 97 4.96 5.07 -11.46
CA TRP A 97 5.33 3.92 -10.61
C TRP A 97 5.94 4.33 -9.26
N GLY A 98 6.65 5.46 -9.18
CA GLY A 98 7.16 6.02 -7.93
C GLY A 98 6.06 6.37 -6.91
N ARG A 99 5.03 7.11 -7.32
CA ARG A 99 3.86 7.36 -6.45
C ARG A 99 3.03 6.10 -6.18
N ILE A 100 3.01 5.11 -7.09
CA ILE A 100 2.41 3.79 -6.81
C ILE A 100 3.20 3.04 -5.71
N VAL A 101 4.54 3.11 -5.72
CA VAL A 101 5.40 2.57 -4.64
C VAL A 101 5.06 3.20 -3.28
N ALA A 102 4.87 4.52 -3.22
CA ALA A 102 4.42 5.21 -2.01
C ALA A 102 2.99 4.78 -1.58
N PHE A 103 2.05 4.72 -2.53
CA PHE A 103 0.65 4.34 -2.29
C PHE A 103 0.51 2.96 -1.66
N PHE A 104 1.15 1.93 -2.22
CA PHE A 104 1.01 0.57 -1.69
C PHE A 104 1.74 0.40 -0.34
N SER A 105 2.90 1.05 -0.19
CA SER A 105 3.68 0.98 1.05
C SER A 105 2.91 1.60 2.23
N PHE A 106 2.30 2.77 2.01
CA PHE A 106 1.38 3.41 2.96
C PHE A 106 0.13 2.55 3.19
N GLY A 107 -0.48 2.00 2.14
CA GLY A 107 -1.64 1.12 2.21
C GLY A 107 -1.41 -0.12 3.08
N GLY A 108 -0.31 -0.85 2.87
CA GLY A 108 0.05 -2.01 3.69
C GLY A 108 0.36 -1.66 5.15
N ALA A 109 1.03 -0.52 5.38
CA ALA A 109 1.30 -0.01 6.73
C ALA A 109 0.00 0.35 7.50
N LEU A 110 -1.04 0.84 6.80
CA LEU A 110 -2.36 1.09 7.40
C LEU A 110 -3.04 -0.20 7.88
N CYS A 111 -2.88 -1.34 7.18
CA CYS A 111 -3.40 -2.62 7.65
C CYS A 111 -2.67 -3.09 8.92
N VAL A 112 -1.33 -2.97 8.95
CA VAL A 112 -0.51 -3.27 10.14
C VAL A 112 -0.93 -2.41 11.34
N GLU A 113 -1.20 -1.12 11.12
CA GLU A 113 -1.67 -0.18 12.14
C GLU A 113 -2.99 -0.65 12.79
N SER A 114 -3.91 -1.24 12.01
CA SER A 114 -5.15 -1.81 12.55
C SER A 114 -4.90 -3.10 13.36
N VAL A 115 -4.04 -3.99 12.86
CA VAL A 115 -3.74 -5.29 13.50
C VAL A 115 -2.98 -5.11 14.82
N ASP A 116 -1.97 -4.23 14.84
CA ASP A 116 -1.15 -3.94 16.02
C ASP A 116 -1.97 -3.37 17.19
N LYS A 117 -3.04 -2.63 16.88
CA LYS A 117 -4.04 -2.08 17.81
C LYS A 117 -5.24 -3.02 18.05
N GLU A 118 -5.05 -4.33 17.84
CA GLU A 118 -6.04 -5.40 18.09
C GLU A 118 -7.36 -5.23 17.31
N MET A 119 -7.26 -4.82 16.03
CA MET A 119 -8.39 -4.64 15.12
C MET A 119 -8.17 -5.40 13.79
N GLN A 120 -7.71 -6.65 13.91
CA GLN A 120 -7.30 -7.54 12.82
C GLN A 120 -8.40 -7.81 11.79
N VAL A 121 -9.64 -7.73 12.25
CA VAL A 121 -10.88 -7.81 11.45
C VAL A 121 -10.88 -6.87 10.22
N LEU A 122 -10.19 -5.72 10.29
CA LEU A 122 -10.10 -4.77 9.17
C LEU A 122 -8.96 -5.04 8.19
N VAL A 123 -8.03 -5.95 8.50
CA VAL A 123 -6.83 -6.12 7.66
C VAL A 123 -7.20 -6.46 6.20
N SER A 124 -8.26 -7.26 6.03
CA SER A 124 -8.88 -7.58 4.75
C SER A 124 -9.77 -6.47 4.18
N ARG A 125 -10.46 -5.66 5.00
CA ARG A 125 -11.26 -4.51 4.56
C ARG A 125 -10.37 -3.41 3.98
N ILE A 126 -9.27 -3.11 4.67
CA ILE A 126 -8.23 -2.16 4.23
C ILE A 126 -7.53 -2.66 2.96
N ALA A 127 -7.23 -3.96 2.87
CA ALA A 127 -6.74 -4.58 1.64
C ALA A 127 -7.73 -4.38 0.47
N ALA A 128 -9.03 -4.59 0.70
CA ALA A 128 -10.07 -4.36 -0.29
C ALA A 128 -10.21 -2.87 -0.68
N TRP A 129 -10.07 -1.93 0.26
CA TRP A 129 -10.08 -0.49 -0.03
C TRP A 129 -8.94 -0.09 -0.98
N MET A 130 -7.69 -0.51 -0.73
CA MET A 130 -6.57 -0.19 -1.62
C MET A 130 -6.63 -0.97 -2.95
N ALA A 131 -7.08 -2.23 -2.96
CA ALA A 131 -7.32 -2.98 -4.19
C ALA A 131 -8.41 -2.31 -5.06
N THR A 132 -9.48 -1.81 -4.44
CA THR A 132 -10.54 -1.03 -5.12
C THR A 132 -9.99 0.27 -5.69
N TYR A 133 -9.18 1.03 -4.93
CA TYR A 133 -8.56 2.26 -5.43
C TYR A 133 -7.68 1.99 -6.67
N LEU A 134 -6.82 0.97 -6.60
CA LEU A 134 -5.95 0.61 -7.73
C LEU A 134 -6.76 0.20 -8.96
N ASN A 135 -7.78 -0.64 -8.78
CA ASN A 135 -8.64 -1.10 -9.87
C ASN A 135 -9.53 0.01 -10.47
N ASP A 136 -9.93 1.02 -9.68
CA ASP A 136 -10.76 2.14 -10.14
C ASP A 136 -9.97 3.26 -10.84
N HIS A 137 -8.75 3.56 -10.37
CA HIS A 137 -7.98 4.74 -10.80
C HIS A 137 -6.70 4.40 -11.57
N LEU A 138 -5.89 3.46 -11.05
CA LEU A 138 -4.57 3.16 -11.59
C LEU A 138 -4.61 2.14 -12.72
N GLU A 139 -5.52 1.15 -12.69
CA GLU A 139 -5.59 0.04 -13.65
C GLU A 139 -5.49 0.45 -15.14
N PRO A 140 -6.26 1.44 -15.66
CA PRO A 140 -6.11 1.88 -17.04
C PRO A 140 -4.73 2.51 -17.33
N TRP A 141 -4.17 3.29 -16.39
CA TRP A 141 -2.82 3.84 -16.51
C TRP A 141 -1.75 2.74 -16.50
N ILE A 142 -1.88 1.77 -15.58
CA ILE A 142 -0.98 0.61 -15.42
C ILE A 142 -0.90 -0.15 -16.74
N GLN A 143 -2.04 -0.52 -17.33
CA GLN A 143 -2.07 -1.30 -18.57
C GLN A 143 -1.63 -0.52 -19.81
N GLU A 144 -1.89 0.79 -19.85
CA GLU A 144 -1.41 1.70 -20.91
C GLU A 144 0.13 1.84 -20.87
N ASN A 145 0.70 1.79 -19.67
CA ASN A 145 2.15 1.73 -19.39
C ASN A 145 2.74 0.31 -19.43
N GLY A 146 2.06 -0.63 -20.11
CA GLY A 146 2.56 -1.99 -20.38
C GLY A 146 2.36 -3.00 -19.23
N GLY A 147 1.56 -2.64 -18.23
CA GLY A 147 1.18 -3.50 -17.10
C GLY A 147 2.30 -3.73 -16.07
N TRP A 148 2.00 -4.57 -15.07
CA TRP A 148 2.96 -4.97 -14.03
C TRP A 148 4.20 -5.69 -14.58
N ASP A 149 4.11 -6.33 -15.75
CA ASP A 149 5.24 -6.93 -16.46
C ASP A 149 6.29 -5.87 -16.84
N THR A 150 5.85 -4.70 -17.31
CA THR A 150 6.76 -3.57 -17.59
C THR A 150 7.34 -2.98 -16.29
N PHE A 151 6.56 -2.95 -15.21
CA PHE A 151 7.07 -2.53 -13.89
C PHE A 151 8.25 -3.41 -13.42
N VAL A 152 8.16 -4.75 -13.50
CA VAL A 152 9.30 -5.62 -13.13
C VAL A 152 10.47 -5.52 -14.12
N GLU A 153 10.25 -5.25 -15.41
CA GLU A 153 11.34 -4.93 -16.35
C GLU A 153 12.10 -3.64 -15.97
N LEU A 154 11.42 -2.62 -15.41
CA LEU A 154 12.02 -1.38 -14.91
C LEU A 154 12.68 -1.51 -13.52
N TYR A 155 12.00 -2.15 -12.55
CA TYR A 155 12.40 -2.19 -11.13
C TYR A 155 13.18 -3.45 -10.71
N GLY A 156 13.20 -4.51 -11.53
CA GLY A 156 13.89 -5.78 -11.26
C GLY A 156 15.42 -5.68 -11.20
CA GLY B 1 -1.65 18.99 15.50
C GLY B 1 -2.87 19.83 15.83
N SER B 2 -2.69 20.90 16.61
CA SER B 2 -3.75 21.76 17.15
C SER B 2 -4.32 22.76 16.11
N HIS B 3 -4.93 22.23 15.04
CA HIS B 3 -5.54 23.00 13.94
C HIS B 3 -6.74 22.27 13.32
N MET B 4 -7.74 23.04 12.85
CA MET B 4 -8.96 22.51 12.23
C MET B 4 -8.82 22.43 10.70
N SER B 5 -8.70 21.21 10.17
CA SER B 5 -8.65 20.88 8.74
C SER B 5 -9.05 19.41 8.50
N ALA B 6 -9.51 19.09 7.28
CA ALA B 6 -10.06 17.77 6.93
C ALA B 6 -9.02 16.61 7.02
N MET B 7 -7.74 16.94 6.84
CA MET B 7 -6.56 16.11 7.12
C MET B 7 -5.69 16.88 8.11
N SER B 8 -4.84 16.21 8.90
CA SER B 8 -3.97 16.86 9.91
C SER B 8 -2.77 17.59 9.28
N THR B 9 -3.04 18.66 8.53
CA THR B 9 -2.08 19.39 7.69
C THR B 9 -0.81 19.84 8.43
N THR B 10 -0.93 20.27 9.69
CA THR B 10 0.22 20.75 10.49
C THR B 10 1.27 19.68 10.81
N ASP B 11 0.94 18.40 10.63
CA ASP B 11 1.89 17.28 10.68
C ASP B 11 2.10 16.65 9.28
N LEU B 12 1.02 16.44 8.52
CA LEU B 12 1.04 15.75 7.23
C LEU B 12 1.79 16.50 6.13
N GLU B 13 1.72 17.84 6.09
CA GLU B 13 2.44 18.63 5.07
C GLU B 13 3.96 18.55 5.23
N ALA B 14 4.45 18.07 6.38
CA ALA B 14 5.84 17.67 6.53
C ALA B 14 6.04 16.26 5.95
N TYR B 15 5.50 15.22 6.58
CA TYR B 15 5.75 13.80 6.24
C TYR B 15 5.51 13.42 4.77
N PHE B 16 4.43 13.93 4.13
CA PHE B 16 4.16 13.66 2.71
C PHE B 16 5.17 14.31 1.75
N LYS B 17 5.86 15.36 2.20
CA LYS B 17 6.82 16.17 1.43
C LYS B 17 8.29 15.84 1.80
N ASP B 18 8.52 15.33 3.01
CA ASP B 18 9.83 15.03 3.61
C ASP B 18 10.67 14.03 2.78
N CYS B 19 10.01 13.18 1.98
CA CYS B 19 10.65 12.22 1.07
C CYS B 19 11.37 12.84 -0.15
N VAL B 20 11.27 14.16 -0.36
CA VAL B 20 11.80 14.91 -1.53
C VAL B 20 13.30 14.69 -1.82
N PHE B 21 14.10 14.30 -0.83
CA PHE B 21 15.53 14.01 -1.00
C PHE B 21 15.80 12.83 -1.96
N LYS B 22 14.84 11.89 -2.12
CA LYS B 22 14.84 10.84 -3.16
C LYS B 22 13.90 11.22 -4.31
N ASP B 23 14.34 10.95 -5.55
CA ASP B 23 13.58 11.17 -6.80
C ASP B 23 12.47 10.12 -7.07
N TRP B 24 12.14 9.31 -6.06
CA TRP B 24 11.30 8.10 -6.09
C TRP B 24 11.80 7.04 -7.08
N GLY B 25 11.56 7.21 -8.38
CA GLY B 25 11.93 6.29 -9.47
C GLY B 25 11.64 6.86 -10.86
N MET A 1 -9.32 -5.18 -15.30
CA MET A 1 -9.14 -5.50 -13.86
C MET A 1 -8.82 -6.98 -13.70
N SER A 2 -8.03 -7.36 -12.69
CA SER A 2 -7.61 -8.75 -12.46
C SER A 2 -7.21 -9.05 -11.01
N GLN A 3 -7.40 -10.30 -10.59
CA GLN A 3 -6.91 -10.85 -9.33
C GLN A 3 -5.37 -10.94 -9.25
N SER A 4 -4.63 -10.73 -10.36
CA SER A 4 -3.16 -10.59 -10.31
C SER A 4 -2.73 -9.38 -9.48
N ASN A 5 -3.44 -8.24 -9.62
CA ASN A 5 -3.24 -7.05 -8.79
C ASN A 5 -3.55 -7.34 -7.30
N ARG A 6 -4.61 -8.10 -7.01
CA ARG A 6 -4.94 -8.55 -5.64
C ARG A 6 -3.84 -9.44 -5.07
N GLU A 7 -3.34 -10.41 -5.85
CA GLU A 7 -2.34 -11.38 -5.40
C GLU A 7 -0.99 -10.71 -5.06
N LEU A 8 -0.51 -9.77 -5.89
CA LEU A 8 0.72 -9.03 -5.59
C LEU A 8 0.56 -8.06 -4.41
N VAL A 9 -0.65 -7.50 -4.20
CA VAL A 9 -1.00 -6.72 -2.99
C VAL A 9 -0.98 -7.59 -1.73
N VAL A 10 -1.63 -8.76 -1.77
CA VAL A 10 -1.66 -9.75 -0.68
C VAL A 10 -0.25 -10.23 -0.32
N ASP A 11 0.63 -10.44 -1.31
CA ASP A 11 1.99 -10.90 -1.06
C ASP A 11 2.83 -9.90 -0.25
N PHE A 12 2.94 -8.63 -0.68
CA PHE A 12 3.73 -7.65 0.08
C PHE A 12 3.13 -7.37 1.47
N LEU A 13 1.81 -7.43 1.62
CA LEU A 13 1.13 -7.35 2.92
C LEU A 13 1.57 -8.49 3.83
N SER A 14 1.42 -9.74 3.35
CA SER A 14 1.70 -10.93 4.16
C SER A 14 3.16 -10.98 4.60
N TYR A 15 4.09 -10.48 3.76
CA TYR A 15 5.51 -10.39 4.11
C TYR A 15 5.78 -9.33 5.19
N LYS A 16 5.24 -8.11 5.06
CA LYS A 16 5.43 -7.05 6.08
C LYS A 16 4.84 -7.47 7.44
N LEU A 17 3.71 -8.17 7.42
CA LEU A 17 3.10 -8.76 8.62
C LEU A 17 3.93 -9.92 9.19
N SER A 18 4.55 -10.74 8.35
CA SER A 18 5.52 -11.76 8.78
C SER A 18 6.77 -11.14 9.44
N GLN A 19 7.23 -9.98 8.97
CA GLN A 19 8.32 -9.21 9.60
C GLN A 19 7.91 -8.60 10.96
N LYS A 20 6.62 -8.28 11.15
CA LYS A 20 6.02 -7.93 12.46
C LYS A 20 5.87 -9.14 13.40
N GLY A 21 6.12 -10.36 12.90
CA GLY A 21 6.03 -11.63 13.62
C GLY A 21 4.68 -12.36 13.50
N TYR A 22 3.81 -11.94 12.58
CA TYR A 22 2.47 -12.51 12.38
C TYR A 22 2.43 -13.61 11.30
N SER A 23 1.28 -14.27 11.15
CA SER A 23 0.97 -15.20 10.04
C SER A 23 -0.30 -14.78 9.30
N TRP A 24 -0.18 -14.41 8.03
CA TRP A 24 -1.31 -14.01 7.17
C TRP A 24 -2.37 -15.11 7.06
N SER A 25 -1.97 -16.38 7.07
CA SER A 25 -2.85 -17.55 7.06
C SER A 25 -3.85 -17.59 8.21
N GLN A 26 -3.53 -16.97 9.35
CA GLN A 26 -4.42 -16.85 10.50
C GLN A 26 -5.45 -15.71 10.36
N PHE A 27 -5.15 -14.69 9.53
CA PHE A 27 -6.05 -13.57 9.25
C PHE A 27 -6.91 -13.80 7.99
N SER A 28 -6.39 -14.58 7.04
CA SER A 28 -6.97 -14.80 5.70
C SER A 28 -8.19 -15.72 5.70
N ASP A 29 -9.05 -15.56 4.69
CA ASP A 29 -10.15 -16.48 4.37
C ASP A 29 -9.67 -17.79 3.68
N VAL A 30 -8.40 -17.84 3.26
CA VAL A 30 -7.80 -18.95 2.48
C VAL A 30 -6.63 -19.58 3.23
N GLU A 31 -6.54 -20.92 3.22
CA GLU A 31 -5.48 -21.70 3.85
C GLU A 31 -4.11 -21.49 3.17
N GLU A 32 -3.07 -21.22 3.98
CA GLU A 32 -1.70 -20.90 3.53
C GLU A 32 -0.69 -21.10 4.68
N ASN A 33 0.60 -20.84 4.45
CA ASN A 33 1.64 -20.77 5.49
C ASN A 33 2.70 -19.72 5.13
N ARG A 34 3.39 -19.18 6.15
CA ARG A 34 4.58 -18.32 5.95
C ARG A 34 5.74 -19.11 5.31
N THR A 35 6.57 -18.43 4.51
CA THR A 35 7.74 -19.01 3.83
C THR A 35 8.75 -17.92 3.39
N GLU A 36 9.94 -18.33 2.98
CA GLU A 36 11.02 -17.44 2.51
C GLU A 36 10.77 -16.92 1.08
N ALA A 37 11.12 -15.64 0.84
CA ALA A 37 11.03 -14.90 -0.44
C ALA A 37 9.59 -14.72 -1.02
N PRO A 38 9.35 -13.68 -1.84
CA PRO A 38 8.05 -13.41 -2.47
C PRO A 38 7.81 -14.32 -3.70
N GLU A 39 7.87 -15.64 -3.50
CA GLU A 39 7.83 -16.67 -4.55
C GLU A 39 6.49 -16.75 -5.32
N GLY A 40 6.56 -17.18 -6.57
CA GLY A 40 5.40 -17.36 -7.47
C GLY A 40 5.81 -17.73 -8.89
N THR A 41 4.87 -17.58 -9.84
CA THR A 41 5.10 -17.83 -11.28
C THR A 41 5.09 -16.54 -12.08
N GLU A 42 3.91 -16.03 -12.46
CA GLU A 42 3.73 -14.88 -13.35
C GLU A 42 4.05 -13.54 -12.68
N SER A 43 3.60 -13.34 -11.44
CA SER A 43 3.78 -12.08 -10.68
C SER A 43 5.15 -11.94 -10.02
N GLU A 44 5.89 -13.04 -9.84
CA GLU A 44 7.09 -13.12 -8.99
C GLU A 44 8.11 -11.99 -9.18
N ALA A 45 8.45 -11.65 -10.42
CA ALA A 45 9.40 -10.58 -10.73
C ALA A 45 8.87 -9.19 -10.28
N VAL A 46 7.57 -8.94 -10.47
CA VAL A 46 6.91 -7.69 -10.04
C VAL A 46 6.96 -7.56 -8.53
N LYS A 47 6.50 -8.56 -7.78
CA LYS A 47 6.45 -8.48 -6.32
C LYS A 47 7.85 -8.48 -5.69
N GLN A 48 8.83 -9.17 -6.27
CA GLN A 48 10.24 -9.05 -5.88
C GLN A 48 10.74 -7.60 -5.97
N ALA A 49 10.48 -6.93 -7.09
CA ALA A 49 10.91 -5.55 -7.31
C ALA A 49 10.14 -4.55 -6.43
N LEU A 50 8.82 -4.70 -6.35
CA LEU A 50 7.92 -3.80 -5.64
C LEU A 50 8.15 -3.86 -4.12
N ARG A 51 8.28 -5.07 -3.55
CA ARG A 51 8.54 -5.29 -2.12
C ARG A 51 9.83 -4.62 -1.67
N GLU A 52 10.93 -4.82 -2.42
CA GLU A 52 12.21 -4.17 -2.14
C GLU A 52 12.15 -2.64 -2.28
N ALA A 53 11.44 -2.12 -3.30
CA ALA A 53 11.24 -0.68 -3.48
C ALA A 53 10.51 -0.03 -2.29
N GLY A 54 9.47 -0.69 -1.77
CA GLY A 54 8.74 -0.24 -0.58
C GLY A 54 9.59 -0.29 0.69
N ASP A 55 10.21 -1.43 1.00
CA ASP A 55 11.02 -1.61 2.21
C ASP A 55 12.25 -0.71 2.26
N GLU A 56 12.90 -0.43 1.11
CA GLU A 56 14.03 0.51 1.01
C GLU A 56 13.64 1.93 1.46
N PHE A 57 12.45 2.40 1.06
CA PHE A 57 11.92 3.72 1.44
C PHE A 57 11.35 3.73 2.87
N GLU A 58 10.57 2.71 3.23
CA GLU A 58 9.98 2.55 4.56
C GLU A 58 11.05 2.48 5.66
N LEU A 59 12.24 1.95 5.39
CA LEU A 59 13.36 1.93 6.35
C LEU A 59 13.80 3.34 6.79
N ARG A 60 13.87 4.31 5.85
CA ARG A 60 14.32 5.69 6.14
C ARG A 60 13.17 6.58 6.62
N TYR A 61 12.01 6.47 5.97
CA TYR A 61 10.79 7.24 6.25
C TYR A 61 9.86 6.53 7.26
N ARG A 62 10.42 5.66 8.13
CA ARG A 62 9.65 4.80 9.05
C ARG A 62 8.72 5.59 9.96
N ARG A 63 9.22 6.70 10.53
CA ARG A 63 8.43 7.66 11.33
C ARG A 63 7.33 8.33 10.50
N ALA A 64 7.63 8.75 9.27
CA ALA A 64 6.66 9.37 8.36
C ALA A 64 5.50 8.42 8.02
N PHE A 65 5.77 7.23 7.46
CA PHE A 65 4.70 6.24 7.15
C PHE A 65 3.90 5.84 8.42
N SER A 66 4.57 5.68 9.58
CA SER A 66 3.93 5.40 10.88
C SER A 66 3.07 6.56 11.43
N ASP A 67 3.28 7.80 10.96
CA ASP A 67 2.41 8.94 11.23
C ASP A 67 1.31 9.14 10.18
N LEU A 68 1.51 8.73 8.92
CA LEU A 68 0.44 8.71 7.91
C LEU A 68 -0.72 7.78 8.34
N THR A 69 -0.42 6.69 9.04
CA THR A 69 -1.45 5.77 9.57
C THR A 69 -2.21 6.32 10.79
N SER A 70 -1.65 7.31 11.50
CA SER A 70 -2.30 7.98 12.63
C SER A 70 -3.32 9.05 12.21
N GLN A 71 -3.18 9.66 11.03
CA GLN A 71 -4.13 10.67 10.53
C GLN A 71 -5.32 10.09 9.75
N LEU A 72 -5.22 8.83 9.28
CA LEU A 72 -6.25 8.12 8.50
C LEU A 72 -7.16 7.26 9.42
N HIS A 73 -8.47 7.49 9.39
CA HIS A 73 -9.47 6.60 10.04
C HIS A 73 -9.67 5.32 9.22
N ILE A 74 -9.53 4.14 9.84
CA ILE A 74 -9.43 2.84 9.14
C ILE A 74 -10.61 1.85 9.36
N THR A 75 -11.54 2.19 10.24
CA THR A 75 -12.77 1.45 10.60
C THR A 75 -13.74 1.25 9.40
N PRO A 76 -14.52 0.13 9.31
CA PRO A 76 -15.41 -0.15 8.18
C PRO A 76 -16.36 0.99 7.76
N GLY A 77 -16.62 1.08 6.46
CA GLY A 77 -17.48 2.11 5.85
C GLY A 77 -16.69 3.38 5.47
N THR A 78 -16.74 4.40 6.31
CA THR A 78 -16.19 5.76 6.02
C THR A 78 -14.68 5.79 5.80
N ALA A 79 -13.94 4.78 6.24
CA ALA A 79 -12.50 4.65 5.94
C ALA A 79 -12.19 4.47 4.45
N TYR A 80 -13.06 3.80 3.68
CA TYR A 80 -12.89 3.69 2.22
C TYR A 80 -12.89 5.08 1.57
N GLN A 81 -13.81 5.95 2.01
CA GLN A 81 -13.91 7.36 1.57
C GLN A 81 -12.68 8.17 2.02
N SER A 82 -12.26 7.99 3.28
CA SER A 82 -11.10 8.66 3.88
C SER A 82 -9.78 8.28 3.20
N PHE A 83 -9.63 7.00 2.82
CA PHE A 83 -8.49 6.50 2.05
C PHE A 83 -8.51 7.00 0.61
N GLU A 84 -9.66 6.92 -0.08
CA GLU A 84 -9.82 7.31 -1.48
C GLU A 84 -9.37 8.76 -1.70
N GLN A 85 -9.82 9.68 -0.84
CA GLN A 85 -9.54 11.12 -0.97
C GLN A 85 -8.07 11.49 -0.64
N VAL A 86 -7.44 10.82 0.34
CA VAL A 86 -6.04 11.09 0.74
C VAL A 86 -5.05 10.48 -0.25
N VAL A 87 -5.37 9.30 -0.81
CA VAL A 87 -4.60 8.70 -1.90
C VAL A 87 -4.69 9.57 -3.15
N ASN A 88 -5.89 10.06 -3.51
CA ASN A 88 -6.08 11.07 -4.56
C ASN A 88 -5.19 12.31 -4.32
N GLU A 89 -5.05 12.78 -3.07
CA GLU A 89 -4.25 13.96 -2.73
C GLU A 89 -2.74 13.71 -2.93
N LEU A 90 -2.19 12.59 -2.43
CA LEU A 90 -0.75 12.31 -2.59
C LEU A 90 -0.37 12.03 -4.05
N PHE A 91 -1.25 11.41 -4.85
CA PHE A 91 -1.06 11.26 -6.30
C PHE A 91 -1.25 12.56 -7.11
N ARG A 92 -1.78 13.65 -6.52
CA ARG A 92 -1.83 14.97 -7.19
C ARG A 92 -0.44 15.55 -7.46
N ASP A 93 0.55 15.15 -6.68
CA ASP A 93 1.97 15.45 -6.90
C ASP A 93 2.59 14.68 -8.10
N GLY A 94 1.91 13.64 -8.61
CA GLY A 94 2.28 12.84 -9.78
C GLY A 94 1.81 11.39 -9.69
N VAL A 95 1.39 10.81 -10.82
CA VAL A 95 0.88 9.40 -10.91
C VAL A 95 2.02 8.37 -11.07
N ASN A 96 3.27 8.83 -11.05
CA ASN A 96 4.47 8.04 -11.33
C ASN A 96 4.67 6.81 -10.40
N TRP A 97 5.51 5.87 -10.84
CA TRP A 97 5.85 4.65 -10.10
C TRP A 97 6.36 4.91 -8.68
N GLY A 98 7.03 6.04 -8.44
CA GLY A 98 7.49 6.45 -7.11
C GLY A 98 6.32 6.73 -6.14
N ARG A 99 5.31 7.49 -6.57
CA ARG A 99 4.08 7.65 -5.79
C ARG A 99 3.29 6.35 -5.64
N ILE A 100 3.36 5.41 -6.60
CA ILE A 100 2.79 4.07 -6.44
C ILE A 100 3.53 3.28 -5.35
N VAL A 101 4.87 3.37 -5.26
CA VAL A 101 5.67 2.83 -4.16
C VAL A 101 5.23 3.41 -2.80
N ALA A 102 5.03 4.72 -2.71
CA ALA A 102 4.53 5.37 -1.49
C ALA A 102 3.09 4.94 -1.13
N PHE A 103 2.19 4.85 -2.12
CA PHE A 103 0.78 4.47 -1.94
C PHE A 103 0.64 3.08 -1.32
N PHE A 104 1.35 2.09 -1.85
CA PHE A 104 1.25 0.72 -1.32
C PHE A 104 1.94 0.59 0.04
N SER A 105 3.04 1.33 0.26
CA SER A 105 3.74 1.33 1.55
C SER A 105 2.84 1.88 2.66
N PHE A 106 2.12 2.97 2.37
CA PHE A 106 1.08 3.52 3.24
C PHE A 106 -0.10 2.55 3.45
N GLY A 107 -0.62 1.91 2.38
CA GLY A 107 -1.68 0.90 2.47
C GLY A 107 -1.30 -0.31 3.34
N GLY A 108 -0.10 -0.86 3.15
CA GLY A 108 0.49 -1.89 3.99
C GLY A 108 0.58 -1.47 5.46
N ALA A 109 1.11 -0.27 5.73
CA ALA A 109 1.21 0.28 7.07
C ALA A 109 -0.17 0.43 7.75
N LEU A 110 -1.23 0.81 7.02
CA LEU A 110 -2.60 0.87 7.56
C LEU A 110 -3.13 -0.51 8.00
N CYS A 111 -2.86 -1.57 7.23
CA CYS A 111 -3.28 -2.92 7.63
C CYS A 111 -2.48 -3.41 8.85
N VAL A 112 -1.16 -3.14 8.90
CA VAL A 112 -0.31 -3.42 10.07
C VAL A 112 -0.81 -2.70 11.32
N GLU A 113 -1.13 -1.41 11.22
CA GLU A 113 -1.65 -0.59 12.30
C GLU A 113 -2.98 -1.15 12.83
N SER A 114 -3.84 -1.67 11.94
CA SER A 114 -5.09 -2.34 12.32
C SER A 114 -4.85 -3.66 13.05
N VAL A 115 -3.97 -4.53 12.55
CA VAL A 115 -3.59 -5.78 13.24
C VAL A 115 -2.98 -5.50 14.63
N ASP A 116 -2.14 -4.47 14.74
CA ASP A 116 -1.54 -4.03 16.01
C ASP A 116 -2.62 -3.54 17.02
N LYS A 117 -3.68 -2.87 16.53
CA LYS A 117 -4.90 -2.52 17.29
C LYS A 117 -5.90 -3.67 17.47
N GLU A 118 -5.48 -4.93 17.24
CA GLU A 118 -6.30 -6.14 17.35
C GLU A 118 -7.55 -6.12 16.44
N MET A 119 -7.38 -5.59 15.22
CA MET A 119 -8.38 -5.49 14.16
C MET A 119 -7.93 -6.29 12.92
N GLN A 120 -7.49 -7.54 13.13
CA GLN A 120 -7.02 -8.50 12.12
C GLN A 120 -7.99 -8.65 10.94
N VAL A 121 -9.28 -8.69 11.26
CA VAL A 121 -10.40 -8.75 10.30
C VAL A 121 -10.33 -7.68 9.20
N LEU A 122 -9.77 -6.50 9.49
CA LEU A 122 -9.63 -5.42 8.50
C LEU A 122 -8.45 -5.60 7.57
N VAL A 123 -7.47 -6.46 7.90
CA VAL A 123 -6.29 -6.64 7.04
C VAL A 123 -6.72 -7.04 5.61
N SER A 124 -7.80 -7.83 5.50
CA SER A 124 -8.47 -8.19 4.25
C SER A 124 -9.34 -7.06 3.66
N ARG A 125 -10.05 -6.24 4.49
CA ARG A 125 -10.87 -5.13 3.96
C ARG A 125 -9.99 -4.04 3.37
N ILE A 126 -8.97 -3.61 4.11
CA ILE A 126 -8.01 -2.58 3.69
C ILE A 126 -7.22 -3.04 2.46
N ALA A 127 -6.85 -4.33 2.38
CA ALA A 127 -6.27 -4.93 1.17
C ALA A 127 -7.21 -4.81 -0.04
N ALA A 128 -8.51 -5.11 0.13
CA ALA A 128 -9.52 -4.93 -0.91
C ALA A 128 -9.73 -3.44 -1.27
N TRP A 129 -9.68 -2.52 -0.30
CA TRP A 129 -9.81 -1.07 -0.54
C TRP A 129 -8.65 -0.53 -1.40
N MET A 130 -7.39 -0.88 -1.09
CA MET A 130 -6.24 -0.49 -1.90
C MET A 130 -6.17 -1.22 -3.25
N ALA A 131 -6.54 -2.51 -3.33
CA ALA A 131 -6.64 -3.24 -4.59
C ALA A 131 -7.76 -2.70 -5.50
N THR A 132 -8.86 -2.19 -4.91
CA THR A 132 -9.93 -1.49 -5.66
C THR A 132 -9.42 -0.18 -6.24
N TYR A 133 -8.72 0.64 -5.45
CA TYR A 133 -8.09 1.87 -5.95
C TYR A 133 -7.11 1.59 -7.10
N LEU A 134 -6.27 0.56 -6.94
CA LEU A 134 -5.30 0.11 -7.95
C LEU A 134 -6.00 -0.29 -9.26
N ASN A 135 -7.00 -1.18 -9.20
CA ASN A 135 -7.75 -1.63 -10.38
C ASN A 135 -8.62 -0.53 -11.02
N ASP A 136 -9.09 0.46 -10.26
CA ASP A 136 -9.94 1.55 -10.77
C ASP A 136 -9.14 2.73 -11.38
N HIS A 137 -8.09 3.20 -10.70
CA HIS A 137 -7.36 4.43 -11.04
C HIS A 137 -5.99 4.16 -11.65
N LEU A 138 -5.20 3.25 -11.05
CA LEU A 138 -3.85 2.98 -11.54
C LEU A 138 -3.82 2.09 -12.78
N GLU A 139 -4.76 1.14 -12.92
CA GLU A 139 -4.77 0.14 -14.00
C GLU A 139 -4.57 0.70 -15.43
N PRO A 140 -5.30 1.74 -15.90
CA PRO A 140 -5.04 2.33 -17.22
C PRO A 140 -3.66 3.00 -17.29
N TRP A 141 -3.26 3.74 -16.26
CA TRP A 141 -1.95 4.40 -16.23
C TRP A 141 -0.81 3.37 -16.29
N ILE A 142 -0.93 2.29 -15.51
CA ILE A 142 -0.01 1.14 -15.50
C ILE A 142 0.10 0.53 -16.90
N GLN A 143 -1.03 0.19 -17.55
CA GLN A 143 -1.05 -0.39 -18.90
C GLN A 143 -0.46 0.56 -19.97
N GLU A 144 -0.73 1.85 -19.86
CA GLU A 144 -0.23 2.90 -20.77
C GLU A 144 1.26 3.21 -20.55
N ASN A 145 1.81 2.85 -19.39
CA ASN A 145 3.23 2.87 -19.04
C ASN A 145 3.93 1.50 -19.21
N GLY A 146 3.34 0.57 -19.99
CA GLY A 146 3.95 -0.72 -20.34
C GLY A 146 3.76 -1.85 -19.32
N GLY A 147 2.86 -1.66 -18.35
CA GLY A 147 2.49 -2.65 -17.33
C GLY A 147 3.52 -2.83 -16.21
N TRP A 148 3.18 -3.69 -15.24
CA TRP A 148 4.09 -4.06 -14.15
C TRP A 148 5.39 -4.71 -14.63
N ASP A 149 5.41 -5.31 -15.81
CA ASP A 149 6.63 -5.83 -16.46
C ASP A 149 7.65 -4.71 -16.74
N THR A 150 7.18 -3.53 -17.18
CA THR A 150 8.05 -2.35 -17.34
C THR A 150 8.50 -1.79 -15.98
N PHE A 151 7.67 -1.86 -14.94
CA PHE A 151 8.08 -1.49 -13.59
C PHE A 151 9.27 -2.34 -13.09
N VAL A 152 9.24 -3.67 -13.21
CA VAL A 152 10.40 -4.50 -12.81
C VAL A 152 11.63 -4.30 -13.71
N GLU A 153 11.46 -3.98 -15.00
CA GLU A 153 12.60 -3.58 -15.86
C GLU A 153 13.30 -2.28 -15.38
N LEU A 154 12.57 -1.38 -14.72
CA LEU A 154 13.11 -0.14 -14.13
C LEU A 154 13.61 -0.29 -12.67
N TYR A 155 12.87 -1.00 -11.81
CA TYR A 155 13.10 -1.09 -10.36
C TYR A 155 13.76 -2.39 -9.87
N GLY A 156 13.86 -3.43 -10.72
CA GLY A 156 14.54 -4.70 -10.43
C GLY A 156 16.07 -4.69 -10.62
CA GLY B 1 -0.11 5.40 16.55
C GLY B 1 -1.49 5.87 16.96
N SER B 2 -1.60 6.66 18.03
CA SER B 2 -2.87 7.26 18.47
C SER B 2 -3.44 8.23 17.40
N HIS B 3 -4.75 8.13 17.14
CA HIS B 3 -5.36 8.83 16.00
C HIS B 3 -5.46 10.35 16.17
N MET B 4 -4.95 11.08 15.17
CA MET B 4 -4.85 12.55 15.17
C MET B 4 -6.16 13.24 14.74
N SER B 5 -6.88 12.64 13.77
CA SER B 5 -8.12 13.11 13.12
C SER B 5 -8.09 14.46 12.37
N ALA B 6 -7.37 15.46 12.88
CA ALA B 6 -7.40 16.85 12.39
C ALA B 6 -6.49 17.14 11.17
N MET B 7 -5.60 16.21 10.79
CA MET B 7 -4.51 16.38 9.80
C MET B 7 -3.55 17.53 10.21
N SER B 8 -2.55 17.20 11.05
CA SER B 8 -1.53 18.16 11.51
C SER B 8 -0.69 18.68 10.35
N THR B 9 -0.96 19.90 9.90
CA THR B 9 -0.40 20.48 8.67
C THR B 9 1.12 20.64 8.73
N THR B 10 1.65 21.14 9.85
CA THR B 10 3.10 21.37 10.03
C THR B 10 3.93 20.07 10.02
N ASP B 11 3.31 18.92 10.33
CA ASP B 11 3.94 17.61 10.21
C ASP B 11 3.71 16.97 8.83
N LEU B 12 2.46 16.88 8.38
CA LEU B 12 2.07 16.11 7.20
C LEU B 12 2.33 16.80 5.86
N GLU B 13 2.17 18.13 5.76
CA GLU B 13 2.55 18.85 4.54
C GLU B 13 4.07 18.77 4.29
N ALA B 14 4.86 18.47 5.32
CA ALA B 14 6.26 18.09 5.18
C ALA B 14 6.35 16.59 4.83
N TYR B 15 6.01 15.66 5.73
CA TYR B 15 6.15 14.20 5.55
C TYR B 15 5.67 13.65 4.20
N PHE B 16 4.48 14.04 3.73
CA PHE B 16 3.95 13.58 2.43
C PHE B 16 4.78 14.06 1.24
N LYS B 17 5.49 15.19 1.36
CA LYS B 17 6.25 15.89 0.30
C LYS B 17 7.76 15.67 0.40
N ASP B 18 8.28 15.50 1.61
CA ASP B 18 9.69 15.29 1.96
C ASP B 18 10.27 14.02 1.32
N CYS B 19 9.42 13.00 1.10
CA CYS B 19 9.76 11.73 0.46
C CYS B 19 9.94 11.82 -1.08
N VAL B 20 9.54 12.95 -1.65
CA VAL B 20 9.32 13.14 -3.08
C VAL B 20 10.44 13.90 -3.79
N PHE B 21 11.31 14.59 -3.04
CA PHE B 21 12.51 15.27 -3.56
C PHE B 21 13.54 14.28 -4.15
N LYS B 22 13.53 13.02 -3.70
CA LYS B 22 14.29 11.89 -4.28
C LYS B 22 13.73 11.44 -5.64
N ASP B 23 12.45 11.71 -5.91
CA ASP B 23 11.72 11.33 -7.14
C ASP B 23 11.73 9.82 -7.47
N TRP B 24 12.03 8.99 -6.45
CA TRP B 24 12.33 7.55 -6.48
C TRP B 24 13.48 7.11 -7.41
N GLY B 25 14.09 5.96 -7.07
CA GLY B 25 15.34 5.45 -7.67
C GLY B 25 16.59 6.00 -6.97
N MET A 1 -10.26 -4.44 -15.39
CA MET A 1 -9.92 -5.11 -14.11
C MET A 1 -8.85 -6.18 -14.33
N SER A 2 -7.97 -6.38 -13.34
CA SER A 2 -6.98 -7.47 -13.30
C SER A 2 -6.90 -8.07 -11.89
N GLN A 3 -7.23 -9.37 -11.76
CA GLN A 3 -7.32 -10.08 -10.47
C GLN A 3 -5.97 -10.23 -9.74
N SER A 4 -4.85 -10.14 -10.46
CA SER A 4 -3.49 -10.18 -9.92
C SER A 4 -3.19 -9.02 -8.97
N ASN A 5 -3.90 -7.90 -9.06
CA ASN A 5 -3.76 -6.76 -8.15
C ASN A 5 -4.00 -7.14 -6.68
N ARG A 6 -5.04 -7.93 -6.38
CA ARG A 6 -5.31 -8.41 -5.01
C ARG A 6 -4.20 -9.34 -4.52
N GLU A 7 -3.73 -10.25 -5.37
CA GLU A 7 -2.69 -11.23 -5.03
C GLU A 7 -1.36 -10.56 -4.66
N LEU A 8 -0.92 -9.57 -5.44
CA LEU A 8 0.30 -8.80 -5.13
C LEU A 8 0.10 -7.74 -4.03
N VAL A 9 -1.14 -7.33 -3.71
CA VAL A 9 -1.45 -6.53 -2.51
C VAL A 9 -1.27 -7.39 -1.24
N VAL A 10 -1.86 -8.60 -1.23
CA VAL A 10 -1.72 -9.54 -0.10
C VAL A 10 -0.25 -9.91 0.16
N ASP A 11 0.61 -9.92 -0.86
CA ASP A 11 2.04 -10.22 -0.72
C ASP A 11 2.79 -9.33 0.30
N PHE A 12 2.85 -8.01 0.06
CA PHE A 12 3.59 -7.11 0.93
C PHE A 12 2.91 -6.93 2.30
N LEU A 13 1.57 -7.02 2.37
CA LEU A 13 0.83 -7.10 3.64
C LEU A 13 1.32 -8.30 4.46
N SER A 14 1.19 -9.50 3.88
CA SER A 14 1.45 -10.75 4.58
C SER A 14 2.92 -10.83 5.02
N TYR A 15 3.84 -10.34 4.19
CA TYR A 15 5.26 -10.26 4.52
C TYR A 15 5.54 -9.32 5.71
N LYS A 16 5.03 -8.08 5.71
CA LYS A 16 5.19 -7.16 6.86
C LYS A 16 4.58 -7.71 8.15
N LEU A 17 3.42 -8.36 8.05
CA LEU A 17 2.76 -9.05 9.16
C LEU A 17 3.61 -10.22 9.70
N SER A 18 4.28 -10.99 8.83
CA SER A 18 5.20 -12.06 9.20
C SER A 18 6.40 -11.56 10.03
N GLN A 19 6.94 -10.39 9.68
CA GLN A 19 8.04 -9.74 10.42
C GLN A 19 7.60 -9.26 11.82
N LYS A 20 6.31 -8.92 12.00
CA LYS A 20 5.68 -8.66 13.30
C LYS A 20 5.23 -9.94 14.05
N GLY A 21 5.53 -11.13 13.50
CA GLY A 21 5.26 -12.43 14.10
C GLY A 21 3.85 -12.99 13.83
N TYR A 22 3.11 -12.41 12.89
CA TYR A 22 1.75 -12.85 12.52
C TYR A 22 1.75 -13.79 11.29
N SER A 23 0.57 -14.27 10.88
CA SER A 23 0.41 -15.10 9.67
C SER A 23 -0.97 -14.92 9.01
N TRP A 24 -0.99 -14.82 7.68
CA TRP A 24 -2.21 -14.59 6.90
C TRP A 24 -3.20 -15.77 6.97
N SER A 25 -2.68 -17.00 7.09
CA SER A 25 -3.49 -18.23 7.24
C SER A 25 -4.29 -18.29 8.54
N GLN A 26 -3.98 -17.44 9.53
CA GLN A 26 -4.76 -17.28 10.77
C GLN A 26 -5.82 -16.17 10.66
N PHE A 27 -5.52 -15.06 9.99
CA PHE A 27 -6.47 -13.95 9.79
C PHE A 27 -7.45 -14.18 8.62
N SER A 28 -7.06 -14.97 7.62
CA SER A 28 -7.89 -15.31 6.44
C SER A 28 -8.46 -16.72 6.57
N ASP A 29 -9.77 -16.88 6.34
CA ASP A 29 -10.48 -18.16 6.43
C ASP A 29 -10.23 -19.09 5.23
N VAL A 30 -9.74 -18.54 4.11
CA VAL A 30 -9.65 -19.24 2.81
C VAL A 30 -8.30 -19.94 2.61
N GLU A 31 -8.36 -21.23 2.30
CA GLU A 31 -7.24 -22.08 1.85
C GLU A 31 -7.77 -22.98 0.71
N GLU A 32 -7.05 -23.08 -0.42
CA GLU A 32 -7.56 -23.75 -1.63
C GLU A 32 -6.48 -24.50 -2.43
N ASN A 33 -5.62 -23.76 -3.15
CA ASN A 33 -4.60 -24.33 -4.04
C ASN A 33 -3.43 -23.35 -4.28
N ARG A 34 -3.75 -22.13 -4.77
CA ARG A 34 -2.81 -21.01 -4.98
C ARG A 34 -2.93 -19.90 -3.93
N THR A 35 -3.43 -20.26 -2.74
CA THR A 35 -3.44 -19.43 -1.52
C THR A 35 -2.05 -19.28 -0.86
N GLU A 36 -1.04 -19.99 -1.37
CA GLU A 36 0.40 -19.81 -1.07
C GLU A 36 1.00 -18.50 -1.65
N ALA A 37 2.27 -18.23 -1.32
CA ALA A 37 3.03 -17.05 -1.77
C ALA A 37 3.15 -16.92 -3.32
N PRO A 38 3.38 -15.69 -3.86
CA PRO A 38 3.49 -15.41 -5.31
C PRO A 38 4.69 -15.99 -6.09
N GLU A 39 5.07 -17.23 -5.83
CA GLU A 39 6.00 -18.02 -6.66
C GLU A 39 5.25 -18.56 -7.90
N GLY A 40 4.66 -17.64 -8.67
CA GLY A 40 3.72 -17.90 -9.76
C GLY A 40 4.32 -17.70 -11.16
N THR A 41 3.53 -17.12 -12.06
CA THR A 41 3.90 -16.81 -13.45
C THR A 41 4.36 -15.36 -13.60
N GLU A 42 3.54 -14.48 -14.17
CA GLU A 42 3.88 -13.08 -14.47
C GLU A 42 4.05 -12.22 -13.21
N SER A 43 3.28 -12.52 -12.15
CA SER A 43 3.35 -11.86 -10.85
C SER A 43 4.67 -12.10 -10.10
N GLU A 44 5.40 -13.17 -10.43
CA GLU A 44 6.62 -13.61 -9.73
C GLU A 44 7.78 -12.61 -9.87
N ALA A 45 7.86 -11.92 -11.00
CA ALA A 45 8.80 -10.82 -11.22
C ALA A 45 8.31 -9.51 -10.58
N VAL A 46 7.00 -9.24 -10.64
CA VAL A 46 6.38 -8.04 -10.06
C VAL A 46 6.55 -7.99 -8.55
N LYS A 47 6.25 -9.08 -7.83
CA LYS A 47 6.45 -9.16 -6.36
C LYS A 47 7.91 -8.92 -5.96
N GLN A 48 8.87 -9.41 -6.75
CA GLN A 48 10.30 -9.18 -6.51
C GLN A 48 10.68 -7.69 -6.64
N ALA A 49 10.23 -7.03 -7.72
CA ALA A 49 10.56 -5.63 -7.99
C ALA A 49 9.84 -4.66 -7.06
N LEU A 50 8.55 -4.90 -6.77
CA LEU A 50 7.73 -4.04 -5.93
C LEU A 50 8.20 -4.05 -4.47
N ARG A 51 8.60 -5.22 -3.95
CA ARG A 51 9.26 -5.36 -2.64
C ARG A 51 10.53 -4.52 -2.54
N GLU A 52 11.43 -4.61 -3.52
CA GLU A 52 12.69 -3.85 -3.54
C GLU A 52 12.44 -2.33 -3.63
N ALA A 53 11.51 -1.90 -4.48
CA ALA A 53 11.12 -0.50 -4.62
C ALA A 53 10.55 0.10 -3.32
N GLY A 54 9.73 -0.67 -2.59
CA GLY A 54 9.20 -0.30 -1.29
C GLY A 54 10.28 -0.25 -0.22
N ASP A 55 11.03 -1.34 -0.05
CA ASP A 55 12.05 -1.49 1.00
C ASP A 55 13.16 -0.43 0.92
N GLU A 56 13.61 -0.05 -0.28
CA GLU A 56 14.67 0.96 -0.44
C GLU A 56 14.25 2.36 0.07
N PHE A 57 12.98 2.74 -0.12
CA PHE A 57 12.47 4.02 0.38
C PHE A 57 11.95 3.93 1.82
N GLU A 58 11.30 2.82 2.19
CA GLU A 58 10.79 2.56 3.54
C GLU A 58 11.91 2.45 4.58
N LEU A 59 13.11 2.01 4.21
CA LEU A 59 14.30 2.00 5.06
C LEU A 59 14.66 3.40 5.59
N ARG A 60 14.53 4.42 4.72
CA ARG A 60 14.95 5.81 4.98
C ARG A 60 13.82 6.68 5.51
N TYR A 61 12.61 6.51 4.97
CA TYR A 61 11.39 7.24 5.36
C TYR A 61 10.52 6.46 6.37
N ARG A 62 11.12 5.54 7.15
CA ARG A 62 10.42 4.61 8.04
C ARG A 62 9.51 5.33 9.05
N ARG A 63 10.02 6.43 9.63
CA ARG A 63 9.26 7.32 10.53
C ARG A 63 8.09 8.02 9.83
N ALA A 64 8.28 8.48 8.58
CA ALA A 64 7.24 9.15 7.81
C ALA A 64 6.07 8.22 7.46
N PHE A 65 6.34 7.03 6.88
CA PHE A 65 5.28 6.05 6.62
C PHE A 65 4.60 5.57 7.92
N SER A 66 5.36 5.38 9.00
CA SER A 66 4.80 4.98 10.31
C SER A 66 3.89 6.06 10.95
N ASP A 67 4.25 7.34 10.83
CA ASP A 67 3.44 8.44 11.36
C ASP A 67 2.23 8.79 10.48
N LEU A 68 2.32 8.61 9.15
CA LEU A 68 1.20 8.87 8.22
C LEU A 68 -0.02 7.99 8.50
N THR A 69 0.13 6.76 9.01
CA THR A 69 -1.02 5.89 9.34
C THR A 69 -1.85 6.40 10.52
N SER A 70 -1.30 7.27 11.37
CA SER A 70 -2.04 7.96 12.46
C SER A 70 -2.90 9.13 11.95
N GLN A 71 -2.69 9.59 10.71
CA GLN A 71 -3.37 10.72 10.09
C GLN A 71 -4.64 10.33 9.31
N LEU A 72 -5.07 9.06 9.40
CA LEU A 72 -6.12 8.45 8.58
C LEU A 72 -7.06 7.56 9.42
N HIS A 73 -8.35 7.48 9.04
CA HIS A 73 -9.28 6.49 9.61
C HIS A 73 -8.99 5.09 9.05
N ILE A 74 -9.09 4.05 9.88
CA ILE A 74 -8.78 2.66 9.50
C ILE A 74 -9.72 1.63 10.16
N THR A 75 -11.00 1.99 10.21
CA THR A 75 -12.12 1.27 10.83
C THR A 75 -13.38 1.41 9.93
N PRO A 76 -14.26 0.39 9.84
CA PRO A 76 -15.39 0.39 8.90
C PRO A 76 -16.29 1.62 9.01
N GLY A 77 -16.79 2.09 7.87
CA GLY A 77 -17.48 3.37 7.71
C GLY A 77 -16.52 4.47 7.24
N THR A 78 -15.92 5.21 8.16
CA THR A 78 -15.11 6.41 7.88
C THR A 78 -13.85 6.13 7.05
N ALA A 79 -13.20 4.97 7.21
CA ALA A 79 -11.98 4.63 6.47
C ALA A 79 -12.15 4.53 4.95
N TYR A 80 -13.29 4.00 4.49
CA TYR A 80 -13.62 3.88 3.07
C TYR A 80 -13.68 5.26 2.38
N GLN A 81 -14.16 6.28 3.11
CA GLN A 81 -14.17 7.68 2.69
C GLN A 81 -12.76 8.33 2.82
N SER A 82 -12.09 8.08 3.95
CA SER A 82 -10.83 8.73 4.36
C SER A 82 -9.63 8.34 3.47
N PHE A 83 -9.51 7.07 3.11
CA PHE A 83 -8.42 6.59 2.25
C PHE A 83 -8.55 7.11 0.81
N GLU A 84 -9.75 7.04 0.22
CA GLU A 84 -9.96 7.40 -1.19
C GLU A 84 -9.63 8.87 -1.48
N GLN A 85 -10.06 9.78 -0.60
CA GLN A 85 -9.85 11.23 -0.78
C GLN A 85 -8.38 11.66 -0.67
N VAL A 86 -7.59 11.01 0.20
CA VAL A 86 -6.14 11.28 0.35
C VAL A 86 -5.36 10.72 -0.83
N VAL A 87 -5.70 9.52 -1.29
CA VAL A 87 -5.04 8.88 -2.44
C VAL A 87 -5.33 9.63 -3.74
N ASN A 88 -6.57 10.07 -3.97
CA ASN A 88 -6.91 10.91 -5.14
C ASN A 88 -6.29 12.32 -5.11
N GLU A 89 -5.71 12.75 -3.98
CA GLU A 89 -4.90 13.98 -3.89
C GLU A 89 -3.43 13.71 -4.22
N LEU A 90 -2.78 12.69 -3.61
CA LEU A 90 -1.33 12.47 -3.78
C LEU A 90 -0.95 12.07 -5.22
N PHE A 91 -1.85 11.42 -5.96
CA PHE A 91 -1.69 11.11 -7.40
C PHE A 91 -1.99 12.29 -8.35
N ARG A 92 -2.62 13.38 -7.88
CA ARG A 92 -3.13 14.45 -8.76
C ARG A 92 -2.05 15.29 -9.46
N ASP A 93 -0.86 15.33 -8.87
CA ASP A 93 0.37 15.89 -9.46
C ASP A 93 0.94 15.03 -10.61
N GLY A 94 0.68 13.71 -10.60
CA GLY A 94 1.12 12.74 -11.60
C GLY A 94 0.86 11.29 -11.16
N VAL A 95 0.31 10.47 -12.06
CA VAL A 95 -0.14 9.08 -11.79
C VAL A 95 1.01 8.05 -11.88
N ASN A 96 2.25 8.54 -11.92
CA ASN A 96 3.47 7.79 -12.23
C ASN A 96 3.79 6.70 -11.20
N TRP A 97 4.61 5.72 -11.62
CA TRP A 97 5.02 4.57 -10.81
C TRP A 97 5.61 4.95 -9.44
N GLY A 98 6.31 6.08 -9.33
CA GLY A 98 6.84 6.59 -8.06
C GLY A 98 5.74 6.87 -7.02
N ARG A 99 4.58 7.42 -7.45
CA ARG A 99 3.42 7.56 -6.56
C ARG A 99 2.77 6.22 -6.23
N ILE A 100 2.75 5.26 -7.17
CA ILE A 100 2.23 3.90 -6.92
C ILE A 100 3.07 3.16 -5.86
N VAL A 101 4.40 3.35 -5.85
CA VAL A 101 5.30 2.82 -4.82
C VAL A 101 4.96 3.34 -3.41
N ALA A 102 4.72 4.65 -3.26
CA ALA A 102 4.28 5.23 -1.97
C ALA A 102 2.83 4.83 -1.60
N PHE A 103 1.91 4.72 -2.57
CA PHE A 103 0.52 4.30 -2.36
C PHE A 103 0.44 2.93 -1.69
N PHE A 104 1.13 1.92 -2.24
CA PHE A 104 1.06 0.56 -1.69
C PHE A 104 1.74 0.46 -0.32
N SER A 105 2.85 1.17 -0.13
CA SER A 105 3.62 1.14 1.13
C SER A 105 2.82 1.73 2.30
N PHE A 106 2.09 2.83 2.04
CA PHE A 106 1.14 3.42 2.97
C PHE A 106 -0.03 2.47 3.29
N GLY A 107 -0.62 1.82 2.28
CA GLY A 107 -1.68 0.82 2.46
C GLY A 107 -1.25 -0.40 3.28
N GLY A 108 -0.04 -0.93 3.05
CA GLY A 108 0.52 -2.03 3.83
C GLY A 108 0.69 -1.69 5.32
N ALA A 109 1.21 -0.49 5.62
CA ALA A 109 1.35 -0.01 7.00
C ALA A 109 -0.01 0.19 7.70
N LEU A 110 -1.06 0.64 6.98
CA LEU A 110 -2.41 0.83 7.53
C LEU A 110 -3.03 -0.51 8.01
N CYS A 111 -2.88 -1.61 7.27
CA CYS A 111 -3.38 -2.91 7.71
C CYS A 111 -2.65 -3.42 8.98
N VAL A 112 -1.33 -3.25 9.06
CA VAL A 112 -0.54 -3.61 10.26
C VAL A 112 -1.00 -2.84 11.49
N GLU A 113 -1.33 -1.55 11.35
CA GLU A 113 -1.84 -0.71 12.42
C GLU A 113 -3.17 -1.25 12.97
N SER A 114 -4.04 -1.84 12.13
CA SER A 114 -5.28 -2.48 12.60
C SER A 114 -4.99 -3.74 13.45
N VAL A 115 -4.03 -4.57 13.04
CA VAL A 115 -3.64 -5.79 13.78
C VAL A 115 -3.00 -5.44 15.13
N ASP A 116 -2.16 -4.40 15.18
CA ASP A 116 -1.51 -3.92 16.41
C ASP A 116 -2.54 -3.41 17.46
N LYS A 117 -3.66 -2.83 17.00
CA LYS A 117 -4.81 -2.43 17.81
C LYS A 117 -5.76 -3.59 18.17
N GLU A 118 -5.36 -4.84 17.91
CA GLU A 118 -6.17 -6.06 18.07
C GLU A 118 -7.48 -6.01 17.26
N MET A 119 -7.38 -5.52 16.01
CA MET A 119 -8.50 -5.37 15.06
C MET A 119 -8.22 -6.19 13.77
N GLN A 120 -7.63 -7.38 13.97
CA GLN A 120 -7.06 -8.24 12.91
C GLN A 120 -8.07 -8.64 11.84
N VAL A 121 -9.34 -8.73 12.23
CA VAL A 121 -10.49 -8.98 11.34
C VAL A 121 -10.56 -8.01 10.14
N LEU A 122 -10.05 -6.78 10.27
CA LEU A 122 -10.02 -5.81 9.17
C LEU A 122 -8.85 -5.97 8.22
N VAL A 123 -7.83 -6.77 8.54
CA VAL A 123 -6.59 -6.77 7.75
C VAL A 123 -6.86 -7.15 6.28
N SER A 124 -7.83 -8.06 6.06
CA SER A 124 -8.39 -8.42 4.75
C SER A 124 -9.41 -7.41 4.20
N ARG A 125 -10.18 -6.68 5.04
CA ARG A 125 -11.12 -5.65 4.61
C ARG A 125 -10.38 -4.42 4.07
N ILE A 126 -9.33 -4.00 4.77
CA ILE A 126 -8.40 -2.94 4.35
C ILE A 126 -7.66 -3.35 3.06
N ALA A 127 -7.21 -4.62 2.96
CA ALA A 127 -6.64 -5.16 1.73
C ALA A 127 -7.61 -5.01 0.54
N ALA A 128 -8.89 -5.35 0.74
CA ALA A 128 -9.94 -5.17 -0.26
C ALA A 128 -10.21 -3.69 -0.59
N TRP A 129 -10.19 -2.77 0.40
CA TRP A 129 -10.34 -1.33 0.18
C TRP A 129 -9.26 -0.77 -0.75
N MET A 130 -7.97 -1.04 -0.48
CA MET A 130 -6.88 -0.55 -1.34
C MET A 130 -6.81 -1.28 -2.69
N ALA A 131 -7.12 -2.60 -2.73
CA ALA A 131 -7.23 -3.34 -3.98
C ALA A 131 -8.38 -2.82 -4.86
N THR A 132 -9.50 -2.39 -4.27
CA THR A 132 -10.63 -1.78 -5.02
C THR A 132 -10.21 -0.49 -5.71
N TYR A 133 -9.50 0.41 -5.02
CA TYR A 133 -8.94 1.62 -5.65
C TYR A 133 -8.01 1.28 -6.81
N LEU A 134 -7.01 0.42 -6.54
CA LEU A 134 -5.98 0.01 -7.49
C LEU A 134 -6.60 -0.65 -8.75
N ASN A 135 -7.55 -1.56 -8.56
CA ASN A 135 -8.22 -2.30 -9.64
C ASN A 135 -9.24 -1.47 -10.45
N ASP A 136 -9.74 -0.34 -9.90
CA ASP A 136 -10.70 0.55 -10.57
C ASP A 136 -10.06 1.79 -11.24
N HIS A 137 -9.09 2.45 -10.58
CA HIS A 137 -8.57 3.76 -11.00
C HIS A 137 -7.16 3.66 -11.60
N LEU A 138 -6.25 2.93 -10.95
CA LEU A 138 -4.91 2.71 -11.49
C LEU A 138 -4.88 1.68 -12.62
N GLU A 139 -5.71 0.64 -12.56
CA GLU A 139 -5.63 -0.51 -13.47
C GLU A 139 -5.61 -0.17 -14.97
N PRO A 140 -6.49 0.70 -15.53
CA PRO A 140 -6.36 1.11 -16.93
C PRO A 140 -5.06 1.88 -17.20
N TRP A 141 -4.63 2.78 -16.32
CA TRP A 141 -3.34 3.49 -16.45
C TRP A 141 -2.18 2.51 -16.46
N ILE A 142 -2.20 1.51 -15.57
CA ILE A 142 -1.20 0.44 -15.49
C ILE A 142 -1.15 -0.35 -16.80
N GLN A 143 -2.27 -0.85 -17.32
CA GLN A 143 -2.30 -1.59 -18.60
C GLN A 143 -1.88 -0.73 -19.80
N GLU A 144 -2.28 0.55 -19.82
CA GLU A 144 -1.94 1.50 -20.88
C GLU A 144 -0.46 1.90 -20.88
N ASN A 145 0.21 1.77 -19.72
CA ASN A 145 1.66 1.87 -19.55
C ASN A 145 2.41 0.55 -19.82
N GLY A 146 1.74 -0.49 -20.32
CA GLY A 146 2.33 -1.80 -20.63
C GLY A 146 2.13 -2.89 -19.57
N GLY A 147 1.42 -2.58 -18.49
CA GLY A 147 1.16 -3.46 -17.35
C GLY A 147 2.27 -3.46 -16.29
N TRP A 148 2.07 -4.20 -15.21
CA TRP A 148 3.09 -4.42 -14.16
C TRP A 148 4.38 -5.08 -14.70
N ASP A 149 4.31 -5.79 -15.84
CA ASP A 149 5.48 -6.31 -16.55
C ASP A 149 6.44 -5.19 -16.98
N THR A 150 5.92 -4.03 -17.41
CA THR A 150 6.74 -2.85 -17.74
C THR A 150 7.29 -2.17 -16.48
N PHE A 151 6.58 -2.19 -15.34
CA PHE A 151 7.12 -1.73 -14.06
C PHE A 151 8.38 -2.51 -13.64
N VAL A 152 8.39 -3.85 -13.73
CA VAL A 152 9.59 -4.64 -13.42
C VAL A 152 10.71 -4.45 -14.47
N GLU A 153 10.39 -4.17 -15.74
CA GLU A 153 11.42 -3.78 -16.72
C GLU A 153 12.11 -2.43 -16.37
N LEU A 154 11.38 -1.48 -15.79
CA LEU A 154 11.91 -0.18 -15.33
C LEU A 154 12.64 -0.26 -13.96
N TYR A 155 12.06 -0.93 -12.96
CA TYR A 155 12.56 -0.97 -11.58
C TYR A 155 13.49 -2.16 -11.25
N GLY A 156 13.57 -3.17 -12.12
CA GLY A 156 14.42 -4.38 -11.95
C GLY A 156 15.93 -4.10 -11.94
CA GLY B 1 3.10 18.98 15.61
C GLY B 1 2.21 18.23 16.58
N SER B 2 0.88 18.36 16.42
CA SER B 2 -0.15 17.68 17.22
C SER B 2 -1.39 17.35 16.38
N HIS B 3 -2.05 16.22 16.70
CA HIS B 3 -3.12 15.61 15.90
C HIS B 3 -4.37 16.50 15.74
N MET B 4 -5.07 16.34 14.62
CA MET B 4 -6.31 17.05 14.26
C MET B 4 -7.31 16.11 13.52
N SER B 5 -8.58 16.51 13.49
CA SER B 5 -9.71 15.72 12.93
C SER B 5 -9.79 15.69 11.39
N ALA B 6 -8.86 16.36 10.70
CA ALA B 6 -8.80 16.50 9.24
C ALA B 6 -7.33 16.51 8.74
N MET B 7 -7.08 16.86 7.47
CA MET B 7 -5.73 17.00 6.90
C MET B 7 -4.94 18.08 7.68
N SER B 8 -4.04 17.64 8.55
CA SER B 8 -3.22 18.50 9.41
C SER B 8 -1.99 19.04 8.67
N THR B 9 -1.99 20.34 8.38
CA THR B 9 -0.87 21.04 7.72
C THR B 9 0.39 21.13 8.59
N THR B 10 0.31 20.83 9.88
CA THR B 10 1.46 20.79 10.81
C THR B 10 1.96 19.38 11.13
N ASP B 11 1.27 18.33 10.69
CA ASP B 11 1.75 16.93 10.72
C ASP B 11 2.13 16.41 9.33
N LEU B 12 1.16 16.31 8.41
CA LEU B 12 1.34 15.65 7.11
C LEU B 12 2.38 16.32 6.22
N GLU B 13 2.53 17.64 6.31
CA GLU B 13 3.49 18.38 5.52
C GLU B 13 4.91 17.85 5.78
N ALA B 14 5.34 17.77 7.05
CA ALA B 14 6.68 17.30 7.40
C ALA B 14 6.90 15.77 7.26
N TYR B 15 5.95 15.05 6.63
CA TYR B 15 6.07 13.65 6.25
C TYR B 15 6.10 13.54 4.71
N PHE B 16 5.14 14.17 4.02
CA PHE B 16 5.06 14.21 2.56
C PHE B 16 6.20 15.04 1.92
N LYS B 17 6.56 16.20 2.49
CA LYS B 17 7.69 17.04 2.04
C LYS B 17 9.05 16.44 2.43
N ASP B 18 9.09 15.63 3.48
CA ASP B 18 10.33 15.00 3.97
C ASP B 18 10.85 13.89 3.02
N CYS B 19 9.96 13.28 2.21
CA CYS B 19 10.31 12.32 1.15
C CYS B 19 10.85 12.95 -0.16
N VAL B 20 11.21 14.25 -0.17
CA VAL B 20 11.60 15.01 -1.38
C VAL B 20 12.87 14.50 -2.09
N PHE B 21 13.76 13.76 -1.41
CA PHE B 21 14.99 13.22 -2.00
C PHE B 21 14.70 12.10 -3.02
N LYS B 22 14.56 12.52 -4.29
CA LYS B 22 14.06 11.76 -5.45
C LYS B 22 12.58 11.37 -5.36
N ASP B 23 11.87 11.50 -6.49
CA ASP B 23 10.45 11.20 -6.69
C ASP B 23 10.20 9.68 -6.85
N TRP B 24 10.66 8.91 -5.87
CA TRP B 24 10.49 7.46 -5.70
C TRP B 24 10.87 6.62 -6.95
N GLY B 25 12.00 6.95 -7.59
CA GLY B 25 12.55 6.25 -8.76
C GLY B 25 14.02 6.55 -9.00
N MET A 1 -4.61 -8.68 -17.51
CA MET A 1 -5.77 -9.06 -16.65
C MET A 1 -5.67 -8.37 -15.30
N SER A 2 -6.73 -7.71 -14.85
CA SER A 2 -6.74 -6.85 -13.65
C SER A 2 -6.62 -7.62 -12.32
N GLN A 3 -7.10 -8.87 -12.25
CA GLN A 3 -7.19 -9.64 -10.99
C GLN A 3 -5.82 -9.89 -10.31
N SER A 4 -4.71 -9.86 -11.06
CA SER A 4 -3.35 -10.01 -10.53
C SER A 4 -2.97 -8.90 -9.53
N ASN A 5 -3.60 -7.71 -9.60
CA ASN A 5 -3.35 -6.63 -8.65
C ASN A 5 -3.66 -7.05 -7.20
N ARG A 6 -4.73 -7.84 -6.98
CA ARG A 6 -5.06 -8.37 -5.64
C ARG A 6 -4.03 -9.39 -5.16
N GLU A 7 -3.54 -10.26 -6.05
CA GLU A 7 -2.54 -11.29 -5.71
C GLU A 7 -1.23 -10.67 -5.22
N LEU A 8 -0.71 -9.65 -5.91
CA LEU A 8 0.51 -8.95 -5.49
C LEU A 8 0.29 -7.96 -4.32
N VAL A 9 -0.95 -7.50 -4.08
CA VAL A 9 -1.31 -6.76 -2.86
C VAL A 9 -1.30 -7.68 -1.62
N VAL A 10 -1.94 -8.85 -1.71
CA VAL A 10 -1.97 -9.85 -0.61
C VAL A 10 -0.56 -10.31 -0.24
N ASP A 11 0.39 -10.37 -1.19
CA ASP A 11 1.79 -10.68 -0.88
C ASP A 11 2.44 -9.70 0.10
N PHE A 12 2.55 -8.40 -0.25
CA PHE A 12 3.25 -7.45 0.62
C PHE A 12 2.53 -7.26 1.96
N LEU A 13 1.19 -7.35 1.99
CA LEU A 13 0.42 -7.34 3.23
C LEU A 13 0.75 -8.55 4.11
N SER A 14 0.53 -9.76 3.59
CA SER A 14 0.65 -10.97 4.41
C SER A 14 2.10 -11.20 4.87
N TYR A 15 3.09 -10.77 4.08
CA TYR A 15 4.50 -10.74 4.47
C TYR A 15 4.77 -9.78 5.64
N LYS A 16 4.36 -8.50 5.54
CA LYS A 16 4.56 -7.51 6.63
C LYS A 16 3.83 -7.92 7.91
N LEU A 17 2.64 -8.50 7.79
CA LEU A 17 1.89 -9.09 8.90
C LEU A 17 2.61 -10.30 9.51
N SER A 18 3.18 -11.19 8.70
CA SER A 18 4.01 -12.33 9.16
C SER A 18 5.28 -11.88 9.90
N GLN A 19 5.91 -10.78 9.46
CA GLN A 19 7.08 -10.19 10.12
C GLN A 19 6.75 -9.56 11.49
N LYS A 20 5.53 -9.05 11.66
CA LYS A 20 4.96 -8.63 12.95
C LYS A 20 4.57 -9.81 13.87
N GLY A 21 4.61 -11.04 13.36
CA GLY A 21 4.22 -12.27 14.06
C GLY A 21 2.73 -12.65 13.92
N TYR A 22 2.00 -12.03 12.98
CA TYR A 22 0.59 -12.32 12.70
C TYR A 22 0.41 -13.39 11.60
N SER A 23 -0.83 -13.85 11.38
CA SER A 23 -1.15 -14.94 10.43
C SER A 23 -2.37 -14.60 9.55
N TRP A 24 -2.15 -14.51 8.23
CA TRP A 24 -3.19 -14.18 7.24
C TRP A 24 -4.35 -15.20 7.24
N SER A 25 -4.06 -16.48 7.47
CA SER A 25 -5.05 -17.56 7.58
C SER A 25 -6.10 -17.34 8.68
N GLN A 26 -5.76 -16.54 9.69
CA GLN A 26 -6.64 -16.21 10.81
C GLN A 26 -7.54 -15.00 10.55
N PHE A 27 -7.18 -14.14 9.59
CA PHE A 27 -7.94 -12.95 9.19
C PHE A 27 -8.73 -13.17 7.88
N SER A 28 -8.27 -14.08 7.02
CA SER A 28 -8.87 -14.39 5.72
C SER A 28 -9.95 -15.47 5.80
N ASP A 29 -11.01 -15.33 5.01
CA ASP A 29 -12.09 -16.33 4.88
C ASP A 29 -11.80 -17.40 3.79
N VAL A 30 -10.86 -17.14 2.88
CA VAL A 30 -10.63 -17.95 1.67
C VAL A 30 -9.63 -19.10 1.91
N GLU A 31 -10.12 -20.33 1.89
CA GLU A 31 -9.32 -21.57 1.87
C GLU A 31 -9.20 -22.19 0.46
N GLU A 32 -9.96 -21.65 -0.51
CA GLU A 32 -10.07 -22.11 -1.90
C GLU A 32 -8.90 -21.64 -2.80
N ASN A 33 -7.70 -21.52 -2.25
CA ASN A 33 -6.49 -20.98 -2.89
C ASN A 33 -6.70 -19.53 -3.41
N ARG A 34 -6.06 -19.15 -4.52
CA ARG A 34 -6.01 -17.80 -5.15
C ARG A 34 -5.32 -16.71 -4.32
N THR A 35 -5.68 -16.55 -3.05
CA THR A 35 -5.05 -15.66 -2.05
C THR A 35 -3.73 -16.23 -1.47
N GLU A 36 -3.03 -17.05 -2.26
CA GLU A 36 -1.78 -17.73 -1.90
C GLU A 36 -0.55 -16.81 -2.06
N ALA A 37 0.60 -17.24 -1.51
CA ALA A 37 1.88 -16.58 -1.77
C ALA A 37 2.28 -16.67 -3.28
N PRO A 38 2.93 -15.64 -3.84
CA PRO A 38 3.19 -15.49 -5.28
C PRO A 38 4.40 -16.30 -5.79
N GLU A 39 4.47 -17.58 -5.43
CA GLU A 39 5.47 -18.55 -5.92
C GLU A 39 5.16 -19.06 -7.35
N GLY A 40 4.57 -18.20 -8.18
CA GLY A 40 4.08 -18.49 -9.54
C GLY A 40 5.11 -18.25 -10.64
N THR A 41 4.63 -17.85 -11.81
CA THR A 41 5.41 -17.68 -13.06
C THR A 41 5.56 -16.22 -13.48
N GLU A 42 4.46 -15.58 -13.88
CA GLU A 42 4.45 -14.25 -14.49
C GLU A 42 4.59 -13.11 -13.46
N SER A 43 3.84 -13.19 -12.35
CA SER A 43 3.87 -12.18 -11.27
C SER A 43 5.13 -12.28 -10.39
N GLU A 44 5.89 -13.38 -10.49
CA GLU A 44 7.08 -13.66 -9.67
C GLU A 44 8.19 -12.60 -9.78
N ALA A 45 8.33 -12.02 -10.96
CA ALA A 45 9.25 -10.89 -11.20
C ALA A 45 8.71 -9.57 -10.60
N VAL A 46 7.40 -9.30 -10.74
CA VAL A 46 6.74 -8.11 -10.18
C VAL A 46 6.82 -8.08 -8.66
N LYS A 47 6.44 -9.17 -7.99
CA LYS A 47 6.51 -9.27 -6.52
C LYS A 47 7.93 -9.09 -6.01
N GLN A 48 8.95 -9.55 -6.75
CA GLN A 48 10.35 -9.37 -6.38
C GLN A 48 10.76 -7.89 -6.44
N ALA A 49 10.45 -7.22 -7.56
CA ALA A 49 10.80 -5.81 -7.76
C ALA A 49 10.04 -4.88 -6.80
N LEU A 50 8.74 -5.11 -6.62
CA LEU A 50 7.87 -4.27 -5.78
C LEU A 50 8.22 -4.41 -4.29
N ARG A 51 8.58 -5.62 -3.82
CA ARG A 51 9.08 -5.87 -2.46
C ARG A 51 10.36 -5.07 -2.19
N GLU A 52 11.35 -5.11 -3.08
CA GLU A 52 12.58 -4.34 -2.93
C GLU A 52 12.34 -2.82 -3.00
N ALA A 53 11.49 -2.35 -3.93
CA ALA A 53 11.17 -0.94 -4.09
C ALA A 53 10.50 -0.35 -2.83
N GLY A 54 9.54 -1.07 -2.25
CA GLY A 54 8.92 -0.69 -0.98
C GLY A 54 9.89 -0.76 0.18
N ASP A 55 10.53 -1.91 0.41
CA ASP A 55 11.39 -2.15 1.58
C ASP A 55 12.62 -1.23 1.64
N GLU A 56 13.24 -0.89 0.49
CA GLU A 56 14.38 0.03 0.47
C GLU A 56 14.00 1.45 0.91
N PHE A 57 12.84 1.96 0.51
CA PHE A 57 12.35 3.28 0.93
C PHE A 57 11.74 3.25 2.34
N GLU A 58 10.99 2.20 2.69
CA GLU A 58 10.45 2.01 4.06
C GLU A 58 11.55 1.85 5.12
N LEU A 59 12.74 1.36 4.77
CA LEU A 59 13.89 1.32 5.68
C LEU A 59 14.42 2.73 6.01
N ARG A 60 14.53 3.60 5.00
CA ARG A 60 15.08 4.97 5.12
C ARG A 60 14.06 5.94 5.73
N TYR A 61 12.82 5.87 5.27
CA TYR A 61 11.66 6.66 5.73
C TYR A 61 10.85 5.95 6.83
N ARG A 62 11.43 5.04 7.62
CA ARG A 62 10.70 4.18 8.58
C ARG A 62 9.83 4.98 9.57
N ARG A 63 10.43 6.02 10.17
CA ARG A 63 9.72 6.97 11.04
C ARG A 63 8.62 7.76 10.31
N ALA A 64 8.86 8.15 9.05
CA ALA A 64 7.89 8.90 8.26
C ALA A 64 6.67 8.06 7.86
N PHE A 65 6.83 6.86 7.26
CA PHE A 65 5.68 5.99 6.96
C PHE A 65 4.88 5.64 8.24
N SER A 66 5.56 5.40 9.38
CA SER A 66 4.91 5.14 10.67
C SER A 66 4.12 6.36 11.20
N ASP A 67 4.70 7.57 11.17
CA ASP A 67 4.02 8.80 11.58
C ASP A 67 2.85 9.17 10.65
N LEU A 68 2.98 8.94 9.33
CA LEU A 68 1.90 9.13 8.35
C LEU A 68 0.67 8.25 8.69
N THR A 69 0.86 6.95 8.94
CA THR A 69 -0.25 6.03 9.26
C THR A 69 -0.80 6.19 10.67
N SER A 70 -0.04 6.77 11.61
CA SER A 70 -0.51 7.07 12.97
C SER A 70 -1.60 8.16 13.00
N GLN A 71 -1.63 9.07 12.01
CA GLN A 71 -2.59 10.18 11.94
C GLN A 71 -3.90 9.84 11.20
N LEU A 72 -3.84 9.02 10.14
CA LEU A 72 -5.00 8.73 9.28
C LEU A 72 -6.02 7.78 9.92
N HIS A 73 -7.31 7.99 9.61
CA HIS A 73 -8.44 7.14 9.98
C HIS A 73 -8.47 5.84 9.16
N ILE A 74 -8.91 4.73 9.77
CA ILE A 74 -8.97 3.40 9.13
C ILE A 74 -10.22 2.56 9.47
N THR A 75 -11.05 3.03 10.39
CA THR A 75 -12.33 2.42 10.82
C THR A 75 -13.40 2.47 9.70
N PRO A 76 -14.25 1.43 9.52
CA PRO A 76 -15.26 1.39 8.45
C PRO A 76 -16.23 2.58 8.51
N GLY A 77 -16.43 3.23 7.35
CA GLY A 77 -17.14 4.50 7.21
C GLY A 77 -16.37 5.49 6.33
N THR A 78 -16.14 6.70 6.84
CA THR A 78 -15.45 7.79 6.12
C THR A 78 -13.97 7.53 5.79
N ALA A 79 -13.34 6.49 6.35
CA ALA A 79 -11.95 6.13 6.11
C ALA A 79 -11.61 5.91 4.62
N TYR A 80 -12.51 5.28 3.85
CA TYR A 80 -12.34 5.07 2.40
C TYR A 80 -12.23 6.41 1.66
N GLN A 81 -13.06 7.39 2.03
CA GLN A 81 -13.05 8.76 1.48
C GLN A 81 -11.81 9.55 1.93
N SER A 82 -11.42 9.40 3.21
CA SER A 82 -10.26 10.07 3.82
C SER A 82 -8.93 9.55 3.24
N PHE A 83 -8.85 8.25 2.94
CA PHE A 83 -7.71 7.65 2.24
C PHE A 83 -7.63 8.08 0.76
N GLU A 84 -8.75 8.03 0.03
CA GLU A 84 -8.76 8.34 -1.42
C GLU A 84 -8.35 9.79 -1.69
N GLN A 85 -8.84 10.75 -0.90
CA GLN A 85 -8.49 12.17 -1.06
C GLN A 85 -7.03 12.48 -0.71
N VAL A 86 -6.42 11.72 0.21
CA VAL A 86 -5.01 11.85 0.61
C VAL A 86 -4.09 11.25 -0.44
N VAL A 87 -4.43 10.09 -1.01
CA VAL A 87 -3.71 9.50 -2.15
C VAL A 87 -3.89 10.36 -3.42
N ASN A 88 -5.02 11.07 -3.59
CA ASN A 88 -5.18 12.08 -4.64
C ASN A 88 -4.33 13.37 -4.40
N GLU A 89 -3.75 13.55 -3.22
CA GLU A 89 -2.74 14.60 -2.94
C GLU A 89 -1.35 14.01 -3.14
N LEU A 90 -1.18 12.74 -2.76
CA LEU A 90 0.03 11.96 -2.93
C LEU A 90 0.48 11.93 -4.40
N PHE A 91 -0.42 11.53 -5.30
CA PHE A 91 -0.16 11.50 -6.73
C PHE A 91 -0.25 12.88 -7.43
N ARG A 92 -0.50 13.98 -6.71
CA ARG A 92 -0.61 15.33 -7.33
C ARG A 92 0.73 15.85 -7.87
N ASP A 93 1.84 15.29 -7.39
CA ASP A 93 3.19 15.49 -7.94
C ASP A 93 3.40 14.79 -9.31
N GLY A 94 2.54 13.81 -9.63
CA GLY A 94 2.59 12.96 -10.83
C GLY A 94 2.13 11.54 -10.53
N VAL A 95 1.45 10.90 -11.49
CA VAL A 95 0.87 9.53 -11.37
C VAL A 95 1.94 8.42 -11.58
N ASN A 96 3.21 8.81 -11.58
CA ASN A 96 4.36 7.99 -11.96
C ASN A 96 4.59 6.79 -11.03
N TRP A 97 5.27 5.76 -11.54
CA TRP A 97 5.65 4.54 -10.80
C TRP A 97 6.33 4.83 -9.45
N GLY A 98 7.07 5.94 -9.35
CA GLY A 98 7.65 6.41 -8.10
C GLY A 98 6.60 6.60 -6.99
N ARG A 99 5.56 7.40 -7.21
CA ARG A 99 4.50 7.60 -6.20
C ARG A 99 3.64 6.34 -5.97
N ILE A 100 3.56 5.41 -6.93
CA ILE A 100 2.89 4.11 -6.73
C ILE A 100 3.58 3.30 -5.62
N VAL A 101 4.92 3.39 -5.50
CA VAL A 101 5.67 2.78 -4.38
C VAL A 101 5.23 3.34 -3.01
N ALA A 102 5.07 4.66 -2.90
CA ALA A 102 4.64 5.31 -1.66
C ALA A 102 3.18 4.95 -1.30
N PHE A 103 2.29 4.93 -2.29
CA PHE A 103 0.87 4.60 -2.12
C PHE A 103 0.66 3.20 -1.50
N PHE A 104 1.32 2.17 -2.05
CA PHE A 104 1.13 0.80 -1.55
C PHE A 104 1.76 0.59 -0.17
N SER A 105 2.92 1.21 0.07
CA SER A 105 3.66 1.12 1.33
C SER A 105 2.85 1.76 2.47
N PHE A 106 2.25 2.92 2.20
CA PHE A 106 1.31 3.59 3.10
C PHE A 106 0.06 2.72 3.39
N GLY A 107 -0.55 2.12 2.37
CA GLY A 107 -1.69 1.20 2.53
C GLY A 107 -1.37 -0.05 3.36
N GLY A 108 -0.17 -0.62 3.18
CA GLY A 108 0.30 -1.78 3.96
C GLY A 108 0.55 -1.46 5.43
N ALA A 109 1.16 -0.31 5.74
CA ALA A 109 1.34 0.14 7.11
C ALA A 109 0.00 0.45 7.83
N LEU A 110 -1.04 0.92 7.11
CA LEU A 110 -2.40 1.05 7.66
C LEU A 110 -3.04 -0.31 8.02
N CYS A 111 -2.84 -1.34 7.20
CA CYS A 111 -3.28 -2.71 7.53
C CYS A 111 -2.59 -3.23 8.80
N VAL A 112 -1.25 -3.10 8.89
CA VAL A 112 -0.48 -3.52 10.06
C VAL A 112 -0.94 -2.82 11.33
N GLU A 113 -1.06 -1.48 11.32
CA GLU A 113 -1.43 -0.74 12.53
C GLU A 113 -2.87 -1.02 12.97
N SER A 114 -3.78 -1.38 12.04
CA SER A 114 -5.14 -1.84 12.34
C SER A 114 -5.14 -3.17 13.10
N VAL A 115 -4.33 -4.15 12.68
CA VAL A 115 -4.17 -5.43 13.41
C VAL A 115 -3.57 -5.19 14.80
N ASP A 116 -2.58 -4.32 14.93
CA ASP A 116 -1.94 -3.95 16.20
C ASP A 116 -2.95 -3.24 17.16
N LYS A 117 -3.90 -2.49 16.60
CA LYS A 117 -5.08 -1.92 17.28
C LYS A 117 -6.16 -2.95 17.65
N GLU A 118 -5.93 -4.25 17.43
CA GLU A 118 -6.90 -5.34 17.60
C GLU A 118 -8.14 -5.21 16.69
N MET A 119 -7.94 -4.70 15.47
CA MET A 119 -8.96 -4.55 14.41
C MET A 119 -8.55 -5.39 13.19
N GLN A 120 -8.22 -6.65 13.44
CA GLN A 120 -7.60 -7.57 12.47
C GLN A 120 -8.52 -7.93 11.30
N VAL A 121 -9.83 -7.99 11.58
CA VAL A 121 -10.89 -8.23 10.59
C VAL A 121 -10.87 -7.20 9.44
N LEU A 122 -10.39 -5.97 9.69
CA LEU A 122 -10.30 -4.93 8.67
C LEU A 122 -9.20 -5.17 7.64
N VAL A 123 -8.29 -6.14 7.84
CA VAL A 123 -7.24 -6.45 6.85
C VAL A 123 -7.84 -6.69 5.47
N SER A 124 -8.96 -7.43 5.40
CA SER A 124 -9.72 -7.64 4.16
C SER A 124 -10.37 -6.35 3.61
N ARG A 125 -10.91 -5.48 4.47
CA ARG A 125 -11.58 -4.23 4.04
C ARG A 125 -10.57 -3.19 3.56
N ILE A 126 -9.49 -2.96 4.31
CA ILE A 126 -8.41 -2.04 3.95
C ILE A 126 -7.69 -2.50 2.67
N ALA A 127 -7.43 -3.80 2.52
CA ALA A 127 -6.91 -4.37 1.28
C ALA A 127 -7.86 -4.10 0.10
N ALA A 128 -9.16 -4.32 0.28
CA ALA A 128 -10.16 -4.03 -0.75
C ALA A 128 -10.25 -2.52 -1.09
N TRP A 129 -10.16 -1.62 -0.10
CA TRP A 129 -10.18 -0.17 -0.31
C TRP A 129 -9.02 0.30 -1.20
N MET A 130 -7.78 -0.07 -0.88
CA MET A 130 -6.62 0.34 -1.65
C MET A 130 -6.49 -0.43 -2.97
N ALA A 131 -6.91 -1.69 -3.05
CA ALA A 131 -7.03 -2.42 -4.31
C ALA A 131 -8.09 -1.79 -5.24
N THR A 132 -9.21 -1.32 -4.69
CA THR A 132 -10.26 -0.62 -5.47
C THR A 132 -9.71 0.69 -6.04
N TYR A 133 -8.94 1.47 -5.28
CA TYR A 133 -8.26 2.66 -5.80
C TYR A 133 -7.33 2.31 -6.99
N LEU A 134 -6.45 1.32 -6.79
CA LEU A 134 -5.47 0.87 -7.78
C LEU A 134 -6.17 0.33 -9.04
N ASN A 135 -7.26 -0.43 -8.90
CA ASN A 135 -8.06 -0.97 -10.00
C ASN A 135 -8.89 0.10 -10.74
N ASP A 136 -9.36 1.15 -10.06
CA ASP A 136 -10.18 2.22 -10.65
C ASP A 136 -9.37 3.34 -11.32
N HIS A 137 -8.25 3.76 -10.72
CA HIS A 137 -7.49 4.96 -11.11
C HIS A 137 -6.17 4.61 -11.78
N LEU A 138 -5.37 3.72 -11.17
CA LEU A 138 -4.04 3.38 -11.68
C LEU A 138 -4.07 2.37 -12.83
N GLU A 139 -5.01 1.43 -12.86
CA GLU A 139 -5.03 0.33 -13.85
C GLU A 139 -4.90 0.76 -15.33
N PRO A 140 -5.65 1.76 -15.84
CA PRO A 140 -5.45 2.24 -17.23
C PRO A 140 -4.10 2.94 -17.43
N TRP A 141 -3.63 3.72 -16.44
CA TRP A 141 -2.31 4.38 -16.48
C TRP A 141 -1.18 3.33 -16.51
N ILE A 142 -1.28 2.30 -15.68
CA ILE A 142 -0.35 1.16 -15.58
C ILE A 142 -0.23 0.47 -16.95
N GLN A 143 -1.35 0.10 -17.57
CA GLN A 143 -1.33 -0.61 -18.86
C GLN A 143 -0.85 0.29 -20.02
N GLU A 144 -1.13 1.58 -19.98
CA GLU A 144 -0.59 2.56 -20.95
C GLU A 144 0.94 2.71 -20.82
N ASN A 145 1.45 2.61 -19.59
CA ASN A 145 2.86 2.59 -19.23
C ASN A 145 3.50 1.16 -19.29
N GLY A 146 2.89 0.24 -20.05
CA GLY A 146 3.47 -1.08 -20.36
C GLY A 146 3.26 -2.17 -19.28
N GLY A 147 2.41 -1.92 -18.29
CA GLY A 147 2.06 -2.85 -17.22
C GLY A 147 3.16 -3.05 -16.16
N TRP A 148 2.87 -3.89 -15.16
CA TRP A 148 3.84 -4.27 -14.13
C TRP A 148 5.10 -4.97 -14.69
N ASP A 149 5.03 -5.56 -15.87
CA ASP A 149 6.19 -6.10 -16.60
C ASP A 149 7.22 -5.00 -16.94
N THR A 150 6.75 -3.78 -17.27
CA THR A 150 7.63 -2.62 -17.47
C THR A 150 8.14 -2.07 -16.13
N PHE A 151 7.34 -2.13 -15.05
CA PHE A 151 7.81 -1.74 -13.72
C PHE A 151 9.02 -2.57 -13.27
N VAL A 152 9.00 -3.90 -13.38
CA VAL A 152 10.18 -4.73 -13.02
C VAL A 152 11.39 -4.47 -13.92
N GLU A 153 11.21 -4.13 -15.21
CA GLU A 153 12.33 -3.73 -16.08
C GLU A 153 12.98 -2.39 -15.66
N LEU A 154 12.24 -1.49 -15.01
CA LEU A 154 12.73 -0.17 -14.54
C LEU A 154 13.16 -0.14 -13.06
N TYR A 155 12.55 -0.95 -12.19
CA TYR A 155 12.74 -0.92 -10.71
C TYR A 155 13.30 -2.22 -10.10
N GLY A 156 13.42 -3.31 -10.87
CA GLY A 156 14.00 -4.59 -10.44
C GLY A 156 15.52 -4.52 -10.21
CA GLY B 1 1.22 23.39 14.65
C GLY B 1 -0.27 23.27 14.89
N SER B 2 -1.08 24.06 14.17
CA SER B 2 -2.54 24.06 14.31
C SER B 2 -3.18 22.74 13.85
N HIS B 3 -3.91 22.09 14.76
CA HIS B 3 -4.54 20.78 14.55
C HIS B 3 -5.89 20.85 13.83
N MET B 4 -6.25 19.80 13.08
CA MET B 4 -7.52 19.65 12.36
C MET B 4 -8.24 18.35 12.73
N SER B 5 -9.59 18.36 12.70
CA SER B 5 -10.42 17.15 12.82
C SER B 5 -10.33 16.24 11.58
N ALA B 6 -10.10 16.85 10.41
CA ALA B 6 -9.77 16.19 9.14
C ALA B 6 -8.26 15.85 9.07
N MET B 7 -7.69 15.76 7.86
CA MET B 7 -6.23 15.67 7.65
C MET B 7 -5.53 16.89 8.30
N SER B 8 -4.60 16.65 9.22
CA SER B 8 -3.90 17.72 9.97
C SER B 8 -2.79 18.35 9.14
N THR B 9 -3.19 19.24 8.23
CA THR B 9 -2.35 19.80 7.15
C THR B 9 -1.04 20.43 7.63
N THR B 10 -0.98 21.08 8.80
CA THR B 10 0.27 21.73 9.24
C THR B 10 1.36 20.76 9.73
N ASP B 11 1.00 19.50 10.05
CA ASP B 11 1.93 18.44 10.46
C ASP B 11 2.10 17.35 9.39
N LEU B 12 1.01 16.84 8.81
CA LEU B 12 1.05 15.76 7.82
C LEU B 12 1.69 16.19 6.51
N GLU B 13 1.51 17.43 6.06
CA GLU B 13 2.04 17.86 4.76
C GLU B 13 3.57 17.73 4.74
N ALA B 14 4.26 18.07 5.83
CA ALA B 14 5.72 18.03 5.89
C ALA B 14 6.23 16.61 5.57
N TYR B 15 5.71 15.58 6.24
CA TYR B 15 5.97 14.16 5.98
C TYR B 15 5.54 13.71 4.57
N PHE B 16 4.34 14.10 4.10
CA PHE B 16 3.84 13.71 2.77
C PHE B 16 4.62 14.33 1.60
N LYS B 17 5.19 15.54 1.79
CA LYS B 17 6.13 16.21 0.87
C LYS B 17 7.57 15.69 1.04
N ASP B 18 7.98 15.41 2.28
CA ASP B 18 9.30 14.83 2.62
C ASP B 18 9.50 13.44 2.00
N CYS B 19 8.44 12.62 1.95
CA CYS B 19 8.38 11.27 1.38
C CYS B 19 8.46 11.21 -0.17
N VAL B 20 9.32 12.04 -0.77
CA VAL B 20 9.80 12.07 -2.17
C VAL B 20 11.12 12.85 -2.35
N PHE B 21 11.52 13.71 -1.40
CA PHE B 21 12.71 14.59 -1.52
C PHE B 21 14.05 13.84 -1.57
N LYS B 22 14.13 12.58 -1.14
CA LYS B 22 15.34 11.74 -1.14
C LYS B 22 15.09 10.34 -1.70
N ASP B 23 16.07 9.82 -2.43
CA ASP B 23 16.15 8.49 -3.07
C ASP B 23 15.06 8.13 -4.10
N TRP B 24 14.11 9.04 -4.32
CA TRP B 24 13.12 9.01 -5.40
C TRP B 24 13.60 9.80 -6.63
N GLY B 25 13.15 9.39 -7.83
CA GLY B 25 13.46 10.04 -9.12
C GLY B 25 12.76 11.38 -9.31
N MET A 1 -11.14 -4.08 -14.99
CA MET A 1 -10.99 -4.66 -13.63
C MET A 1 -10.20 -5.97 -13.71
N SER A 2 -9.24 -6.17 -12.78
CA SER A 2 -8.39 -7.37 -12.70
C SER A 2 -8.25 -7.89 -11.27
N GLN A 3 -8.24 -9.22 -11.08
CA GLN A 3 -8.02 -9.85 -9.77
C GLN A 3 -6.55 -9.78 -9.32
N SER A 4 -5.60 -9.74 -10.26
CA SER A 4 -4.15 -9.80 -9.99
C SER A 4 -3.67 -8.69 -9.04
N ASN A 5 -4.29 -7.51 -9.13
CA ASN A 5 -4.02 -6.37 -8.23
C ASN A 5 -4.33 -6.69 -6.76
N ARG A 6 -5.41 -7.43 -6.46
CA ARG A 6 -5.72 -7.89 -5.09
C ARG A 6 -4.67 -8.88 -4.59
N GLU A 7 -4.27 -9.84 -5.43
CA GLU A 7 -3.27 -10.85 -5.08
C GLU A 7 -1.90 -10.24 -4.78
N LEU A 8 -1.43 -9.29 -5.61
CA LEU A 8 -0.16 -8.59 -5.39
C LEU A 8 -0.23 -7.49 -4.31
N VAL A 9 -1.44 -7.09 -3.87
CA VAL A 9 -1.64 -6.26 -2.66
C VAL A 9 -1.47 -7.11 -1.40
N VAL A 10 -2.16 -8.25 -1.32
CA VAL A 10 -2.12 -9.16 -0.16
C VAL A 10 -0.70 -9.71 0.10
N ASP A 11 0.14 -9.80 -0.93
CA ASP A 11 1.57 -10.14 -0.82
C ASP A 11 2.31 -9.32 0.26
N PHE A 12 2.47 -8.01 0.06
CA PHE A 12 3.30 -7.19 0.95
C PHE A 12 2.68 -7.00 2.35
N LEU A 13 1.34 -7.03 2.47
CA LEU A 13 0.68 -7.11 3.77
C LEU A 13 1.08 -8.40 4.48
N SER A 14 0.80 -9.55 3.87
CA SER A 14 0.96 -10.85 4.51
C SER A 14 2.43 -11.10 4.87
N TYR A 15 3.35 -10.71 3.98
CA TYR A 15 4.80 -10.75 4.19
C TYR A 15 5.24 -9.95 5.42
N LYS A 16 4.75 -8.72 5.62
CA LYS A 16 5.03 -7.92 6.82
C LYS A 16 4.33 -8.47 8.07
N LEU A 17 3.09 -8.94 7.96
CA LEU A 17 2.33 -9.49 9.09
C LEU A 17 2.97 -10.79 9.63
N SER A 18 3.47 -11.66 8.77
CA SER A 18 4.25 -12.84 9.16
C SER A 18 5.55 -12.49 9.90
N GLN A 19 6.24 -11.41 9.50
CA GLN A 19 7.44 -10.91 10.20
C GLN A 19 7.11 -10.25 11.55
N LYS A 20 5.91 -9.66 11.67
CA LYS A 20 5.32 -9.17 12.93
C LYS A 20 4.80 -10.31 13.83
N GLY A 21 4.87 -11.57 13.37
CA GLY A 21 4.50 -12.78 14.11
C GLY A 21 3.03 -13.21 13.97
N TYR A 22 2.31 -12.66 12.98
CA TYR A 22 0.87 -12.89 12.76
C TYR A 22 0.56 -13.91 11.64
N SER A 23 -0.71 -14.30 11.51
CA SER A 23 -1.19 -15.29 10.52
C SER A 23 -2.35 -14.74 9.67
N TRP A 24 -2.07 -14.39 8.41
CA TRP A 24 -3.11 -13.94 7.46
C TRP A 24 -4.20 -15.00 7.24
N SER A 25 -3.81 -16.28 7.18
CA SER A 25 -4.72 -17.43 7.05
C SER A 25 -5.74 -17.53 8.20
N GLN A 26 -5.43 -16.94 9.36
CA GLN A 26 -6.33 -16.85 10.51
C GLN A 26 -7.21 -15.59 10.45
N PHE A 27 -6.63 -14.43 10.12
CA PHE A 27 -7.33 -13.14 10.08
C PHE A 27 -8.27 -12.96 8.86
N SER A 28 -8.00 -13.66 7.75
CA SER A 28 -8.71 -13.48 6.47
C SER A 28 -10.21 -13.81 6.56
N ASP A 29 -11.05 -13.03 5.89
CA ASP A 29 -12.51 -13.25 5.82
C ASP A 29 -12.88 -14.60 5.17
N VAL A 30 -12.27 -14.91 4.02
CA VAL A 30 -12.44 -16.15 3.26
C VAL A 30 -11.10 -16.56 2.63
N GLU A 31 -10.64 -17.78 2.91
CA GLU A 31 -9.47 -18.40 2.27
C GLU A 31 -9.87 -19.72 1.59
N GLU A 32 -9.75 -19.75 0.27
CA GLU A 32 -10.15 -20.87 -0.60
C GLU A 32 -9.48 -20.81 -2.00
N ASN A 33 -8.46 -19.96 -2.16
CA ASN A 33 -7.83 -19.56 -3.43
C ASN A 33 -6.84 -20.59 -4.02
N ARG A 34 -7.12 -21.89 -3.83
CA ARG A 34 -6.37 -23.09 -4.25
C ARG A 34 -4.98 -23.27 -3.61
N THR A 35 -4.15 -22.23 -3.57
CA THR A 35 -2.75 -22.26 -3.10
C THR A 35 -2.38 -21.01 -2.30
N GLU A 36 -1.35 -21.13 -1.45
CA GLU A 36 -0.79 -20.03 -0.64
C GLU A 36 0.31 -19.25 -1.39
N ALA A 37 0.51 -17.98 -1.01
CA ALA A 37 1.56 -17.06 -1.48
C ALA A 37 1.51 -16.67 -2.98
N PRO A 38 2.14 -15.55 -3.40
CA PRO A 38 2.25 -15.12 -4.81
C PRO A 38 3.30 -15.92 -5.60
N GLU A 39 3.30 -17.25 -5.44
CA GLU A 39 4.23 -18.21 -6.04
C GLU A 39 3.85 -18.58 -7.50
N GLY A 40 3.57 -17.55 -8.31
CA GLY A 40 3.20 -17.65 -9.73
C GLY A 40 4.41 -17.67 -10.67
N THR A 41 4.26 -17.03 -11.83
CA THR A 41 5.32 -16.85 -12.84
C THR A 41 5.40 -15.39 -13.29
N GLU A 42 4.40 -14.89 -14.03
CA GLU A 42 4.32 -13.49 -14.47
C GLU A 42 4.06 -12.53 -13.29
N SER A 43 3.25 -12.95 -12.31
CA SER A 43 3.01 -12.23 -11.05
C SER A 43 4.20 -12.32 -10.09
N GLU A 44 4.99 -13.39 -10.15
CA GLU A 44 6.16 -13.61 -9.28
C GLU A 44 7.28 -12.60 -9.56
N ALA A 45 7.49 -12.27 -10.83
CA ALA A 45 8.37 -11.18 -11.23
C ALA A 45 7.89 -9.81 -10.70
N VAL A 46 6.58 -9.52 -10.78
CA VAL A 46 5.99 -8.26 -10.29
C VAL A 46 6.15 -8.10 -8.78
N LYS A 47 5.71 -9.09 -7.97
CA LYS A 47 5.92 -9.07 -6.51
C LYS A 47 7.40 -8.95 -6.13
N GLN A 48 8.32 -9.59 -6.86
CA GLN A 48 9.74 -9.57 -6.54
C GLN A 48 10.37 -8.17 -6.70
N ALA A 49 9.91 -7.40 -7.69
CA ALA A 49 10.37 -6.03 -7.95
C ALA A 49 9.65 -5.02 -7.04
N LEU A 50 8.32 -5.10 -6.95
CA LEU A 50 7.50 -4.14 -6.23
C LEU A 50 7.79 -4.16 -4.73
N ARG A 51 7.85 -5.35 -4.13
CA ARG A 51 8.07 -5.53 -2.69
C ARG A 51 9.42 -4.97 -2.24
N GLU A 52 10.48 -5.18 -3.01
CA GLU A 52 11.80 -4.57 -2.78
C GLU A 52 11.81 -3.05 -2.98
N ALA A 53 11.12 -2.54 -4.01
CA ALA A 53 11.02 -1.10 -4.28
C ALA A 53 10.36 -0.33 -3.11
N GLY A 54 9.30 -0.90 -2.53
CA GLY A 54 8.66 -0.35 -1.34
C GLY A 54 9.51 -0.48 -0.08
N ASP A 55 10.08 -1.67 0.17
CA ASP A 55 10.89 -1.91 1.38
C ASP A 55 12.15 -1.02 1.46
N GLU A 56 12.76 -0.66 0.33
CA GLU A 56 13.86 0.31 0.24
C GLU A 56 13.46 1.71 0.76
N PHE A 57 12.29 2.22 0.39
CA PHE A 57 11.77 3.49 0.91
C PHE A 57 11.25 3.37 2.35
N GLU A 58 10.60 2.26 2.70
CA GLU A 58 10.11 1.98 4.06
C GLU A 58 11.26 1.83 5.10
N LEU A 59 12.46 1.42 4.65
CA LEU A 59 13.69 1.38 5.44
C LEU A 59 14.25 2.79 5.75
N ARG A 60 14.21 3.70 4.77
CA ARG A 60 14.92 5.00 4.80
C ARG A 60 14.04 6.21 5.17
N TYR A 61 12.75 6.16 4.85
CA TYR A 61 11.70 7.10 5.30
C TYR A 61 10.84 6.49 6.42
N ARG A 62 11.46 5.66 7.28
CA ARG A 62 10.77 4.80 8.25
C ARG A 62 9.88 5.54 9.27
N ARG A 63 10.23 6.79 9.61
CA ARG A 63 9.36 7.68 10.40
C ARG A 63 8.10 8.09 9.63
N ALA A 64 8.22 8.48 8.37
CA ALA A 64 7.08 8.88 7.55
C ALA A 64 6.08 7.72 7.38
N PHE A 65 6.54 6.55 6.91
CA PHE A 65 5.74 5.32 6.79
C PHE A 65 5.44 4.64 8.17
N SER A 66 5.21 5.45 9.21
CA SER A 66 4.82 5.06 10.57
C SER A 66 4.01 6.17 11.28
N ASP A 67 4.38 7.44 11.10
CA ASP A 67 3.58 8.59 11.55
C ASP A 67 2.37 8.87 10.62
N LEU A 68 2.52 8.70 9.30
CA LEU A 68 1.42 8.85 8.33
C LEU A 68 0.20 7.99 8.68
N THR A 69 0.43 6.73 9.09
CA THR A 69 -0.62 5.75 9.40
C THR A 69 -1.34 6.04 10.73
N SER A 70 -0.71 6.79 11.64
CA SER A 70 -1.33 7.28 12.88
C SER A 70 -2.20 8.52 12.64
N GLN A 71 -1.74 9.44 11.77
CA GLN A 71 -2.47 10.68 11.42
C GLN A 71 -3.71 10.43 10.55
N LEU A 72 -3.66 9.48 9.60
CA LEU A 72 -4.81 9.08 8.79
C LEU A 72 -5.85 8.29 9.61
N HIS A 73 -7.13 8.45 9.30
CA HIS A 73 -8.23 7.66 9.88
C HIS A 73 -8.36 6.29 9.19
N ILE A 74 -8.61 5.23 9.97
CA ILE A 74 -8.67 3.83 9.47
C ILE A 74 -9.93 3.04 9.93
N THR A 75 -10.69 3.63 10.85
CA THR A 75 -12.01 3.21 11.37
C THR A 75 -13.01 2.77 10.27
N PRO A 76 -13.86 1.75 10.51
CA PRO A 76 -14.76 1.19 9.50
C PRO A 76 -15.69 2.21 8.83
N GLY A 77 -15.89 2.04 7.52
CA GLY A 77 -16.74 2.89 6.67
C GLY A 77 -16.11 4.25 6.33
N THR A 78 -15.96 5.13 7.34
CA THR A 78 -15.57 6.54 7.15
C THR A 78 -14.15 6.70 6.59
N ALA A 79 -13.23 5.81 6.96
CA ALA A 79 -11.83 5.86 6.54
C ALA A 79 -11.60 5.76 5.02
N TYR A 80 -12.51 5.13 4.27
CA TYR A 80 -12.45 5.09 2.81
C TYR A 80 -12.37 6.51 2.20
N GLN A 81 -13.08 7.47 2.80
CA GLN A 81 -13.09 8.88 2.40
C GLN A 81 -11.80 9.61 2.83
N SER A 82 -11.28 9.32 4.02
CA SER A 82 -10.01 9.86 4.55
C SER A 82 -8.81 9.40 3.73
N PHE A 83 -8.79 8.13 3.32
CA PHE A 83 -7.78 7.58 2.42
C PHE A 83 -7.90 8.16 1.00
N GLU A 84 -9.11 8.26 0.44
CA GLU A 84 -9.33 8.77 -0.91
C GLU A 84 -8.89 10.23 -1.06
N GLN A 85 -9.25 11.11 -0.12
CA GLN A 85 -8.90 12.53 -0.18
C GLN A 85 -7.38 12.78 -0.11
N VAL A 86 -6.64 11.93 0.60
CA VAL A 86 -5.17 12.02 0.72
C VAL A 86 -4.47 11.43 -0.50
N VAL A 87 -4.86 10.24 -0.96
CA VAL A 87 -4.27 9.61 -2.16
C VAL A 87 -4.56 10.44 -3.43
N ASN A 88 -5.65 11.22 -3.48
CA ASN A 88 -5.88 12.20 -4.55
C ASN A 88 -4.94 13.43 -4.49
N GLU A 89 -4.32 13.76 -3.35
CA GLU A 89 -3.27 14.79 -3.28
C GLU A 89 -1.84 14.20 -3.41
N LEU A 90 -1.71 12.91 -3.12
CA LEU A 90 -0.52 12.09 -3.30
C LEU A 90 -0.12 12.01 -4.77
N PHE A 91 -1.05 11.61 -5.65
CA PHE A 91 -0.81 11.52 -7.10
C PHE A 91 -0.89 12.87 -7.84
N ARG A 92 -1.10 14.00 -7.15
CA ARG A 92 -1.13 15.36 -7.74
C ARG A 92 0.23 15.80 -8.30
N ASP A 93 1.33 15.21 -7.82
CA ASP A 93 2.68 15.36 -8.41
C ASP A 93 2.81 14.67 -9.79
N GLY A 94 1.95 13.68 -10.08
CA GLY A 94 2.00 12.80 -11.24
C GLY A 94 1.63 11.36 -10.85
N VAL A 95 1.04 10.61 -11.80
CA VAL A 95 0.53 9.22 -11.62
C VAL A 95 1.65 8.17 -11.78
N ASN A 96 2.91 8.62 -11.68
CA ASN A 96 4.10 7.82 -12.01
C ASN A 96 4.35 6.64 -11.06
N TRP A 97 5.18 5.68 -11.52
CA TRP A 97 5.55 4.48 -10.77
C TRP A 97 6.16 4.77 -9.38
N GLY A 98 6.92 5.87 -9.23
CA GLY A 98 7.49 6.28 -7.93
C GLY A 98 6.42 6.63 -6.89
N ARG A 99 5.36 7.36 -7.28
CA ARG A 99 4.19 7.58 -6.43
C ARG A 99 3.36 6.31 -6.21
N ILE A 100 3.28 5.38 -7.18
CA ILE A 100 2.62 4.08 -6.99
C ILE A 100 3.36 3.23 -5.93
N VAL A 101 4.71 3.26 -5.90
CA VAL A 101 5.52 2.63 -4.85
C VAL A 101 5.17 3.19 -3.45
N ALA A 102 5.09 4.51 -3.29
CA ALA A 102 4.68 5.13 -2.02
C ALA A 102 3.21 4.84 -1.65
N PHE A 103 2.29 4.79 -2.62
CA PHE A 103 0.87 4.48 -2.40
C PHE A 103 0.68 3.11 -1.72
N PHE A 104 1.30 2.06 -2.27
CA PHE A 104 1.16 0.71 -1.73
C PHE A 104 1.87 0.56 -0.38
N SER A 105 3.05 1.16 -0.27
CA SER A 105 3.90 1.10 0.93
C SER A 105 3.21 1.75 2.14
N PHE A 106 2.50 2.87 1.91
CA PHE A 106 1.62 3.50 2.90
C PHE A 106 0.39 2.64 3.19
N GLY A 107 -0.29 2.13 2.15
CA GLY A 107 -1.52 1.34 2.26
C GLY A 107 -1.37 0.08 3.12
N GLY A 108 -0.33 -0.73 2.89
CA GLY A 108 -0.06 -1.94 3.68
C GLY A 108 0.23 -1.67 5.16
N ALA A 109 0.94 -0.58 5.47
CA ALA A 109 1.31 -0.21 6.85
C ALA A 109 0.10 0.17 7.72
N LEU A 110 -0.98 0.72 7.14
CA LEU A 110 -2.24 1.02 7.85
C LEU A 110 -2.85 -0.24 8.50
N CYS A 111 -2.72 -1.39 7.84
CA CYS A 111 -3.28 -2.66 8.31
C CYS A 111 -2.50 -3.21 9.52
N VAL A 112 -1.17 -3.10 9.52
CA VAL A 112 -0.32 -3.48 10.66
C VAL A 112 -0.60 -2.59 11.87
N GLU A 113 -0.78 -1.28 11.67
CA GLU A 113 -1.16 -0.33 12.70
C GLU A 113 -2.51 -0.69 13.34
N SER A 114 -3.45 -1.24 12.55
CA SER A 114 -4.73 -1.76 13.04
C SER A 114 -4.57 -3.07 13.83
N VAL A 115 -3.83 -4.05 13.30
CA VAL A 115 -3.59 -5.36 13.94
C VAL A 115 -2.88 -5.21 15.30
N ASP A 116 -1.84 -4.39 15.38
CA ASP A 116 -1.06 -4.17 16.61
C ASP A 116 -1.91 -3.59 17.76
N LYS A 117 -2.92 -2.79 17.42
CA LYS A 117 -3.93 -2.23 18.34
C LYS A 117 -5.21 -3.08 18.44
N GLU A 118 -5.10 -4.38 18.14
CA GLU A 118 -6.14 -5.40 18.25
C GLU A 118 -7.41 -5.11 17.42
N MET A 119 -7.21 -4.67 16.17
CA MET A 119 -8.26 -4.43 15.17
C MET A 119 -8.01 -5.27 13.90
N GLN A 120 -7.72 -6.56 14.10
CA GLN A 120 -7.41 -7.56 13.06
C GLN A 120 -8.50 -7.66 11.98
N VAL A 121 -9.75 -7.52 12.39
CA VAL A 121 -10.96 -7.58 11.54
C VAL A 121 -10.89 -6.65 10.32
N LEU A 122 -10.21 -5.50 10.41
CA LEU A 122 -10.06 -4.56 9.30
C LEU A 122 -8.94 -4.92 8.33
N VAL A 123 -8.05 -5.86 8.65
CA VAL A 123 -6.84 -6.10 7.83
C VAL A 123 -7.20 -6.44 6.38
N SER A 124 -8.26 -7.23 6.19
CA SER A 124 -8.86 -7.54 4.88
C SER A 124 -9.67 -6.38 4.28
N ARG A 125 -10.33 -5.54 5.11
CA ARG A 125 -11.12 -4.39 4.65
C ARG A 125 -10.22 -3.28 4.08
N ILE A 126 -9.12 -2.99 4.76
CA ILE A 126 -8.09 -2.02 4.34
C ILE A 126 -7.36 -2.52 3.08
N ALA A 127 -7.06 -3.83 3.01
CA ALA A 127 -6.52 -4.46 1.80
C ALA A 127 -7.47 -4.29 0.60
N ALA A 128 -8.78 -4.53 0.80
CA ALA A 128 -9.80 -4.35 -0.22
C ALA A 128 -9.97 -2.88 -0.64
N TRP A 129 -9.92 -1.92 0.28
CA TRP A 129 -9.99 -0.48 -0.03
C TRP A 129 -8.88 -0.03 -0.99
N MET A 130 -7.60 -0.37 -0.70
CA MET A 130 -6.48 0.02 -1.56
C MET A 130 -6.48 -0.76 -2.89
N ALA A 131 -6.85 -2.04 -2.90
CA ALA A 131 -7.00 -2.81 -4.14
C ALA A 131 -8.14 -2.26 -5.03
N THR A 132 -9.25 -1.82 -4.43
CA THR A 132 -10.37 -1.18 -5.13
C THR A 132 -9.95 0.15 -5.76
N TYR A 133 -9.21 1.00 -5.03
CA TYR A 133 -8.64 2.24 -5.58
C TYR A 133 -7.75 1.97 -6.79
N LEU A 134 -6.83 1.01 -6.67
CA LEU A 134 -5.89 0.63 -7.71
C LEU A 134 -6.62 0.10 -8.97
N ASN A 135 -7.69 -0.69 -8.82
CA ASN A 135 -8.54 -1.10 -9.94
C ASN A 135 -9.36 0.06 -10.56
N ASP A 136 -9.84 1.01 -9.75
CA ASP A 136 -10.71 2.10 -10.20
C ASP A 136 -9.97 3.27 -10.88
N HIS A 137 -8.75 3.59 -10.42
CA HIS A 137 -8.00 4.79 -10.83
C HIS A 137 -6.67 4.49 -11.53
N LEU A 138 -5.85 3.60 -10.95
CA LEU A 138 -4.52 3.31 -11.50
C LEU A 138 -4.54 2.35 -12.69
N GLU A 139 -5.44 1.36 -12.71
CA GLU A 139 -5.46 0.30 -13.72
C GLU A 139 -5.37 0.79 -15.19
N PRO A 140 -6.18 1.75 -15.68
CA PRO A 140 -6.06 2.24 -17.05
C PRO A 140 -4.72 2.94 -17.33
N TRP A 141 -4.17 3.70 -16.36
CA TRP A 141 -2.84 4.29 -16.47
C TRP A 141 -1.75 3.21 -16.55
N ILE A 142 -1.83 2.19 -15.70
CA ILE A 142 -0.89 1.07 -15.64
C ILE A 142 -0.87 0.31 -16.98
N GLN A 143 -2.05 -0.05 -17.52
CA GLN A 143 -2.13 -0.75 -18.82
C GLN A 143 -1.62 0.11 -20.00
N GLU A 144 -1.89 1.42 -19.98
CA GLU A 144 -1.43 2.36 -21.02
C GLU A 144 0.10 2.55 -20.99
N ASN A 145 0.70 2.46 -19.79
CA ASN A 145 2.14 2.48 -19.54
C ASN A 145 2.80 1.07 -19.62
N GLY A 146 2.15 0.11 -20.30
CA GLY A 146 2.73 -1.20 -20.62
C GLY A 146 2.56 -2.30 -19.57
N GLY A 147 1.71 -2.08 -18.56
CA GLY A 147 1.40 -3.03 -17.50
C GLY A 147 2.49 -3.19 -16.43
N TRP A 148 2.21 -3.99 -15.40
CA TRP A 148 3.19 -4.32 -14.34
C TRP A 148 4.44 -5.02 -14.87
N ASP A 149 4.36 -5.69 -16.03
CA ASP A 149 5.52 -6.27 -16.73
C ASP A 149 6.56 -5.20 -17.09
N THR A 150 6.11 -4.00 -17.52
CA THR A 150 7.02 -2.87 -17.80
C THR A 150 7.64 -2.32 -16.52
N PHE A 151 6.90 -2.29 -15.41
CA PHE A 151 7.45 -1.91 -14.10
C PHE A 151 8.62 -2.82 -13.68
N VAL A 152 8.47 -4.16 -13.72
CA VAL A 152 9.59 -5.06 -13.39
C VAL A 152 10.76 -4.98 -14.39
N GLU A 153 10.50 -4.75 -15.68
CA GLU A 153 11.58 -4.51 -16.67
C GLU A 153 12.38 -3.22 -16.38
N LEU A 154 11.74 -2.16 -15.87
CA LEU A 154 12.41 -0.91 -15.47
C LEU A 154 13.11 -0.99 -14.09
N TYR A 155 12.47 -1.59 -13.08
CA TYR A 155 12.97 -1.62 -11.69
C TYR A 155 13.90 -2.81 -11.39
N GLY A 156 13.86 -3.89 -12.18
CA GLY A 156 14.72 -5.09 -12.02
C GLY A 156 16.20 -4.83 -12.31
CA GLY B 1 -6.67 8.01 16.03
C GLY B 1 -7.66 9.06 15.55
N SER B 2 -8.79 9.21 16.23
CA SER B 2 -9.76 10.29 15.97
C SER B 2 -9.22 11.66 16.40
N HIS B 3 -9.43 12.69 15.57
CA HIS B 3 -9.06 14.09 15.86
C HIS B 3 -9.93 15.09 15.10
N MET B 4 -10.17 14.82 13.81
CA MET B 4 -11.05 15.54 12.88
C MET B 4 -11.62 14.54 11.85
N SER B 5 -12.54 14.99 10.98
CA SER B 5 -13.05 14.20 9.85
C SER B 5 -12.19 14.27 8.57
N ALA B 6 -11.03 14.95 8.62
CA ALA B 6 -10.17 15.24 7.48
C ALA B 6 -8.68 15.37 7.87
N MET B 7 -7.79 15.48 6.88
CA MET B 7 -6.33 15.65 7.05
C MET B 7 -5.97 16.84 7.96
N SER B 8 -5.13 16.59 8.96
CA SER B 8 -4.49 17.61 9.80
C SER B 8 -3.25 18.17 9.05
N THR B 9 -3.41 19.38 8.52
CA THR B 9 -2.48 20.01 7.57
C THR B 9 -1.08 20.34 8.12
N THR B 10 -0.93 20.62 9.42
CA THR B 10 0.40 20.92 10.00
C THR B 10 1.28 19.66 10.10
N ASP B 11 0.68 18.52 10.43
CA ASP B 11 1.40 17.27 10.67
C ASP B 11 1.66 16.47 9.37
N LEU B 12 0.62 16.21 8.57
CA LEU B 12 0.75 15.35 7.38
C LEU B 12 1.62 15.96 6.28
N GLU B 13 1.65 17.28 6.11
CA GLU B 13 2.43 17.93 5.06
C GLU B 13 3.91 17.60 5.15
N ALA B 14 4.49 17.53 6.36
CA ALA B 14 5.91 17.24 6.52
C ALA B 14 6.25 15.87 5.92
N TYR B 15 5.68 14.78 6.43
CA TYR B 15 5.88 13.41 5.98
C TYR B 15 5.57 13.21 4.48
N PHE B 16 4.54 13.89 3.94
CA PHE B 16 4.19 13.81 2.52
C PHE B 16 5.10 14.65 1.59
N LYS B 17 5.84 15.64 2.11
CA LYS B 17 6.90 16.41 1.40
C LYS B 17 8.31 15.85 1.65
N ASP B 18 8.51 15.12 2.74
CA ASP B 18 9.79 14.57 3.24
C ASP B 18 10.43 13.52 2.30
N CYS B 19 9.65 12.95 1.37
CA CYS B 19 10.07 11.96 0.38
C CYS B 19 11.10 12.45 -0.67
N VAL B 20 11.44 13.75 -0.69
CA VAL B 20 12.30 14.38 -1.71
C VAL B 20 13.81 14.06 -1.56
N PHE B 21 14.26 13.59 -0.39
CA PHE B 21 15.70 13.48 -0.07
C PHE B 21 16.53 12.45 -0.86
N LYS B 22 15.93 11.38 -1.40
CA LYS B 22 16.63 10.29 -2.12
C LYS B 22 15.80 9.69 -3.25
N ASP B 23 16.44 9.49 -4.40
CA ASP B 23 15.90 8.87 -5.63
C ASP B 23 14.59 9.51 -6.15
N TRP B 24 14.36 10.76 -5.75
CA TRP B 24 13.13 11.52 -5.99
C TRP B 24 13.41 12.86 -6.71
N GLY B 25 12.44 13.35 -7.48
CA GLY B 25 12.49 14.62 -8.24
C GLY B 25 11.35 15.57 -7.89
N MET A 1 -11.43 -4.77 -12.50
CA MET A 1 -11.40 -6.11 -13.11
C MET A 1 -10.35 -7.03 -12.48
N SER A 2 -9.09 -6.59 -12.30
CA SER A 2 -7.96 -7.46 -11.92
C SER A 2 -8.14 -8.19 -10.57
N GLN A 3 -7.92 -9.51 -10.60
CA GLN A 3 -7.78 -10.37 -9.42
C GLN A 3 -6.31 -10.52 -9.00
N SER A 4 -5.38 -10.38 -9.95
CA SER A 4 -3.92 -10.40 -9.71
C SER A 4 -3.49 -9.25 -8.80
N ASN A 5 -4.14 -8.09 -8.91
CA ASN A 5 -4.04 -6.96 -7.98
C ASN A 5 -4.17 -7.42 -6.52
N ARG A 6 -5.27 -8.11 -6.16
CA ARG A 6 -5.47 -8.63 -4.81
C ARG A 6 -4.38 -9.64 -4.43
N GLU A 7 -4.00 -10.52 -5.36
CA GLU A 7 -3.01 -11.57 -5.10
C GLU A 7 -1.60 -11.02 -4.80
N LEU A 8 -1.16 -9.98 -5.49
CA LEU A 8 0.12 -9.31 -5.24
C LEU A 8 0.06 -8.34 -4.03
N VAL A 9 -1.13 -7.79 -3.72
CA VAL A 9 -1.36 -7.06 -2.46
C VAL A 9 -1.21 -7.98 -1.25
N VAL A 10 -1.87 -9.15 -1.28
CA VAL A 10 -1.76 -10.16 -0.21
C VAL A 10 -0.31 -10.64 -0.01
N ASP A 11 0.50 -10.72 -1.08
CA ASP A 11 1.93 -11.05 -0.95
C ASP A 11 2.72 -10.00 -0.13
N PHE A 12 2.60 -8.70 -0.43
CA PHE A 12 3.30 -7.68 0.33
C PHE A 12 2.74 -7.50 1.76
N LEU A 13 1.43 -7.67 1.96
CA LEU A 13 0.83 -7.68 3.30
C LEU A 13 1.34 -8.83 4.15
N SER A 14 1.14 -10.06 3.68
CA SER A 14 1.39 -11.25 4.50
C SER A 14 2.89 -11.39 4.83
N TYR A 15 3.78 -10.92 3.95
CA TYR A 15 5.21 -10.78 4.23
C TYR A 15 5.49 -9.85 5.42
N LYS A 16 4.98 -8.61 5.40
CA LYS A 16 5.21 -7.64 6.49
C LYS A 16 4.58 -8.10 7.81
N LEU A 17 3.41 -8.72 7.75
CA LEU A 17 2.72 -9.32 8.91
C LEU A 17 3.50 -10.52 9.48
N SER A 18 4.13 -11.34 8.64
CA SER A 18 5.05 -12.41 9.08
C SER A 18 6.30 -11.85 9.79
N GLN A 19 6.82 -10.70 9.34
CA GLN A 19 7.94 -9.98 10.00
C GLN A 19 7.53 -9.38 11.36
N LYS A 20 6.26 -8.96 11.51
CA LYS A 20 5.65 -8.59 12.81
C LYS A 20 5.42 -9.79 13.74
N GLY A 21 5.57 -11.02 13.23
CA GLY A 21 5.38 -12.28 13.97
C GLY A 21 3.97 -12.89 13.85
N TYR A 22 3.14 -12.40 12.92
CA TYR A 22 1.76 -12.87 12.71
C TYR A 22 1.66 -13.96 11.62
N SER A 23 0.45 -14.53 11.45
CA SER A 23 0.13 -15.55 10.44
C SER A 23 -1.12 -15.18 9.65
N TRP A 24 -1.00 -14.96 8.34
CA TRP A 24 -2.12 -14.59 7.46
C TRP A 24 -3.22 -15.67 7.42
N SER A 25 -2.84 -16.95 7.56
CA SER A 25 -3.76 -18.10 7.64
C SER A 25 -4.73 -18.03 8.83
N GLN A 26 -4.39 -17.28 9.88
CA GLN A 26 -5.25 -17.07 11.05
C GLN A 26 -6.20 -15.86 10.89
N PHE A 27 -5.76 -14.80 10.20
CA PHE A 27 -6.58 -13.62 9.91
C PHE A 27 -7.51 -13.80 8.69
N SER A 28 -7.11 -14.63 7.73
CA SER A 28 -7.87 -14.91 6.50
C SER A 28 -9.06 -15.85 6.73
N ASP A 29 -10.11 -15.73 5.91
CA ASP A 29 -11.21 -16.70 5.85
C ASP A 29 -10.77 -18.04 5.21
N VAL A 30 -9.67 -18.04 4.45
CA VAL A 30 -9.09 -19.23 3.81
C VAL A 30 -8.16 -19.98 4.78
N GLU A 31 -8.59 -21.17 5.23
CA GLU A 31 -7.75 -22.09 6.00
C GLU A 31 -6.67 -22.77 5.13
N GLU A 32 -5.50 -23.05 5.73
CA GLU A 32 -4.27 -23.56 5.09
C GLU A 32 -3.65 -22.61 4.04
N ASN A 33 -2.36 -22.28 4.19
CA ASN A 33 -1.57 -21.47 3.25
C ASN A 33 -0.26 -22.18 2.85
N ARG A 34 0.22 -21.91 1.63
CA ARG A 34 1.47 -22.44 1.06
C ARG A 34 2.74 -21.94 1.76
N THR A 35 3.85 -22.61 1.45
CA THR A 35 5.23 -22.28 1.89
C THR A 35 5.62 -20.83 1.59
N GLU A 36 6.51 -20.26 2.40
CA GLU A 36 7.05 -18.90 2.26
C GLU A 36 7.79 -18.65 0.92
N ALA A 37 8.07 -17.36 0.65
CA ALA A 37 8.55 -16.80 -0.63
C ALA A 37 7.48 -16.82 -1.76
N PRO A 38 7.56 -15.90 -2.76
CA PRO A 38 6.55 -15.77 -3.81
C PRO A 38 6.62 -16.93 -4.83
N GLU A 39 5.93 -18.03 -4.57
CA GLU A 39 5.74 -19.11 -5.55
C GLU A 39 4.97 -18.62 -6.79
N GLY A 40 5.57 -18.79 -7.97
CA GLY A 40 5.04 -18.31 -9.26
C GLY A 40 6.12 -18.22 -10.34
N THR A 41 5.71 -17.89 -11.57
CA THR A 41 6.59 -17.87 -12.77
C THR A 41 6.86 -16.47 -13.35
N GLU A 42 5.89 -15.55 -13.26
CA GLU A 42 5.99 -14.19 -13.83
C GLU A 42 5.43 -13.11 -12.88
N SER A 43 4.30 -13.35 -12.20
CA SER A 43 3.80 -12.50 -11.12
C SER A 43 4.75 -12.47 -9.91
N GLU A 44 5.58 -13.52 -9.77
CA GLU A 44 6.70 -13.61 -8.83
C GLU A 44 7.63 -12.40 -8.91
N ALA A 45 7.95 -11.94 -10.13
CA ALA A 45 8.83 -10.81 -10.35
C ALA A 45 8.19 -9.49 -9.91
N VAL A 46 6.88 -9.29 -10.15
CA VAL A 46 6.14 -8.12 -9.67
C VAL A 46 6.08 -8.11 -8.14
N LYS A 47 5.68 -9.23 -7.53
CA LYS A 47 5.61 -9.40 -6.06
C LYS A 47 6.94 -9.05 -5.40
N GLN A 48 8.04 -9.56 -5.96
CA GLN A 48 9.39 -9.25 -5.48
C GLN A 48 9.79 -7.78 -5.70
N ALA A 49 9.68 -7.28 -6.93
CA ALA A 49 10.15 -5.95 -7.33
C ALA A 49 9.40 -4.81 -6.63
N LEU A 50 8.08 -4.98 -6.44
CA LEU A 50 7.24 -4.02 -5.73
C LEU A 50 7.65 -3.95 -4.25
N ARG A 51 7.85 -5.11 -3.59
CA ARG A 51 8.33 -5.17 -2.20
C ARG A 51 9.66 -4.45 -1.98
N GLU A 52 10.68 -4.70 -2.79
CA GLU A 52 11.96 -3.99 -2.65
C GLU A 52 11.88 -2.49 -2.94
N ALA A 53 11.03 -2.08 -3.89
CA ALA A 53 10.80 -0.68 -4.20
C ALA A 53 10.16 0.08 -3.02
N GLY A 54 9.20 -0.54 -2.33
CA GLY A 54 8.65 0.00 -1.08
C GLY A 54 9.66 -0.01 0.08
N ASP A 55 10.41 -1.11 0.25
CA ASP A 55 11.41 -1.27 1.31
C ASP A 55 12.56 -0.26 1.21
N GLU A 56 12.99 0.10 -0.01
CA GLU A 56 13.98 1.16 -0.26
C GLU A 56 13.55 2.52 0.32
N PHE A 57 12.29 2.91 0.14
CA PHE A 57 11.79 4.18 0.68
C PHE A 57 11.34 4.08 2.14
N GLU A 58 10.93 2.90 2.62
CA GLU A 58 10.71 2.68 4.06
C GLU A 58 12.03 2.73 4.85
N LEU A 59 13.14 2.27 4.29
CA LEU A 59 14.49 2.42 4.85
C LEU A 59 14.87 3.90 5.02
N ARG A 60 14.61 4.72 3.99
CA ARG A 60 14.99 6.15 3.93
C ARG A 60 14.04 7.07 4.72
N TYR A 61 12.74 6.79 4.72
CA TYR A 61 11.68 7.62 5.29
C TYR A 61 10.87 6.88 6.37
N ARG A 62 11.54 6.08 7.19
CA ARG A 62 10.96 5.17 8.20
C ARG A 62 9.98 5.87 9.14
N ARG A 63 10.36 7.08 9.59
CA ARG A 63 9.54 7.96 10.44
C ARG A 63 8.24 8.39 9.74
N ALA A 64 8.32 8.79 8.47
CA ALA A 64 7.17 9.28 7.70
C ALA A 64 6.13 8.17 7.45
N PHE A 65 6.51 7.01 6.90
CA PHE A 65 5.55 5.91 6.69
C PHE A 65 4.99 5.37 8.02
N SER A 66 5.76 5.40 9.12
CA SER A 66 5.29 5.01 10.45
C SER A 66 4.28 5.98 11.08
N ASP A 67 4.31 7.27 10.71
CA ASP A 67 3.44 8.32 11.27
C ASP A 67 2.24 8.68 10.37
N LEU A 68 2.36 8.52 9.05
CA LEU A 68 1.26 8.76 8.10
C LEU A 68 0.06 7.82 8.31
N THR A 69 0.27 6.64 8.89
CA THR A 69 -0.82 5.70 9.24
C THR A 69 -1.65 6.16 10.44
N SER A 70 -1.08 6.95 11.36
CA SER A 70 -1.74 7.36 12.62
C SER A 70 -2.88 8.36 12.40
N GLN A 71 -2.78 9.22 11.38
CA GLN A 71 -3.78 10.26 11.07
C GLN A 71 -4.99 9.74 10.25
N LEU A 72 -4.85 8.60 9.58
CA LEU A 72 -5.90 7.99 8.74
C LEU A 72 -6.95 7.27 9.61
N HIS A 73 -8.25 7.52 9.36
CA HIS A 73 -9.39 6.88 10.03
C HIS A 73 -9.63 5.44 9.53
N ILE A 74 -8.70 4.53 9.84
CA ILE A 74 -8.59 3.17 9.28
C ILE A 74 -9.60 2.16 9.88
N THR A 75 -10.88 2.44 9.72
CA THR A 75 -12.02 1.72 10.32
C THR A 75 -13.26 1.83 9.40
N PRO A 76 -14.14 0.82 9.31
CA PRO A 76 -15.24 0.77 8.34
C PRO A 76 -16.18 1.97 8.38
N GLY A 77 -16.72 2.33 7.21
CA GLY A 77 -17.55 3.51 6.96
C GLY A 77 -16.74 4.76 6.61
N THR A 78 -15.73 5.11 7.41
CA THR A 78 -14.86 6.29 7.17
C THR A 78 -13.67 5.98 6.28
N ALA A 79 -13.03 4.82 6.42
CA ALA A 79 -11.76 4.51 5.76
C ALA A 79 -11.85 4.52 4.22
N TYR A 80 -12.88 3.88 3.65
CA TYR A 80 -13.07 3.79 2.20
C TYR A 80 -13.17 5.18 1.53
N GLN A 81 -13.72 6.16 2.25
CA GLN A 81 -13.83 7.56 1.82
C GLN A 81 -12.54 8.35 2.09
N SER A 82 -12.02 8.24 3.32
CA SER A 82 -10.86 9.01 3.82
C SER A 82 -9.54 8.61 3.15
N PHE A 83 -9.34 7.32 2.87
CA PHE A 83 -8.20 6.83 2.11
C PHE A 83 -8.27 7.24 0.63
N GLU A 84 -9.44 7.11 -0.01
CA GLU A 84 -9.61 7.45 -1.43
C GLU A 84 -9.25 8.92 -1.69
N GLN A 85 -9.75 9.85 -0.87
CA GLN A 85 -9.52 11.29 -1.06
C GLN A 85 -8.07 11.72 -0.80
N VAL A 86 -7.39 11.13 0.20
CA VAL A 86 -5.98 11.43 0.54
C VAL A 86 -5.02 10.84 -0.50
N VAL A 87 -5.32 9.64 -0.99
CA VAL A 87 -4.55 9.00 -2.07
C VAL A 87 -4.77 9.75 -3.41
N ASN A 88 -5.98 10.22 -3.69
CA ASN A 88 -6.25 11.15 -4.81
C ASN A 88 -5.38 12.41 -4.73
N GLU A 89 -5.18 12.97 -3.53
CA GLU A 89 -4.39 14.20 -3.35
C GLU A 89 -2.90 13.96 -3.63
N LEU A 90 -2.31 12.87 -3.14
CA LEU A 90 -0.89 12.58 -3.40
C LEU A 90 -0.64 12.20 -4.87
N PHE A 91 -1.60 11.57 -5.57
CA PHE A 91 -1.55 11.36 -7.02
C PHE A 91 -1.80 12.62 -7.87
N ARG A 92 -2.16 13.78 -7.29
CA ARG A 92 -2.36 15.04 -8.05
C ARG A 92 -1.08 15.55 -8.71
N ASP A 93 0.09 15.20 -8.19
CA ASP A 93 1.39 15.44 -8.82
C ASP A 93 1.62 14.62 -10.11
N GLY A 94 0.89 13.51 -10.27
CA GLY A 94 1.01 12.54 -11.37
C GLY A 94 0.69 11.12 -10.90
N VAL A 95 0.05 10.33 -11.77
CA VAL A 95 -0.41 8.94 -11.49
C VAL A 95 0.72 7.90 -11.64
N ASN A 96 1.96 8.39 -11.73
CA ASN A 96 3.16 7.62 -12.08
C ASN A 96 3.56 6.57 -11.04
N TRP A 97 4.37 5.59 -11.48
CA TRP A 97 4.83 4.46 -10.66
C TRP A 97 5.48 4.87 -9.33
N GLY A 98 6.18 6.01 -9.29
CA GLY A 98 6.76 6.53 -8.05
C GLY A 98 5.72 6.83 -6.96
N ARG A 99 4.58 7.44 -7.32
CA ARG A 99 3.46 7.62 -6.38
C ARG A 99 2.72 6.31 -6.09
N ILE A 100 2.68 5.34 -7.02
CA ILE A 100 2.13 4.00 -6.77
C ILE A 100 2.97 3.24 -5.71
N VAL A 101 4.31 3.35 -5.76
CA VAL A 101 5.21 2.81 -4.74
C VAL A 101 4.90 3.37 -3.34
N ALA A 102 4.69 4.69 -3.20
CA ALA A 102 4.28 5.31 -1.94
C ALA A 102 2.84 4.90 -1.51
N PHE A 103 1.90 4.80 -2.44
CA PHE A 103 0.50 4.42 -2.18
C PHE A 103 0.37 3.01 -1.57
N PHE A 104 1.04 2.01 -2.16
CA PHE A 104 0.95 0.63 -1.66
C PHE A 104 1.68 0.48 -0.32
N SER A 105 2.81 1.18 -0.15
CA SER A 105 3.61 1.16 1.07
C SER A 105 2.82 1.74 2.26
N PHE A 106 2.08 2.82 2.01
CA PHE A 106 1.10 3.38 2.95
C PHE A 106 -0.05 2.39 3.23
N GLY A 107 -0.65 1.78 2.20
CA GLY A 107 -1.71 0.77 2.35
C GLY A 107 -1.29 -0.45 3.18
N GLY A 108 -0.08 -0.98 2.95
CA GLY A 108 0.49 -2.07 3.73
C GLY A 108 0.70 -1.73 5.20
N ALA A 109 1.28 -0.55 5.48
CA ALA A 109 1.45 -0.05 6.83
C ALA A 109 0.10 0.17 7.55
N LEU A 110 -0.97 0.60 6.84
CA LEU A 110 -2.32 0.73 7.39
C LEU A 110 -2.92 -0.62 7.83
N CYS A 111 -2.74 -1.71 7.08
CA CYS A 111 -3.22 -3.03 7.51
C CYS A 111 -2.46 -3.51 8.76
N VAL A 112 -1.13 -3.35 8.80
CA VAL A 112 -0.31 -3.67 9.98
C VAL A 112 -0.77 -2.88 11.22
N GLU A 113 -1.05 -1.58 11.06
CA GLU A 113 -1.53 -0.72 12.11
C GLU A 113 -2.87 -1.20 12.70
N SER A 114 -3.78 -1.74 11.86
CA SER A 114 -5.03 -2.32 12.34
C SER A 114 -4.80 -3.57 13.21
N VAL A 115 -3.92 -4.49 12.80
CA VAL A 115 -3.56 -5.68 13.59
C VAL A 115 -2.86 -5.30 14.89
N ASP A 116 -1.98 -4.30 14.85
CA ASP A 116 -1.26 -3.79 16.04
C ASP A 116 -2.22 -3.18 17.08
N LYS A 117 -3.31 -2.54 16.62
CA LYS A 117 -4.47 -2.08 17.42
C LYS A 117 -5.45 -3.21 17.81
N GLU A 118 -5.09 -4.47 17.55
CA GLU A 118 -5.92 -5.67 17.78
C GLU A 118 -7.25 -5.65 17.02
N MET A 119 -7.24 -5.08 15.81
CA MET A 119 -8.35 -5.04 14.85
C MET A 119 -7.99 -5.88 13.61
N GLN A 120 -7.44 -7.08 13.85
CA GLN A 120 -6.89 -7.98 12.83
C GLN A 120 -7.94 -8.42 11.80
N VAL A 121 -9.22 -8.44 12.19
CA VAL A 121 -10.40 -8.62 11.32
C VAL A 121 -10.44 -7.64 10.14
N LEU A 122 -9.87 -6.43 10.28
CA LEU A 122 -9.79 -5.46 9.20
C LEU A 122 -8.64 -5.69 8.23
N VAL A 123 -7.66 -6.55 8.53
CA VAL A 123 -6.45 -6.65 7.69
C VAL A 123 -6.80 -7.05 6.25
N SER A 124 -7.81 -7.91 6.09
CA SER A 124 -8.41 -8.29 4.80
C SER A 124 -9.41 -7.26 4.25
N ARG A 125 -10.09 -6.46 5.10
CA ARG A 125 -10.99 -5.39 4.64
C ARG A 125 -10.19 -4.23 4.07
N ILE A 126 -9.13 -3.80 4.74
CA ILE A 126 -8.17 -2.79 4.27
C ILE A 126 -7.47 -3.25 2.98
N ALA A 127 -7.08 -4.53 2.90
CA ALA A 127 -6.58 -5.13 1.66
C ALA A 127 -7.58 -4.96 0.51
N ALA A 128 -8.86 -5.30 0.74
CA ALA A 128 -9.93 -5.13 -0.23
C ALA A 128 -10.21 -3.65 -0.56
N TRP A 129 -10.18 -2.73 0.41
CA TRP A 129 -10.38 -1.29 0.21
C TRP A 129 -9.32 -0.70 -0.75
N MET A 130 -8.03 -0.95 -0.50
CA MET A 130 -6.96 -0.40 -1.32
C MET A 130 -6.83 -1.15 -2.67
N ALA A 131 -7.15 -2.45 -2.73
CA ALA A 131 -7.27 -3.19 -4.00
C ALA A 131 -8.46 -2.68 -4.84
N THR A 132 -9.58 -2.32 -4.21
CA THR A 132 -10.74 -1.72 -4.89
C THR A 132 -10.42 -0.33 -5.43
N TYR A 133 -9.71 0.51 -4.66
CA TYR A 133 -9.19 1.79 -5.16
C TYR A 133 -8.29 1.60 -6.40
N LEU A 134 -7.38 0.61 -6.35
CA LEU A 134 -6.49 0.27 -7.47
C LEU A 134 -7.30 -0.17 -8.71
N ASN A 135 -8.29 -1.07 -8.56
CA ASN A 135 -9.16 -1.49 -9.65
C ASN A 135 -10.06 -0.35 -10.20
N ASP A 136 -10.48 0.59 -9.38
CA ASP A 136 -11.35 1.71 -9.78
C ASP A 136 -10.60 2.87 -10.46
N HIS A 137 -9.36 3.17 -10.04
CA HIS A 137 -8.63 4.38 -10.45
C HIS A 137 -7.29 4.11 -11.15
N LEU A 138 -6.48 3.17 -10.64
CA LEU A 138 -5.16 2.89 -11.20
C LEU A 138 -5.19 1.90 -12.37
N GLU A 139 -6.11 0.93 -12.38
CA GLU A 139 -6.19 -0.12 -13.42
C GLU A 139 -6.10 0.39 -14.87
N PRO A 140 -6.92 1.38 -15.34
CA PRO A 140 -6.80 1.88 -16.71
C PRO A 140 -5.45 2.58 -16.98
N TRP A 141 -4.91 3.32 -16.02
CA TRP A 141 -3.58 3.94 -16.15
C TRP A 141 -2.48 2.87 -16.22
N ILE A 142 -2.54 1.86 -15.35
CA ILE A 142 -1.60 0.73 -15.29
C ILE A 142 -1.60 -0.03 -16.63
N GLN A 143 -2.77 -0.39 -17.18
CA GLN A 143 -2.88 -1.07 -18.47
C GLN A 143 -2.40 -0.20 -19.65
N GLU A 144 -2.62 1.12 -19.59
CA GLU A 144 -2.15 2.06 -20.62
C GLU A 144 -0.62 2.23 -20.60
N ASN A 145 -0.02 2.10 -19.41
CA ASN A 145 1.42 2.13 -19.15
C ASN A 145 2.08 0.73 -19.17
N GLY A 146 1.45 -0.25 -19.84
CA GLY A 146 2.04 -1.56 -20.13
C GLY A 146 1.90 -2.63 -19.04
N GLY A 147 1.20 -2.33 -17.94
CA GLY A 147 0.97 -3.22 -16.81
C GLY A 147 2.18 -3.36 -15.86
N TRP A 148 2.02 -4.19 -14.83
CA TRP A 148 3.06 -4.44 -13.82
C TRP A 148 4.36 -5.06 -14.38
N ASP A 149 4.29 -5.72 -15.55
CA ASP A 149 5.48 -6.20 -16.26
C ASP A 149 6.40 -5.03 -16.66
N THR A 150 5.84 -3.91 -17.13
CA THR A 150 6.59 -2.68 -17.43
C THR A 150 7.13 -2.04 -16.15
N PHE A 151 6.40 -2.09 -15.04
CA PHE A 151 6.91 -1.65 -13.74
C PHE A 151 8.18 -2.42 -13.31
N VAL A 152 8.18 -3.76 -13.35
CA VAL A 152 9.38 -4.53 -12.99
C VAL A 152 10.52 -4.40 -14.01
N GLU A 153 10.24 -4.14 -15.30
CA GLU A 153 11.28 -3.77 -16.27
C GLU A 153 11.95 -2.41 -15.96
N LEU A 154 11.19 -1.42 -15.46
CA LEU A 154 11.72 -0.12 -15.04
C LEU A 154 12.45 -0.16 -13.68
N TYR A 155 11.90 -0.85 -12.67
CA TYR A 155 12.41 -0.87 -11.29
C TYR A 155 13.41 -1.99 -10.98
N GLY A 156 13.53 -3.02 -11.84
CA GLY A 156 14.45 -4.15 -11.71
C GLY A 156 15.93 -3.78 -11.78
CA GLY B 1 -1.11 28.15 7.75
C GLY B 1 -1.84 27.84 9.05
N SER B 2 -1.10 27.54 10.13
CA SER B 2 -1.62 26.98 11.40
C SER B 2 -2.34 25.62 11.21
N HIS B 3 -2.84 25.02 12.29
CA HIS B 3 -3.62 23.78 12.25
C HIS B 3 -5.01 23.98 11.63
N MET B 4 -5.55 22.95 10.97
CA MET B 4 -6.88 22.95 10.35
C MET B 4 -7.51 21.54 10.39
N SER B 5 -8.81 21.46 10.64
CA SER B 5 -9.54 20.17 10.77
C SER B 5 -9.69 19.41 9.45
N ALA B 6 -9.79 20.12 8.31
CA ALA B 6 -9.92 19.53 6.97
C ALA B 6 -8.63 18.85 6.47
N MET B 7 -7.46 19.36 6.86
CA MET B 7 -6.14 18.77 6.62
C MET B 7 -5.16 19.27 7.69
N SER B 8 -4.55 18.35 8.46
CA SER B 8 -3.53 18.69 9.46
C SER B 8 -2.18 18.99 8.79
N THR B 9 -2.07 20.15 8.15
CA THR B 9 -0.85 20.58 7.43
C THR B 9 0.37 20.68 8.34
N THR B 10 0.18 21.00 9.62
CA THR B 10 1.25 21.03 10.64
C THR B 10 1.89 19.65 10.88
N ASP B 11 1.19 18.55 10.56
CA ASP B 11 1.74 17.18 10.53
C ASP B 11 2.14 16.74 9.11
N LEU B 12 1.21 16.83 8.16
CA LEU B 12 1.36 16.27 6.81
C LEU B 12 2.38 16.99 5.94
N GLU B 13 2.49 18.32 6.04
CA GLU B 13 3.46 19.09 5.26
C GLU B 13 4.92 18.85 5.70
N ALA B 14 5.11 18.10 6.79
CA ALA B 14 6.39 17.54 7.18
C ALA B 14 6.56 16.18 6.48
N TYR B 15 5.84 15.13 6.88
CA TYR B 15 5.99 13.75 6.39
C TYR B 15 5.99 13.60 4.85
N PHE B 16 5.06 14.26 4.14
CA PHE B 16 5.01 14.19 2.68
C PHE B 16 6.21 14.90 2.00
N LYS B 17 6.75 15.95 2.64
CA LYS B 17 7.92 16.73 2.20
C LYS B 17 9.24 16.13 2.70
N ASP B 18 9.20 15.32 3.75
CA ASP B 18 10.34 14.55 4.29
C ASP B 18 10.76 13.43 3.32
N CYS B 19 9.81 12.90 2.55
CA CYS B 19 10.01 11.90 1.49
C CYS B 19 10.45 12.47 0.12
N VAL B 20 10.67 13.80 0.00
CA VAL B 20 10.86 14.50 -1.30
C VAL B 20 12.07 14.08 -2.14
N PHE B 21 13.11 13.49 -1.52
CA PHE B 21 14.39 13.21 -2.17
C PHE B 21 14.24 12.14 -3.28
N LYS B 22 14.25 12.61 -4.55
CA LYS B 22 13.88 11.87 -5.78
C LYS B 22 12.39 11.49 -5.82
N ASP B 23 11.82 11.47 -7.03
CA ASP B 23 10.39 11.21 -7.30
C ASP B 23 10.03 9.72 -7.22
N TRP B 24 10.52 9.03 -6.18
CA TRP B 24 10.38 7.60 -5.90
C TRP B 24 10.75 6.68 -7.08
N GLY B 25 11.73 7.09 -7.90
CA GLY B 25 12.20 6.39 -9.10
C GLY B 25 13.34 7.12 -9.80
N MET A 1 -8.72 -4.62 -15.78
CA MET A 1 -9.06 -5.12 -14.43
C MET A 1 -8.37 -6.45 -14.13
N SER A 2 -7.04 -6.43 -13.98
CA SER A 2 -6.24 -7.64 -13.75
C SER A 2 -6.39 -8.19 -12.33
N GLN A 3 -6.59 -9.51 -12.20
CA GLN A 3 -6.61 -10.21 -10.90
C GLN A 3 -5.26 -10.13 -10.16
N SER A 4 -4.15 -9.91 -10.88
CA SER A 4 -2.81 -9.82 -10.31
C SER A 4 -2.67 -8.68 -9.29
N ASN A 5 -3.41 -7.58 -9.48
CA ASN A 5 -3.37 -6.41 -8.59
C ASN A 5 -3.74 -6.80 -7.14
N ARG A 6 -4.81 -7.56 -6.91
CA ARG A 6 -5.19 -8.07 -5.58
C ARG A 6 -4.20 -9.12 -5.08
N GLU A 7 -3.77 -10.03 -5.94
CA GLU A 7 -2.87 -11.14 -5.57
C GLU A 7 -1.52 -10.65 -5.01
N LEU A 8 -0.89 -9.65 -5.65
CA LEU A 8 0.38 -9.08 -5.16
C LEU A 8 0.18 -8.13 -3.97
N VAL A 9 -0.98 -7.43 -3.86
CA VAL A 9 -1.36 -6.64 -2.67
C VAL A 9 -1.51 -7.52 -1.43
N VAL A 10 -2.25 -8.63 -1.53
CA VAL A 10 -2.44 -9.60 -0.43
C VAL A 10 -1.10 -10.16 0.05
N ASP A 11 -0.16 -10.45 -0.85
CA ASP A 11 1.17 -10.96 -0.46
C ASP A 11 2.00 -9.93 0.31
N PHE A 12 2.17 -8.68 -0.16
CA PHE A 12 2.98 -7.71 0.58
C PHE A 12 2.33 -7.31 1.92
N LEU A 13 0.99 -7.30 2.03
CA LEU A 13 0.30 -7.17 3.32
C LEU A 13 0.67 -8.36 4.21
N SER A 14 0.46 -9.58 3.71
CA SER A 14 0.64 -10.80 4.48
C SER A 14 2.09 -10.95 4.98
N TYR A 15 3.07 -10.51 4.18
CA TYR A 15 4.48 -10.46 4.56
C TYR A 15 4.78 -9.47 5.69
N LYS A 16 4.18 -8.26 5.66
CA LYS A 16 4.30 -7.27 6.75
C LYS A 16 3.61 -7.76 8.03
N LEU A 17 2.45 -8.40 7.90
CA LEU A 17 1.68 -9.01 8.99
C LEU A 17 2.41 -10.22 9.60
N SER A 18 3.11 -11.01 8.79
CA SER A 18 3.94 -12.13 9.24
C SER A 18 5.11 -11.69 10.13
N GLN A 19 5.68 -10.50 9.89
CA GLN A 19 6.75 -9.92 10.71
C GLN A 19 6.25 -9.45 12.09
N LYS A 20 4.95 -9.14 12.21
CA LYS A 20 4.25 -8.90 13.50
C LYS A 20 3.91 -10.21 14.23
N GLY A 21 4.06 -11.36 13.57
CA GLY A 21 3.70 -12.69 14.07
C GLY A 21 2.28 -13.15 13.70
N TYR A 22 1.59 -12.46 12.79
CA TYR A 22 0.22 -12.77 12.35
C TYR A 22 0.17 -13.69 11.11
N SER A 23 -1.03 -14.08 10.68
CA SER A 23 -1.28 -14.88 9.46
C SER A 23 -2.54 -14.41 8.72
N TRP A 24 -2.43 -14.13 7.41
CA TRP A 24 -3.56 -13.66 6.59
C TRP A 24 -4.73 -14.66 6.54
N SER A 25 -4.43 -15.97 6.51
CA SER A 25 -5.41 -17.05 6.49
C SER A 25 -6.34 -17.07 7.71
N GLN A 26 -5.91 -16.50 8.85
CA GLN A 26 -6.73 -16.35 10.05
C GLN A 26 -7.71 -15.16 9.99
N PHE A 27 -7.35 -14.10 9.26
CA PHE A 27 -8.18 -12.90 9.10
C PHE A 27 -9.07 -12.92 7.85
N SER A 28 -8.70 -13.69 6.82
CA SER A 28 -9.38 -13.69 5.52
C SER A 28 -10.74 -14.41 5.56
N ASP A 29 -11.76 -13.81 4.95
CA ASP A 29 -13.08 -14.41 4.73
C ASP A 29 -13.12 -15.34 3.50
N VAL A 30 -12.13 -15.26 2.61
CA VAL A 30 -12.09 -15.98 1.33
C VAL A 30 -11.44 -17.36 1.49
N GLU A 31 -12.17 -18.42 1.13
CA GLU A 31 -11.68 -19.80 1.07
C GLU A 31 -12.37 -20.61 -0.04
N GLU A 32 -11.60 -21.46 -0.73
CA GLU A 32 -12.05 -22.44 -1.73
C GLU A 32 -11.10 -23.65 -1.76
N ASN A 33 -9.81 -23.38 -1.87
CA ASN A 33 -8.70 -24.34 -1.78
C ASN A 33 -7.38 -23.66 -1.34
N ARG A 34 -7.14 -22.42 -1.82
CA ARG A 34 -5.97 -21.58 -1.54
C ARG A 34 -6.31 -20.08 -1.66
N THR A 35 -5.59 -19.24 -0.92
CA THR A 35 -5.76 -17.77 -0.93
C THR A 35 -5.20 -17.11 -2.20
N GLU A 36 -5.61 -15.87 -2.46
CA GLU A 36 -5.11 -15.01 -3.54
C GLU A 36 -3.59 -14.78 -3.37
N ALA A 37 -2.79 -15.10 -4.40
CA ALA A 37 -1.32 -15.11 -4.27
C ALA A 37 -0.55 -14.97 -5.60
N PRO A 38 0.71 -14.49 -5.53
CA PRO A 38 1.67 -14.52 -6.63
C PRO A 38 2.06 -15.99 -6.89
N GLU A 39 1.63 -16.51 -8.04
CA GLU A 39 1.66 -17.94 -8.44
C GLU A 39 3.08 -18.56 -8.58
N GLY A 40 4.15 -17.77 -8.48
CA GLY A 40 5.54 -18.28 -8.37
C GLY A 40 6.46 -18.04 -9.56
N THR A 41 6.04 -17.29 -10.58
CA THR A 41 6.86 -16.96 -11.76
C THR A 41 6.91 -15.45 -12.00
N GLU A 42 6.03 -14.89 -12.82
CA GLU A 42 6.06 -13.48 -13.24
C GLU A 42 5.57 -12.54 -12.12
N SER A 43 4.50 -12.92 -11.42
CA SER A 43 3.99 -12.21 -10.24
C SER A 43 4.95 -12.30 -9.05
N GLU A 44 5.68 -13.41 -8.91
CA GLU A 44 6.75 -13.57 -7.91
C GLU A 44 7.95 -12.65 -8.21
N ALA A 45 8.34 -12.51 -9.49
CA ALA A 45 9.37 -11.57 -9.90
C ALA A 45 8.95 -10.10 -9.64
N VAL A 46 7.69 -9.74 -9.91
CA VAL A 46 7.14 -8.42 -9.51
C VAL A 46 7.24 -8.22 -8.00
N LYS A 47 6.73 -9.16 -7.20
CA LYS A 47 6.72 -9.04 -5.74
C LYS A 47 8.13 -8.93 -5.15
N GLN A 48 9.12 -9.61 -5.74
CA GLN A 48 10.52 -9.54 -5.31
C GLN A 48 11.11 -8.15 -5.59
N ALA A 49 10.88 -7.57 -6.79
CA ALA A 49 11.32 -6.21 -7.09
C ALA A 49 10.61 -5.17 -6.20
N LEU A 50 9.30 -5.37 -5.97
CA LEU A 50 8.46 -4.50 -5.16
C LEU A 50 8.85 -4.55 -3.68
N ARG A 51 9.27 -5.71 -3.17
CA ARG A 51 9.85 -5.87 -1.83
C ARG A 51 11.13 -5.04 -1.67
N GLU A 52 12.10 -5.17 -2.57
CA GLU A 52 13.37 -4.43 -2.47
C GLU A 52 13.17 -2.92 -2.63
N ALA A 53 12.24 -2.50 -3.49
CA ALA A 53 11.83 -1.10 -3.62
C ALA A 53 11.25 -0.55 -2.30
N GLY A 54 10.29 -1.27 -1.71
CA GLY A 54 9.68 -0.90 -0.43
C GLY A 54 10.69 -0.87 0.72
N ASP A 55 11.51 -1.91 0.86
CA ASP A 55 12.50 -2.05 1.94
C ASP A 55 13.57 -0.94 1.87
N GLU A 56 14.08 -0.61 0.68
CA GLU A 56 15.03 0.50 0.49
C GLU A 56 14.40 1.88 0.74
N PHE A 57 13.13 2.09 0.37
CA PHE A 57 12.44 3.37 0.60
C PHE A 57 12.08 3.55 2.08
N GLU A 58 11.61 2.49 2.76
CA GLU A 58 11.38 2.45 4.21
C GLU A 58 12.66 2.62 5.03
N LEU A 59 13.82 2.14 4.55
CA LEU A 59 15.11 2.33 5.23
C LEU A 59 15.44 3.82 5.43
N ARG A 60 15.14 4.67 4.44
CA ARG A 60 15.38 6.11 4.48
C ARG A 60 14.25 6.87 5.18
N TYR A 61 13.00 6.64 4.76
CA TYR A 61 11.78 7.30 5.29
C TYR A 61 11.19 6.52 6.50
N ARG A 62 12.08 6.07 7.40
CA ARG A 62 11.81 5.11 8.49
C ARG A 62 10.72 5.55 9.47
N ARG A 63 10.79 6.81 9.93
CA ARG A 63 9.76 7.41 10.81
C ARG A 63 8.50 7.84 10.06
N ALA A 64 8.61 8.22 8.79
CA ALA A 64 7.48 8.71 8.00
C ALA A 64 6.41 7.62 7.81
N PHE A 65 6.75 6.42 7.34
CA PHE A 65 5.79 5.33 7.17
C PHE A 65 5.17 4.83 8.49
N SER A 66 5.79 5.12 9.65
CA SER A 66 5.22 4.87 10.98
C SER A 66 4.25 5.99 11.43
N ASP A 67 4.63 7.27 11.23
CA ASP A 67 3.87 8.43 11.71
C ASP A 67 2.72 8.87 10.78
N LEU A 68 2.83 8.64 9.46
CA LEU A 68 1.81 8.98 8.47
C LEU A 68 0.45 8.32 8.77
N THR A 69 0.46 7.03 9.14
CA THR A 69 -0.76 6.22 9.29
C THR A 69 -1.59 6.62 10.51
N SER A 70 -0.94 7.05 11.61
CA SER A 70 -1.61 7.53 12.83
C SER A 70 -2.48 8.77 12.59
N GLN A 71 -2.15 9.59 11.59
CA GLN A 71 -2.81 10.86 11.27
C GLN A 71 -3.95 10.74 10.22
N LEU A 72 -4.26 9.54 9.72
CA LEU A 72 -5.28 9.30 8.68
C LEU A 72 -6.29 8.24 9.15
N HIS A 73 -7.58 8.61 9.21
CA HIS A 73 -8.68 7.77 9.69
C HIS A 73 -8.85 6.48 8.86
N ILE A 74 -9.17 5.36 9.53
CA ILE A 74 -9.21 4.02 8.91
C ILE A 74 -10.52 3.21 9.19
N THR A 75 -11.37 3.74 10.06
CA THR A 75 -12.72 3.22 10.42
C THR A 75 -13.68 3.17 9.21
N PRO A 76 -14.55 2.15 9.06
CA PRO A 76 -15.46 2.03 7.92
C PRO A 76 -16.39 3.25 7.75
N GLY A 77 -16.52 3.73 6.51
CA GLY A 77 -17.21 4.98 6.16
C GLY A 77 -16.25 6.05 5.62
N THR A 78 -16.03 7.11 6.40
CA THR A 78 -15.26 8.31 6.01
C THR A 78 -13.78 8.04 5.69
N ALA A 79 -13.21 6.93 6.16
CA ALA A 79 -11.82 6.58 5.92
C ALA A 79 -11.46 6.47 4.43
N TYR A 80 -12.29 5.80 3.61
CA TYR A 80 -11.99 5.63 2.19
C TYR A 80 -12.03 6.98 1.44
N GLN A 81 -12.94 7.88 1.83
CA GLN A 81 -13.05 9.25 1.31
C GLN A 81 -11.81 10.07 1.66
N SER A 82 -11.32 9.97 2.90
CA SER A 82 -10.11 10.64 3.39
C SER A 82 -8.81 10.06 2.79
N PHE A 83 -8.77 8.74 2.57
CA PHE A 83 -7.65 8.03 1.94
C PHE A 83 -7.51 8.37 0.46
N GLU A 84 -8.59 8.29 -0.33
CA GLU A 84 -8.53 8.46 -1.79
C GLU A 84 -8.00 9.85 -2.17
N GLN A 85 -8.47 10.90 -1.48
CA GLN A 85 -8.06 12.29 -1.74
C GLN A 85 -6.59 12.58 -1.34
N VAL A 86 -6.08 11.93 -0.27
CA VAL A 86 -4.69 12.09 0.21
C VAL A 86 -3.71 11.27 -0.63
N VAL A 87 -4.12 10.10 -1.11
CA VAL A 87 -3.37 9.32 -2.09
C VAL A 87 -3.30 10.08 -3.43
N ASN A 88 -4.41 10.68 -3.87
CA ASN A 88 -4.43 11.62 -5.00
C ASN A 88 -3.43 12.79 -4.83
N GLU A 89 -3.19 13.26 -3.60
CA GLU A 89 -2.21 14.30 -3.31
C GLU A 89 -0.75 13.82 -3.42
N LEU A 90 -0.38 12.65 -2.86
CA LEU A 90 1.00 12.15 -3.01
C LEU A 90 1.35 11.81 -4.47
N PHE A 91 0.34 11.50 -5.31
CA PHE A 91 0.47 11.37 -6.77
C PHE A 91 0.37 12.71 -7.55
N ARG A 92 0.15 13.86 -6.90
CA ARG A 92 0.05 15.18 -7.59
C ARG A 92 1.39 15.65 -8.17
N ASP A 93 2.48 15.25 -7.53
CA ASP A 93 3.86 15.39 -7.99
C ASP A 93 4.29 14.24 -8.95
N GLY A 94 3.34 13.72 -9.73
CA GLY A 94 3.51 12.67 -10.74
C GLY A 94 3.04 11.29 -10.27
N VAL A 95 2.53 10.50 -11.22
CA VAL A 95 1.96 9.14 -11.00
C VAL A 95 3.03 8.04 -11.08
N ASN A 96 4.30 8.44 -10.96
CA ASN A 96 5.47 7.60 -11.25
C ASN A 96 5.67 6.44 -10.25
N TRP A 97 6.41 5.41 -10.65
CA TRP A 97 6.64 4.19 -9.87
C TRP A 97 7.14 4.44 -8.44
N GLY A 98 7.99 5.45 -8.21
CA GLY A 98 8.44 5.82 -6.86
C GLY A 98 7.32 6.30 -5.94
N ARG A 99 6.27 6.93 -6.50
CA ARG A 99 5.05 7.29 -5.75
C ARG A 99 4.17 6.06 -5.51
N ILE A 100 4.12 5.12 -6.47
CA ILE A 100 3.43 3.83 -6.30
C ILE A 100 4.08 2.99 -5.19
N VAL A 101 5.41 3.02 -5.07
CA VAL A 101 6.17 2.42 -3.95
C VAL A 101 5.72 3.00 -2.60
N ALA A 102 5.57 4.33 -2.50
CA ALA A 102 5.07 4.97 -1.29
C ALA A 102 3.59 4.65 -1.00
N PHE A 103 2.74 4.61 -2.03
CA PHE A 103 1.30 4.30 -1.92
C PHE A 103 1.06 2.92 -1.32
N PHE A 104 1.74 1.88 -1.83
CA PHE A 104 1.53 0.51 -1.33
C PHE A 104 2.06 0.33 0.10
N SER A 105 3.19 0.96 0.41
CA SER A 105 3.81 0.87 1.74
C SER A 105 2.92 1.53 2.81
N PHE A 106 2.41 2.74 2.52
CA PHE A 106 1.44 3.45 3.35
C PHE A 106 0.12 2.67 3.51
N GLY A 107 -0.42 2.13 2.42
CA GLY A 107 -1.63 1.30 2.43
C GLY A 107 -1.51 0.05 3.29
N GLY A 108 -0.41 -0.70 3.15
CA GLY A 108 -0.12 -1.88 3.97
C GLY A 108 0.00 -1.58 5.46
N ALA A 109 0.70 -0.50 5.83
CA ALA A 109 0.88 -0.10 7.22
C ALA A 109 -0.43 0.29 7.95
N LEU A 110 -1.43 0.85 7.24
CA LEU A 110 -2.77 1.11 7.78
C LEU A 110 -3.50 -0.17 8.22
N CYS A 111 -3.34 -1.27 7.48
CA CYS A 111 -3.95 -2.56 7.82
C CYS A 111 -3.30 -3.17 9.08
N VAL A 112 -1.97 -3.07 9.19
CA VAL A 112 -1.20 -3.57 10.34
C VAL A 112 -1.64 -2.92 11.64
N GLU A 113 -1.75 -1.58 11.70
CA GLU A 113 -2.16 -0.91 12.94
C GLU A 113 -3.61 -1.23 13.32
N SER A 114 -4.48 -1.50 12.34
CA SER A 114 -5.86 -1.95 12.58
C SER A 114 -5.87 -3.34 13.24
N VAL A 115 -5.09 -4.30 12.72
CA VAL A 115 -4.95 -5.64 13.33
C VAL A 115 -4.37 -5.56 14.76
N ASP A 116 -3.34 -4.74 14.96
CA ASP A 116 -2.65 -4.59 16.25
C ASP A 116 -3.58 -3.98 17.34
N LYS A 117 -4.45 -3.04 16.96
CA LYS A 117 -5.55 -2.51 17.79
C LYS A 117 -6.79 -3.43 17.88
N GLU A 118 -6.62 -4.72 17.57
CA GLU A 118 -7.66 -5.77 17.63
C GLU A 118 -8.89 -5.45 16.74
N MET A 119 -8.63 -4.94 15.54
CA MET A 119 -9.62 -4.59 14.51
C MET A 119 -9.28 -5.31 13.20
N GLN A 120 -8.97 -6.61 13.30
CA GLN A 120 -8.47 -7.47 12.23
C GLN A 120 -9.47 -7.63 11.07
N VAL A 121 -10.75 -7.47 11.39
CA VAL A 121 -11.89 -7.43 10.44
C VAL A 121 -11.69 -6.44 9.28
N LEU A 122 -10.95 -5.34 9.49
CA LEU A 122 -10.66 -4.36 8.44
C LEU A 122 -9.44 -4.70 7.59
N VAL A 123 -8.61 -5.68 7.95
CA VAL A 123 -7.38 -5.94 7.20
C VAL A 123 -7.67 -6.27 5.72
N SER A 124 -8.78 -6.98 5.48
CA SER A 124 -9.35 -7.25 4.16
C SER A 124 -10.12 -6.06 3.57
N ARG A 125 -10.77 -5.22 4.38
CA ARG A 125 -11.52 -4.03 3.92
C ARG A 125 -10.59 -2.95 3.39
N ILE A 126 -9.50 -2.69 4.12
CA ILE A 126 -8.43 -1.75 3.76
C ILE A 126 -7.63 -2.28 2.56
N ALA A 127 -7.36 -3.59 2.49
CA ALA A 127 -6.78 -4.22 1.30
C ALA A 127 -7.68 -4.03 0.07
N ALA A 128 -9.02 -4.20 0.21
CA ALA A 128 -9.98 -3.95 -0.85
C ALA A 128 -10.06 -2.46 -1.24
N TRP A 129 -9.95 -1.52 -0.29
CA TRP A 129 -9.89 -0.08 -0.57
C TRP A 129 -8.69 0.29 -1.43
N MET A 130 -7.48 -0.13 -1.07
CA MET A 130 -6.27 0.16 -1.86
C MET A 130 -6.24 -0.62 -3.18
N ALA A 131 -6.74 -1.86 -3.24
CA ALA A 131 -6.90 -2.61 -4.49
C ALA A 131 -7.91 -1.92 -5.43
N THR A 132 -9.03 -1.42 -4.91
CA THR A 132 -10.03 -0.67 -5.70
C THR A 132 -9.42 0.61 -6.29
N TYR A 133 -8.65 1.36 -5.50
CA TYR A 133 -7.90 2.53 -5.98
C TYR A 133 -6.92 2.16 -7.11
N LEU A 134 -6.08 1.16 -6.88
CA LEU A 134 -5.05 0.68 -7.80
C LEU A 134 -5.66 0.19 -9.12
N ASN A 135 -6.77 -0.56 -9.04
CA ASN A 135 -7.52 -1.09 -10.19
C ASN A 135 -8.25 0.02 -10.99
N ASP A 136 -8.80 1.04 -10.32
CA ASP A 136 -9.57 2.11 -10.97
C ASP A 136 -8.74 3.28 -11.52
N HIS A 137 -7.67 3.69 -10.82
CA HIS A 137 -6.93 4.93 -11.11
C HIS A 137 -5.52 4.68 -11.64
N LEU A 138 -4.77 3.77 -11.00
CA LEU A 138 -3.40 3.46 -11.43
C LEU A 138 -3.33 2.54 -12.64
N GLU A 139 -4.27 1.61 -12.81
CA GLU A 139 -4.20 0.57 -13.85
C GLU A 139 -3.94 1.10 -15.28
N PRO A 140 -4.63 2.14 -15.81
CA PRO A 140 -4.29 2.69 -17.12
C PRO A 140 -2.87 3.27 -17.17
N TRP A 141 -2.44 4.01 -16.15
CA TRP A 141 -1.07 4.54 -16.10
C TRP A 141 -0.03 3.41 -16.08
N ILE A 142 -0.29 2.36 -15.28
CA ILE A 142 0.53 1.14 -15.19
C ILE A 142 0.64 0.46 -16.57
N GLN A 143 -0.47 0.22 -17.26
CA GLN A 143 -0.48 -0.36 -18.63
C GLN A 143 0.22 0.53 -19.66
N GLU A 144 0.05 1.85 -19.57
CA GLU A 144 0.68 2.84 -20.45
C GLU A 144 2.20 2.99 -20.18
N ASN A 145 2.67 2.48 -19.04
CA ASN A 145 4.07 2.37 -18.64
C ASN A 145 4.61 0.92 -18.71
N GLY A 146 3.93 0.03 -19.46
CA GLY A 146 4.39 -1.33 -19.75
C GLY A 146 4.10 -2.38 -18.67
N GLY A 147 3.24 -2.07 -17.70
CA GLY A 147 2.80 -2.97 -16.65
C GLY A 147 3.83 -3.22 -15.53
N TRP A 148 3.44 -4.00 -14.53
CA TRP A 148 4.35 -4.45 -13.46
C TRP A 148 5.55 -5.26 -14.00
N ASP A 149 5.41 -5.90 -15.16
CA ASP A 149 6.52 -6.56 -15.87
C ASP A 149 7.66 -5.58 -16.24
N THR A 150 7.33 -4.34 -16.62
CA THR A 150 8.33 -3.27 -16.81
C THR A 150 8.87 -2.77 -15.47
N PHE A 151 8.05 -2.70 -14.42
CA PHE A 151 8.54 -2.33 -13.07
C PHE A 151 9.62 -3.29 -12.55
N VAL A 152 9.50 -4.61 -12.72
CA VAL A 152 10.59 -5.55 -12.35
C VAL A 152 11.83 -5.41 -13.23
N GLU A 153 11.71 -5.04 -14.52
CA GLU A 153 12.88 -4.70 -15.33
C GLU A 153 13.61 -3.42 -14.84
N LEU A 154 12.89 -2.45 -14.25
CA LEU A 154 13.45 -1.23 -13.65
C LEU A 154 14.02 -1.42 -12.22
N TYR A 155 13.31 -2.15 -11.35
CA TYR A 155 13.60 -2.24 -9.90
C TYR A 155 14.17 -3.59 -9.43
N GLY A 156 14.18 -4.63 -10.28
CA GLY A 156 14.75 -5.96 -9.98
C GLY A 156 16.28 -5.98 -9.86
CA GLY B 1 -2.50 25.46 10.11
C GLY B 1 -1.86 24.81 11.33
N SER B 2 -1.80 25.53 12.46
CA SER B 2 -1.17 25.05 13.71
C SER B 2 -1.89 23.86 14.37
N HIS B 3 -3.18 23.66 14.06
CA HIS B 3 -3.98 22.49 14.40
C HIS B 3 -5.11 22.29 13.37
N MET B 4 -5.57 21.04 13.19
CA MET B 4 -6.69 20.66 12.33
C MET B 4 -7.47 19.49 12.94
N SER B 5 -8.81 19.58 12.93
CA SER B 5 -9.70 18.46 13.30
C SER B 5 -9.79 17.36 12.23
N ALA B 6 -9.57 17.74 10.96
CA ALA B 6 -9.50 16.85 9.79
C ALA B 6 -8.06 16.32 9.58
N MET B 7 -7.55 16.37 8.33
CA MET B 7 -6.16 16.02 7.98
C MET B 7 -5.16 16.88 8.77
N SER B 8 -4.28 16.25 9.56
CA SER B 8 -3.36 16.93 10.48
C SER B 8 -2.16 17.55 9.75
N THR B 9 -2.31 18.81 9.33
CA THR B 9 -1.35 19.50 8.45
C THR B 9 0.06 19.63 9.04
N THR B 10 0.22 19.78 10.35
CA THR B 10 1.55 19.97 10.97
C THR B 10 2.49 18.76 10.82
N ASP B 11 1.93 17.55 10.76
CA ASP B 11 2.68 16.33 10.42
C ASP B 11 2.57 16.00 8.91
N LEU B 12 1.34 15.87 8.41
CA LEU B 12 1.09 15.33 7.08
C LEU B 12 1.50 16.26 5.94
N GLU B 13 1.33 17.57 6.07
CA GLU B 13 1.76 18.49 5.00
C GLU B 13 3.29 18.63 4.92
N ALA B 14 3.99 18.17 5.95
CA ALA B 14 5.44 17.98 5.91
C ALA B 14 5.74 16.62 5.25
N TYR B 15 5.36 15.50 5.86
CA TYR B 15 5.64 14.14 5.42
C TYR B 15 5.19 13.80 3.98
N PHE B 16 3.96 14.14 3.56
CA PHE B 16 3.51 13.84 2.18
C PHE B 16 4.16 14.73 1.12
N LYS B 17 4.61 15.94 1.49
CA LYS B 17 5.43 16.82 0.63
C LYS B 17 6.87 16.30 0.57
N ASP B 18 7.45 16.01 1.72
CA ASP B 18 8.78 15.40 1.92
C ASP B 18 8.94 14.07 1.15
N CYS B 19 7.87 13.28 1.06
CA CYS B 19 7.76 12.05 0.28
C CYS B 19 8.10 12.20 -1.22
N VAL B 20 7.99 13.41 -1.77
CA VAL B 20 8.07 13.67 -3.22
C VAL B 20 8.88 14.91 -3.60
N PHE B 21 9.41 15.65 -2.61
CA PHE B 21 10.40 16.71 -2.83
C PHE B 21 11.77 16.16 -3.29
N LYS B 22 12.00 14.86 -3.10
CA LYS B 22 13.13 14.08 -3.65
C LYS B 22 12.64 12.70 -4.09
N ASP B 23 13.05 12.27 -5.28
CA ASP B 23 12.66 10.99 -5.89
C ASP B 23 13.55 9.82 -5.42
N TRP B 24 13.78 9.74 -4.09
CA TRP B 24 14.71 8.83 -3.43
C TRP B 24 16.16 8.85 -3.99
N GLY B 25 16.57 9.96 -4.61
CA GLY B 25 17.90 10.20 -5.19
C GLY B 25 18.12 11.66 -5.61
N MET A 1 -2.99 -5.41 -14.62
CA MET A 1 -4.01 -6.47 -14.74
C MET A 1 -4.76 -6.62 -13.42
N SER A 2 -6.10 -6.53 -13.47
CA SER A 2 -6.97 -6.39 -12.29
C SER A 2 -7.00 -7.60 -11.34
N GLN A 3 -6.72 -8.82 -11.83
CA GLN A 3 -6.60 -10.02 -10.99
C GLN A 3 -5.21 -10.14 -10.33
N SER A 4 -4.14 -9.86 -11.09
CA SER A 4 -2.75 -9.91 -10.62
C SER A 4 -2.45 -8.84 -9.56
N ASN A 5 -3.14 -7.69 -9.63
CA ASN A 5 -3.16 -6.64 -8.61
C ASN A 5 -3.31 -7.22 -7.19
N ARG A 6 -4.35 -8.03 -6.93
CA ARG A 6 -4.58 -8.61 -5.59
C ARG A 6 -3.44 -9.54 -5.16
N GLU A 7 -2.94 -10.37 -6.06
CA GLU A 7 -1.84 -11.31 -5.77
C GLU A 7 -0.55 -10.60 -5.36
N LEU A 8 -0.17 -9.52 -6.05
CA LEU A 8 1.04 -8.74 -5.73
C LEU A 8 0.83 -7.74 -4.58
N VAL A 9 -0.42 -7.33 -4.29
CA VAL A 9 -0.77 -6.57 -3.07
C VAL A 9 -0.66 -7.45 -1.82
N VAL A 10 -1.17 -8.69 -1.87
CA VAL A 10 -1.09 -9.65 -0.76
C VAL A 10 0.36 -10.03 -0.41
N ASP A 11 1.29 -10.04 -1.37
CA ASP A 11 2.70 -10.37 -1.14
C ASP A 11 3.37 -9.49 -0.04
N PHE A 12 3.47 -8.17 -0.25
CA PHE A 12 4.16 -7.29 0.69
C PHE A 12 3.41 -7.19 2.04
N LEU A 13 2.08 -7.31 2.02
CA LEU A 13 1.24 -7.34 3.22
C LEU A 13 1.53 -8.60 4.05
N SER A 14 1.48 -9.79 3.43
CA SER A 14 1.83 -11.04 4.09
C SER A 14 3.27 -11.04 4.63
N TYR A 15 4.21 -10.48 3.86
CA TYR A 15 5.62 -10.38 4.27
C TYR A 15 5.83 -9.44 5.48
N LYS A 16 5.14 -8.29 5.54
CA LYS A 16 5.17 -7.37 6.68
C LYS A 16 4.52 -7.99 7.92
N LEU A 17 3.37 -8.67 7.75
CA LEU A 17 2.64 -9.33 8.84
C LEU A 17 3.41 -10.54 9.39
N SER A 18 4.16 -11.24 8.54
CA SER A 18 5.10 -12.31 8.95
C SER A 18 6.22 -11.79 9.85
N GLN A 19 6.73 -10.57 9.61
CA GLN A 19 7.74 -9.93 10.46
C GLN A 19 7.15 -9.43 11.79
N LYS A 20 5.87 -9.08 11.82
CA LYS A 20 5.09 -8.81 13.05
C LYS A 20 4.76 -10.09 13.85
N GLY A 21 5.06 -11.28 13.30
CA GLY A 21 4.87 -12.59 13.93
C GLY A 21 3.57 -13.32 13.56
N TYR A 22 2.87 -12.87 12.52
CA TYR A 22 1.59 -13.43 12.05
C TYR A 22 1.75 -14.28 10.78
N SER A 23 0.63 -14.66 10.14
CA SER A 23 0.62 -15.28 8.80
C SER A 23 -0.69 -15.00 8.05
N TRP A 24 -0.61 -14.69 6.76
CA TRP A 24 -1.78 -14.46 5.91
C TRP A 24 -2.64 -15.73 5.74
N SER A 25 -2.06 -16.93 5.87
CA SER A 25 -2.81 -18.19 5.84
C SER A 25 -3.83 -18.31 6.99
N GLN A 26 -3.60 -17.58 8.09
CA GLN A 26 -4.50 -17.54 9.25
C GLN A 26 -5.60 -16.48 9.12
N PHE A 27 -5.34 -15.40 8.37
CA PHE A 27 -6.32 -14.34 8.10
C PHE A 27 -7.22 -14.62 6.89
N SER A 28 -6.73 -15.37 5.90
CA SER A 28 -7.44 -15.64 4.64
C SER A 28 -8.34 -16.88 4.71
N ASP A 29 -9.45 -16.87 3.98
CA ASP A 29 -10.31 -18.04 3.75
C ASP A 29 -9.74 -19.01 2.69
N VAL A 30 -8.80 -18.56 1.86
CA VAL A 30 -8.24 -19.33 0.72
C VAL A 30 -6.96 -20.08 1.14
N GLU A 31 -6.90 -21.39 0.84
CA GLU A 31 -5.76 -22.26 1.06
C GLU A 31 -5.69 -23.40 0.02
N GLU A 32 -4.48 -23.89 -0.26
CA GLU A 32 -4.23 -25.06 -1.12
C GLU A 32 -2.91 -25.82 -0.78
N ASN A 33 -1.99 -25.20 -0.06
CA ASN A 33 -0.69 -25.74 0.37
C ASN A 33 -0.18 -24.99 1.62
N ARG A 34 1.08 -25.19 2.01
CA ARG A 34 1.79 -24.40 3.04
C ARG A 34 1.92 -22.90 2.67
N THR A 35 2.43 -22.08 3.60
CA THR A 35 2.76 -20.67 3.33
C THR A 35 3.79 -20.54 2.20
N GLU A 36 3.58 -19.56 1.31
CA GLU A 36 4.30 -19.39 0.05
C GLU A 36 4.25 -17.92 -0.45
N ALA A 37 5.03 -17.61 -1.49
CA ALA A 37 5.14 -16.29 -2.11
C ALA A 37 5.43 -16.39 -3.63
N PRO A 38 5.30 -15.29 -4.41
CA PRO A 38 5.66 -15.21 -5.83
C PRO A 38 7.13 -15.58 -6.13
N GLU A 39 7.37 -16.87 -6.37
CA GLU A 39 8.67 -17.48 -6.71
C GLU A 39 8.72 -18.04 -8.15
N GLY A 40 7.65 -17.80 -8.94
CA GLY A 40 7.51 -18.20 -10.35
C GLY A 40 8.29 -17.31 -11.32
N THR A 41 7.58 -16.64 -12.24
CA THR A 41 8.17 -15.81 -13.31
C THR A 41 7.46 -14.47 -13.50
N GLU A 42 6.26 -14.46 -14.09
CA GLU A 42 5.57 -13.24 -14.53
C GLU A 42 5.16 -12.30 -13.38
N SER A 43 4.73 -12.84 -12.23
CA SER A 43 4.48 -12.05 -11.01
C SER A 43 5.72 -11.95 -10.11
N GLU A 44 6.63 -12.93 -10.15
CA GLU A 44 7.90 -12.91 -9.39
C GLU A 44 8.79 -11.71 -9.78
N ALA A 45 8.84 -11.36 -11.07
CA ALA A 45 9.59 -10.21 -11.57
C ALA A 45 9.03 -8.88 -11.02
N VAL A 46 7.71 -8.69 -11.07
CA VAL A 46 7.04 -7.51 -10.50
C VAL A 46 7.27 -7.44 -8.99
N LYS A 47 7.04 -8.56 -8.29
CA LYS A 47 7.29 -8.71 -6.85
C LYS A 47 8.72 -8.35 -6.48
N GLN A 48 9.73 -8.81 -7.22
CA GLN A 48 11.15 -8.51 -6.94
C GLN A 48 11.44 -7.00 -6.99
N ALA A 49 10.87 -6.29 -7.98
CA ALA A 49 11.05 -4.85 -8.13
C ALA A 49 10.26 -4.07 -7.04
N LEU A 50 9.00 -4.44 -6.83
CA LEU A 50 8.10 -3.73 -5.92
C LEU A 50 8.48 -3.93 -4.45
N ARG A 51 8.92 -5.14 -4.07
CA ARG A 51 9.37 -5.48 -2.71
C ARG A 51 10.70 -4.79 -2.36
N GLU A 52 11.62 -4.63 -3.31
CA GLU A 52 12.83 -3.80 -3.12
C GLU A 52 12.47 -2.31 -2.97
N ALA A 53 11.57 -1.78 -3.78
CA ALA A 53 11.09 -0.40 -3.66
C ALA A 53 10.40 -0.15 -2.31
N GLY A 54 9.57 -1.09 -1.84
CA GLY A 54 8.91 -1.05 -0.54
C GLY A 54 9.89 -1.12 0.64
N ASP A 55 10.85 -2.04 0.58
CA ASP A 55 11.90 -2.18 1.61
C ASP A 55 12.78 -0.92 1.71
N GLU A 56 13.12 -0.29 0.58
CA GLU A 56 13.86 0.98 0.54
C GLU A 56 13.07 2.14 1.19
N PHE A 57 11.76 2.25 0.90
CA PHE A 57 10.89 3.26 1.50
C PHE A 57 10.67 3.02 3.00
N GLU A 58 10.45 1.77 3.41
CA GLU A 58 10.36 1.40 4.84
C GLU A 58 11.64 1.73 5.60
N LEU A 59 12.81 1.41 5.04
CA LEU A 59 14.11 1.66 5.67
C LEU A 59 14.34 3.16 5.97
N ARG A 60 14.08 4.04 4.99
CA ARG A 60 14.36 5.48 5.11
C ARG A 60 13.24 6.30 5.75
N TYR A 61 11.98 5.88 5.63
CA TYR A 61 10.80 6.70 5.99
C TYR A 61 9.87 6.07 7.04
N ARG A 62 10.31 5.06 7.80
CA ARG A 62 9.49 4.27 8.75
C ARG A 62 8.64 5.14 9.69
N ARG A 63 9.26 6.12 10.36
CA ARG A 63 8.57 7.09 11.26
C ARG A 63 7.61 8.00 10.49
N ALA A 64 8.02 8.51 9.33
CA ALA A 64 7.20 9.38 8.48
C ALA A 64 5.91 8.69 8.00
N PHE A 65 6.00 7.47 7.47
CA PHE A 65 4.83 6.70 7.03
C PHE A 65 3.97 6.23 8.22
N SER A 66 4.58 5.91 9.37
CA SER A 66 3.85 5.63 10.61
C SER A 66 3.09 6.85 11.17
N ASP A 67 3.59 8.08 10.95
CA ASP A 67 2.81 9.30 11.24
C ASP A 67 1.60 9.46 10.29
N LEU A 68 1.70 9.02 9.03
CA LEU A 68 0.55 8.99 8.11
C LEU A 68 -0.51 7.98 8.58
N THR A 69 -0.11 6.75 8.94
CA THR A 69 -1.05 5.73 9.45
C THR A 69 -1.65 6.10 10.81
N SER A 70 -0.95 6.90 11.62
CA SER A 70 -1.45 7.45 12.90
C SER A 70 -2.45 8.61 12.72
N GLN A 71 -2.43 9.33 11.59
CA GLN A 71 -3.40 10.40 11.27
C GLN A 71 -4.65 9.91 10.52
N LEU A 72 -4.56 8.84 9.72
CA LEU A 72 -5.71 8.26 9.00
C LEU A 72 -6.61 7.42 9.93
N HIS A 73 -7.91 7.38 9.61
CA HIS A 73 -8.89 6.45 10.20
C HIS A 73 -8.79 5.06 9.54
N ILE A 74 -9.25 4.01 10.22
CA ILE A 74 -9.23 2.63 9.69
C ILE A 74 -10.49 1.78 9.96
N THR A 75 -11.40 2.29 10.80
CA THR A 75 -12.73 1.72 11.13
C THR A 75 -13.63 1.52 9.89
N PRO A 76 -14.39 0.42 9.77
CA PRO A 76 -15.14 0.09 8.56
C PRO A 76 -16.25 1.09 8.21
N GLY A 77 -16.54 1.23 6.92
CA GLY A 77 -17.60 2.09 6.36
C GLY A 77 -17.20 3.56 6.21
N THR A 78 -16.58 4.16 7.22
CA THR A 78 -16.12 5.57 7.20
C THR A 78 -14.69 5.70 6.69
N ALA A 79 -13.76 4.85 7.14
CA ALA A 79 -12.34 4.93 6.74
C ALA A 79 -12.10 4.69 5.25
N TYR A 80 -12.95 3.90 4.59
CA TYR A 80 -12.95 3.73 3.14
C TYR A 80 -13.06 5.08 2.40
N GLN A 81 -13.90 5.98 2.93
CA GLN A 81 -14.11 7.33 2.40
C GLN A 81 -12.92 8.25 2.71
N SER A 82 -12.36 8.16 3.92
CA SER A 82 -11.17 8.90 4.35
C SER A 82 -9.91 8.50 3.56
N PHE A 83 -9.78 7.21 3.23
CA PHE A 83 -8.68 6.68 2.42
C PHE A 83 -8.82 7.10 0.96
N GLU A 84 -10.01 6.96 0.36
CA GLU A 84 -10.24 7.28 -1.06
C GLU A 84 -9.88 8.75 -1.34
N GLN A 85 -10.37 9.68 -0.52
CA GLN A 85 -10.15 11.12 -0.72
C GLN A 85 -8.69 11.54 -0.52
N VAL A 86 -7.95 10.93 0.42
CA VAL A 86 -6.53 11.26 0.67
C VAL A 86 -5.62 10.67 -0.42
N VAL A 87 -5.93 9.46 -0.89
CA VAL A 87 -5.18 8.86 -2.01
C VAL A 87 -5.41 9.64 -3.32
N ASN A 88 -6.64 10.08 -3.59
CA ASN A 88 -6.92 10.94 -4.75
C ASN A 88 -6.17 12.30 -4.70
N GLU A 89 -5.83 12.82 -3.52
CA GLU A 89 -5.04 14.07 -3.42
C GLU A 89 -3.51 13.84 -3.43
N LEU A 90 -2.98 12.74 -2.88
CA LEU A 90 -1.53 12.46 -2.97
C LEU A 90 -1.07 12.18 -4.40
N PHE A 91 -1.90 11.52 -5.21
CA PHE A 91 -1.66 11.33 -6.66
C PHE A 91 -1.85 12.60 -7.50
N ARG A 92 -2.38 13.69 -6.93
CA ARG A 92 -2.52 14.98 -7.64
C ARG A 92 -1.18 15.66 -7.93
N ASP A 93 -0.11 15.26 -7.23
CA ASP A 93 1.28 15.63 -7.55
C ASP A 93 1.78 14.96 -8.85
N GLY A 94 1.19 13.82 -9.23
CA GLY A 94 1.54 13.02 -10.41
C GLY A 94 1.16 11.55 -10.22
N VAL A 95 0.76 10.87 -11.30
CA VAL A 95 0.30 9.46 -11.31
C VAL A 95 1.46 8.46 -11.43
N ASN A 96 2.71 8.96 -11.38
CA ASN A 96 3.92 8.20 -11.69
C ASN A 96 4.22 7.04 -10.71
N TRP A 97 5.12 6.13 -11.14
CA TRP A 97 5.53 4.95 -10.38
C TRP A 97 6.07 5.29 -8.98
N GLY A 98 6.71 6.45 -8.78
CA GLY A 98 7.15 6.91 -7.45
C GLY A 98 5.99 7.12 -6.47
N ARG A 99 4.92 7.82 -6.90
CA ARG A 99 3.69 7.95 -6.12
C ARG A 99 2.97 6.60 -5.93
N ILE A 100 3.01 5.69 -6.91
CA ILE A 100 2.48 4.32 -6.75
C ILE A 100 3.26 3.53 -5.68
N VAL A 101 4.60 3.64 -5.64
CA VAL A 101 5.43 3.03 -4.59
C VAL A 101 5.06 3.54 -3.19
N ALA A 102 4.84 4.84 -3.03
CA ALA A 102 4.36 5.42 -1.76
C ALA A 102 2.94 4.95 -1.40
N PHE A 103 2.02 4.92 -2.36
CA PHE A 103 0.63 4.49 -2.17
C PHE A 103 0.51 3.07 -1.60
N PHE A 104 1.20 2.08 -2.17
CA PHE A 104 1.12 0.71 -1.66
C PHE A 104 1.82 0.57 -0.30
N SER A 105 2.95 1.25 -0.11
CA SER A 105 3.74 1.17 1.12
C SER A 105 2.94 1.71 2.31
N PHE A 106 2.25 2.84 2.12
CA PHE A 106 1.26 3.38 3.06
C PHE A 106 0.05 2.45 3.25
N GLY A 107 -0.54 1.94 2.17
CA GLY A 107 -1.71 1.05 2.22
C GLY A 107 -1.48 -0.23 3.03
N GLY A 108 -0.38 -0.95 2.78
CA GLY A 108 0.00 -2.14 3.54
C GLY A 108 0.31 -1.87 5.02
N ALA A 109 0.89 -0.70 5.35
CA ALA A 109 1.14 -0.30 6.73
C ALA A 109 -0.16 -0.05 7.52
N LEU A 110 -1.22 0.48 6.88
CA LEU A 110 -2.52 0.71 7.51
C LEU A 110 -3.17 -0.58 8.04
N CYS A 111 -3.03 -1.72 7.34
CA CYS A 111 -3.63 -2.99 7.79
C CYS A 111 -3.00 -3.51 9.09
N VAL A 112 -1.70 -3.29 9.29
CA VAL A 112 -0.96 -3.72 10.49
C VAL A 112 -1.51 -3.05 11.75
N GLU A 113 -1.93 -1.79 11.65
CA GLU A 113 -2.53 -1.05 12.78
C GLU A 113 -3.78 -1.75 13.32
N SER A 114 -4.60 -2.35 12.45
CA SER A 114 -5.79 -3.11 12.84
C SER A 114 -5.43 -4.46 13.45
N VAL A 115 -4.54 -5.22 12.82
CA VAL A 115 -4.13 -6.55 13.29
C VAL A 115 -3.52 -6.50 14.69
N ASP A 116 -2.59 -5.56 14.92
CA ASP A 116 -1.88 -5.41 16.20
C ASP A 116 -2.83 -4.98 17.34
N LYS A 117 -3.85 -4.16 17.03
CA LYS A 117 -4.95 -3.77 17.94
C LYS A 117 -6.07 -4.81 18.03
N GLU A 118 -5.80 -6.09 17.73
CA GLU A 118 -6.75 -7.22 17.82
C GLU A 118 -8.00 -7.04 16.94
N MET A 119 -7.80 -6.55 15.71
CA MET A 119 -8.85 -6.30 14.71
C MET A 119 -8.44 -6.88 13.34
N GLN A 120 -7.94 -8.12 13.36
CA GLN A 120 -7.40 -8.88 12.24
C GLN A 120 -8.37 -9.02 11.06
N VAL A 121 -9.66 -9.06 11.38
CA VAL A 121 -10.78 -9.10 10.42
C VAL A 121 -10.73 -8.01 9.34
N LEU A 122 -10.18 -6.82 9.64
CA LEU A 122 -10.05 -5.74 8.66
C LEU A 122 -8.85 -5.89 7.73
N VAL A 123 -7.89 -6.77 8.00
CA VAL A 123 -6.67 -6.86 7.18
C VAL A 123 -7.01 -7.16 5.71
N SER A 124 -8.04 -7.98 5.49
CA SER A 124 -8.63 -8.26 4.18
C SER A 124 -9.42 -7.08 3.60
N ARG A 125 -10.16 -6.30 4.42
CA ARG A 125 -10.91 -5.12 3.94
C ARG A 125 -9.97 -4.00 3.51
N ILE A 126 -8.97 -3.68 4.31
CA ILE A 126 -8.00 -2.61 4.02
C ILE A 126 -7.15 -2.99 2.80
N ALA A 127 -6.71 -4.26 2.69
CA ALA A 127 -6.05 -4.79 1.49
C ALA A 127 -6.96 -4.66 0.23
N ALA A 128 -8.27 -4.90 0.38
CA ALA A 128 -9.25 -4.70 -0.68
C ALA A 128 -9.51 -3.21 -1.00
N TRP A 129 -9.50 -2.29 -0.03
CA TRP A 129 -9.66 -0.85 -0.26
C TRP A 129 -8.57 -0.30 -1.19
N MET A 130 -7.30 -0.62 -0.92
CA MET A 130 -6.17 -0.25 -1.78
C MET A 130 -6.21 -0.97 -3.14
N ALA A 131 -6.51 -2.27 -3.20
CA ALA A 131 -6.62 -2.99 -4.46
C ALA A 131 -7.79 -2.47 -5.34
N THR A 132 -8.90 -2.05 -4.72
CA THR A 132 -10.06 -1.43 -5.40
C THR A 132 -9.70 -0.06 -5.97
N TYR A 133 -8.99 0.78 -5.22
CA TYR A 133 -8.45 2.06 -5.74
C TYR A 133 -7.54 1.82 -6.97
N LEU A 134 -6.66 0.81 -6.88
CA LEU A 134 -5.75 0.45 -7.98
C LEU A 134 -6.54 0.04 -9.24
N ASN A 135 -7.57 -0.80 -9.11
CA ASN A 135 -8.45 -1.17 -10.22
C ASN A 135 -9.29 0.00 -10.78
N ASP A 136 -9.77 0.91 -9.92
CA ASP A 136 -10.62 2.04 -10.32
C ASP A 136 -9.85 3.20 -11.00
N HIS A 137 -8.57 3.40 -10.65
CA HIS A 137 -7.80 4.60 -11.04
C HIS A 137 -6.44 4.30 -11.68
N LEU A 138 -5.65 3.38 -11.11
CA LEU A 138 -4.28 3.15 -11.59
C LEU A 138 -4.20 2.19 -12.77
N GLU A 139 -5.03 1.15 -12.85
CA GLU A 139 -5.03 0.16 -13.94
C GLU A 139 -4.93 0.76 -15.37
N PRO A 140 -5.75 1.73 -15.80
CA PRO A 140 -5.61 2.32 -17.13
C PRO A 140 -4.28 3.07 -17.32
N TRP A 141 -3.80 3.81 -16.31
CA TRP A 141 -2.50 4.49 -16.36
C TRP A 141 -1.34 3.48 -16.42
N ILE A 142 -1.39 2.44 -15.59
CA ILE A 142 -0.42 1.34 -15.52
C ILE A 142 -0.27 0.68 -16.89
N GLN A 143 -1.37 0.25 -17.50
CA GLN A 143 -1.34 -0.44 -18.80
C GLN A 143 -0.95 0.48 -19.97
N GLU A 144 -1.31 1.77 -19.92
CA GLU A 144 -0.87 2.78 -20.90
C GLU A 144 0.65 3.01 -20.82
N ASN A 145 1.22 2.92 -19.60
CA ASN A 145 2.65 2.95 -19.31
C ASN A 145 3.33 1.57 -19.44
N GLY A 146 2.75 0.63 -20.19
CA GLY A 146 3.34 -0.67 -20.52
C GLY A 146 3.21 -1.77 -19.45
N GLY A 147 2.38 -1.54 -18.43
CA GLY A 147 2.08 -2.49 -17.36
C GLY A 147 3.21 -2.67 -16.34
N TRP A 148 2.98 -3.55 -15.35
CA TRP A 148 3.97 -3.90 -14.34
C TRP A 148 5.24 -4.55 -14.92
N ASP A 149 5.15 -5.15 -16.12
CA ASP A 149 6.31 -5.65 -16.87
C ASP A 149 7.28 -4.53 -17.25
N THR A 150 6.78 -3.33 -17.57
CA THR A 150 7.62 -2.14 -17.78
C THR A 150 8.15 -1.58 -16.45
N PHE A 151 7.38 -1.64 -15.36
CA PHE A 151 7.86 -1.24 -14.03
C PHE A 151 9.09 -2.04 -13.58
N VAL A 152 9.12 -3.37 -13.74
CA VAL A 152 10.32 -4.17 -13.41
C VAL A 152 11.50 -3.89 -14.36
N GLU A 153 11.27 -3.57 -15.63
CA GLU A 153 12.35 -3.14 -16.54
C GLU A 153 12.96 -1.78 -16.13
N LEU A 154 12.17 -0.86 -15.55
CA LEU A 154 12.63 0.44 -15.02
C LEU A 154 13.28 0.36 -13.63
N TYR A 155 12.70 -0.41 -12.69
CA TYR A 155 13.09 -0.43 -11.27
C TYR A 155 13.93 -1.66 -10.84
N GLY A 156 14.06 -2.68 -11.68
CA GLY A 156 14.84 -3.91 -11.42
C GLY A 156 16.35 -3.68 -11.31
CA GLY B 1 0.74 16.27 15.44
C GLY B 1 0.82 14.87 14.86
N SER B 2 1.47 13.94 15.57
CA SER B 2 1.68 12.55 15.11
C SER B 2 0.39 11.72 15.08
N HIS B 3 -0.45 11.78 16.12
CA HIS B 3 -1.61 10.89 16.30
C HIS B 3 -2.93 11.59 16.67
N MET B 4 -2.89 12.84 17.15
CA MET B 4 -4.07 13.63 17.48
C MET B 4 -4.81 14.11 16.21
N SER B 5 -6.13 13.89 16.15
CA SER B 5 -7.05 14.38 15.10
C SER B 5 -6.72 13.96 13.66
N ALA B 6 -7.49 14.46 12.69
CA ALA B 6 -7.18 14.36 11.24
C ALA B 6 -5.96 15.22 10.86
N MET B 7 -5.52 15.14 9.59
CA MET B 7 -4.27 15.70 9.03
C MET B 7 -3.85 17.05 9.65
N SER B 8 -2.77 17.01 10.43
CA SER B 8 -2.05 18.17 10.96
C SER B 8 -1.23 18.80 9.84
N THR B 9 -1.79 19.80 9.15
CA THR B 9 -1.23 20.37 7.91
C THR B 9 0.17 20.95 8.09
N THR B 10 0.49 21.50 9.27
CA THR B 10 1.83 22.03 9.60
C THR B 10 2.92 20.95 9.72
N ASP B 11 2.54 19.68 9.92
CA ASP B 11 3.46 18.53 10.01
C ASP B 11 3.40 17.62 8.78
N LEU B 12 2.20 17.24 8.32
CA LEU B 12 2.05 16.33 7.18
C LEU B 12 2.46 16.94 5.84
N GLU B 13 2.34 18.26 5.62
CA GLU B 13 2.85 18.88 4.39
C GLU B 13 4.38 18.81 4.29
N ALA B 14 5.07 18.56 5.42
CA ALA B 14 6.48 18.18 5.41
C ALA B 14 6.59 16.69 5.04
N TYR B 15 6.09 15.77 5.85
CA TYR B 15 6.26 14.31 5.65
C TYR B 15 5.80 13.76 4.29
N PHE B 16 4.65 14.22 3.75
CA PHE B 16 4.16 13.85 2.41
C PHE B 16 5.05 14.34 1.25
N LYS B 17 6.03 15.22 1.51
CA LYS B 17 6.98 15.84 0.56
C LYS B 17 8.45 15.47 0.87
N ASP B 18 8.78 15.27 2.15
CA ASP B 18 10.13 15.03 2.68
C ASP B 18 10.72 13.69 2.21
N CYS B 19 9.88 12.65 2.12
CA CYS B 19 10.22 11.35 1.53
C CYS B 19 10.16 11.33 -0.02
N VAL B 20 9.83 12.47 -0.65
CA VAL B 20 9.48 12.57 -2.07
C VAL B 20 10.45 13.44 -2.90
N PHE B 21 11.02 14.47 -2.28
CA PHE B 21 12.03 15.40 -2.81
C PHE B 21 11.58 16.30 -3.98
N LYS B 22 11.08 15.71 -5.08
CA LYS B 22 10.75 16.37 -6.36
C LYS B 22 9.65 15.68 -7.18
N ASP B 23 8.64 15.14 -6.48
CA ASP B 23 7.53 14.35 -7.05
C ASP B 23 8.02 13.14 -7.89
N TRP B 24 9.22 12.65 -7.60
CA TRP B 24 10.01 11.68 -8.36
C TRP B 24 10.18 12.00 -9.87
N GLY B 25 10.09 13.29 -10.24
CA GLY B 25 10.31 13.81 -11.61
C GLY B 25 11.79 13.89 -11.99
N MET A 1 -9.58 -4.77 -14.25
CA MET A 1 -9.42 -5.94 -15.14
C MET A 1 -8.51 -7.01 -14.53
N SER A 2 -7.24 -6.71 -14.28
CA SER A 2 -6.22 -7.67 -13.83
C SER A 2 -6.52 -8.24 -12.43
N GLN A 3 -6.76 -9.54 -12.34
CA GLN A 3 -7.01 -10.24 -11.07
C GLN A 3 -5.76 -10.32 -10.18
N SER A 4 -4.57 -10.28 -10.79
CA SER A 4 -3.26 -10.34 -10.11
C SER A 4 -3.01 -9.15 -9.18
N ASN A 5 -3.69 -8.01 -9.37
CA ASN A 5 -3.54 -6.83 -8.52
C ASN A 5 -3.88 -7.13 -7.04
N ARG A 6 -4.93 -7.93 -6.80
CA ARG A 6 -5.29 -8.41 -5.44
C ARG A 6 -4.18 -9.28 -4.87
N GLU A 7 -3.66 -10.22 -5.66
CA GLU A 7 -2.71 -11.23 -5.19
C GLU A 7 -1.37 -10.61 -4.77
N LEU A 8 -0.85 -9.66 -5.55
CA LEU A 8 0.38 -8.94 -5.21
C LEU A 8 0.17 -7.92 -4.08
N VAL A 9 -1.04 -7.36 -3.90
CA VAL A 9 -1.40 -6.57 -2.71
C VAL A 9 -1.40 -7.44 -1.45
N VAL A 10 -2.06 -8.60 -1.50
CA VAL A 10 -2.10 -9.57 -0.39
C VAL A 10 -0.70 -10.04 0.00
N ASP A 11 0.23 -10.19 -0.94
CA ASP A 11 1.59 -10.66 -0.65
C ASP A 11 2.39 -9.75 0.31
N PHE A 12 2.55 -8.45 0.01
CA PHE A 12 3.33 -7.55 0.87
C PHE A 12 2.62 -7.27 2.21
N LEU A 13 1.27 -7.26 2.23
CA LEU A 13 0.48 -7.23 3.47
C LEU A 13 0.82 -8.45 4.32
N SER A 14 0.67 -9.64 3.74
CA SER A 14 0.80 -10.91 4.45
C SER A 14 2.23 -11.06 5.01
N TYR A 15 3.23 -10.66 4.23
CA TYR A 15 4.64 -10.59 4.65
C TYR A 15 4.85 -9.65 5.84
N LYS A 16 4.41 -8.39 5.75
CA LYS A 16 4.59 -7.41 6.84
C LYS A 16 3.80 -7.78 8.11
N LEU A 17 2.63 -8.40 7.99
CA LEU A 17 1.88 -8.99 9.11
C LEU A 17 2.62 -10.20 9.71
N SER A 18 3.23 -11.06 8.88
CA SER A 18 4.08 -12.19 9.33
C SER A 18 5.33 -11.72 10.09
N GLN A 19 5.91 -10.57 9.71
CA GLN A 19 7.04 -9.95 10.43
C GLN A 19 6.67 -9.45 11.84
N LYS A 20 5.39 -9.10 12.08
CA LYS A 20 4.84 -8.82 13.42
C LYS A 20 4.56 -10.12 14.23
N GLY A 21 4.62 -11.29 13.58
CA GLY A 21 4.30 -12.60 14.13
C GLY A 21 2.86 -13.09 13.86
N TYR A 22 2.13 -12.45 12.94
CA TYR A 22 0.73 -12.81 12.63
C TYR A 22 0.60 -13.84 11.48
N SER A 23 -0.63 -14.31 11.21
CA SER A 23 -0.94 -15.33 10.19
C SER A 23 -2.12 -14.91 9.30
N TRP A 24 -1.88 -14.75 8.00
CA TRP A 24 -2.92 -14.34 7.02
C TRP A 24 -4.08 -15.34 6.91
N SER A 25 -3.79 -16.64 7.07
CA SER A 25 -4.79 -17.72 7.06
C SER A 25 -5.86 -17.57 8.17
N GLN A 26 -5.53 -16.89 9.27
CA GLN A 26 -6.47 -16.58 10.36
C GLN A 26 -7.33 -15.34 10.07
N PHE A 27 -6.82 -14.38 9.29
CA PHE A 27 -7.53 -13.15 8.91
C PHE A 27 -8.37 -13.29 7.63
N SER A 28 -8.02 -14.21 6.74
CA SER A 28 -8.70 -14.41 5.45
C SER A 28 -10.08 -15.09 5.61
N ASP A 29 -11.06 -14.65 4.82
CA ASP A 29 -12.40 -15.26 4.73
C ASP A 29 -12.51 -16.37 3.65
N VAL A 30 -11.44 -16.62 2.88
CA VAL A 30 -11.43 -17.58 1.76
C VAL A 30 -11.37 -19.03 2.25
N GLU A 31 -12.31 -19.86 1.79
CA GLU A 31 -12.44 -21.29 2.16
C GLU A 31 -12.62 -22.24 0.95
N GLU A 32 -12.75 -21.68 -0.25
CA GLU A 32 -12.94 -22.41 -1.52
C GLU A 32 -11.87 -22.04 -2.57
N ASN A 33 -11.57 -22.98 -3.47
CA ASN A 33 -10.50 -22.91 -4.47
C ASN A 33 -9.09 -22.65 -3.84
N ARG A 34 -8.12 -22.22 -4.65
CA ARG A 34 -6.74 -21.93 -4.20
C ARG A 34 -6.66 -20.77 -3.19
N THR A 35 -5.63 -20.78 -2.36
CA THR A 35 -5.24 -19.68 -1.47
C THR A 35 -3.73 -19.76 -1.22
N GLU A 36 -2.98 -18.85 -1.83
CA GLU A 36 -1.50 -18.88 -1.92
C GLU A 36 -0.92 -17.52 -2.32
N ALA A 37 0.40 -17.35 -2.14
CA ALA A 37 1.17 -16.21 -2.64
C ALA A 37 1.28 -16.18 -4.19
N PRO A 38 1.70 -15.06 -4.81
CA PRO A 38 2.02 -14.93 -6.25
C PRO A 38 3.21 -15.79 -6.75
N GLU A 39 3.20 -17.11 -6.52
CA GLU A 39 4.22 -18.08 -6.95
C GLU A 39 4.07 -18.47 -8.45
N GLY A 40 3.80 -17.46 -9.30
CA GLY A 40 3.69 -17.58 -10.76
C GLY A 40 5.04 -17.42 -11.47
N THR A 41 5.07 -16.57 -12.50
CA THR A 41 6.26 -16.23 -13.30
C THR A 41 6.48 -14.72 -13.34
N GLU A 42 5.68 -13.98 -14.11
CA GLU A 42 5.72 -12.52 -14.16
C GLU A 42 5.25 -11.90 -12.83
N SER A 43 4.20 -12.46 -12.21
CA SER A 43 3.71 -12.03 -10.89
C SER A 43 4.72 -12.34 -9.76
N GLU A 44 5.47 -13.43 -9.89
CA GLU A 44 6.54 -13.79 -8.95
C GLU A 44 7.71 -12.80 -9.00
N ALA A 45 8.10 -12.39 -10.20
CA ALA A 45 9.09 -11.34 -10.41
C ALA A 45 8.58 -9.96 -9.93
N VAL A 46 7.30 -9.64 -10.15
CA VAL A 46 6.68 -8.39 -9.65
C VAL A 46 6.69 -8.33 -8.12
N LYS A 47 6.21 -9.35 -7.40
CA LYS A 47 6.23 -9.34 -5.93
C LYS A 47 7.65 -9.18 -5.37
N GLN A 48 8.65 -9.81 -6.01
CA GLN A 48 10.06 -9.64 -5.64
C GLN A 48 10.54 -8.19 -5.86
N ALA A 49 10.30 -7.61 -7.04
CA ALA A 49 10.72 -6.24 -7.34
C ALA A 49 10.04 -5.21 -6.44
N LEU A 50 8.73 -5.37 -6.23
CA LEU A 50 7.91 -4.47 -5.43
C LEU A 50 8.29 -4.51 -3.94
N ARG A 51 8.63 -5.70 -3.40
CA ARG A 51 9.15 -5.86 -2.04
C ARG A 51 10.43 -5.06 -1.81
N GLU A 52 11.42 -5.18 -2.69
CA GLU A 52 12.67 -4.41 -2.56
C GLU A 52 12.43 -2.90 -2.76
N ALA A 53 11.60 -2.50 -3.72
CA ALA A 53 11.26 -1.10 -3.96
C ALA A 53 10.63 -0.42 -2.73
N GLY A 54 9.72 -1.12 -2.05
CA GLY A 54 9.13 -0.67 -0.78
C GLY A 54 10.18 -0.61 0.34
N ASP A 55 10.83 -1.74 0.64
CA ASP A 55 11.73 -1.88 1.79
C ASP A 55 12.98 -0.99 1.72
N GLU A 56 13.52 -0.71 0.52
CA GLU A 56 14.68 0.18 0.32
C GLU A 56 14.36 1.65 0.69
N PHE A 57 13.15 2.12 0.40
CA PHE A 57 12.69 3.49 0.67
C PHE A 57 12.08 3.62 2.08
N GLU A 58 11.32 2.61 2.51
CA GLU A 58 10.75 2.50 3.86
C GLU A 58 11.84 2.51 4.95
N LEU A 59 13.06 2.03 4.66
CA LEU A 59 14.21 2.12 5.56
C LEU A 59 14.56 3.58 5.95
N ARG A 60 14.50 4.52 5.00
CA ARG A 60 14.87 5.94 5.22
C ARG A 60 13.75 6.77 5.86
N TYR A 61 12.50 6.38 5.64
CA TYR A 61 11.28 7.11 6.05
C TYR A 61 10.39 6.27 7.00
N ARG A 62 10.99 5.35 7.77
CA ARG A 62 10.29 4.32 8.56
C ARG A 62 9.28 4.88 9.57
N ARG A 63 9.68 5.88 10.37
CA ARG A 63 8.77 6.59 11.27
C ARG A 63 7.83 7.54 10.51
N ALA A 64 8.32 8.19 9.44
CA ALA A 64 7.50 9.11 8.65
C ALA A 64 6.27 8.42 8.03
N PHE A 65 6.42 7.25 7.39
CA PHE A 65 5.27 6.47 6.88
C PHE A 65 4.34 5.99 8.02
N SER A 66 4.88 5.63 9.18
CA SER A 66 4.06 5.30 10.37
C SER A 66 3.27 6.51 10.89
N ASP A 67 3.83 7.73 10.78
CA ASP A 67 3.14 8.98 11.12
C ASP A 67 2.08 9.37 10.07
N LEU A 68 2.28 9.05 8.77
CA LEU A 68 1.23 9.20 7.75
C LEU A 68 0.00 8.35 8.11
N THR A 69 0.20 7.08 8.46
CA THR A 69 -0.89 6.15 8.80
C THR A 69 -1.54 6.44 10.16
N SER A 70 -0.80 7.00 11.11
CA SER A 70 -1.32 7.39 12.44
C SER A 70 -2.37 8.51 12.40
N GLN A 71 -2.39 9.33 11.34
CA GLN A 71 -3.38 10.41 11.14
C GLN A 71 -4.68 9.91 10.47
N LEU A 72 -4.66 8.75 9.81
CA LEU A 72 -5.78 8.18 9.04
C LEU A 72 -6.77 7.40 9.94
N HIS A 73 -8.05 7.41 9.56
CA HIS A 73 -9.09 6.54 10.13
C HIS A 73 -9.01 5.13 9.53
N ILE A 74 -9.39 4.10 10.31
CA ILE A 74 -9.46 2.72 9.85
C ILE A 74 -10.71 2.02 10.45
N THR A 75 -11.84 2.21 9.76
CA THR A 75 -13.20 1.86 10.23
C THR A 75 -14.20 2.10 9.08
N PRO A 76 -15.22 1.23 8.85
CA PRO A 76 -16.08 1.31 7.68
C PRO A 76 -16.78 2.67 7.48
N GLY A 77 -16.94 3.08 6.21
CA GLY A 77 -17.42 4.40 5.83
C GLY A 77 -16.28 5.42 5.73
N THR A 78 -16.06 6.23 6.78
CA THR A 78 -15.16 7.40 6.75
C THR A 78 -13.70 7.08 6.39
N ALA A 79 -13.20 5.88 6.70
CA ALA A 79 -11.84 5.48 6.33
C ALA A 79 -11.65 5.35 4.81
N TYR A 80 -12.59 4.73 4.10
CA TYR A 80 -12.55 4.57 2.64
C TYR A 80 -12.57 5.95 1.94
N GLN A 81 -13.38 6.88 2.45
CA GLN A 81 -13.46 8.26 1.98
C GLN A 81 -12.15 9.02 2.22
N SER A 82 -11.63 8.99 3.46
CA SER A 82 -10.39 9.65 3.87
C SER A 82 -9.15 9.07 3.15
N PHE A 83 -9.13 7.76 2.91
CA PHE A 83 -8.08 7.10 2.16
C PHE A 83 -8.05 7.54 0.69
N GLU A 84 -9.19 7.54 -0.01
CA GLU A 84 -9.23 7.90 -1.43
C GLU A 84 -8.71 9.33 -1.67
N GLN A 85 -9.14 10.29 -0.85
CA GLN A 85 -8.75 11.70 -0.99
C GLN A 85 -7.27 11.96 -0.62
N VAL A 86 -6.71 11.23 0.34
CA VAL A 86 -5.30 11.35 0.76
C VAL A 86 -4.36 10.66 -0.24
N VAL A 87 -4.78 9.54 -0.81
CA VAL A 87 -4.09 8.87 -1.92
C VAL A 87 -4.11 9.77 -3.18
N ASN A 88 -5.24 10.42 -3.48
CA ASN A 88 -5.30 11.46 -4.52
C ASN A 88 -4.29 12.61 -4.24
N GLU A 89 -4.08 12.98 -2.98
CA GLU A 89 -3.19 14.08 -2.60
C GLU A 89 -1.71 13.72 -2.81
N LEU A 90 -1.26 12.53 -2.40
CA LEU A 90 0.13 12.10 -2.65
C LEU A 90 0.40 11.87 -4.16
N PHE A 91 -0.58 11.39 -4.92
CA PHE A 91 -0.49 11.32 -6.39
C PHE A 91 -0.63 12.68 -7.12
N ARG A 92 -1.00 13.78 -6.43
CA ARG A 92 -1.10 15.12 -7.04
C ARG A 92 0.26 15.69 -7.48
N ASP A 93 1.35 15.19 -6.89
CA ASP A 93 2.73 15.44 -7.33
C ASP A 93 3.11 14.71 -8.62
N GLY A 94 2.36 13.66 -8.99
CA GLY A 94 2.56 12.82 -10.18
C GLY A 94 2.08 11.38 -9.96
N VAL A 95 1.54 10.75 -11.01
CA VAL A 95 0.98 9.37 -11.00
C VAL A 95 2.07 8.29 -11.16
N ASN A 96 3.34 8.71 -11.14
CA ASN A 96 4.52 7.88 -11.45
C ASN A 96 4.71 6.66 -10.52
N TRP A 97 5.54 5.72 -10.98
CA TRP A 97 5.87 4.49 -10.25
C TRP A 97 6.41 4.74 -8.84
N GLY A 98 7.11 5.87 -8.60
CA GLY A 98 7.59 6.25 -7.27
C GLY A 98 6.45 6.52 -6.28
N ARG A 99 5.44 7.31 -6.67
CA ARG A 99 4.23 7.47 -5.85
C ARG A 99 3.37 6.21 -5.78
N ILE A 100 3.40 5.32 -6.77
CA ILE A 100 2.76 3.98 -6.65
C ILE A 100 3.48 3.12 -5.60
N VAL A 101 4.81 3.16 -5.54
CA VAL A 101 5.61 2.53 -4.46
C VAL A 101 5.23 3.11 -3.09
N ALA A 102 5.03 4.43 -2.99
CA ALA A 102 4.56 5.06 -1.75
C ALA A 102 3.12 4.66 -1.37
N PHE A 103 2.20 4.59 -2.35
CA PHE A 103 0.79 4.25 -2.16
C PHE A 103 0.61 2.85 -1.56
N PHE A 104 1.29 1.83 -2.10
CA PHE A 104 1.15 0.47 -1.58
C PHE A 104 1.77 0.34 -0.19
N SER A 105 2.91 1.01 0.06
CA SER A 105 3.61 0.95 1.34
C SER A 105 2.76 1.59 2.45
N PHE A 106 2.13 2.73 2.15
CA PHE A 106 1.12 3.39 2.99
C PHE A 106 -0.09 2.48 3.27
N GLY A 107 -0.65 1.82 2.24
CA GLY A 107 -1.76 0.87 2.40
C GLY A 107 -1.42 -0.35 3.26
N GLY A 108 -0.23 -0.93 3.09
CA GLY A 108 0.26 -2.03 3.94
C GLY A 108 0.48 -1.62 5.39
N ALA A 109 1.02 -0.43 5.62
CA ALA A 109 1.17 0.13 6.97
C ALA A 109 -0.19 0.41 7.66
N LEU A 110 -1.22 0.83 6.92
CA LEU A 110 -2.59 0.96 7.45
C LEU A 110 -3.16 -0.38 7.91
N CYS A 111 -2.91 -1.47 7.17
CA CYS A 111 -3.29 -2.81 7.59
C CYS A 111 -2.56 -3.23 8.88
N VAL A 112 -1.23 -3.12 8.91
CA VAL A 112 -0.44 -3.52 10.10
C VAL A 112 -0.82 -2.72 11.34
N GLU A 113 -0.96 -1.39 11.24
CA GLU A 113 -1.28 -0.56 12.40
C GLU A 113 -2.71 -0.81 12.92
N SER A 114 -3.64 -1.25 12.06
CA SER A 114 -4.96 -1.72 12.49
C SER A 114 -4.86 -2.99 13.34
N VAL A 115 -4.05 -3.97 12.92
CA VAL A 115 -3.85 -5.25 13.63
C VAL A 115 -3.04 -5.07 14.92
N ASP A 116 -2.10 -4.12 14.95
CA ASP A 116 -1.38 -3.73 16.18
C ASP A 116 -2.33 -3.17 17.26
N LYS A 117 -3.47 -2.60 16.85
CA LYS A 117 -4.61 -2.20 17.70
C LYS A 117 -5.74 -3.26 17.73
N GLU A 118 -5.41 -4.51 17.41
CA GLU A 118 -6.27 -5.71 17.42
C GLU A 118 -7.46 -5.69 16.42
N MET A 119 -7.45 -4.81 15.42
CA MET A 119 -8.55 -4.60 14.47
C MET A 119 -8.53 -5.59 13.29
N GLN A 120 -8.29 -6.86 13.59
CA GLN A 120 -8.08 -7.96 12.63
C GLN A 120 -9.23 -8.14 11.62
N VAL A 121 -10.46 -7.79 12.02
CA VAL A 121 -11.68 -7.78 11.18
C VAL A 121 -11.54 -6.90 9.93
N LEU A 122 -10.72 -5.84 9.95
CA LEU A 122 -10.55 -4.95 8.80
C LEU A 122 -9.45 -5.35 7.84
N VAL A 123 -8.65 -6.38 8.14
CA VAL A 123 -7.52 -6.77 7.27
C VAL A 123 -7.99 -7.04 5.83
N SER A 124 -9.12 -7.73 5.67
CA SER A 124 -9.78 -7.96 4.38
C SER A 124 -10.34 -6.69 3.75
N ARG A 125 -10.94 -5.79 4.54
CA ARG A 125 -11.54 -4.53 4.07
C ARG A 125 -10.49 -3.52 3.60
N ILE A 126 -9.43 -3.29 4.38
CA ILE A 126 -8.35 -2.36 4.02
C ILE A 126 -7.61 -2.85 2.76
N ALA A 127 -7.35 -4.16 2.66
CA ALA A 127 -6.82 -4.79 1.45
C ALA A 127 -7.74 -4.55 0.23
N ALA A 128 -9.05 -4.75 0.39
CA ALA A 128 -10.04 -4.50 -0.65
C ALA A 128 -10.15 -3.01 -1.03
N TRP A 129 -10.05 -2.07 -0.09
CA TRP A 129 -10.08 -0.62 -0.36
C TRP A 129 -8.91 -0.19 -1.26
N MET A 130 -7.67 -0.59 -0.94
CA MET A 130 -6.50 -0.26 -1.77
C MET A 130 -6.49 -1.03 -3.10
N ALA A 131 -6.91 -2.30 -3.13
CA ALA A 131 -7.05 -3.05 -4.38
C ALA A 131 -8.11 -2.44 -5.30
N THR A 132 -9.27 -2.01 -4.75
CA THR A 132 -10.33 -1.35 -5.52
C THR A 132 -9.85 -0.03 -6.11
N TYR A 133 -9.12 0.80 -5.34
CA TYR A 133 -8.51 2.02 -5.85
C TYR A 133 -7.55 1.74 -7.02
N LEU A 134 -6.62 0.80 -6.81
CA LEU A 134 -5.61 0.41 -7.80
C LEU A 134 -6.25 -0.12 -9.09
N ASN A 135 -7.26 -0.99 -8.97
CA ASN A 135 -8.02 -1.56 -10.07
C ASN A 135 -8.87 -0.52 -10.84
N ASP A 136 -9.42 0.49 -10.16
CA ASP A 136 -10.29 1.51 -10.77
C ASP A 136 -9.56 2.74 -11.34
N HIS A 137 -8.51 3.24 -10.66
CA HIS A 137 -7.89 4.54 -10.97
C HIS A 137 -6.46 4.41 -11.50
N LEU A 138 -5.63 3.55 -10.91
CA LEU A 138 -4.26 3.35 -11.40
C LEU A 138 -4.18 2.44 -12.63
N GLU A 139 -5.06 1.45 -12.76
CA GLU A 139 -4.97 0.44 -13.83
C GLU A 139 -4.80 1.01 -15.25
N PRO A 140 -5.59 2.01 -15.73
CA PRO A 140 -5.37 2.56 -17.07
C PRO A 140 -4.01 3.26 -17.23
N TRP A 141 -3.51 3.95 -16.18
CA TRP A 141 -2.16 4.52 -16.18
C TRP A 141 -1.08 3.41 -16.20
N ILE A 142 -1.25 2.37 -15.39
CA ILE A 142 -0.35 1.20 -15.30
C ILE A 142 -0.27 0.49 -16.66
N GLN A 143 -1.40 0.18 -17.30
CA GLN A 143 -1.45 -0.46 -18.63
C GLN A 143 -0.85 0.43 -19.73
N GLU A 144 -1.05 1.75 -19.66
CA GLU A 144 -0.47 2.72 -20.60
C GLU A 144 1.07 2.80 -20.46
N ASN A 145 1.57 2.60 -19.24
CA ASN A 145 2.99 2.52 -18.88
C ASN A 145 3.58 1.09 -18.95
N GLY A 146 2.92 0.16 -19.66
CA GLY A 146 3.44 -1.18 -19.97
C GLY A 146 3.23 -2.24 -18.88
N GLY A 147 2.40 -1.95 -17.88
CA GLY A 147 2.04 -2.87 -16.80
C GLY A 147 3.12 -3.09 -15.74
N TRP A 148 2.79 -3.89 -14.71
CA TRP A 148 3.74 -4.30 -13.68
C TRP A 148 4.95 -5.07 -14.23
N ASP A 149 4.82 -5.72 -15.39
CA ASP A 149 5.93 -6.32 -16.13
C ASP A 149 7.01 -5.30 -16.50
N THR A 150 6.62 -4.07 -16.91
CA THR A 150 7.56 -2.97 -17.14
C THR A 150 8.15 -2.45 -15.84
N PHE A 151 7.39 -2.42 -14.74
CA PHE A 151 7.91 -2.04 -13.41
C PHE A 151 9.05 -2.98 -12.96
N VAL A 152 8.93 -4.30 -13.10
CA VAL A 152 10.05 -5.23 -12.80
C VAL A 152 11.18 -5.17 -13.82
N GLU A 153 10.93 -4.84 -15.10
CA GLU A 153 12.03 -4.55 -16.06
C GLU A 153 12.85 -3.30 -15.66
N LEU A 154 12.23 -2.31 -15.02
CA LEU A 154 12.91 -1.13 -14.46
C LEU A 154 13.61 -1.41 -13.11
N TYR A 155 12.89 -1.95 -12.11
CA TYR A 155 13.39 -2.11 -10.74
C TYR A 155 14.24 -3.38 -10.52
N GLY A 156 13.89 -4.49 -11.18
CA GLY A 156 14.57 -5.79 -11.07
C GLY A 156 14.23 -6.64 -9.84
CA GLY B 1 3.86 18.37 16.35
C GLY B 1 2.44 18.52 16.86
N SER B 2 1.45 18.11 16.06
CA SER B 2 0.01 18.32 16.27
C SER B 2 -0.79 17.14 15.72
N HIS B 3 -0.62 15.96 16.33
CA HIS B 3 -1.37 14.75 15.98
C HIS B 3 -2.88 14.90 16.26
N MET B 4 -3.70 14.39 15.36
CA MET B 4 -5.18 14.51 15.37
C MET B 4 -5.83 13.33 14.63
N SER B 5 -7.11 13.10 14.87
CA SER B 5 -8.00 12.19 14.10
C SER B 5 -8.44 12.83 12.76
N ALA B 6 -7.54 13.55 12.10
CA ALA B 6 -7.75 14.39 10.92
C ALA B 6 -6.43 14.63 10.16
N MET B 7 -6.49 15.33 9.02
CA MET B 7 -5.29 15.78 8.29
C MET B 7 -4.55 16.86 9.10
N SER B 8 -3.35 16.56 9.62
CA SER B 8 -2.52 17.55 10.31
C SER B 8 -1.87 18.52 9.31
N THR B 9 -2.38 19.75 9.25
CA THR B 9 -1.89 20.82 8.37
C THR B 9 -0.53 21.39 8.78
N THR B 10 0.12 20.84 9.80
CA THR B 10 1.52 21.13 10.17
C THR B 10 2.44 19.93 9.93
N ASP B 11 1.99 18.70 10.27
CA ASP B 11 2.86 17.52 10.28
C ASP B 11 2.83 16.72 8.97
N LEU B 12 1.63 16.45 8.42
CA LEU B 12 1.49 15.76 7.14
C LEU B 12 2.03 16.59 5.98
N GLU B 13 1.85 17.91 6.05
CA GLU B 13 2.37 18.83 5.03
C GLU B 13 3.91 18.81 4.96
N ALA B 14 4.57 18.35 6.03
CA ALA B 14 6.00 18.01 6.00
C ALA B 14 6.17 16.58 5.48
N TYR B 15 5.71 15.56 6.21
CA TYR B 15 5.97 14.13 5.93
C TYR B 15 5.64 13.67 4.51
N PHE B 16 4.51 14.09 3.92
CA PHE B 16 4.17 13.75 2.53
C PHE B 16 5.10 14.39 1.50
N LYS B 17 5.63 15.59 1.82
CA LYS B 17 6.51 16.41 0.98
C LYS B 17 8.00 16.11 1.22
N ASP B 18 8.33 15.54 2.38
CA ASP B 18 9.69 15.20 2.82
C ASP B 18 10.33 14.12 1.93
N CYS B 19 9.54 13.15 1.45
CA CYS B 19 9.97 12.07 0.54
C CYS B 19 10.34 12.57 -0.87
N VAL B 20 9.88 13.77 -1.20
CA VAL B 20 9.83 14.32 -2.56
C VAL B 20 11.11 15.08 -2.96
N PHE B 21 12.01 15.28 -1.99
CA PHE B 21 13.36 15.79 -2.23
C PHE B 21 14.25 14.77 -2.94
N LYS B 22 14.37 13.53 -2.40
CA LYS B 22 15.22 12.47 -2.99
C LYS B 22 14.91 11.01 -2.55
N ASP B 23 13.67 10.69 -2.18
CA ASP B 23 13.26 9.28 -1.96
C ASP B 23 12.94 8.52 -3.25
N TRP B 24 12.83 9.28 -4.34
CA TRP B 24 12.75 8.82 -5.74
C TRP B 24 13.68 9.65 -6.65
N GLY B 25 13.78 9.28 -7.93
CA GLY B 25 14.59 9.94 -8.95
C GLY B 25 14.13 11.35 -9.29
N MET A 1 -2.94 -6.47 -14.40
CA MET A 1 -3.92 -7.58 -14.54
C MET A 1 -4.62 -7.81 -13.21
N SER A 2 -5.96 -7.80 -13.16
CA SER A 2 -6.76 -7.76 -11.91
C SER A 2 -6.39 -8.78 -10.82
N GLN A 3 -6.35 -10.08 -11.14
CA GLN A 3 -6.02 -11.12 -10.15
C GLN A 3 -4.57 -11.02 -9.67
N SER A 4 -3.62 -10.70 -10.58
CA SER A 4 -2.22 -10.47 -10.20
C SER A 4 -2.06 -9.24 -9.30
N ASN A 5 -2.78 -8.14 -9.60
CA ASN A 5 -2.81 -6.94 -8.75
C ASN A 5 -3.26 -7.29 -7.32
N ARG A 6 -4.35 -8.05 -7.18
CA ARG A 6 -4.82 -8.53 -5.86
C ARG A 6 -3.76 -9.41 -5.18
N GLU A 7 -3.16 -10.36 -5.89
CA GLU A 7 -2.17 -11.29 -5.34
C GLU A 7 -0.91 -10.59 -4.83
N LEU A 8 -0.35 -9.64 -5.59
CA LEU A 8 0.82 -8.87 -5.15
C LEU A 8 0.48 -7.83 -4.07
N VAL A 9 -0.78 -7.36 -3.98
CA VAL A 9 -1.26 -6.55 -2.84
C VAL A 9 -1.36 -7.40 -1.57
N VAL A 10 -1.96 -8.59 -1.66
CA VAL A 10 -2.05 -9.56 -0.55
C VAL A 10 -0.66 -10.01 -0.08
N ASP A 11 0.30 -10.17 -0.99
CA ASP A 11 1.69 -10.56 -0.67
C ASP A 11 2.37 -9.61 0.34
N PHE A 12 2.59 -8.33 0.00
CA PHE A 12 3.34 -7.43 0.89
C PHE A 12 2.62 -7.21 2.23
N LEU A 13 1.28 -7.25 2.23
CA LEU A 13 0.46 -7.19 3.44
C LEU A 13 0.68 -8.42 4.32
N SER A 14 0.47 -9.63 3.78
CA SER A 14 0.67 -10.89 4.50
C SER A 14 2.12 -11.05 4.99
N TYR A 15 3.11 -10.62 4.22
CA TYR A 15 4.52 -10.62 4.61
C TYR A 15 4.80 -9.67 5.78
N LYS A 16 4.38 -8.39 5.69
CA LYS A 16 4.57 -7.42 6.77
C LYS A 16 3.86 -7.86 8.05
N LEU A 17 2.64 -8.38 7.94
CA LEU A 17 1.88 -8.96 9.05
C LEU A 17 2.62 -10.17 9.68
N SER A 18 3.20 -11.05 8.88
CA SER A 18 4.03 -12.16 9.36
C SER A 18 5.26 -11.68 10.15
N GLN A 19 5.91 -10.60 9.70
CA GLN A 19 7.04 -9.97 10.39
C GLN A 19 6.62 -9.28 11.71
N LYS A 20 5.40 -8.75 11.77
CA LYS A 20 4.75 -8.24 13.00
C LYS A 20 4.29 -9.37 13.95
N GLY A 21 4.36 -10.63 13.53
CA GLY A 21 3.95 -11.81 14.31
C GLY A 21 2.47 -12.21 14.15
N TYR A 22 1.80 -11.73 13.10
CA TYR A 22 0.39 -12.00 12.79
C TYR A 22 0.22 -12.98 11.60
N SER A 23 -1.01 -13.45 11.34
CA SER A 23 -1.31 -14.46 10.32
C SER A 23 -2.49 -14.07 9.43
N TRP A 24 -2.22 -13.62 8.19
CA TRP A 24 -3.24 -13.28 7.20
C TRP A 24 -4.21 -14.45 6.90
N SER A 25 -3.72 -15.68 6.93
CA SER A 25 -4.51 -16.91 6.74
C SER A 25 -5.64 -17.07 7.76
N GLN A 26 -5.51 -16.51 8.97
CA GLN A 26 -6.56 -16.48 10.00
C GLN A 26 -7.57 -15.34 9.79
N PHE A 27 -7.16 -14.23 9.17
CA PHE A 27 -7.99 -13.06 8.92
C PHE A 27 -8.75 -13.12 7.59
N SER A 28 -8.23 -13.86 6.61
CA SER A 28 -8.79 -13.97 5.24
C SER A 28 -10.09 -14.79 5.18
N ASP A 29 -10.95 -14.46 4.21
CA ASP A 29 -12.22 -15.15 3.94
C ASP A 29 -12.58 -15.15 2.43
N VAL A 30 -11.60 -14.97 1.54
CA VAL A 30 -11.82 -14.81 0.09
C VAL A 30 -11.95 -16.16 -0.63
N GLU A 31 -13.06 -16.84 -0.35
CA GLU A 31 -13.47 -18.12 -0.94
C GLU A 31 -12.35 -19.18 -0.96
N GLU A 32 -12.14 -19.88 -2.08
CA GLU A 32 -11.01 -20.80 -2.32
C GLU A 32 -9.97 -20.21 -3.28
N ASN A 33 -10.01 -18.89 -3.55
CA ASN A 33 -9.03 -18.18 -4.38
C ASN A 33 -7.67 -18.04 -3.67
N ARG A 34 -6.62 -17.66 -4.40
CA ARG A 34 -5.25 -17.44 -3.90
C ARG A 34 -5.24 -16.42 -2.74
N THR A 35 -4.65 -16.81 -1.60
CA THR A 35 -4.56 -16.00 -0.37
C THR A 35 -3.32 -16.38 0.45
N GLU A 36 -2.25 -16.77 -0.27
CA GLU A 36 -1.03 -17.39 0.25
C GLU A 36 0.25 -16.71 -0.32
N ALA A 37 1.42 -17.31 -0.07
CA ALA A 37 2.72 -16.85 -0.57
C ALA A 37 2.77 -16.69 -2.12
N PRO A 38 3.63 -15.79 -2.65
CA PRO A 38 3.74 -15.45 -4.08
C PRO A 38 4.48 -16.51 -4.91
N GLU A 39 4.15 -17.78 -4.72
CA GLU A 39 4.68 -18.91 -5.50
C GLU A 39 4.09 -18.87 -6.93
N GLY A 40 4.97 -18.87 -7.93
CA GLY A 40 4.60 -18.69 -9.35
C GLY A 40 5.79 -18.22 -10.20
N THR A 41 5.51 -17.53 -11.30
CA THR A 41 6.51 -17.03 -12.27
C THR A 41 6.40 -15.52 -12.47
N GLU A 42 5.35 -15.06 -13.16
CA GLU A 42 5.17 -13.66 -13.54
C GLU A 42 4.95 -12.74 -12.33
N SER A 43 4.03 -13.10 -11.43
CA SER A 43 3.77 -12.34 -10.19
C SER A 43 4.91 -12.47 -9.17
N GLU A 44 5.67 -13.57 -9.18
CA GLU A 44 6.84 -13.77 -8.33
C GLU A 44 7.97 -12.78 -8.69
N ALA A 45 8.26 -12.62 -9.98
CA ALA A 45 9.22 -11.64 -10.47
C ALA A 45 8.82 -10.20 -10.09
N VAL A 46 7.54 -9.85 -10.20
CA VAL A 46 7.01 -8.55 -9.75
C VAL A 46 7.17 -8.38 -8.24
N LYS A 47 6.81 -9.40 -7.43
CA LYS A 47 7.03 -9.38 -5.97
C LYS A 47 8.49 -9.10 -5.63
N GLN A 48 9.45 -9.74 -6.32
CA GLN A 48 10.87 -9.56 -6.01
C GLN A 48 11.32 -8.10 -6.22
N ALA A 49 10.89 -7.47 -7.32
CA ALA A 49 11.17 -6.06 -7.59
C ALA A 49 10.44 -5.13 -6.61
N LEU A 50 9.15 -5.38 -6.34
CA LEU A 50 8.30 -4.54 -5.51
C LEU A 50 8.72 -4.56 -4.03
N ARG A 51 9.15 -5.74 -3.53
CA ARG A 51 9.71 -5.93 -2.19
C ARG A 51 10.98 -5.09 -2.00
N GLU A 52 11.91 -5.13 -2.95
CA GLU A 52 13.14 -4.32 -2.90
C GLU A 52 12.85 -2.82 -2.99
N ALA A 53 11.90 -2.40 -3.84
CA ALA A 53 11.47 -1.01 -3.96
C ALA A 53 10.85 -0.48 -2.65
N GLY A 54 9.91 -1.23 -2.06
CA GLY A 54 9.28 -0.90 -0.79
C GLY A 54 10.27 -0.87 0.37
N ASP A 55 11.17 -1.85 0.46
CA ASP A 55 12.20 -1.95 1.49
C ASP A 55 13.17 -0.75 1.43
N GLU A 56 13.67 -0.37 0.24
CA GLU A 56 14.55 0.80 0.07
C GLU A 56 13.89 2.11 0.52
N PHE A 57 12.61 2.32 0.22
CA PHE A 57 11.85 3.51 0.62
C PHE A 57 11.54 3.49 2.13
N GLU A 58 11.03 2.38 2.64
CA GLU A 58 10.64 2.20 4.05
C GLU A 58 11.84 2.23 5.02
N LEU A 59 13.02 1.78 4.59
CA LEU A 59 14.27 1.86 5.36
C LEU A 59 14.68 3.32 5.63
N ARG A 60 14.60 4.17 4.60
CA ARG A 60 15.15 5.53 4.59
C ARG A 60 14.16 6.61 5.03
N TYR A 61 12.86 6.35 4.90
CA TYR A 61 11.75 7.18 5.39
C TYR A 61 10.92 6.47 6.47
N ARG A 62 11.52 5.58 7.27
CA ARG A 62 10.84 4.79 8.32
C ARG A 62 10.06 5.67 9.30
N ARG A 63 10.65 6.82 9.67
CA ARG A 63 10.06 7.84 10.54
C ARG A 63 8.80 8.50 9.94
N ALA A 64 8.69 8.57 8.61
CA ALA A 64 7.48 9.03 7.91
C ALA A 64 6.42 7.91 7.83
N PHE A 65 6.73 6.74 7.25
CA PHE A 65 5.76 5.65 7.08
C PHE A 65 5.17 5.15 8.41
N SER A 66 5.88 5.30 9.53
CA SER A 66 5.37 4.97 10.88
C SER A 66 4.27 5.91 11.40
N ASP A 67 4.27 7.20 10.99
CA ASP A 67 3.35 8.22 11.52
C ASP A 67 2.33 8.76 10.49
N LEU A 68 2.62 8.62 9.18
CA LEU A 68 1.68 8.96 8.10
C LEU A 68 0.33 8.27 8.28
N THR A 69 0.34 6.99 8.67
CA THR A 69 -0.85 6.17 8.88
C THR A 69 -1.66 6.58 10.11
N SER A 70 -0.97 6.97 11.20
CA SER A 70 -1.58 7.35 12.48
C SER A 70 -2.46 8.60 12.39
N GLN A 71 -2.11 9.53 11.50
CA GLN A 71 -2.86 10.77 11.25
C GLN A 71 -4.13 10.61 10.38
N LEU A 72 -4.41 9.41 9.86
CA LEU A 72 -5.57 9.10 9.00
C LEU A 72 -6.69 8.32 9.73
N HIS A 73 -7.93 8.49 9.26
CA HIS A 73 -9.07 7.65 9.65
C HIS A 73 -9.05 6.33 8.87
N ILE A 74 -9.36 5.20 9.53
CA ILE A 74 -9.18 3.86 8.95
C ILE A 74 -10.36 2.87 9.22
N THR A 75 -11.44 3.39 9.77
CA THR A 75 -12.71 2.69 10.06
C THR A 75 -13.75 2.88 8.92
N PRO A 76 -14.63 1.90 8.64
CA PRO A 76 -15.61 1.99 7.56
C PRO A 76 -16.55 3.21 7.65
N GLY A 77 -16.97 3.72 6.49
CA GLY A 77 -17.83 4.90 6.32
C GLY A 77 -17.08 6.23 6.20
N THR A 78 -15.93 6.39 6.88
CA THR A 78 -15.09 7.61 6.82
C THR A 78 -13.73 7.38 6.17
N ALA A 79 -13.12 6.20 6.35
CA ALA A 79 -11.83 5.86 5.76
C ALA A 79 -11.84 5.81 4.23
N TYR A 80 -12.95 5.31 3.63
CA TYR A 80 -13.13 5.31 2.17
C TYR A 80 -13.03 6.73 1.57
N GLN A 81 -13.56 7.72 2.29
CA GLN A 81 -13.46 9.14 1.92
C GLN A 81 -12.05 9.70 2.19
N SER A 82 -11.50 9.42 3.38
CA SER A 82 -10.25 9.99 3.89
C SER A 82 -9.00 9.47 3.18
N PHE A 83 -8.97 8.18 2.84
CA PHE A 83 -7.86 7.54 2.13
C PHE A 83 -7.78 7.97 0.67
N GLU A 84 -8.88 7.89 -0.08
CA GLU A 84 -8.86 8.16 -1.52
C GLU A 84 -8.50 9.62 -1.85
N GLN A 85 -8.94 10.59 -1.04
CA GLN A 85 -8.60 12.00 -1.26
C GLN A 85 -7.10 12.29 -1.00
N VAL A 86 -6.49 11.61 -0.03
CA VAL A 86 -5.04 11.72 0.28
C VAL A 86 -4.19 10.98 -0.77
N VAL A 87 -4.67 9.83 -1.25
CA VAL A 87 -4.03 9.08 -2.34
C VAL A 87 -4.09 9.84 -3.66
N ASN A 88 -5.24 10.42 -4.03
CA ASN A 88 -5.33 11.30 -5.20
C ASN A 88 -4.44 12.54 -5.08
N GLU A 89 -4.19 13.04 -3.87
CA GLU A 89 -3.27 14.16 -3.63
C GLU A 89 -1.79 13.76 -3.80
N LEU A 90 -1.33 12.63 -3.24
CA LEU A 90 0.06 12.19 -3.43
C LEU A 90 0.37 11.79 -4.88
N PHE A 91 -0.63 11.29 -5.63
CA PHE A 91 -0.54 11.06 -7.08
C PHE A 91 -0.74 12.34 -7.94
N ARG A 92 -1.18 13.47 -7.38
CA ARG A 92 -1.27 14.76 -8.09
C ARG A 92 0.11 15.28 -8.54
N ASP A 93 1.15 14.93 -7.78
CA ASP A 93 2.57 15.16 -8.09
C ASP A 93 3.08 14.33 -9.28
N GLY A 94 2.41 13.22 -9.61
CA GLY A 94 2.72 12.30 -10.71
C GLY A 94 2.20 10.88 -10.45
N VAL A 95 1.79 10.17 -11.50
CA VAL A 95 1.24 8.79 -11.43
C VAL A 95 2.32 7.71 -11.53
N ASN A 96 3.60 8.13 -11.54
CA ASN A 96 4.78 7.29 -11.78
C ASN A 96 4.94 6.13 -10.76
N TRP A 97 5.63 5.07 -11.17
CA TRP A 97 5.96 3.90 -10.34
C TRP A 97 6.54 4.27 -8.96
N GLY A 98 7.36 5.32 -8.84
CA GLY A 98 7.90 5.77 -7.57
C GLY A 98 6.82 6.25 -6.58
N ARG A 99 5.76 6.91 -7.05
CA ARG A 99 4.60 7.25 -6.20
C ARG A 99 3.72 6.04 -5.90
N ILE A 100 3.65 5.06 -6.81
CA ILE A 100 2.98 3.76 -6.56
C ILE A 100 3.71 2.97 -5.45
N VAL A 101 5.04 3.02 -5.38
CA VAL A 101 5.85 2.41 -4.30
C VAL A 101 5.45 2.98 -2.92
N ALA A 102 5.33 4.30 -2.80
CA ALA A 102 4.88 4.93 -1.55
C ALA A 102 3.39 4.63 -1.23
N PHE A 103 2.51 4.58 -2.23
CA PHE A 103 1.08 4.27 -2.06
C PHE A 103 0.86 2.89 -1.42
N PHE A 104 1.54 1.85 -1.91
CA PHE A 104 1.33 0.49 -1.41
C PHE A 104 1.84 0.31 0.01
N SER A 105 3.00 0.90 0.32
CA SER A 105 3.60 0.84 1.65
C SER A 105 2.74 1.56 2.69
N PHE A 106 2.17 2.71 2.33
CA PHE A 106 1.21 3.46 3.14
C PHE A 106 -0.09 2.67 3.38
N GLY A 107 -0.68 2.08 2.33
CA GLY A 107 -1.89 1.25 2.43
C GLY A 107 -1.69 -0.01 3.28
N GLY A 108 -0.57 -0.72 3.09
CA GLY A 108 -0.19 -1.87 3.90
C GLY A 108 -0.05 -1.54 5.39
N ALA A 109 0.67 -0.47 5.73
CA ALA A 109 0.90 -0.05 7.11
C ALA A 109 -0.39 0.40 7.84
N LEU A 110 -1.39 0.94 7.12
CA LEU A 110 -2.72 1.22 7.69
C LEU A 110 -3.45 -0.04 8.18
N CYS A 111 -3.28 -1.18 7.48
CA CYS A 111 -3.87 -2.45 7.94
C CYS A 111 -3.16 -3.01 9.17
N VAL A 112 -1.82 -2.86 9.25
CA VAL A 112 -1.01 -3.30 10.39
C VAL A 112 -1.45 -2.62 11.69
N GLU A 113 -1.61 -1.29 11.69
CA GLU A 113 -2.04 -0.59 12.90
C GLU A 113 -3.49 -0.93 13.29
N SER A 114 -4.34 -1.28 12.32
CA SER A 114 -5.70 -1.77 12.59
C SER A 114 -5.68 -3.13 13.29
N VAL A 115 -4.85 -4.08 12.84
CA VAL A 115 -4.64 -5.38 13.53
C VAL A 115 -4.10 -5.17 14.96
N ASP A 116 -3.13 -4.26 15.14
CA ASP A 116 -2.55 -3.93 16.44
C ASP A 116 -3.59 -3.33 17.41
N LYS A 117 -4.51 -2.50 16.91
CA LYS A 117 -5.70 -1.99 17.61
C LYS A 117 -6.86 -3.01 17.74
N GLU A 118 -6.58 -4.29 17.54
CA GLU A 118 -7.53 -5.41 17.65
C GLU A 118 -8.74 -5.28 16.69
N MET A 119 -8.48 -4.76 15.48
CA MET A 119 -9.46 -4.57 14.40
C MET A 119 -9.00 -5.36 13.16
N GLN A 120 -8.62 -6.62 13.38
CA GLN A 120 -8.06 -7.54 12.37
C GLN A 120 -9.05 -7.83 11.24
N VAL A 121 -10.34 -7.76 11.55
CA VAL A 121 -11.47 -7.82 10.60
C VAL A 121 -11.34 -6.81 9.45
N LEU A 122 -10.71 -5.64 9.68
CA LEU A 122 -10.48 -4.63 8.65
C LEU A 122 -9.24 -4.88 7.80
N VAL A 123 -8.36 -5.81 8.17
CA VAL A 123 -7.13 -6.05 7.39
C VAL A 123 -7.47 -6.40 5.93
N SER A 124 -8.54 -7.18 5.73
CA SER A 124 -9.13 -7.52 4.43
C SER A 124 -9.88 -6.34 3.80
N ARG A 125 -10.60 -5.52 4.59
CA ARG A 125 -11.41 -4.40 4.10
C ARG A 125 -10.53 -3.25 3.59
N ILE A 126 -9.48 -2.90 4.33
CA ILE A 126 -8.49 -1.89 3.96
C ILE A 126 -7.66 -2.36 2.76
N ALA A 127 -7.25 -3.64 2.72
CA ALA A 127 -6.61 -4.24 1.56
C ALA A 127 -7.52 -4.15 0.31
N ALA A 128 -8.83 -4.41 0.46
CA ALA A 128 -9.82 -4.24 -0.60
C ALA A 128 -10.03 -2.78 -1.01
N TRP A 129 -10.00 -1.81 -0.09
CA TRP A 129 -10.06 -0.37 -0.42
C TRP A 129 -8.90 0.07 -1.32
N MET A 130 -7.66 -0.27 -0.97
CA MET A 130 -6.49 0.07 -1.80
C MET A 130 -6.45 -0.73 -3.12
N ALA A 131 -6.86 -2.01 -3.12
CA ALA A 131 -6.99 -2.81 -4.34
C ALA A 131 -8.10 -2.28 -5.28
N THR A 132 -9.20 -1.76 -4.73
CA THR A 132 -10.28 -1.12 -5.51
C THR A 132 -9.77 0.16 -6.16
N TYR A 133 -9.05 1.01 -5.42
CA TYR A 133 -8.41 2.21 -6.00
C TYR A 133 -7.43 1.84 -7.12
N LEU A 134 -6.57 0.83 -6.90
CA LEU A 134 -5.61 0.33 -7.89
C LEU A 134 -6.32 -0.11 -9.18
N ASN A 135 -7.29 -1.01 -9.08
CA ASN A 135 -8.00 -1.55 -10.24
C ASN A 135 -8.95 -0.55 -10.94
N ASP A 136 -9.37 0.52 -10.27
CA ASP A 136 -10.17 1.60 -10.87
C ASP A 136 -9.34 2.74 -11.51
N HIS A 137 -8.18 3.09 -10.93
CA HIS A 137 -7.42 4.31 -11.31
C HIS A 137 -5.98 4.06 -11.76
N LEU A 138 -5.26 3.10 -11.16
CA LEU A 138 -3.90 2.76 -11.60
C LEU A 138 -3.88 1.75 -12.75
N GLU A 139 -4.88 0.86 -12.88
CA GLU A 139 -4.89 -0.24 -13.87
C GLU A 139 -4.64 0.23 -15.32
N PRO A 140 -5.31 1.28 -15.83
CA PRO A 140 -5.06 1.78 -17.19
C PRO A 140 -3.64 2.33 -17.34
N TRP A 141 -3.17 3.11 -16.35
CA TRP A 141 -1.82 3.68 -16.35
C TRP A 141 -0.74 2.58 -16.30
N ILE A 142 -0.92 1.57 -15.43
CA ILE A 142 -0.04 0.41 -15.28
C ILE A 142 0.11 -0.29 -16.64
N GLN A 143 -1.00 -0.67 -17.28
CA GLN A 143 -0.97 -1.40 -18.55
C GLN A 143 -0.49 -0.55 -19.74
N GLU A 144 -0.77 0.76 -19.73
CA GLU A 144 -0.28 1.73 -20.72
C GLU A 144 1.25 1.89 -20.64
N ASN A 145 1.80 1.79 -19.43
CA ASN A 145 3.23 1.74 -19.12
C ASN A 145 3.84 0.32 -19.20
N GLY A 146 3.20 -0.60 -19.94
CA GLY A 146 3.72 -1.94 -20.22
C GLY A 146 3.47 -2.99 -19.14
N GLY A 147 2.61 -2.69 -18.15
CA GLY A 147 2.26 -3.58 -17.05
C GLY A 147 3.36 -3.74 -16.00
N TRP A 148 3.08 -4.52 -14.95
CA TRP A 148 4.07 -4.86 -13.92
C TRP A 148 5.30 -5.62 -14.46
N ASP A 149 5.17 -6.29 -15.62
CA ASP A 149 6.31 -6.89 -16.33
C ASP A 149 7.37 -5.85 -16.72
N THR A 150 6.95 -4.63 -17.10
CA THR A 150 7.87 -3.51 -17.34
C THR A 150 8.42 -2.95 -16.03
N PHE A 151 7.63 -2.90 -14.95
CA PHE A 151 8.12 -2.49 -13.63
C PHE A 151 9.28 -3.37 -13.13
N VAL A 152 9.20 -4.71 -13.21
CA VAL A 152 10.33 -5.59 -12.85
C VAL A 152 11.54 -5.43 -13.80
N GLU A 153 11.33 -5.18 -15.09
CA GLU A 153 12.44 -4.88 -16.01
C GLU A 153 13.17 -3.54 -15.69
N LEU A 154 12.45 -2.53 -15.17
CA LEU A 154 13.02 -1.26 -14.73
C LEU A 154 13.69 -1.33 -13.33
N TYR A 155 13.04 -1.95 -12.35
CA TYR A 155 13.49 -1.97 -10.95
C TYR A 155 14.40 -3.16 -10.58
N GLY A 156 14.43 -4.23 -11.40
CA GLY A 156 15.29 -5.41 -11.21
C GLY A 156 16.79 -5.15 -11.40
CA GLY B 1 4.47 17.35 16.66
C GLY B 1 3.32 18.31 16.39
N SER B 2 2.11 17.80 16.08
CA SER B 2 0.88 18.59 15.95
C SER B 2 -0.37 17.70 16.08
N HIS B 3 -1.54 18.30 16.31
CA HIS B 3 -2.82 17.59 16.48
C HIS B 3 -4.01 18.42 16.00
N MET B 4 -4.94 17.77 15.28
CA MET B 4 -6.19 18.32 14.75
C MET B 4 -7.30 17.26 14.79
N SER B 5 -8.57 17.68 14.68
CA SER B 5 -9.75 16.80 14.59
C SER B 5 -9.88 16.04 13.25
N ALA B 6 -9.00 16.35 12.29
CA ALA B 6 -8.96 15.78 10.94
C ALA B 6 -7.49 15.64 10.46
N MET B 7 -7.26 15.58 9.13
CA MET B 7 -5.92 15.53 8.51
C MET B 7 -4.99 16.61 9.09
N SER B 8 -3.82 16.22 9.63
CA SER B 8 -2.87 17.17 10.24
C SER B 8 -2.16 18.01 9.19
N THR B 9 -2.59 19.27 9.02
CA THR B 9 -1.99 20.24 8.08
C THR B 9 -0.62 20.78 8.52
N THR B 10 0.02 20.13 9.50
CA THR B 10 1.41 20.36 9.92
C THR B 10 2.25 19.08 9.81
N ASP B 11 1.83 17.97 10.44
CA ASP B 11 2.63 16.74 10.43
C ASP B 11 2.56 15.99 9.09
N LEU B 12 1.35 15.78 8.53
CA LEU B 12 1.21 15.16 7.21
C LEU B 12 1.78 16.06 6.12
N GLU B 13 1.55 17.37 6.20
CA GLU B 13 2.10 18.33 5.26
C GLU B 13 3.63 18.35 5.23
N ALA B 14 4.28 17.99 6.34
CA ALA B 14 5.72 17.73 6.38
C ALA B 14 6.02 16.39 5.71
N TYR B 15 5.63 15.25 6.29
CA TYR B 15 5.95 13.89 5.83
C TYR B 15 5.64 13.64 4.33
N PHE B 16 4.46 14.00 3.84
CA PHE B 16 4.06 13.80 2.43
C PHE B 16 4.82 14.71 1.44
N LYS B 17 5.47 15.78 1.91
CA LYS B 17 6.30 16.72 1.12
C LYS B 17 7.78 16.36 1.23
N ASP B 18 8.21 16.03 2.43
CA ASP B 18 9.56 15.58 2.81
C ASP B 18 10.03 14.38 1.96
N CYS B 19 9.13 13.42 1.69
CA CYS B 19 9.43 12.23 0.89
C CYS B 19 9.45 12.42 -0.63
N VAL B 20 9.16 13.63 -1.13
CA VAL B 20 8.99 13.89 -2.58
C VAL B 20 9.71 15.14 -3.09
N PHE B 21 10.22 15.99 -2.20
CA PHE B 21 11.17 17.07 -2.56
C PHE B 21 12.48 16.49 -3.16
N LYS B 22 12.74 15.20 -2.90
CA LYS B 22 13.76 14.35 -3.53
C LYS B 22 13.17 12.96 -3.78
N ASP B 23 13.33 12.44 -4.99
CA ASP B 23 12.75 11.16 -5.46
C ASP B 23 13.50 9.93 -4.93
N TRP B 24 13.63 9.84 -3.60
CA TRP B 24 14.20 8.72 -2.84
C TRP B 24 15.63 8.30 -3.24
N GLY B 25 16.41 9.21 -3.86
CA GLY B 25 17.80 9.03 -4.26
C GLY B 25 18.75 8.75 -3.08
N MET A 1 -3.82 -6.63 -13.94
CA MET A 1 -5.02 -7.45 -14.27
C MET A 1 -5.78 -7.85 -12.99
N SER A 2 -7.05 -8.21 -13.14
CA SER A 2 -8.07 -8.42 -12.09
C SER A 2 -7.60 -9.06 -10.78
N GLN A 3 -7.36 -10.39 -10.76
CA GLN A 3 -7.03 -11.12 -9.53
C GLN A 3 -5.56 -10.93 -9.12
N SER A 4 -4.66 -10.71 -10.10
CA SER A 4 -3.23 -10.50 -9.86
C SER A 4 -2.96 -9.26 -8.99
N ASN A 5 -3.74 -8.17 -9.17
CA ASN A 5 -3.76 -7.00 -8.29
C ASN A 5 -3.91 -7.42 -6.81
N ARG A 6 -4.98 -8.14 -6.47
CA ARG A 6 -5.20 -8.63 -5.10
C ARG A 6 -4.05 -9.52 -4.63
N GLU A 7 -3.61 -10.46 -5.45
CA GLU A 7 -2.58 -11.45 -5.07
C GLU A 7 -1.20 -10.81 -4.79
N LEU A 8 -0.77 -9.82 -5.58
CA LEU A 8 0.47 -9.08 -5.32
C LEU A 8 0.33 -8.05 -4.19
N VAL A 9 -0.89 -7.57 -3.90
CA VAL A 9 -1.18 -6.77 -2.68
C VAL A 9 -1.03 -7.63 -1.42
N VAL A 10 -1.55 -8.86 -1.44
CA VAL A 10 -1.41 -9.83 -0.32
C VAL A 10 0.06 -10.16 -0.01
N ASP A 11 0.95 -10.17 -1.00
CA ASP A 11 2.37 -10.47 -0.77
C ASP A 11 3.08 -9.49 0.19
N PHE A 12 3.09 -8.18 -0.13
CA PHE A 12 3.79 -7.21 0.72
C PHE A 12 3.12 -7.06 2.09
N LEU A 13 1.79 -7.21 2.17
CA LEU A 13 1.06 -7.24 3.44
C LEU A 13 1.50 -8.42 4.30
N SER A 14 1.35 -9.64 3.78
CA SER A 14 1.60 -10.84 4.58
C SER A 14 3.07 -10.97 4.97
N TYR A 15 4.00 -10.48 4.15
CA TYR A 15 5.43 -10.42 4.45
C TYR A 15 5.76 -9.47 5.62
N LYS A 16 5.22 -8.24 5.61
CA LYS A 16 5.36 -7.29 6.73
C LYS A 16 4.68 -7.77 8.00
N LEU A 17 3.45 -8.28 7.89
CA LEU A 17 2.69 -8.84 9.00
C LEU A 17 3.43 -10.04 9.64
N SER A 18 4.01 -10.93 8.84
CA SER A 18 4.83 -12.06 9.34
C SER A 18 6.04 -11.60 10.16
N GLN A 19 6.75 -10.56 9.70
CA GLN A 19 7.88 -9.96 10.45
C GLN A 19 7.42 -9.26 11.75
N LYS A 20 6.22 -8.67 11.74
CA LYS A 20 5.54 -8.12 12.93
C LYS A 20 4.97 -9.19 13.87
N GLY A 21 5.11 -10.48 13.52
CA GLY A 21 4.69 -11.63 14.33
C GLY A 21 3.25 -12.12 14.08
N TYR A 22 2.63 -11.71 12.97
CA TYR A 22 1.22 -11.96 12.66
C TYR A 22 1.05 -12.92 11.47
N SER A 23 0.35 -14.03 11.69
CA SER A 23 0.16 -15.12 10.73
C SER A 23 -1.03 -14.89 9.80
N TRP A 24 -0.76 -14.52 8.53
CA TRP A 24 -1.78 -14.33 7.49
C TRP A 24 -2.62 -15.60 7.24
N SER A 25 -2.01 -16.78 7.39
CA SER A 25 -2.68 -18.09 7.25
C SER A 25 -3.84 -18.29 8.24
N GLN A 26 -3.85 -17.57 9.36
CA GLN A 26 -4.93 -17.57 10.36
C GLN A 26 -5.98 -16.47 10.11
N PHE A 27 -5.60 -15.36 9.47
CA PHE A 27 -6.53 -14.30 9.04
C PHE A 27 -7.34 -14.72 7.79
N SER A 28 -6.70 -15.43 6.86
CA SER A 28 -7.29 -15.93 5.62
C SER A 28 -8.11 -17.22 5.83
N ASP A 29 -9.10 -17.48 4.96
CA ASP A 29 -10.04 -18.61 5.05
C ASP A 29 -9.45 -19.96 4.54
N VAL A 30 -8.22 -20.28 4.95
CA VAL A 30 -7.47 -21.48 4.53
C VAL A 30 -7.90 -22.73 5.29
N GLU A 31 -8.25 -23.80 4.57
CA GLU A 31 -8.47 -25.14 5.15
C GLU A 31 -7.14 -25.87 5.39
N GLU A 32 -6.35 -25.92 4.34
CA GLU A 32 -4.96 -26.42 4.26
C GLU A 32 -4.29 -25.87 2.98
N ASN A 33 -3.03 -25.44 3.06
CA ASN A 33 -2.20 -25.01 1.93
C ASN A 33 -0.80 -25.65 2.01
N ARG A 34 -0.33 -26.27 0.92
CA ARG A 34 1.03 -26.81 0.77
C ARG A 34 2.05 -25.79 0.23
N THR A 35 1.57 -24.67 -0.33
CA THR A 35 2.36 -23.54 -0.82
C THR A 35 1.56 -22.23 -0.73
N GLU A 36 2.23 -21.09 -0.65
CA GLU A 36 1.64 -19.76 -0.36
C GLU A 36 2.33 -18.63 -1.15
N ALA A 37 1.64 -17.48 -1.28
CA ALA A 37 2.09 -16.23 -1.94
C ALA A 37 2.35 -16.34 -3.46
N PRO A 38 2.45 -15.21 -4.21
CA PRO A 38 2.77 -15.16 -5.65
C PRO A 38 4.22 -15.57 -6.01
N GLU A 39 4.75 -16.62 -5.39
CA GLU A 39 6.08 -17.20 -5.67
C GLU A 39 6.06 -18.11 -6.92
N GLY A 40 5.33 -17.68 -7.97
CA GLY A 40 5.08 -18.41 -9.22
C GLY A 40 6.15 -18.19 -10.30
N THR A 41 5.70 -17.99 -11.54
CA THR A 41 6.56 -17.83 -12.73
C THR A 41 6.54 -16.41 -13.32
N GLU A 42 5.38 -15.75 -13.36
CA GLU A 42 5.18 -14.43 -14.01
C GLU A 42 4.98 -13.28 -13.00
N SER A 43 4.25 -13.53 -11.91
CA SER A 43 4.04 -12.57 -10.80
C SER A 43 5.23 -12.49 -9.84
N GLU A 44 6.10 -13.51 -9.82
CA GLU A 44 7.18 -13.69 -8.84
C GLU A 44 8.25 -12.57 -8.89
N ALA A 45 8.54 -12.06 -10.08
CA ALA A 45 9.46 -10.95 -10.24
C ALA A 45 8.81 -9.60 -9.84
N VAL A 46 7.53 -9.39 -10.15
CA VAL A 46 6.78 -8.19 -9.74
C VAL A 46 6.70 -8.09 -8.22
N LYS A 47 6.19 -9.16 -7.57
CA LYS A 47 6.02 -9.20 -6.11
C LYS A 47 7.35 -9.00 -5.38
N GLN A 48 8.47 -9.48 -5.93
CA GLN A 48 9.79 -9.23 -5.37
C GLN A 48 10.25 -7.79 -5.60
N ALA A 49 10.27 -7.30 -6.85
CA ALA A 49 10.82 -5.99 -7.18
C ALA A 49 10.04 -4.83 -6.54
N LEU A 50 8.70 -4.96 -6.46
CA LEU A 50 7.83 -4.01 -5.78
C LEU A 50 8.14 -3.96 -4.27
N ARG A 51 8.37 -5.11 -3.63
CA ARG A 51 8.77 -5.21 -2.21
C ARG A 51 10.11 -4.51 -1.94
N GLU A 52 11.13 -4.68 -2.80
CA GLU A 52 12.40 -3.94 -2.68
C GLU A 52 12.21 -2.42 -2.81
N ALA A 53 11.39 -1.98 -3.78
CA ALA A 53 11.12 -0.57 -4.03
C ALA A 53 10.46 0.12 -2.82
N GLY A 54 9.42 -0.48 -2.24
CA GLY A 54 8.73 0.07 -1.08
C GLY A 54 9.57 0.03 0.19
N ASP A 55 10.28 -1.08 0.45
CA ASP A 55 11.13 -1.23 1.64
C ASP A 55 12.32 -0.25 1.63
N GLU A 56 12.90 0.07 0.47
CA GLU A 56 13.96 1.08 0.37
C GLU A 56 13.50 2.46 0.90
N PHE A 57 12.32 2.95 0.49
CA PHE A 57 11.83 4.25 0.99
C PHE A 57 11.28 4.13 2.41
N GLU A 58 10.49 3.10 2.70
CA GLU A 58 9.87 2.90 4.02
C GLU A 58 10.89 2.53 5.12
N LEU A 59 12.12 2.13 4.78
CA LEU A 59 13.25 1.99 5.71
C LEU A 59 13.69 3.35 6.26
N ARG A 60 13.87 4.32 5.35
CA ARG A 60 14.36 5.68 5.64
C ARG A 60 13.25 6.59 6.20
N TYR A 61 11.99 6.30 5.86
CA TYR A 61 10.78 7.00 6.27
C TYR A 61 9.92 6.14 7.24
N ARG A 62 10.53 5.24 8.02
CA ARG A 62 9.83 4.21 8.82
C ARG A 62 8.90 4.80 9.89
N ARG A 63 9.35 5.81 10.65
CA ARG A 63 8.44 6.57 11.54
C ARG A 63 7.48 7.45 10.74
N ALA A 64 7.95 8.11 9.67
CA ALA A 64 7.16 9.07 8.91
C ALA A 64 5.91 8.43 8.27
N PHE A 65 6.01 7.25 7.65
CA PHE A 65 4.86 6.53 7.12
C PHE A 65 3.98 5.95 8.24
N SER A 66 4.55 5.55 9.39
CA SER A 66 3.76 5.18 10.58
C SER A 66 2.97 6.38 11.14
N ASP A 67 3.54 7.59 11.12
CA ASP A 67 2.91 8.83 11.58
C ASP A 67 1.86 9.35 10.59
N LEU A 68 2.10 9.24 9.27
CA LEU A 68 1.10 9.49 8.22
C LEU A 68 -0.13 8.59 8.39
N THR A 69 0.09 7.28 8.59
CA THR A 69 -0.97 6.29 8.73
C THR A 69 -1.67 6.32 10.10
N SER A 70 -1.01 6.80 11.16
CA SER A 70 -1.66 7.05 12.46
C SER A 70 -2.72 8.16 12.41
N GLN A 71 -2.58 9.14 11.51
CA GLN A 71 -3.56 10.22 11.31
C GLN A 71 -4.78 9.81 10.46
N LEU A 72 -4.71 8.68 9.74
CA LEU A 72 -5.76 8.18 8.83
C LEU A 72 -6.84 7.41 9.61
N HIS A 73 -8.11 7.77 9.42
CA HIS A 73 -9.28 7.10 9.99
C HIS A 73 -9.55 5.73 9.30
N ILE A 74 -8.80 4.69 9.68
CA ILE A 74 -8.81 3.35 9.04
C ILE A 74 -9.99 2.44 9.44
N THR A 75 -10.76 2.85 10.44
CA THR A 75 -12.02 2.27 10.94
C THR A 75 -13.02 1.84 9.83
N PRO A 76 -13.81 0.76 10.00
CA PRO A 76 -14.76 0.31 8.99
C PRO A 76 -15.80 1.39 8.62
N GLY A 77 -16.16 1.45 7.34
CA GLY A 77 -17.05 2.47 6.76
C GLY A 77 -16.28 3.67 6.21
N THR A 78 -16.09 4.72 7.02
CA THR A 78 -15.55 6.03 6.58
C THR A 78 -14.14 5.99 5.99
N ALA A 79 -13.35 4.96 6.32
CA ALA A 79 -12.03 4.73 5.71
C ALA A 79 -12.08 4.54 4.19
N TYR A 80 -13.14 3.94 3.65
CA TYR A 80 -13.33 3.75 2.20
C TYR A 80 -13.45 5.09 1.45
N GLN A 81 -13.60 6.21 2.16
CA GLN A 81 -13.61 7.58 1.65
C GLN A 81 -12.34 8.34 2.08
N SER A 82 -11.94 8.19 3.35
CA SER A 82 -10.77 8.86 3.95
C SER A 82 -9.44 8.40 3.34
N PHE A 83 -9.33 7.12 2.96
CA PHE A 83 -8.17 6.59 2.24
C PHE A 83 -8.08 7.13 0.81
N GLU A 84 -9.18 7.08 0.05
CA GLU A 84 -9.19 7.44 -1.38
C GLU A 84 -8.82 8.92 -1.60
N GLN A 85 -9.29 9.83 -0.74
CA GLN A 85 -8.98 11.26 -0.85
C GLN A 85 -7.51 11.58 -0.50
N VAL A 86 -6.88 10.85 0.43
CA VAL A 86 -5.46 11.02 0.81
C VAL A 86 -4.53 10.39 -0.24
N VAL A 87 -4.95 9.27 -0.84
CA VAL A 87 -4.26 8.67 -1.99
C VAL A 87 -4.33 9.59 -3.22
N ASN A 88 -5.49 10.19 -3.51
CA ASN A 88 -5.65 11.19 -4.57
C ASN A 88 -4.81 12.47 -4.36
N GLU A 89 -4.42 12.79 -3.12
CA GLU A 89 -3.48 13.88 -2.83
C GLU A 89 -2.03 13.49 -3.21
N LEU A 90 -1.53 12.32 -2.81
CA LEU A 90 -0.14 11.95 -3.13
C LEU A 90 0.05 11.63 -4.64
N PHE A 91 -0.98 11.12 -5.33
CA PHE A 91 -0.99 10.98 -6.80
C PHE A 91 -1.12 12.30 -7.58
N ARG A 92 -1.32 13.45 -6.93
CA ARG A 92 -1.51 14.75 -7.63
C ARG A 92 -0.26 15.24 -8.39
N ASP A 93 0.91 14.68 -8.09
CA ASP A 93 2.15 14.87 -8.85
C ASP A 93 2.13 14.17 -10.23
N GLY A 94 1.30 13.14 -10.40
CA GLY A 94 1.21 12.27 -11.57
C GLY A 94 0.94 10.82 -11.19
N VAL A 95 0.33 10.06 -12.12
CA VAL A 95 -0.10 8.65 -11.95
C VAL A 95 1.07 7.65 -12.10
N ASN A 96 2.29 8.16 -12.16
CA ASN A 96 3.52 7.39 -12.42
C ASN A 96 3.89 6.39 -11.31
N TRP A 97 4.76 5.42 -11.64
CA TRP A 97 5.28 4.41 -10.72
C TRP A 97 5.88 5.02 -9.44
N GLY A 98 6.48 6.22 -9.54
CA GLY A 98 7.04 6.98 -8.43
C GLY A 98 6.03 7.42 -7.37
N ARG A 99 4.72 7.42 -7.67
CA ARG A 99 3.63 7.58 -6.68
C ARG A 99 2.97 6.24 -6.31
N ILE A 100 2.94 5.27 -7.23
CA ILE A 100 2.40 3.91 -6.97
C ILE A 100 3.19 3.20 -5.86
N VAL A 101 4.53 3.36 -5.81
CA VAL A 101 5.38 2.78 -4.74
C VAL A 101 5.00 3.34 -3.35
N ALA A 102 4.78 4.65 -3.23
CA ALA A 102 4.33 5.26 -1.97
C ALA A 102 2.87 4.89 -1.62
N PHE A 103 1.99 4.75 -2.61
CA PHE A 103 0.58 4.35 -2.44
C PHE A 103 0.45 2.97 -1.78
N PHE A 104 1.12 1.94 -2.32
CA PHE A 104 1.03 0.60 -1.74
C PHE A 104 1.69 0.54 -0.36
N SER A 105 2.81 1.26 -0.18
CA SER A 105 3.56 1.31 1.07
C SER A 105 2.72 1.93 2.21
N PHE A 106 2.03 3.04 1.91
CA PHE A 106 1.04 3.68 2.78
C PHE A 106 -0.12 2.71 3.12
N GLY A 107 -0.66 2.01 2.13
CA GLY A 107 -1.69 0.97 2.33
C GLY A 107 -1.24 -0.17 3.27
N GLY A 108 -0.02 -0.68 3.10
CA GLY A 108 0.55 -1.71 3.97
C GLY A 108 0.79 -1.26 5.41
N ALA A 109 1.28 -0.03 5.60
CA ALA A 109 1.44 0.57 6.93
C ALA A 109 0.10 0.75 7.66
N LEU A 110 -0.99 1.07 6.94
CA LEU A 110 -2.35 1.11 7.51
C LEU A 110 -2.82 -0.26 8.03
N CYS A 111 -2.56 -1.34 7.29
CA CYS A 111 -2.91 -2.68 7.75
C CYS A 111 -2.14 -3.05 9.04
N VAL A 112 -0.82 -2.84 9.08
CA VAL A 112 -0.01 -3.13 10.27
C VAL A 112 -0.44 -2.31 11.48
N GLU A 113 -0.68 -1.00 11.32
CA GLU A 113 -1.10 -0.15 12.44
C GLU A 113 -2.53 -0.48 12.92
N SER A 114 -3.39 -1.01 12.04
CA SER A 114 -4.70 -1.55 12.44
C SER A 114 -4.54 -2.79 13.34
N VAL A 115 -3.66 -3.74 12.99
CA VAL A 115 -3.39 -4.94 13.81
C VAL A 115 -2.75 -4.58 15.16
N ASP A 116 -1.88 -3.57 15.19
CA ASP A 116 -1.35 -3.01 16.44
C ASP A 116 -2.46 -2.44 17.36
N LYS A 117 -3.57 -1.97 16.77
CA LYS A 117 -4.84 -1.61 17.41
C LYS A 117 -5.88 -2.73 17.44
N GLU A 118 -5.43 -3.98 17.40
CA GLU A 118 -6.20 -5.22 17.52
C GLU A 118 -7.22 -5.45 16.39
N MET A 119 -7.18 -4.68 15.30
CA MET A 119 -8.16 -4.66 14.21
C MET A 119 -7.83 -5.68 13.10
N GLN A 120 -7.49 -6.92 13.48
CA GLN A 120 -7.07 -8.00 12.57
C GLN A 120 -8.10 -8.29 11.46
N VAL A 121 -9.39 -8.14 11.76
CA VAL A 121 -10.51 -8.26 10.80
C VAL A 121 -10.37 -7.29 9.61
N LEU A 122 -9.79 -6.10 9.82
CA LEU A 122 -9.62 -5.10 8.76
C LEU A 122 -8.46 -5.40 7.82
N VAL A 123 -7.57 -6.34 8.13
CA VAL A 123 -6.49 -6.72 7.19
C VAL A 123 -7.09 -7.12 5.84
N SER A 124 -8.19 -7.87 5.86
CA SER A 124 -8.99 -8.21 4.68
C SER A 124 -9.70 -7.02 4.04
N ARG A 125 -10.26 -6.09 4.85
CA ARG A 125 -11.02 -4.95 4.31
C ARG A 125 -10.10 -3.90 3.68
N ILE A 126 -9.04 -3.51 4.35
CA ILE A 126 -8.07 -2.51 3.89
C ILE A 126 -7.35 -2.99 2.62
N ALA A 127 -7.00 -4.29 2.54
CA ALA A 127 -6.48 -4.91 1.32
C ALA A 127 -7.48 -4.80 0.15
N ALA A 128 -8.77 -5.08 0.39
CA ALA A 128 -9.82 -4.92 -0.61
C ALA A 128 -10.06 -3.46 -1.01
N TRP A 129 -10.01 -2.51 -0.06
CA TRP A 129 -10.17 -1.08 -0.32
C TRP A 129 -9.06 -0.54 -1.25
N MET A 130 -7.78 -0.86 -0.98
CA MET A 130 -6.67 -0.45 -1.84
C MET A 130 -6.63 -1.19 -3.18
N ALA A 131 -6.99 -2.49 -3.21
CA ALA A 131 -7.15 -3.23 -4.47
C ALA A 131 -8.29 -2.66 -5.34
N THR A 132 -9.38 -2.18 -4.73
CA THR A 132 -10.51 -1.53 -5.41
C THR A 132 -10.10 -0.18 -6.00
N TYR A 133 -9.33 0.65 -5.27
CA TYR A 133 -8.74 1.87 -5.82
C TYR A 133 -7.88 1.58 -7.06
N LEU A 134 -6.98 0.61 -6.95
CA LEU A 134 -6.06 0.20 -8.00
C LEU A 134 -6.82 -0.37 -9.23
N ASN A 135 -7.91 -1.13 -9.03
CA ASN A 135 -8.82 -1.52 -10.12
C ASN A 135 -9.55 -0.33 -10.78
N ASP A 136 -10.02 0.63 -10.00
CA ASP A 136 -10.84 1.76 -10.50
C ASP A 136 -10.04 2.87 -11.19
N HIS A 137 -8.77 3.08 -10.82
CA HIS A 137 -7.97 4.24 -11.23
C HIS A 137 -6.63 3.89 -11.88
N LEU A 138 -5.89 2.92 -11.33
CA LEU A 138 -4.53 2.59 -11.80
C LEU A 138 -4.51 1.55 -12.92
N GLU A 139 -5.41 0.58 -12.95
CA GLU A 139 -5.39 -0.54 -13.91
C GLU A 139 -5.28 -0.10 -15.39
N PRO A 140 -6.05 0.90 -15.88
CA PRO A 140 -5.90 1.36 -17.26
C PRO A 140 -4.54 2.02 -17.51
N TRP A 141 -4.05 2.85 -16.58
CA TRP A 141 -2.75 3.50 -16.69
C TRP A 141 -1.62 2.46 -16.69
N ILE A 142 -1.71 1.46 -15.82
CA ILE A 142 -0.75 0.34 -15.71
C ILE A 142 -0.71 -0.46 -17.02
N GLN A 143 -1.87 -0.87 -17.57
CA GLN A 143 -1.94 -1.56 -18.87
C GLN A 143 -1.44 -0.68 -20.04
N GLU A 144 -1.68 0.62 -19.99
CA GLU A 144 -1.23 1.60 -21.01
C GLU A 144 0.30 1.78 -20.97
N ASN A 145 0.90 1.63 -19.79
CA ASN A 145 2.34 1.69 -19.52
C ASN A 145 3.02 0.30 -19.51
N GLY A 146 2.41 -0.71 -20.13
CA GLY A 146 3.03 -2.04 -20.37
C GLY A 146 2.94 -3.03 -19.20
N GLY A 147 2.11 -2.75 -18.20
CA GLY A 147 1.85 -3.61 -17.04
C GLY A 147 2.96 -3.59 -15.98
N TRP A 148 2.72 -4.31 -14.87
CA TRP A 148 3.73 -4.52 -13.82
C TRP A 148 5.00 -5.23 -14.33
N ASP A 149 4.90 -6.01 -15.42
CA ASP A 149 6.04 -6.59 -16.12
C ASP A 149 7.03 -5.51 -16.60
N THR A 150 6.53 -4.38 -17.12
CA THR A 150 7.36 -3.23 -17.49
C THR A 150 7.93 -2.52 -16.25
N PHE A 151 7.18 -2.44 -15.14
CA PHE A 151 7.71 -1.92 -13.88
C PHE A 151 8.94 -2.71 -13.39
N VAL A 152 8.88 -4.04 -13.35
CA VAL A 152 10.05 -4.85 -12.93
C VAL A 152 11.21 -4.80 -13.95
N GLU A 153 10.95 -4.67 -15.26
CA GLU A 153 12.01 -4.42 -16.24
C GLU A 153 12.74 -3.07 -16.03
N LEU A 154 12.03 -2.04 -15.58
CA LEU A 154 12.61 -0.72 -15.24
C LEU A 154 13.31 -0.68 -13.86
N TYR A 155 12.67 -1.20 -12.81
CA TYR A 155 13.14 -1.09 -11.41
C TYR A 155 14.02 -2.26 -10.93
N GLY A 156 14.08 -3.39 -11.66
CA GLY A 156 14.87 -4.58 -11.32
C GLY A 156 16.39 -4.37 -11.37
CA GLY B 1 -4.29 25.76 10.08
C GLY B 1 -5.75 26.06 10.40
N SER B 2 -6.28 25.51 11.49
CA SER B 2 -7.66 25.69 11.97
C SER B 2 -7.78 25.37 13.47
N HIS B 3 -8.92 25.68 14.09
CA HIS B 3 -9.26 25.26 15.46
C HIS B 3 -9.41 23.74 15.58
N MET B 4 -10.02 23.10 14.58
CA MET B 4 -10.06 21.64 14.43
C MET B 4 -8.75 21.11 13.80
N SER B 5 -8.35 19.88 14.15
CA SER B 5 -7.07 19.29 13.71
C SER B 5 -7.02 19.01 12.20
N ALA B 6 -8.08 18.36 11.66
CA ALA B 6 -8.20 17.95 10.26
C ALA B 6 -6.92 17.25 9.72
N MET B 7 -6.63 17.37 8.42
CA MET B 7 -5.32 16.99 7.86
C MET B 7 -4.31 18.06 8.31
N SER B 8 -3.41 17.71 9.24
CA SER B 8 -2.48 18.67 9.85
C SER B 8 -1.44 19.16 8.83
N THR B 9 -1.45 20.48 8.59
CA THR B 9 -0.51 21.20 7.73
C THR B 9 0.86 21.46 8.39
N THR B 10 1.12 20.85 9.56
CA THR B 10 2.43 20.85 10.24
C THR B 10 2.97 19.44 10.50
N ASP B 11 2.11 18.45 10.80
CA ASP B 11 2.53 17.05 10.96
C ASP B 11 2.70 16.34 9.60
N LEU B 12 1.60 16.08 8.86
CA LEU B 12 1.65 15.32 7.61
C LEU B 12 2.40 16.05 6.50
N GLU B 13 2.38 17.39 6.49
CA GLU B 13 3.00 18.19 5.46
C GLU B 13 4.46 17.81 5.27
N ALA B 14 5.24 17.73 6.36
CA ALA B 14 6.64 17.34 6.29
C ALA B 14 6.76 15.89 5.76
N TYR B 15 6.26 14.89 6.46
CA TYR B 15 6.29 13.47 6.07
C TYR B 15 5.89 13.20 4.61
N PHE B 16 4.89 13.91 4.07
CA PHE B 16 4.56 13.89 2.64
C PHE B 16 5.62 14.62 1.79
N LYS B 17 5.84 15.93 1.98
CA LYS B 17 6.74 16.77 1.16
C LYS B 17 8.20 16.28 1.18
N ASP B 18 8.69 15.92 2.36
CA ASP B 18 10.02 15.39 2.64
C ASP B 18 10.31 14.10 1.84
N CYS B 19 9.31 13.26 1.58
CA CYS B 19 9.45 11.98 0.88
C CYS B 19 9.61 12.12 -0.64
N VAL B 20 8.95 13.13 -1.20
CA VAL B 20 8.77 13.29 -2.66
C VAL B 20 9.81 14.22 -3.31
N PHE B 21 10.76 14.74 -2.53
CA PHE B 21 11.91 15.53 -2.99
C PHE B 21 12.97 14.66 -3.68
N LYS B 22 12.66 14.22 -4.91
CA LYS B 22 13.55 13.51 -5.86
C LYS B 22 14.11 12.17 -5.35
N ASP B 23 13.30 11.40 -4.63
CA ASP B 23 13.58 9.98 -4.32
C ASP B 23 13.05 8.99 -5.38
N TRP B 24 12.31 9.54 -6.34
CA TRP B 24 11.87 8.89 -7.58
C TRP B 24 12.10 9.82 -8.79
N GLY B 25 12.24 9.25 -9.99
CA GLY B 25 12.39 9.97 -11.27
C GLY B 25 13.66 10.81 -11.38
#